data_7M5E
#
_entry.id   7M5E
#
loop_
_entity.id
_entity.type
_entity.pdbx_description
1 polymer 'Spike glycoprotein'
2 branched alpha-D-mannopyranose-(1-3)-beta-D-mannopyranose-(1-4)-2-acetamido-2-deoxy-beta-D-glucopyranose-(1-4)-2-acetamido-2-deoxy-beta-D-glucopyranose
3 branched 2-acetamido-2-deoxy-beta-D-glucopyranose-(1-4)-2-acetamido-2-deoxy-beta-D-glucopyranose
4 branched alpha-D-mannopyranose-(1-2)-alpha-D-mannopyranose-(1-3)-[alpha-D-mannopyranose-(1-2)-alpha-D-mannopyranose-(1-6)]beta-D-mannopyranose-(1-4)-2-acetamido-2-deoxy-beta-D-glucopyranose-(1-4)-2-acetamido-2-deoxy-beta-D-glucopyranose
5 branched beta-D-mannopyranose-(1-4)-2-acetamido-2-deoxy-beta-D-glucopyranose-(1-4)-2-acetamido-2-deoxy-beta-D-glucopyranose
6 branched alpha-D-mannopyranose-(1-3)-[alpha-D-mannopyranose-(1-6)]beta-D-mannopyranose-(1-4)-2-acetamido-2-deoxy-beta-D-glucopyranose-(1-4)-2-acetamido-2-deoxy-beta-D-glucopyranose
7 non-polymer 'FOLIC ACID'
8 non-polymer 2-acetamido-2-deoxy-beta-D-glucopyranose
9 non-polymer 'N-acetyl-alpha-neuraminic acid'
#
_entity_poly.entity_id   1
_entity_poly.type   'polypeptide(L)'
_entity_poly.pdbx_seq_one_letter_code
;MGILPSPGMPALLSLVSLLSVLLMGCVAETGTVDVGPDSVKSACIEVDIQQTFFDKTWPRPIDVSKADGIIYPQGRTYSN
ITITYQGLFPYQGDHGDMYVYSAGHATGTTPQKLFVANYSQDVKQFANGFVVRIGAAANSTGTVIISPSTSATIRKIYPA
FMLGSSVGNFSDGKMGRFFNHTLVLLPDGCGTLLRAFYCILEPRSGNHCPAGNSYTSFATYHTPATDCSDGNYNRNASLN
SFKEYFNLRNCTFMYTYNITEDEILEWFGITQTAQGVHLFSSRYVDLYGGNMFQFATLPVYDTIKYYSIIPHSIRSIQSD
RKAWAAFYVYKLQPLTFLLDFSVDGYIRRAIDCGFNDLSQLHCSYESFDVESGVYSVSSFEAKPSGSVVEQAEGVECDFS
PLLSGTPPQVYNFKRLVFTNCNYNLTKLLSLFSVNDFTCSQISPAAIASNCYSSLILDYFSYPLSMKSDLSVSSAGPISQ
FNYKQSFSNPTCLILATVPHNLTTITKPLKYSYINKCSRLLSDDRTEVPQLVNANQYSPCVSIVPSTVWEDGDYYRKQLS
PLEGGGWLVASGSTVAMTEQLQMGFGITVQYGTDTNSVCPKLEFANDTKIASQLGNCVEYSLYGVSGRGVFQNCTAVGVR
QQRFVYDAYQNLVGYYSDDGNYYCLRACVSVPVSVIYDKETKTHATLFGSVACEHISSTMSQYSRSTRSMLKRRDSTYGP
LQTPVGCVLGLVNSSLFVEDCKLPLGQSLCALPDTPSTLTPASVGSVPGEMRLASIAFNHPIQVDQLNSSYFKLSIPTNF
SFGVTQEYIQTTIQKVTVDCKQYVCNGFQKCEQLLREYGQFCSKINQALHGANLRQDDSVRNLFASVKSSQSSPIIPGFG
GDFNLTLLEPVSISTGSRSARSAIEDLLFDKVTIADPGYMQGYDDCMQQGPASARDLICAQYVAGYKVLPPLMDVNMEAA
YTSSLLGSIAGVGWTAGLSSFAAIPFAQSIFYRLNGVGITQQVLSENQKLIANKFNQALGAMQTGFTTTNEAFQKVQDAV
NNNAQALSKLASELSNTFGAISASIGDIIQRLDPPEQDAQIDRLINGRLTTLNAFVAQQLVRSESAALSAQLAKDKVNEC
VKAQSKRSGFCGQGTHIVSFVVNAPNGLYFMHVGYYPSNHIEVVSAYGLCDAANPTNCIAPVNGYFIKTNNTRIVDEWSY
TGSSFYAPEPITSLNTKYVAPQVTYQNISTNLPPPLLGNSTGIDFQDELDEFFKNVSTSIPNFGSLTQINTTLLDLTYEM
LSLQQVVKALNESYIDLKELGNYTYYNKGSGRENLYFQGGGGSGYIPEAPRDGQAYVRKDGEWVLLSTFLGHHHHHHHH
;
_entity_poly.pdbx_strand_id   A,C,E
#
# COMPACT_ATOMS: atom_id res chain seq x y z
N THR A 32 54.86 20.93 -13.44
CA THR A 32 55.07 20.27 -12.16
C THR A 32 55.53 21.31 -11.12
N VAL A 33 55.38 20.96 -9.84
CA VAL A 33 55.73 21.81 -8.69
C VAL A 33 57.16 21.64 -8.21
N ASP A 34 57.83 22.76 -8.04
CA ASP A 34 59.18 22.81 -7.52
C ASP A 34 59.10 22.62 -6.01
N VAL A 35 59.79 21.60 -5.52
CA VAL A 35 59.71 21.25 -4.11
C VAL A 35 61.07 21.40 -3.44
N GLY A 36 61.91 22.23 -4.02
CA GLY A 36 63.23 22.48 -3.50
C GLY A 36 64.23 21.54 -4.13
N PRO A 37 65.50 21.69 -3.80
CA PRO A 37 66.64 20.95 -4.32
C PRO A 37 66.68 19.52 -3.82
N ASP A 38 67.41 18.67 -4.55
CA ASP A 38 67.68 17.31 -4.16
C ASP A 38 68.67 17.26 -3.02
N SER A 39 68.67 16.19 -2.27
CA SER A 39 69.73 15.98 -1.30
C SER A 39 71.04 15.81 -2.03
N VAL A 40 72.10 16.32 -1.43
CA VAL A 40 73.42 16.24 -2.03
C VAL A 40 74.32 15.27 -1.29
N LYS A 41 73.75 14.51 -0.36
CA LYS A 41 74.53 13.56 0.39
C LYS A 41 74.74 12.27 -0.39
N SER A 42 75.93 11.70 -0.27
CA SER A 42 76.30 10.47 -0.97
C SER A 42 75.81 9.23 -0.23
N ALA A 43 75.31 9.43 0.98
CA ALA A 43 74.85 8.34 1.80
C ALA A 43 73.74 8.77 2.73
N CYS A 44 72.91 7.79 3.09
CA CYS A 44 71.82 7.91 4.06
C CYS A 44 72.32 7.51 5.44
N ILE A 45 71.62 7.93 6.47
CA ILE A 45 72.00 7.48 7.79
C ILE A 45 71.51 6.07 8.00
N GLU A 46 72.39 5.21 8.47
CA GLU A 46 72.05 3.82 8.71
C GLU A 46 70.87 3.70 9.62
N VAL A 47 69.95 2.80 9.27
CA VAL A 47 68.76 2.61 10.06
C VAL A 47 68.74 1.25 10.74
N ASP A 48 68.70 1.27 12.06
CA ASP A 48 68.67 0.08 12.89
C ASP A 48 67.24 -0.35 13.17
N ILE A 49 66.84 -1.51 12.66
CA ILE A 49 65.48 -1.97 12.87
C ILE A 49 65.44 -3.04 13.94
N GLN A 50 64.81 -2.74 15.05
CA GLN A 50 64.69 -3.71 16.12
C GLN A 50 63.28 -3.75 16.64
N GLN A 51 62.43 -4.47 15.93
CA GLN A 51 61.01 -4.49 16.19
C GLN A 51 60.66 -4.90 17.60
N THR A 52 61.48 -5.75 18.21
CA THR A 52 61.25 -6.19 19.57
C THR A 52 60.99 -5.02 20.51
N PHE A 53 61.73 -3.94 20.34
CA PHE A 53 61.65 -2.79 21.22
C PHE A 53 60.37 -2.00 21.04
N PHE A 54 59.68 -2.26 19.96
CA PHE A 54 58.47 -1.56 19.61
C PHE A 54 57.24 -2.45 19.79
N ASP A 55 57.45 -3.68 20.24
CA ASP A 55 56.34 -4.61 20.44
C ASP A 55 55.72 -4.42 21.80
N LYS A 56 55.02 -3.31 21.95
CA LYS A 56 54.43 -2.93 23.20
C LYS A 56 52.93 -3.18 23.18
N THR A 57 52.33 -3.31 24.35
CA THR A 57 50.90 -3.52 24.43
C THR A 57 50.25 -2.43 25.25
N TRP A 58 49.85 -1.37 24.57
CA TRP A 58 49.27 -0.20 25.20
C TRP A 58 47.94 0.09 24.56
N PRO A 59 46.95 -0.79 24.71
CA PRO A 59 45.72 -0.76 23.97
C PRO A 59 44.89 0.46 24.28
N ARG A 60 44.34 1.04 23.23
CA ARG A 60 43.43 2.17 23.33
C ARG A 60 42.34 1.98 22.32
N PRO A 61 41.39 1.09 22.55
CA PRO A 61 40.37 0.73 21.62
C PRO A 61 39.40 1.86 21.46
N ILE A 62 38.73 1.91 20.33
CA ILE A 62 37.73 2.93 20.13
C ILE A 62 36.61 2.77 21.10
N ASP A 63 36.34 3.85 21.83
CA ASP A 63 35.24 3.88 22.75
C ASP A 63 34.23 4.85 22.19
N VAL A 64 33.20 4.30 21.58
CA VAL A 64 32.26 5.11 20.84
C VAL A 64 31.38 5.92 21.81
N SER A 65 31.37 5.55 23.08
CA SER A 65 30.56 6.28 24.05
C SER A 65 31.20 7.62 24.38
N LYS A 66 32.45 7.80 23.95
CA LYS A 66 33.20 9.03 24.12
C LYS A 66 33.39 9.68 22.76
N ALA A 67 32.70 9.13 21.77
CA ALA A 67 32.77 9.54 20.38
C ALA A 67 34.18 9.46 19.79
N ASP A 68 34.94 8.44 20.15
CA ASP A 68 36.27 8.29 19.59
C ASP A 68 36.24 8.02 18.10
N GLY A 69 37.06 8.74 17.36
CA GLY A 69 37.26 8.49 15.95
C GLY A 69 36.13 8.95 15.05
N ILE A 70 35.22 9.75 15.58
CA ILE A 70 34.10 10.18 14.75
C ILE A 70 34.36 11.41 13.91
N ILE A 71 34.10 11.26 12.62
CA ILE A 71 34.13 12.34 11.66
C ILE A 71 32.75 12.92 11.62
N TYR A 72 32.67 14.22 11.80
CA TYR A 72 31.41 14.92 11.90
C TYR A 72 30.68 14.88 10.55
N PRO A 73 29.35 14.81 10.51
CA PRO A 73 28.55 14.92 9.29
C PRO A 73 29.06 16.12 8.52
N GLN A 74 29.36 15.94 7.26
CA GLN A 74 30.13 16.96 6.57
C GLN A 74 29.41 18.22 6.09
N GLY A 75 28.18 18.12 5.62
CA GLY A 75 27.55 19.30 5.04
C GLY A 75 26.59 20.03 5.97
N ARG A 76 26.56 19.63 7.23
CA ARG A 76 25.57 20.16 8.15
C ARG A 76 25.90 19.96 9.60
N THR A 77 25.12 20.59 10.46
CA THR A 77 25.18 20.37 11.88
C THR A 77 23.80 20.17 12.45
N TYR A 78 23.75 19.69 13.67
CA TYR A 78 22.51 19.43 14.39
C TYR A 78 22.68 19.97 15.78
N SER A 79 21.59 20.25 16.46
CA SER A 79 21.69 20.75 17.82
C SER A 79 20.74 20.08 18.79
N ASN A 80 21.30 19.51 19.86
CA ASN A 80 20.59 18.90 20.98
C ASN A 80 19.62 17.77 20.58
N ILE A 81 19.99 16.92 19.60
CA ILE A 81 19.17 15.77 19.20
C ILE A 81 19.99 14.51 19.11
N THR A 82 19.29 13.38 19.12
CA THR A 82 19.88 12.09 18.86
C THR A 82 19.28 11.48 17.62
N ILE A 83 20.14 11.19 16.64
CA ILE A 83 19.71 10.59 15.39
C ILE A 83 20.66 9.49 14.93
N THR A 84 20.18 8.58 14.09
CA THR A 84 21.15 7.68 13.48
C THR A 84 21.73 8.34 12.25
N TYR A 85 22.93 7.92 11.89
CA TYR A 85 23.62 8.47 10.75
C TYR A 85 24.49 7.42 10.08
N GLN A 86 24.44 7.40 8.77
CA GLN A 86 25.23 6.48 7.97
C GLN A 86 26.50 7.19 7.50
N GLY A 87 27.65 6.61 7.78
CA GLY A 87 28.90 7.25 7.38
C GLY A 87 30.10 6.38 7.68
N LEU A 88 31.29 6.93 7.47
CA LEU A 88 32.49 6.14 7.71
C LEU A 88 32.97 6.29 9.12
N PHE A 89 32.91 5.19 9.86
CA PHE A 89 33.23 5.15 11.26
C PHE A 89 34.13 3.96 11.56
N PRO A 90 34.93 4.03 12.63
CA PRO A 90 35.69 2.92 13.17
C PRO A 90 34.75 1.98 13.90
N TYR A 91 35.14 0.72 14.04
CA TYR A 91 34.33 -0.19 14.82
C TYR A 91 34.49 0.03 16.31
N GLN A 92 33.39 -0.09 17.03
CA GLN A 92 33.47 -0.08 18.49
C GLN A 92 34.34 -1.21 18.97
N GLY A 93 35.29 -0.89 19.84
CA GLY A 93 36.16 -1.89 20.41
C GLY A 93 37.41 -2.16 19.59
N ASP A 94 37.54 -1.51 18.43
CA ASP A 94 38.70 -1.74 17.59
C ASP A 94 39.96 -1.20 18.23
N HIS A 95 40.95 -2.06 18.42
CA HIS A 95 42.20 -1.66 19.04
C HIS A 95 43.04 -0.86 18.09
N GLY A 96 42.90 -1.11 16.80
CA GLY A 96 43.68 -0.42 15.81
C GLY A 96 45.10 -0.92 15.78
N ASP A 97 45.89 -0.34 14.91
CA ASP A 97 47.29 -0.66 14.82
C ASP A 97 48.09 0.40 15.54
N MET A 98 48.90 -0.01 16.50
CA MET A 98 49.69 0.95 17.24
C MET A 98 51.05 1.14 16.64
N TYR A 99 51.47 2.38 16.52
CA TYR A 99 52.77 2.71 16.02
C TYR A 99 53.45 3.66 16.96
N VAL A 100 54.74 3.48 17.18
CA VAL A 100 55.43 4.41 18.05
C VAL A 100 56.76 4.80 17.44
N TYR A 101 57.13 6.05 17.63
CA TYR A 101 58.39 6.59 17.16
C TYR A 101 59.34 6.69 18.32
N SER A 102 60.62 6.66 18.04
CA SER A 102 61.58 6.66 19.13
C SER A 102 62.83 7.48 18.86
N ALA A 103 63.59 7.67 19.92
CA ALA A 103 64.88 8.29 19.81
C ALA A 103 65.82 7.34 19.09
N GLY A 104 66.79 7.89 18.40
CA GLY A 104 67.78 7.08 17.72
C GLY A 104 68.92 6.75 18.65
N HIS A 105 69.96 6.15 18.09
CA HIS A 105 71.14 5.78 18.85
C HIS A 105 71.97 6.99 19.11
N ALA A 106 72.71 6.98 20.19
CA ALA A 106 73.58 8.10 20.50
C ALA A 106 74.66 7.68 21.48
N THR A 107 75.75 8.40 21.45
CA THR A 107 76.81 8.27 22.43
C THR A 107 77.16 9.63 22.97
N GLY A 108 76.65 9.95 24.14
CA GLY A 108 76.84 11.27 24.70
C GLY A 108 76.17 12.32 23.83
N THR A 109 76.94 13.29 23.40
CA THR A 109 76.42 14.41 22.61
C THR A 109 76.39 14.17 21.11
N THR A 110 76.81 12.99 20.67
CA THR A 110 76.80 12.69 19.23
C THR A 110 75.76 11.61 18.88
N PRO A 111 74.69 11.96 18.14
CA PRO A 111 73.69 11.06 17.60
C PRO A 111 74.34 10.12 16.61
N GLN A 112 73.84 8.91 16.51
CA GLN A 112 74.42 7.95 15.58
C GLN A 112 73.45 7.55 14.49
N LYS A 113 73.07 6.28 14.47
CA LYS A 113 72.16 5.76 13.46
C LYS A 113 70.74 5.90 13.91
N LEU A 114 69.77 5.78 13.03
CA LEU A 114 68.39 5.86 13.47
C LEU A 114 67.84 4.57 14.05
N PHE A 115 66.84 4.68 14.92
CA PHE A 115 66.27 3.48 15.52
C PHE A 115 64.80 3.41 15.24
N VAL A 116 64.40 2.42 14.46
CA VAL A 116 63.03 2.33 14.01
C VAL A 116 62.43 0.95 14.16
N ALA A 117 61.12 0.90 14.00
CA ALA A 117 60.33 -0.31 13.91
C ALA A 117 60.27 -0.75 12.46
N ASN A 118 59.78 -1.97 12.18
CA ASN A 118 59.66 -2.52 10.83
C ASN A 118 58.38 -2.01 10.14
N TYR A 119 58.15 -0.69 10.18
CA TYR A 119 56.93 -0.07 9.67
C TYR A 119 56.91 0.10 8.17
N SER A 120 58.06 0.31 7.56
CA SER A 120 58.10 0.58 6.13
C SER A 120 57.73 -0.64 5.29
N GLN A 121 57.96 -1.83 5.82
CA GLN A 121 57.63 -3.06 5.10
C GLN A 121 56.23 -3.54 5.43
N ASP A 122 55.60 -2.87 6.40
CA ASP A 122 54.28 -3.25 6.85
C ASP A 122 53.24 -2.48 6.08
N VAL A 123 52.93 -2.93 4.88
CA VAL A 123 52.03 -2.19 4.01
C VAL A 123 50.60 -2.65 4.22
N LYS A 124 49.73 -1.71 4.49
CA LYS A 124 48.34 -1.96 4.81
C LYS A 124 47.42 -1.64 3.65
N GLN A 125 46.25 -2.26 3.64
CA GLN A 125 45.23 -1.93 2.66
C GLN A 125 44.48 -0.69 3.15
N PHE A 126 44.33 0.31 2.28
CA PHE A 126 43.67 1.55 2.62
C PHE A 126 42.17 1.41 2.80
N ALA A 127 41.53 0.67 1.91
CA ALA A 127 40.09 0.49 1.94
C ALA A 127 39.34 1.82 1.92
N ASN A 128 38.65 2.17 3.01
CA ASN A 128 37.84 3.38 3.04
C ASN A 128 38.56 4.50 3.75
N GLY A 129 39.80 4.26 4.13
CA GLY A 129 40.55 5.25 4.86
C GLY A 129 40.63 4.90 6.32
N PHE A 130 41.16 5.82 7.09
CA PHE A 130 41.43 5.57 8.50
C PHE A 130 41.45 6.83 9.34
N VAL A 131 41.34 6.64 10.64
CA VAL A 131 41.47 7.72 11.60
C VAL A 131 42.61 7.41 12.55
N VAL A 132 43.23 8.43 13.09
CA VAL A 132 44.39 8.23 13.90
C VAL A 132 44.25 8.95 15.23
N ARG A 133 44.51 8.24 16.31
CA ARG A 133 44.51 8.82 17.64
C ARG A 133 45.92 9.30 17.91
N ILE A 134 46.12 10.60 18.06
CA ILE A 134 47.45 11.17 18.20
C ILE A 134 47.69 11.81 19.56
N GLY A 135 48.76 11.40 20.23
CA GLY A 135 49.16 12.03 21.49
C GLY A 135 48.35 11.58 22.70
N ALA A 136 47.72 10.43 22.63
CA ALA A 136 46.86 9.98 23.71
C ALA A 136 47.59 9.82 25.03
N ALA A 137 48.84 9.41 24.98
CA ALA A 137 49.61 9.17 26.18
C ALA A 137 50.37 10.41 26.65
N ALA A 138 50.18 11.53 25.98
CA ALA A 138 50.95 12.70 26.34
C ALA A 138 50.71 13.05 27.81
N ASN A 139 51.77 13.57 28.47
CA ASN A 139 51.85 13.98 29.88
C ASN A 139 52.08 12.82 30.85
N SER A 140 51.85 11.58 30.42
CA SER A 140 52.05 10.41 31.25
C SER A 140 53.52 10.08 31.28
N THR A 141 53.95 9.30 32.24
CA THR A 141 55.33 8.87 32.23
C THR A 141 55.40 7.59 31.43
N GLY A 142 56.29 7.57 30.46
CA GLY A 142 56.43 6.41 29.61
C GLY A 142 57.85 6.01 29.48
N THR A 143 58.11 5.17 28.51
CA THR A 143 59.43 4.65 28.30
C THR A 143 60.05 5.26 27.07
N VAL A 144 61.34 5.43 27.14
CA VAL A 144 62.10 5.83 25.99
C VAL A 144 62.42 4.51 25.30
N ILE A 145 61.86 4.31 24.13
CA ILE A 145 61.84 2.98 23.52
C ILE A 145 63.22 2.37 23.34
N ILE A 146 64.16 3.17 22.90
CA ILE A 146 65.52 2.69 22.64
C ILE A 146 66.25 2.24 23.89
N SER A 147 65.80 2.71 25.04
CA SER A 147 66.43 2.37 26.31
C SER A 147 65.36 2.12 27.36
N PRO A 148 64.82 0.88 27.41
CA PRO A 148 63.68 0.45 28.22
C PRO A 148 63.78 0.78 29.70
N SER A 149 65.01 0.91 30.21
CA SER A 149 65.23 1.21 31.61
C SER A 149 65.03 2.70 31.92
N THR A 150 64.92 3.51 30.89
CA THR A 150 64.79 4.95 31.03
C THR A 150 63.36 5.41 30.78
N SER A 151 62.84 6.18 31.71
CA SER A 151 61.50 6.72 31.57
C SER A 151 61.56 8.21 31.37
N ALA A 152 60.54 8.76 30.75
CA ALA A 152 60.46 10.18 30.51
C ALA A 152 59.02 10.60 30.29
N THR A 153 58.73 11.88 30.48
CA THR A 153 57.40 12.39 30.19
C THR A 153 57.12 12.24 28.70
N ILE A 154 55.94 11.73 28.38
CA ILE A 154 55.53 11.51 27.02
C ILE A 154 55.07 12.77 26.32
N ARG A 155 55.60 13.00 25.13
CA ARG A 155 55.20 14.13 24.30
C ARG A 155 54.53 13.68 23.01
N LYS A 156 53.59 14.47 22.55
CA LYS A 156 52.90 14.19 21.30
C LYS A 156 53.82 14.30 20.10
N ILE A 157 53.70 13.35 19.19
CA ILE A 157 54.43 13.36 17.95
C ILE A 157 53.45 13.06 16.83
N TYR A 158 53.64 13.66 15.69
CA TYR A 158 52.71 13.43 14.61
C TYR A 158 53.18 12.31 13.70
N PRO A 159 52.27 11.47 13.21
CA PRO A 159 52.50 10.37 12.32
C PRO A 159 52.82 10.82 10.92
N ALA A 160 53.64 10.04 10.24
CA ALA A 160 53.92 10.26 8.84
C ALA A 160 53.38 9.09 8.04
N PHE A 161 52.81 9.38 6.89
CA PHE A 161 52.22 8.33 6.06
C PHE A 161 52.69 8.38 4.63
N MET A 162 52.74 7.22 4.02
CA MET A 162 52.99 7.09 2.59
C MET A 162 51.83 6.32 1.99
N LEU A 163 51.14 6.91 1.03
CA LEU A 163 49.96 6.30 0.45
C LEU A 163 50.05 6.20 -1.07
N GLY A 164 49.54 5.13 -1.65
CA GLY A 164 49.56 5.05 -3.10
C GLY A 164 48.70 3.95 -3.68
N SER A 165 48.73 3.82 -4.99
CA SER A 165 47.93 2.84 -5.70
C SER A 165 48.67 1.54 -6.02
N SER A 166 49.98 1.56 -5.92
CA SER A 166 50.76 0.38 -6.26
C SER A 166 52.00 0.25 -5.41
N VAL A 167 52.24 -0.97 -4.95
CA VAL A 167 53.38 -1.28 -4.10
C VAL A 167 54.17 -2.48 -4.56
N GLY A 168 55.40 -2.57 -4.07
CA GLY A 168 56.26 -3.69 -4.36
C GLY A 168 57.53 -3.59 -3.53
N ASN A 169 58.59 -4.26 -4.01
CA ASN A 169 59.86 -4.34 -3.30
C ASN A 169 60.88 -3.34 -3.87
N PHE A 170 61.92 -3.10 -3.09
CA PHE A 170 63.10 -2.31 -3.45
C PHE A 170 64.13 -3.22 -4.10
N SER A 171 65.26 -2.67 -4.51
CA SER A 171 66.25 -3.45 -5.24
C SER A 171 66.76 -4.67 -4.48
N ASP A 172 66.74 -4.63 -3.14
CA ASP A 172 67.25 -5.73 -2.35
C ASP A 172 66.18 -6.72 -1.92
N GLY A 173 64.96 -6.56 -2.41
CA GLY A 173 63.89 -7.49 -2.09
C GLY A 173 63.01 -7.08 -0.92
N LYS A 174 63.35 -6.00 -0.21
CA LYS A 174 62.52 -5.59 0.90
C LYS A 174 61.26 -4.89 0.40
N MET A 175 60.15 -5.14 1.08
CA MET A 175 58.87 -4.54 0.67
C MET A 175 58.76 -3.11 1.13
N GLY A 176 57.85 -2.36 0.52
CA GLY A 176 57.58 -1.01 1.00
C GLY A 176 57.81 0.06 -0.04
N ARG A 177 58.12 -0.34 -1.25
CA ARG A 177 58.29 0.63 -2.30
C ARG A 177 56.96 0.96 -2.90
N PHE A 178 56.71 2.24 -3.10
CA PHE A 178 55.51 2.69 -3.76
C PHE A 178 55.88 3.12 -5.15
N PHE A 179 55.02 2.82 -6.10
CA PHE A 179 55.30 3.14 -7.48
C PHE A 179 54.41 4.25 -7.99
N ASN A 180 54.90 4.96 -9.01
CA ASN A 180 54.21 6.08 -9.67
C ASN A 180 53.97 7.19 -8.64
N HIS A 181 52.85 7.92 -8.70
CA HIS A 181 52.64 9.01 -7.76
C HIS A 181 52.18 8.50 -6.42
N THR A 182 52.89 8.94 -5.40
CA THR A 182 52.68 8.55 -4.02
C THR A 182 52.38 9.77 -3.20
N LEU A 183 51.38 9.67 -2.36
CA LEU A 183 51.01 10.74 -1.47
C LEU A 183 51.74 10.60 -0.18
N VAL A 184 52.46 11.62 0.19
CA VAL A 184 53.21 11.59 1.42
C VAL A 184 52.70 12.66 2.36
N LEU A 185 52.35 12.24 3.55
CA LEU A 185 51.90 13.14 4.59
C LEU A 185 52.99 13.18 5.62
N LEU A 186 53.76 14.23 5.61
CA LEU A 186 54.96 14.28 6.40
C LEU A 186 54.99 15.52 7.31
N PRO A 187 54.77 15.37 8.61
CA PRO A 187 54.81 16.44 9.57
C PRO A 187 56.23 16.91 9.66
N ASP A 188 56.41 18.20 9.88
CA ASP A 188 57.72 18.79 9.94
C ASP A 188 57.76 19.95 10.91
N GLY A 189 58.93 20.55 11.05
CA GLY A 189 59.10 21.72 11.90
C GLY A 189 58.92 21.39 13.37
N CYS A 190 59.31 20.17 13.79
CA CYS A 190 59.16 19.66 15.15
C CYS A 190 57.69 19.67 15.55
N GLY A 191 56.80 19.32 14.61
CA GLY A 191 55.37 19.26 14.87
C GLY A 191 54.64 20.58 14.69
N THR A 192 55.17 21.48 13.87
CA THR A 192 54.51 22.78 13.68
C THR A 192 53.85 22.91 12.31
N LEU A 193 54.10 21.96 11.42
CA LEU A 193 53.42 21.98 10.14
C LEU A 193 53.20 20.56 9.61
N LEU A 194 52.15 20.38 8.85
CA LEU A 194 51.94 19.15 8.11
C LEU A 194 52.18 19.40 6.65
N ARG A 195 53.09 18.65 6.04
CA ARG A 195 53.33 18.82 4.62
C ARG A 195 52.77 17.68 3.82
N ALA A 196 51.91 17.99 2.86
CA ALA A 196 51.29 16.97 2.04
C ALA A 196 51.71 17.12 0.60
N PHE A 197 52.28 16.08 0.01
CA PHE A 197 52.68 16.18 -1.37
C PHE A 197 52.44 14.91 -2.14
N TYR A 198 52.22 15.06 -3.43
CA TYR A 198 51.94 13.93 -4.31
C TYR A 198 52.97 13.94 -5.40
N CYS A 199 53.84 12.92 -5.39
CA CYS A 199 55.04 12.94 -6.20
C CYS A 199 55.53 11.53 -6.52
N ILE A 200 56.45 11.40 -7.45
CA ILE A 200 57.05 10.10 -7.71
C ILE A 200 58.29 9.98 -6.86
N LEU A 201 58.40 8.88 -6.14
CA LEU A 201 59.55 8.70 -5.28
C LEU A 201 60.58 7.84 -5.97
N GLU A 202 61.70 8.46 -6.29
CA GLU A 202 62.77 7.80 -6.99
C GLU A 202 63.89 7.47 -6.01
N PRO A 203 64.04 6.23 -5.57
CA PRO A 203 64.93 5.86 -4.51
C PRO A 203 66.35 6.17 -4.91
N ARG A 204 67.09 6.75 -3.99
CA ARG A 204 68.48 7.08 -4.21
C ARG A 204 69.34 5.85 -4.04
N SER A 205 70.47 5.83 -4.74
CA SER A 205 71.36 4.68 -4.78
C SER A 205 72.58 4.75 -3.89
N GLY A 206 72.63 5.74 -3.01
CA GLY A 206 73.78 5.90 -2.14
C GLY A 206 73.79 4.86 -1.02
N ASN A 207 74.79 4.96 -0.15
CA ASN A 207 74.96 3.98 0.92
C ASN A 207 73.81 4.04 1.91
N HIS A 208 73.19 2.90 2.19
CA HIS A 208 72.03 2.76 3.08
C HIS A 208 70.75 3.40 2.55
N CYS A 209 70.69 3.70 1.23
CA CYS A 209 69.52 4.26 0.56
C CYS A 209 68.81 3.09 -0.14
N PRO A 210 67.52 3.20 -0.47
CA PRO A 210 66.68 2.11 -0.95
C PRO A 210 67.12 1.47 -2.26
N ALA A 211 67.93 2.16 -3.06
CA ALA A 211 68.40 1.56 -4.29
C ALA A 211 69.90 1.31 -4.22
N GLY A 212 70.47 1.41 -3.03
CA GLY A 212 71.89 1.22 -2.82
C GLY A 212 72.20 0.01 -1.93
N ASN A 213 73.38 0.02 -1.34
CA ASN A 213 73.84 -1.10 -0.50
C ASN A 213 73.49 -0.90 0.96
N SER A 214 73.42 -2.00 1.69
CA SER A 214 73.16 -1.98 3.14
C SER A 214 71.88 -1.25 3.51
N TYR A 215 70.84 -1.47 2.71
CA TYR A 215 69.54 -0.89 2.97
C TYR A 215 68.71 -1.77 3.89
N THR A 216 68.09 -1.12 4.85
CA THR A 216 67.23 -1.75 5.82
C THR A 216 65.84 -1.16 5.70
N SER A 217 65.74 0.11 6.06
CA SER A 217 64.50 0.86 5.92
C SER A 217 64.78 2.32 5.74
N PHE A 218 63.93 2.98 4.99
CA PHE A 218 64.03 4.42 4.92
C PHE A 218 63.41 4.94 6.18
N ALA A 219 63.77 6.14 6.56
CA ALA A 219 63.16 6.75 7.72
C ALA A 219 63.36 8.23 7.65
N THR A 220 62.51 8.98 8.31
CA THR A 220 62.74 10.39 8.43
C THR A 220 63.24 10.68 9.80
N TYR A 221 63.81 11.85 9.96
CA TYR A 221 64.35 12.23 11.24
C TYR A 221 64.50 13.73 11.35
N HIS A 222 64.66 14.17 12.57
CA HIS A 222 65.07 15.53 12.80
C HIS A 222 66.06 15.49 13.94
N THR A 223 66.87 16.53 14.06
CA THR A 223 67.89 16.62 15.09
C THR A 223 67.59 17.80 15.96
N PRO A 224 66.92 17.62 17.11
CA PRO A 224 66.43 18.67 17.98
C PRO A 224 67.49 19.71 18.30
N ALA A 225 68.73 19.26 18.40
CA ALA A 225 69.83 20.17 18.72
C ALA A 225 69.95 21.32 17.73
N THR A 226 69.65 21.08 16.45
CA THR A 226 69.77 22.12 15.45
C THR A 226 68.44 22.47 14.81
N ASP A 227 67.46 21.56 14.90
CA ASP A 227 66.18 21.74 14.24
C ASP A 227 65.05 22.31 15.12
N CYS A 228 65.12 22.13 16.45
CA CYS A 228 64.03 22.52 17.37
C CYS A 228 64.46 23.67 18.27
N SER A 229 64.97 24.73 17.66
CA SER A 229 65.32 25.92 18.40
C SER A 229 64.04 26.56 18.92
N ASP A 230 64.12 27.22 20.06
CA ASP A 230 62.93 27.84 20.64
C ASP A 230 62.27 28.83 19.69
N GLY A 231 63.09 29.54 18.93
CA GLY A 231 62.61 30.54 18.01
C GLY A 231 62.41 29.97 16.61
N ASN A 232 63.49 29.84 15.87
CA ASN A 232 63.43 29.41 14.49
C ASN A 232 63.50 27.90 14.31
N TYR A 233 62.34 27.26 14.12
CA TYR A 233 62.32 25.83 13.89
C TYR A 233 62.66 25.55 12.44
N ASN A 234 63.28 24.42 12.20
CA ASN A 234 63.60 24.05 10.84
C ASN A 234 62.43 23.38 10.19
N ARG A 235 61.70 24.15 9.40
CA ARG A 235 60.47 23.70 8.79
C ARG A 235 60.66 22.66 7.66
N ASN A 236 61.93 22.41 7.27
CA ASN A 236 62.30 21.44 6.25
C ASN A 236 63.10 20.25 6.81
N ALA A 237 63.17 20.09 8.14
CA ALA A 237 64.01 19.04 8.73
C ALA A 237 63.59 17.62 8.33
N SER A 238 62.29 17.33 8.40
CA SER A 238 61.85 15.98 8.07
C SER A 238 61.74 15.82 6.57
N LEU A 239 61.50 16.90 5.85
CA LEU A 239 61.46 16.80 4.40
C LEU A 239 62.86 16.54 3.87
N ASN A 240 63.85 17.22 4.43
CA ASN A 240 65.20 17.06 3.96
C ASN A 240 65.71 15.68 4.24
N SER A 241 65.32 15.09 5.36
CA SER A 241 65.73 13.73 5.64
C SER A 241 65.04 12.74 4.71
N PHE A 242 63.79 13.01 4.36
CA PHE A 242 63.05 12.16 3.45
C PHE A 242 63.76 12.13 2.10
N LYS A 243 64.19 13.31 1.66
CA LYS A 243 64.90 13.52 0.41
C LYS A 243 66.24 12.79 0.33
N GLU A 244 66.75 12.31 1.45
CA GLU A 244 68.01 11.58 1.43
C GLU A 244 67.77 10.19 0.90
N TYR A 245 66.56 9.68 1.08
CA TYR A 245 66.26 8.34 0.64
C TYR A 245 65.62 8.36 -0.73
N PHE A 246 64.85 9.40 -1.01
CA PHE A 246 64.16 9.48 -2.28
C PHE A 246 64.33 10.82 -2.97
N ASN A 247 64.46 10.79 -4.28
CA ASN A 247 64.39 12.01 -5.06
C ASN A 247 62.92 12.27 -5.32
N LEU A 248 62.50 13.52 -5.28
CA LEU A 248 61.11 13.83 -5.54
C LEU A 248 60.96 14.29 -6.98
N ARG A 249 60.20 13.53 -7.75
CA ARG A 249 60.06 13.79 -9.17
C ARG A 249 58.60 13.90 -9.59
N ASN A 250 58.31 14.83 -10.53
CA ASN A 250 56.97 15.02 -11.10
C ASN A 250 55.92 15.30 -10.03
N CYS A 251 56.23 16.16 -9.05
CA CYS A 251 55.32 16.54 -7.98
C CYS A 251 54.18 17.37 -8.55
N THR A 252 52.96 17.05 -8.16
CA THR A 252 51.82 17.77 -8.68
C THR A 252 51.40 18.85 -7.71
N PHE A 253 51.72 18.66 -6.46
CA PHE A 253 51.45 19.64 -5.43
C PHE A 253 52.30 19.39 -4.22
N MET A 254 52.41 20.43 -3.42
CA MET A 254 52.98 20.34 -2.09
C MET A 254 52.34 21.43 -1.24
N TYR A 255 51.57 21.00 -0.27
CA TYR A 255 50.81 21.89 0.57
C TYR A 255 51.30 21.84 1.99
N THR A 256 51.22 22.95 2.69
CA THR A 256 51.53 22.91 4.09
C THR A 256 50.38 23.43 4.90
N TYR A 257 50.22 22.87 6.08
CA TYR A 257 49.21 23.31 7.01
C TYR A 257 49.91 23.60 8.32
N ASN A 258 49.52 24.68 9.01
CA ASN A 258 50.14 25.09 10.28
C ASN A 258 49.45 24.45 11.48
N ILE A 259 50.28 23.92 12.39
CA ILE A 259 49.88 23.30 13.65
C ILE A 259 50.41 24.07 14.85
N THR A 260 49.52 24.60 15.66
CA THR A 260 49.94 25.26 16.89
C THR A 260 50.43 24.20 17.86
N GLU A 261 51.55 24.43 18.52
CA GLU A 261 52.08 23.43 19.44
C GLU A 261 51.25 23.33 20.71
N ASP A 262 50.96 22.09 21.09
CA ASP A 262 50.26 21.78 22.32
C ASP A 262 50.48 20.30 22.62
N GLU A 263 49.93 19.82 23.73
CA GLU A 263 50.01 18.40 24.08
C GLU A 263 48.62 17.78 24.16
N ILE A 264 47.68 18.38 23.45
CA ILE A 264 46.27 17.98 23.46
C ILE A 264 46.01 16.77 22.57
N LEU A 265 45.26 15.79 23.06
CA LEU A 265 44.95 14.62 22.25
C LEU A 265 44.19 15.08 21.02
N GLU A 266 44.58 14.60 19.85
CA GLU A 266 43.84 15.00 18.68
C GLU A 266 43.62 13.86 17.72
N TRP A 267 42.62 14.03 16.88
CA TRP A 267 42.34 13.04 15.87
C TRP A 267 42.63 13.54 14.48
N PHE A 268 43.14 12.64 13.66
CA PHE A 268 43.41 12.89 12.25
C PHE A 268 42.72 11.85 11.39
N GLY A 269 42.19 12.23 10.25
CA GLY A 269 41.57 11.22 9.41
C GLY A 269 41.84 11.44 7.94
N ILE A 270 41.76 10.36 7.19
CA ILE A 270 41.91 10.44 5.75
C ILE A 270 40.92 9.54 5.02
N THR A 271 40.24 10.10 4.03
CA THR A 271 39.33 9.33 3.17
C THR A 271 39.55 9.72 1.73
N GLN A 272 38.98 8.97 0.79
CA GLN A 272 39.08 9.37 -0.61
C GLN A 272 37.77 9.19 -1.36
N THR A 273 37.43 10.20 -2.16
CA THR A 273 36.25 10.18 -3.03
C THR A 273 36.63 10.67 -4.42
N ALA A 274 35.65 10.83 -5.29
CA ALA A 274 35.91 11.35 -6.63
C ALA A 274 36.54 12.75 -6.59
N GLN A 275 36.28 13.50 -5.51
CA GLN A 275 36.81 14.85 -5.37
C GLN A 275 38.26 14.89 -4.94
N GLY A 276 38.81 13.74 -4.59
CA GLY A 276 40.17 13.70 -4.10
C GLY A 276 40.26 13.16 -2.69
N VAL A 277 41.40 13.41 -2.07
CA VAL A 277 41.67 12.91 -0.75
C VAL A 277 41.33 13.94 0.29
N HIS A 278 40.52 13.54 1.23
CA HIS A 278 40.04 14.44 2.25
C HIS A 278 40.79 14.25 3.53
N LEU A 279 41.32 15.33 4.06
CA LEU A 279 42.03 15.28 5.32
C LEU A 279 41.18 15.88 6.39
N PHE A 280 41.02 15.16 7.47
CA PHE A 280 40.20 15.57 8.59
C PHE A 280 41.04 15.75 9.81
N SER A 281 40.64 16.68 10.66
CA SER A 281 41.31 16.89 11.90
C SER A 281 40.39 17.52 12.91
N SER A 282 40.59 17.19 14.15
CA SER A 282 39.81 17.80 15.20
C SER A 282 40.35 19.15 15.67
N ARG A 283 41.62 19.42 15.40
CA ARG A 283 42.25 20.58 16.03
C ARG A 283 41.82 21.95 15.53
N TYR A 284 41.14 22.04 14.41
CA TYR A 284 40.77 23.35 13.90
C TYR A 284 39.33 23.72 14.25
N VAL A 285 38.55 22.77 14.73
CA VAL A 285 37.15 23.01 15.03
C VAL A 285 36.75 22.53 16.43
N ASP A 286 37.23 21.35 16.82
CA ASP A 286 36.84 20.74 18.07
C ASP A 286 38.06 20.26 18.83
N LEU A 287 38.95 21.20 19.11
CA LEU A 287 40.24 20.93 19.71
C LEU A 287 40.16 20.20 21.04
N TYR A 288 39.17 20.51 21.84
CA TYR A 288 39.06 19.93 23.16
C TYR A 288 37.99 18.86 23.20
N GLY A 289 37.52 18.46 22.03
CA GLY A 289 36.46 17.49 21.90
C GLY A 289 36.94 16.23 21.21
N GLY A 290 37.37 16.37 19.95
CA GLY A 290 37.83 15.23 19.20
C GLY A 290 37.02 14.94 17.93
N ASN A 291 35.98 15.72 17.65
CA ASN A 291 35.25 15.49 16.42
C ASN A 291 36.12 15.97 15.28
N MET A 292 36.19 15.18 14.22
CA MET A 292 37.00 15.56 13.09
C MET A 292 36.22 16.28 12.02
N PHE A 293 36.81 17.34 11.53
CA PHE A 293 36.23 18.13 10.48
C PHE A 293 37.22 18.22 9.34
N GLN A 294 36.71 18.32 8.13
CA GLN A 294 37.61 18.38 7.00
C GLN A 294 38.37 19.69 6.98
N PHE A 295 39.68 19.62 6.78
CA PHE A 295 40.47 20.84 6.69
C PHE A 295 41.15 20.99 5.35
N ALA A 296 41.22 19.91 4.58
CA ALA A 296 41.88 19.99 3.29
C ALA A 296 41.36 18.95 2.33
N THR A 297 41.44 19.27 1.05
CA THR A 297 41.17 18.28 0.00
C THR A 297 42.36 18.29 -0.93
N LEU A 298 42.92 17.13 -1.20
CA LEU A 298 44.07 17.05 -2.05
C LEU A 298 43.64 16.52 -3.42
N PRO A 299 44.19 17.04 -4.52
CA PRO A 299 43.89 16.63 -5.87
C PRO A 299 44.60 15.35 -6.25
N VAL A 300 44.24 14.29 -5.53
CA VAL A 300 44.75 12.96 -5.72
C VAL A 300 43.61 12.10 -6.21
N TYR A 301 43.64 11.75 -7.48
CA TYR A 301 42.49 11.08 -8.06
C TYR A 301 42.71 9.62 -8.36
N ASP A 302 43.96 9.16 -8.34
CA ASP A 302 44.19 7.75 -8.52
C ASP A 302 43.73 7.12 -7.23
N THR A 303 43.36 5.86 -7.26
CA THR A 303 42.80 5.25 -6.07
C THR A 303 43.89 4.81 -5.11
N ILE A 304 43.78 5.24 -3.87
CA ILE A 304 44.73 4.81 -2.89
C ILE A 304 44.32 3.44 -2.42
N LYS A 305 45.24 2.51 -2.52
CA LYS A 305 44.97 1.14 -2.17
C LYS A 305 45.83 0.71 -1.04
N TYR A 306 47.00 1.31 -0.93
CA TYR A 306 47.98 0.91 0.05
C TYR A 306 48.49 2.08 0.83
N TYR A 307 48.84 1.83 2.08
CA TYR A 307 49.54 2.83 2.84
C TYR A 307 50.51 2.20 3.80
N SER A 308 51.46 2.98 4.24
CA SER A 308 52.39 2.54 5.25
C SER A 308 52.74 3.69 6.14
N ILE A 309 53.31 3.38 7.28
CA ILE A 309 53.76 4.41 8.18
C ILE A 309 55.21 4.67 7.91
N ILE A 310 55.54 5.92 7.71
CA ILE A 310 56.93 6.23 7.50
C ILE A 310 57.53 6.28 8.90
N PRO A 311 58.53 5.48 9.22
CA PRO A 311 59.14 5.45 10.51
C PRO A 311 59.87 6.74 10.71
N HIS A 312 59.90 7.21 11.95
CA HIS A 312 60.58 8.45 12.27
C HIS A 312 61.46 8.20 13.46
N SER A 313 62.65 8.75 13.43
CA SER A 313 63.55 8.58 14.54
C SER A 313 64.17 9.91 14.90
N ILE A 314 64.18 10.22 16.18
CA ILE A 314 64.63 11.51 16.62
C ILE A 314 66.10 11.44 17.02
N ARG A 315 66.92 12.25 16.38
CA ARG A 315 68.35 12.19 16.63
C ARG A 315 68.74 13.09 17.77
N SER A 316 68.25 12.76 18.94
CA SER A 316 68.56 13.48 20.15
C SER A 316 69.85 12.95 20.70
N ILE A 317 70.46 13.69 21.60
CA ILE A 317 71.64 13.19 22.27
C ILE A 317 71.22 12.19 23.33
N GLN A 318 72.16 11.40 23.80
CA GLN A 318 71.86 10.32 24.74
C GLN A 318 71.22 10.81 26.02
N SER A 319 71.62 11.99 26.48
CA SER A 319 71.14 12.54 27.74
C SER A 319 69.87 13.38 27.59
N ASP A 320 69.33 13.48 26.38
CA ASP A 320 68.16 14.31 26.15
C ASP A 320 67.10 13.57 25.36
N ARG A 321 66.92 12.30 25.70
CA ARG A 321 65.92 11.51 25.03
C ARG A 321 64.54 11.75 25.61
N LYS A 322 63.55 11.84 24.73
CA LYS A 322 62.17 12.06 25.13
C LYS A 322 61.40 10.78 24.91
N ALA A 323 60.29 10.65 25.60
CA ALA A 323 59.38 9.56 25.30
C ALA A 323 58.33 10.13 24.38
N TRP A 324 58.00 9.41 23.33
CA TRP A 324 57.02 9.94 22.40
C TRP A 324 55.76 9.12 22.46
N ALA A 325 54.62 9.79 22.36
CA ALA A 325 53.34 9.10 22.42
C ALA A 325 53.17 8.21 21.22
N ALA A 326 52.57 7.07 21.43
CA ALA A 326 52.22 6.19 20.34
C ALA A 326 50.97 6.72 19.68
N PHE A 327 50.82 6.44 18.40
CA PHE A 327 49.60 6.79 17.72
C PHE A 327 48.90 5.54 17.24
N TYR A 328 47.61 5.63 17.09
CA TYR A 328 46.85 4.45 16.75
C TYR A 328 46.02 4.65 15.51
N VAL A 329 46.14 3.72 14.58
CA VAL A 329 45.41 3.83 13.32
C VAL A 329 44.23 2.87 13.28
N TYR A 330 43.05 3.41 13.02
CA TYR A 330 41.83 2.60 13.01
C TYR A 330 41.20 2.69 11.64
N LYS A 331 40.76 1.56 11.12
CA LYS A 331 40.15 1.55 9.81
C LYS A 331 38.71 2.01 9.83
N LEU A 332 38.29 2.66 8.77
CA LEU A 332 36.91 3.08 8.62
C LEU A 332 36.11 2.18 7.71
N GLN A 333 34.82 2.14 7.96
CA GLN A 333 33.87 1.41 7.14
C GLN A 333 32.52 2.07 7.26
N PRO A 334 31.64 1.91 6.26
CA PRO A 334 30.30 2.43 6.22
C PRO A 334 29.38 1.74 7.22
N LEU A 335 29.20 2.39 8.35
CA LEU A 335 28.42 1.87 9.47
C LEU A 335 27.31 2.82 9.83
N THR A 336 26.30 2.32 10.53
CA THR A 336 25.29 3.21 11.07
C THR A 336 25.61 3.45 12.53
N PHE A 337 25.73 4.71 12.89
CA PHE A 337 25.94 5.13 14.26
C PHE A 337 24.78 5.93 14.80
N LEU A 338 24.56 5.83 16.09
CA LEU A 338 23.63 6.71 16.76
C LEU A 338 24.45 7.85 17.30
N LEU A 339 24.16 9.08 16.88
CA LEU A 339 24.98 10.20 17.29
C LEU A 339 24.23 11.17 18.18
N ASP A 340 24.82 11.45 19.35
CA ASP A 340 24.25 12.40 20.30
C ASP A 340 24.88 13.78 20.14
N PHE A 341 24.12 14.71 19.59
CA PHE A 341 24.61 16.04 19.35
C PHE A 341 24.27 16.93 20.52
N SER A 342 25.26 17.62 21.05
CA SER A 342 25.06 18.53 22.16
C SER A 342 24.42 19.82 21.65
N VAL A 343 24.09 20.72 22.54
CA VAL A 343 23.48 21.98 22.12
C VAL A 343 24.42 22.72 21.19
N ASP A 344 25.71 22.65 21.47
CA ASP A 344 26.73 23.32 20.68
C ASP A 344 27.11 22.51 19.42
N GLY A 345 26.41 21.41 19.19
CA GLY A 345 26.56 20.62 18.00
C GLY A 345 27.63 19.56 18.05
N TYR A 346 28.41 19.48 19.09
CA TYR A 346 29.45 18.48 19.04
C TYR A 346 28.93 17.11 19.44
N ILE A 347 29.56 16.08 18.90
CA ILE A 347 29.18 14.72 19.20
C ILE A 347 30.03 14.25 20.36
N ARG A 348 29.38 13.92 21.44
CA ARG A 348 30.12 13.53 22.64
C ARG A 348 29.88 12.09 23.00
N ARG A 349 28.80 11.54 22.50
CA ARG A 349 28.42 10.18 22.79
C ARG A 349 27.82 9.55 21.54
N ALA A 350 28.11 8.28 21.31
CA ALA A 350 27.55 7.59 20.16
C ALA A 350 27.43 6.09 20.40
N ILE A 351 26.61 5.44 19.58
CA ILE A 351 26.45 3.99 19.56
C ILE A 351 26.85 3.41 18.21
N ASP A 352 27.68 2.38 18.21
CA ASP A 352 27.95 1.62 16.99
C ASP A 352 26.84 0.58 16.87
N CYS A 353 25.89 0.79 15.95
CA CYS A 353 24.64 0.04 15.86
C CYS A 353 24.85 -1.43 15.54
N GLY A 354 26.04 -1.77 15.04
CA GLY A 354 26.27 -3.17 14.65
C GLY A 354 27.19 -3.89 15.60
N PHE A 355 27.58 -3.25 16.68
CA PHE A 355 28.55 -3.83 17.59
C PHE A 355 28.02 -5.07 18.31
N ASN A 356 26.84 -4.95 18.90
CA ASN A 356 26.21 -6.05 19.60
C ASN A 356 24.71 -5.86 19.59
N ASP A 357 23.99 -6.77 20.24
CA ASP A 357 22.55 -6.77 20.24
C ASP A 357 21.96 -5.62 21.03
N LEU A 358 22.62 -5.22 22.10
CA LEU A 358 22.13 -4.11 22.88
C LEU A 358 22.26 -2.81 22.08
N SER A 359 23.33 -2.68 21.33
CA SER A 359 23.54 -1.49 20.51
C SER A 359 22.46 -1.42 19.44
N GLN A 360 22.09 -2.58 18.89
CA GLN A 360 21.04 -2.61 17.89
C GLN A 360 19.74 -2.10 18.48
N LEU A 361 19.49 -2.46 19.73
CA LEU A 361 18.28 -2.01 20.40
C LEU A 361 18.20 -0.50 20.58
N HIS A 362 19.29 0.10 21.00
CA HIS A 362 19.31 1.55 21.16
C HIS A 362 19.14 2.31 19.85
N CYS A 363 19.71 1.78 18.76
CA CYS A 363 19.64 2.39 17.44
C CYS A 363 18.21 2.27 16.89
N SER A 364 17.53 1.16 17.15
CA SER A 364 16.18 1.01 16.63
C SER A 364 15.20 1.98 17.30
N TYR A 365 15.52 2.41 18.51
CA TYR A 365 14.70 3.41 19.18
C TYR A 365 15.28 4.81 19.08
N GLU A 366 16.39 4.95 18.36
CA GLU A 366 17.12 6.21 18.26
C GLU A 366 17.29 6.86 19.61
N SER A 367 17.71 6.08 20.59
CA SER A 367 17.83 6.62 21.93
C SER A 367 18.85 5.91 22.77
N PHE A 368 19.49 6.66 23.66
CA PHE A 368 20.45 6.08 24.58
C PHE A 368 19.74 5.57 25.81
N ASP A 369 18.46 5.87 25.89
CA ASP A 369 17.61 5.45 26.99
C ASP A 369 16.41 4.69 26.47
N VAL A 370 16.42 3.39 26.70
CA VAL A 370 15.33 2.53 26.25
C VAL A 370 14.76 1.84 27.47
N GLU A 371 13.54 1.36 27.38
CA GLU A 371 12.88 0.73 28.50
C GLU A 371 13.33 -0.69 28.72
N SER A 372 13.11 -1.17 29.93
CA SER A 372 13.41 -2.55 30.24
C SER A 372 12.47 -3.44 29.46
N GLY A 373 12.94 -4.61 29.08
CA GLY A 373 12.09 -5.53 28.36
C GLY A 373 12.90 -6.56 27.62
N VAL A 374 12.21 -7.40 26.88
CA VAL A 374 12.88 -8.42 26.08
C VAL A 374 12.59 -8.13 24.62
N TYR A 375 13.62 -7.78 23.88
CA TYR A 375 13.42 -7.28 22.53
C TYR A 375 14.03 -8.14 21.47
N SER A 376 13.32 -8.35 20.37
CA SER A 376 13.95 -9.05 19.26
C SER A 376 14.83 -8.09 18.49
N VAL A 377 16.00 -8.56 18.11
CA VAL A 377 16.97 -7.81 17.33
C VAL A 377 17.41 -8.62 16.13
N SER A 378 18.31 -8.08 15.32
CA SER A 378 18.71 -8.80 14.13
C SER A 378 19.33 -10.12 14.49
N SER A 379 19.03 -11.13 13.69
CA SER A 379 19.57 -12.46 13.88
C SER A 379 21.06 -12.46 13.65
N PHE A 380 21.75 -13.44 14.25
CA PHE A 380 23.18 -13.58 14.03
C PHE A 380 23.25 -14.27 12.68
N GLU A 381 23.81 -13.56 11.73
CA GLU A 381 23.89 -14.07 10.37
C GLU A 381 24.95 -15.15 10.23
N ALA A 382 24.62 -16.17 9.47
CA ALA A 382 25.58 -17.18 9.11
C ALA A 382 26.36 -16.67 7.93
N LYS A 383 27.66 -16.91 7.90
CA LYS A 383 28.44 -16.49 6.76
C LYS A 383 28.97 -17.70 6.03
N PRO A 384 29.09 -17.65 4.71
CA PRO A 384 29.71 -18.66 3.89
C PRO A 384 31.14 -18.91 4.34
N SER A 385 31.51 -20.16 4.38
CA SER A 385 32.86 -20.58 4.73
C SER A 385 33.55 -21.10 3.49
N GLY A 386 32.89 -20.93 2.35
CA GLY A 386 33.39 -21.43 1.08
C GLY A 386 32.35 -21.29 -0.01
N SER A 387 32.61 -21.92 -1.14
CA SER A 387 31.71 -21.87 -2.27
C SER A 387 31.78 -23.14 -3.08
N VAL A 388 30.69 -23.47 -3.77
CA VAL A 388 30.68 -24.61 -4.67
C VAL A 388 30.25 -24.18 -6.05
N VAL A 389 30.90 -24.74 -7.07
CA VAL A 389 30.53 -24.38 -8.42
C VAL A 389 30.43 -25.59 -9.33
N GLU A 390 29.34 -25.67 -10.08
CA GLU A 390 29.23 -26.68 -11.13
C GLU A 390 28.76 -26.00 -12.40
N GLN A 391 29.44 -26.28 -13.48
CA GLN A 391 29.08 -25.74 -14.77
C GLN A 391 29.30 -26.81 -15.79
N ALA A 392 28.63 -26.71 -16.92
CA ALA A 392 28.98 -27.64 -17.96
C ALA A 392 30.38 -27.29 -18.40
N GLU A 393 31.22 -28.29 -18.54
CA GLU A 393 32.56 -28.07 -19.02
C GLU A 393 32.76 -28.96 -20.22
N GLY A 394 33.02 -28.37 -21.36
CA GLY A 394 33.17 -29.19 -22.54
C GLY A 394 33.45 -28.40 -23.79
N VAL A 395 32.60 -28.60 -24.77
CA VAL A 395 32.75 -27.98 -26.07
C VAL A 395 32.54 -26.48 -25.99
N GLU A 396 33.28 -25.71 -26.76
CA GLU A 396 32.99 -24.32 -26.76
C GLU A 396 31.89 -24.05 -27.74
N CYS A 397 31.30 -22.89 -27.59
CA CYS A 397 30.22 -22.46 -28.48
C CYS A 397 30.80 -22.14 -29.86
N ASP A 398 30.24 -22.77 -30.89
CA ASP A 398 30.79 -22.69 -32.23
C ASP A 398 30.26 -21.54 -33.08
N PHE A 399 31.10 -20.54 -33.31
CA PHE A 399 30.73 -19.37 -34.09
C PHE A 399 31.27 -19.48 -35.51
N SER A 400 31.72 -20.67 -35.88
CA SER A 400 32.29 -20.89 -37.19
C SER A 400 31.36 -20.56 -38.37
N PRO A 401 30.07 -20.98 -38.38
CA PRO A 401 29.15 -20.76 -39.49
C PRO A 401 29.10 -19.28 -39.88
N LEU A 402 29.21 -18.43 -38.87
CA LEU A 402 29.15 -17.00 -39.00
C LEU A 402 30.28 -16.45 -39.85
N LEU A 403 31.43 -17.10 -39.79
CA LEU A 403 32.65 -16.62 -40.42
C LEU A 403 32.84 -17.16 -41.82
N SER A 404 31.90 -17.94 -42.32
CA SER A 404 32.10 -18.57 -43.62
C SER A 404 30.99 -18.32 -44.62
N GLY A 405 31.36 -17.69 -45.73
CA GLY A 405 30.40 -17.40 -46.80
C GLY A 405 29.88 -15.98 -46.75
N THR A 406 28.84 -15.72 -47.53
CA THR A 406 28.26 -14.38 -47.60
C THR A 406 27.15 -14.31 -46.56
N PRO A 407 27.19 -13.40 -45.60
CA PRO A 407 26.16 -13.22 -44.61
C PRO A 407 24.86 -12.86 -45.31
N PRO A 408 23.73 -13.18 -44.72
CA PRO A 408 22.40 -12.92 -45.20
C PRO A 408 22.03 -11.47 -45.06
N GLN A 409 20.98 -11.07 -45.74
CA GLN A 409 20.45 -9.74 -45.55
C GLN A 409 19.67 -9.66 -44.25
N VAL A 410 19.43 -8.46 -43.77
CA VAL A 410 18.73 -8.25 -42.51
C VAL A 410 17.40 -8.99 -42.36
N TYR A 411 16.66 -9.21 -43.44
CA TYR A 411 15.38 -9.91 -43.33
C TYR A 411 15.54 -11.41 -43.38
N ASN A 412 16.72 -11.87 -43.73
CA ASN A 412 17.08 -13.28 -43.82
C ASN A 412 18.12 -13.65 -42.81
N PHE A 413 18.16 -12.95 -41.71
CA PHE A 413 19.21 -13.17 -40.74
C PHE A 413 19.34 -14.62 -40.38
N LYS A 414 20.56 -15.07 -40.14
CA LYS A 414 20.75 -16.44 -39.73
C LYS A 414 20.87 -16.51 -38.25
N ARG A 415 20.38 -17.60 -37.69
CA ARG A 415 20.38 -17.75 -36.25
C ARG A 415 21.20 -18.92 -35.76
N LEU A 416 22.09 -18.64 -34.82
CA LEU A 416 22.87 -19.66 -34.15
C LEU A 416 22.40 -19.78 -32.72
N VAL A 417 21.94 -20.95 -32.33
CA VAL A 417 21.44 -21.11 -30.98
C VAL A 417 22.40 -21.95 -30.18
N PHE A 418 22.89 -21.39 -29.10
CA PHE A 418 23.88 -22.03 -28.29
C PHE A 418 23.34 -22.53 -26.97
N THR A 419 23.50 -23.83 -26.73
CA THR A 419 23.12 -24.48 -25.49
C THR A 419 24.22 -25.45 -25.10
N ASN A 420 24.33 -25.78 -23.82
CA ASN A 420 25.30 -26.80 -23.38
C ASN A 420 26.72 -26.58 -23.89
N CYS A 421 27.26 -25.36 -23.73
CA CYS A 421 28.60 -25.02 -24.23
C CYS A 421 29.23 -23.87 -23.45
N ASN A 422 30.53 -23.72 -23.66
CA ASN A 422 31.26 -22.63 -23.02
C ASN A 422 31.40 -21.49 -24.01
N TYR A 423 30.88 -20.32 -23.67
CA TYR A 423 30.90 -19.23 -24.62
C TYR A 423 32.01 -18.26 -24.27
N ASN A 424 32.47 -17.54 -25.29
CA ASN A 424 33.47 -16.48 -25.17
C ASN A 424 33.18 -15.43 -26.24
N LEU A 425 32.66 -14.25 -25.80
CA LEU A 425 32.31 -13.18 -26.74
C LEU A 425 33.53 -12.53 -27.34
N THR A 426 34.60 -12.40 -26.55
CA THR A 426 35.81 -11.78 -27.05
C THR A 426 36.39 -12.47 -28.27
N LYS A 427 36.26 -13.78 -28.29
CA LYS A 427 36.74 -14.67 -29.32
C LYS A 427 36.01 -14.49 -30.64
N LEU A 428 34.86 -13.88 -30.57
CA LEU A 428 34.05 -13.56 -31.72
C LEU A 428 34.32 -12.11 -32.08
N LEU A 429 34.26 -11.24 -31.09
CA LEU A 429 34.37 -9.82 -31.26
C LEU A 429 35.75 -9.40 -31.76
N SER A 430 36.78 -10.13 -31.34
CA SER A 430 38.15 -9.81 -31.71
C SER A 430 38.42 -9.99 -33.19
N LEU A 431 37.51 -10.66 -33.89
CA LEU A 431 37.66 -10.90 -35.30
C LEU A 431 37.07 -9.76 -36.13
N PHE A 432 36.38 -8.84 -35.48
CA PHE A 432 35.71 -7.77 -36.20
C PHE A 432 36.08 -6.42 -35.65
N SER A 433 35.94 -5.39 -36.48
CA SER A 433 36.12 -4.04 -35.97
C SER A 433 34.78 -3.54 -35.46
N VAL A 434 34.59 -3.57 -34.16
CA VAL A 434 33.29 -3.29 -33.60
C VAL A 434 33.03 -1.80 -33.55
N ASN A 435 31.93 -1.39 -34.15
CA ASN A 435 31.56 0.01 -34.24
C ASN A 435 30.60 0.39 -33.14
N ASP A 436 29.76 -0.56 -32.76
CA ASP A 436 28.75 -0.33 -31.75
C ASP A 436 28.44 -1.61 -31.01
N PHE A 437 28.41 -1.55 -29.70
CA PHE A 437 28.07 -2.71 -28.91
C PHE A 437 27.29 -2.27 -27.70
N THR A 438 25.97 -2.34 -27.79
CA THR A 438 25.15 -1.88 -26.68
C THR A 438 24.23 -2.98 -26.20
N CYS A 439 23.90 -2.95 -24.90
CA CYS A 439 23.04 -3.96 -24.26
C CYS A 439 21.81 -3.33 -23.63
N SER A 440 20.76 -4.14 -23.54
CA SER A 440 19.49 -3.75 -22.96
C SER A 440 18.95 -4.83 -22.04
N GLN A 441 18.60 -4.42 -20.83
CA GLN A 441 18.09 -5.29 -19.77
C GLN A 441 19.12 -6.31 -19.29
N ILE A 442 20.38 -5.99 -19.50
CA ILE A 442 21.51 -6.75 -18.99
C ILE A 442 22.69 -5.82 -18.98
N SER A 443 23.51 -5.89 -17.94
CA SER A 443 24.67 -5.02 -17.95
C SER A 443 25.69 -5.53 -18.95
N PRO A 444 26.52 -4.64 -19.50
CA PRO A 444 27.71 -4.92 -20.26
C PRO A 444 28.68 -5.88 -19.58
N ALA A 445 28.80 -5.78 -18.27
CA ALA A 445 29.69 -6.67 -17.55
C ALA A 445 29.10 -8.07 -17.48
N ALA A 446 27.79 -8.13 -17.36
CA ALA A 446 27.05 -9.37 -17.24
C ALA A 446 26.97 -10.14 -18.54
N ILE A 447 26.84 -9.45 -19.66
CA ILE A 447 26.65 -10.19 -20.91
C ILE A 447 27.81 -11.15 -21.18
N ALA A 448 29.01 -10.77 -20.77
CA ALA A 448 30.18 -11.61 -20.98
C ALA A 448 30.49 -12.56 -19.82
N SER A 449 29.75 -12.48 -18.72
CA SER A 449 30.10 -13.28 -17.54
C SER A 449 29.00 -14.16 -16.95
N ASN A 450 27.75 -13.95 -17.35
CA ASN A 450 26.64 -14.72 -16.78
C ASN A 450 26.41 -16.05 -17.50
N CYS A 451 25.72 -16.97 -16.81
CA CYS A 451 25.26 -18.24 -17.39
C CYS A 451 23.83 -18.08 -17.92
N TYR A 452 23.57 -18.71 -19.05
CA TYR A 452 22.27 -18.63 -19.71
C TYR A 452 21.70 -20.00 -20.02
N SER A 453 20.38 -20.07 -20.15
CA SER A 453 19.73 -21.29 -20.62
C SER A 453 20.11 -21.47 -22.06
N SER A 454 20.11 -20.37 -22.76
CA SER A 454 20.46 -20.33 -24.16
C SER A 454 20.98 -18.97 -24.54
N LEU A 455 21.79 -18.95 -25.57
CA LEU A 455 22.23 -17.70 -26.17
C LEU A 455 21.94 -17.78 -27.64
N ILE A 456 21.20 -16.81 -28.15
CA ILE A 456 20.82 -16.80 -29.55
C ILE A 456 21.52 -15.68 -30.27
N LEU A 457 22.25 -16.03 -31.31
CA LEU A 457 22.98 -15.05 -32.10
C LEU A 457 22.44 -14.92 -33.52
N ASP A 458 21.88 -13.76 -33.84
CA ASP A 458 21.31 -13.45 -35.14
C ASP A 458 22.25 -12.59 -35.96
N TYR A 459 22.79 -13.11 -37.05
CA TYR A 459 23.74 -12.29 -37.78
C TYR A 459 23.31 -12.02 -39.20
N PHE A 460 23.66 -10.83 -39.67
CA PHE A 460 23.30 -10.38 -41.00
C PHE A 460 24.15 -9.22 -41.49
N SER A 461 24.15 -9.01 -42.79
CA SER A 461 24.78 -7.84 -43.39
C SER A 461 23.94 -6.63 -43.06
N TYR A 462 24.57 -5.53 -42.69
CA TYR A 462 23.81 -4.34 -42.38
C TYR A 462 24.67 -3.10 -42.51
N PRO A 463 24.25 -2.10 -43.29
CA PRO A 463 24.98 -0.88 -43.49
C PRO A 463 24.99 -0.12 -42.17
N LEU A 464 26.14 0.43 -41.83
CA LEU A 464 26.29 1.17 -40.59
C LEU A 464 25.54 2.49 -40.68
N SER A 465 25.29 2.94 -41.89
CA SER A 465 24.59 4.18 -42.14
C SER A 465 23.14 4.10 -41.69
N MET A 466 22.63 2.89 -41.46
CA MET A 466 21.26 2.70 -41.02
C MET A 466 21.23 2.29 -39.56
N LYS A 467 22.32 2.52 -38.85
CA LYS A 467 22.48 2.17 -37.44
C LYS A 467 21.24 2.43 -36.60
N SER A 468 20.68 3.61 -36.74
CA SER A 468 19.58 4.06 -35.91
C SER A 468 18.30 3.30 -36.15
N ASP A 469 18.21 2.58 -37.25
CA ASP A 469 16.96 1.94 -37.60
C ASP A 469 16.84 0.58 -36.91
N LEU A 470 17.85 0.20 -36.14
CA LEU A 470 17.80 -1.00 -35.33
C LEU A 470 17.40 -0.69 -33.90
N SER A 471 17.15 0.59 -33.62
CA SER A 471 16.73 1.01 -32.30
C SER A 471 15.32 0.58 -32.00
N VAL A 472 15.06 0.30 -30.73
CA VAL A 472 13.72 -0.08 -30.28
C VAL A 472 12.70 1.03 -30.52
N SER A 473 13.15 2.27 -30.56
CA SER A 473 12.26 3.42 -30.76
C SER A 473 12.01 3.70 -32.24
N SER A 474 12.72 3.01 -33.12
CA SER A 474 12.61 3.24 -34.55
C SER A 474 11.30 2.84 -35.14
N ALA A 475 10.82 3.65 -36.08
CA ALA A 475 9.62 3.37 -36.82
C ALA A 475 9.91 3.28 -38.30
N GLY A 476 11.17 3.01 -38.61
CA GLY A 476 11.57 2.88 -39.99
C GLY A 476 11.37 1.45 -40.47
N PRO A 477 11.70 1.17 -41.73
CA PRO A 477 11.60 -0.09 -42.41
C PRO A 477 12.23 -1.27 -41.70
N ILE A 478 13.35 -1.06 -41.02
CA ILE A 478 14.02 -2.21 -40.45
C ILE A 478 13.30 -2.78 -39.25
N SER A 479 12.93 -1.93 -38.32
CA SER A 479 12.23 -2.41 -37.15
C SER A 479 10.80 -2.82 -37.46
N GLN A 480 10.24 -2.32 -38.56
CA GLN A 480 8.87 -2.68 -38.88
C GLN A 480 8.74 -3.92 -39.74
N PHE A 481 9.64 -4.11 -40.69
CA PHE A 481 9.47 -5.22 -41.63
C PHE A 481 10.62 -6.21 -41.71
N ASN A 482 11.75 -5.96 -41.07
CA ASN A 482 12.90 -6.81 -41.29
C ASN A 482 13.35 -7.55 -40.06
N TYR A 483 13.75 -6.79 -39.06
CA TYR A 483 14.32 -7.39 -37.87
C TYR A 483 14.03 -6.57 -36.64
N LYS A 484 13.53 -7.25 -35.62
CA LYS A 484 13.25 -6.62 -34.36
C LYS A 484 13.74 -7.51 -33.25
N GLN A 485 14.34 -6.93 -32.23
CA GLN A 485 14.83 -7.71 -31.09
C GLN A 485 13.72 -7.88 -30.08
N SER A 486 13.85 -8.92 -29.27
CA SER A 486 12.88 -9.24 -28.23
C SER A 486 12.77 -8.14 -27.21
N PHE A 487 11.57 -8.00 -26.66
CA PHE A 487 11.33 -7.03 -25.61
C PHE A 487 11.34 -7.66 -24.24
N SER A 488 11.22 -8.98 -24.20
CA SER A 488 11.06 -9.71 -22.96
C SER A 488 12.35 -10.32 -22.47
N ASN A 489 13.28 -10.56 -23.38
CA ASN A 489 14.56 -11.13 -23.01
C ASN A 489 15.59 -10.03 -23.04
N PRO A 490 16.66 -10.12 -22.27
CA PRO A 490 17.85 -9.31 -22.38
C PRO A 490 18.49 -9.49 -23.74
N THR A 491 18.90 -8.39 -24.32
CA THR A 491 19.51 -8.42 -25.64
C THR A 491 20.72 -7.50 -25.73
N CYS A 492 21.59 -7.76 -26.72
CA CYS A 492 22.68 -6.88 -27.09
C CYS A 492 22.70 -6.76 -28.61
N LEU A 493 23.04 -5.58 -29.10
CA LEU A 493 23.19 -5.37 -30.51
C LEU A 493 24.60 -4.94 -30.84
N ILE A 494 25.23 -5.67 -31.73
CA ILE A 494 26.59 -5.39 -32.13
C ILE A 494 26.65 -5.05 -33.61
N LEU A 495 27.28 -3.95 -33.93
CA LEU A 495 27.49 -3.57 -35.31
C LEU A 495 28.98 -3.57 -35.53
N ALA A 496 29.45 -4.28 -36.54
CA ALA A 496 30.88 -4.36 -36.74
C ALA A 496 31.25 -4.48 -38.19
N THR A 497 32.45 -4.04 -38.51
CA THR A 497 32.97 -4.11 -39.85
C THR A 497 33.92 -5.27 -40.01
N VAL A 498 33.79 -6.01 -41.10
CA VAL A 498 34.65 -7.13 -41.40
C VAL A 498 36.00 -6.58 -41.88
N PRO A 499 37.12 -6.91 -41.23
CA PRO A 499 38.48 -6.51 -41.57
C PRO A 499 38.87 -7.02 -42.93
N HIS A 500 39.78 -6.33 -43.59
CA HIS A 500 40.24 -6.74 -44.91
C HIS A 500 40.90 -8.13 -44.94
N ASN A 501 41.55 -8.53 -43.85
CA ASN A 501 42.25 -9.81 -43.75
C ASN A 501 41.33 -10.98 -43.36
N LEU A 502 40.03 -10.72 -43.06
CA LEU A 502 39.09 -11.80 -42.70
C LEU A 502 38.44 -12.27 -44.00
N THR A 503 39.19 -13.04 -44.76
CA THR A 503 38.83 -13.36 -46.13
C THR A 503 37.84 -14.51 -46.26
N THR A 504 37.45 -15.07 -45.13
CA THR A 504 36.50 -16.16 -45.13
C THR A 504 35.07 -15.64 -45.24
N ILE A 505 34.88 -14.35 -44.98
CA ILE A 505 33.57 -13.73 -45.13
C ILE A 505 33.55 -12.93 -46.41
N THR A 506 32.60 -13.25 -47.27
CA THR A 506 32.51 -12.61 -48.55
C THR A 506 31.39 -11.59 -48.56
N LYS A 507 31.34 -10.73 -49.57
CA LYS A 507 30.35 -9.67 -49.57
C LYS A 507 29.25 -9.95 -50.57
N PRO A 508 28.02 -9.51 -50.29
CA PRO A 508 26.93 -9.45 -51.21
C PRO A 508 27.17 -8.27 -52.13
N LEU A 509 26.38 -8.14 -53.17
CA LEU A 509 26.57 -7.05 -54.11
C LEU A 509 26.07 -5.73 -53.57
N LYS A 510 25.14 -5.80 -52.64
CA LYS A 510 24.53 -4.63 -52.05
C LYS A 510 23.85 -5.05 -50.76
N TYR A 511 23.52 -4.07 -49.94
CA TYR A 511 22.72 -4.37 -48.78
C TYR A 511 21.29 -4.24 -49.22
N SER A 512 20.41 -5.04 -48.67
CA SER A 512 19.02 -4.83 -49.04
C SER A 512 18.09 -5.10 -47.90
N TYR A 513 16.90 -4.54 -48.00
CA TYR A 513 15.92 -4.68 -46.98
C TYR A 513 14.53 -4.53 -47.53
N ILE A 514 13.55 -4.92 -46.74
CA ILE A 514 12.17 -4.77 -47.09
C ILE A 514 11.67 -3.42 -46.59
N ASN A 515 11.07 -2.63 -47.46
CA ASN A 515 10.58 -1.35 -47.00
C ASN A 515 9.08 -1.35 -46.93
N LYS A 516 8.49 -2.41 -47.43
CA LYS A 516 7.06 -2.59 -47.41
C LYS A 516 6.73 -4.06 -47.31
N CYS A 517 5.78 -4.41 -46.47
CA CYS A 517 5.23 -5.75 -46.34
C CYS A 517 3.80 -5.62 -45.86
N SER A 518 2.87 -6.12 -46.66
CA SER A 518 1.46 -5.98 -46.35
C SER A 518 0.62 -7.05 -47.01
N ARG A 519 -0.61 -7.18 -46.54
CA ARG A 519 -1.55 -8.07 -47.20
C ARG A 519 -2.70 -7.31 -47.81
N LEU A 520 -3.09 -7.75 -48.98
CA LEU A 520 -4.25 -7.22 -49.63
C LEU A 520 -5.34 -8.21 -49.38
N LEU A 521 -6.38 -7.79 -48.68
CA LEU A 521 -7.40 -8.73 -48.27
C LEU A 521 -8.23 -9.12 -49.48
N SER A 522 -9.05 -10.16 -49.34
CA SER A 522 -9.81 -10.71 -50.48
C SER A 522 -10.79 -9.72 -51.10
N ASP A 523 -11.13 -8.68 -50.37
CA ASP A 523 -12.00 -7.62 -50.87
C ASP A 523 -11.29 -6.74 -51.88
N ASP A 524 -9.96 -6.80 -51.88
CA ASP A 524 -9.07 -6.01 -52.71
C ASP A 524 -9.24 -4.51 -52.53
N ARG A 525 -9.58 -4.08 -51.33
CA ARG A 525 -9.68 -2.68 -50.99
C ARG A 525 -8.77 -2.33 -49.82
N THR A 526 -8.75 -3.22 -48.83
CA THR A 526 -8.00 -2.97 -47.60
C THR A 526 -6.62 -3.61 -47.59
N GLU A 527 -5.64 -2.77 -47.33
CA GLU A 527 -4.24 -3.18 -47.23
C GLU A 527 -3.79 -3.16 -45.78
N VAL A 528 -3.31 -4.30 -45.31
CA VAL A 528 -2.91 -4.44 -43.92
C VAL A 528 -1.41 -4.68 -43.77
N PRO A 529 -0.64 -3.75 -43.20
CA PRO A 529 0.79 -3.86 -42.98
C PRO A 529 1.09 -5.09 -42.13
N GLN A 530 2.10 -5.83 -42.53
CA GLN A 530 2.50 -7.02 -41.82
C GLN A 530 3.79 -6.78 -41.08
N LEU A 531 3.68 -6.48 -39.81
CA LEU A 531 4.85 -6.08 -39.06
C LEU A 531 5.56 -7.31 -38.54
N VAL A 532 6.88 -7.23 -38.50
CA VAL A 532 7.69 -8.33 -38.02
C VAL A 532 7.61 -8.41 -36.51
N ASN A 533 7.53 -9.62 -35.99
CA ASN A 533 7.50 -9.82 -34.56
C ASN A 533 8.92 -9.94 -34.07
N ALA A 534 9.14 -9.68 -32.79
CA ALA A 534 10.47 -9.81 -32.27
C ALA A 534 10.96 -11.24 -32.41
N ASN A 535 12.21 -11.37 -32.83
CA ASN A 535 12.91 -12.64 -33.05
C ASN A 535 12.31 -13.49 -34.16
N GLN A 536 11.43 -12.94 -34.97
CA GLN A 536 10.85 -13.72 -36.05
C GLN A 536 11.21 -13.18 -37.41
N TYR A 537 10.87 -13.93 -38.42
CA TYR A 537 11.08 -13.49 -39.79
C TYR A 537 9.80 -12.86 -40.29
N SER A 538 9.92 -11.86 -41.13
CA SER A 538 8.77 -11.26 -41.76
C SER A 538 8.08 -12.29 -42.64
N PRO A 539 6.75 -12.26 -42.74
CA PRO A 539 5.98 -13.14 -43.61
C PRO A 539 6.32 -12.96 -45.10
N CYS A 540 6.91 -11.81 -45.47
CA CYS A 540 7.28 -11.49 -46.84
C CYS A 540 8.62 -12.08 -47.21
N VAL A 541 9.29 -12.74 -46.28
CA VAL A 541 10.57 -13.35 -46.57
C VAL A 541 10.43 -14.37 -47.68
N SER A 542 9.31 -15.07 -47.71
CA SER A 542 9.05 -16.05 -48.75
C SER A 542 8.83 -15.45 -50.15
N ILE A 543 8.60 -14.14 -50.26
CA ILE A 543 8.39 -13.57 -51.59
C ILE A 543 9.55 -12.66 -52.01
N VAL A 544 10.32 -12.21 -51.04
CA VAL A 544 11.47 -11.36 -51.30
C VAL A 544 12.73 -12.22 -51.43
N PRO A 545 13.47 -12.12 -52.53
CA PRO A 545 14.66 -12.91 -52.85
C PRO A 545 15.79 -12.55 -51.91
N SER A 546 16.83 -13.39 -51.90
CA SER A 546 17.94 -13.17 -50.98
C SER A 546 18.63 -11.83 -51.17
N THR A 547 18.59 -11.31 -52.38
CA THR A 547 19.11 -9.98 -52.65
C THR A 547 18.08 -9.24 -53.48
N VAL A 548 17.76 -8.02 -53.09
CA VAL A 548 16.86 -7.20 -53.89
C VAL A 548 17.63 -6.75 -55.12
N TRP A 549 17.07 -7.00 -56.30
CA TRP A 549 17.77 -6.68 -57.52
C TRP A 549 17.91 -5.17 -57.70
N GLU A 550 16.79 -4.47 -57.67
CA GLU A 550 16.81 -3.02 -57.77
C GLU A 550 15.96 -2.37 -56.70
N ASP A 551 16.34 -1.18 -56.30
CA ASP A 551 15.56 -0.45 -55.33
C ASP A 551 14.18 -0.17 -55.90
N GLY A 552 13.14 -0.52 -55.14
CA GLY A 552 11.78 -0.33 -55.61
C GLY A 552 11.14 -1.60 -56.16
N ASP A 553 11.91 -2.70 -56.24
CA ASP A 553 11.33 -3.93 -56.73
C ASP A 553 10.14 -4.35 -55.91
N TYR A 554 9.09 -4.77 -56.60
CA TYR A 554 7.84 -5.14 -55.98
C TYR A 554 7.60 -6.63 -56.12
N TYR A 555 7.16 -7.25 -55.05
CA TYR A 555 6.96 -8.67 -55.00
C TYR A 555 5.53 -8.96 -54.62
N ARG A 556 4.97 -10.05 -55.13
CA ARG A 556 3.62 -10.42 -54.77
C ARG A 556 3.43 -11.92 -54.79
N LYS A 557 2.58 -12.40 -53.92
CA LYS A 557 2.18 -13.80 -53.92
C LYS A 557 0.70 -13.96 -53.66
N GLN A 558 0.07 -14.83 -54.42
CA GLN A 558 -1.33 -15.15 -54.18
C GLN A 558 -1.39 -16.08 -52.98
N LEU A 559 -2.16 -15.71 -51.97
CA LEU A 559 -2.28 -16.56 -50.80
C LEU A 559 -3.41 -17.54 -50.96
N SER A 560 -3.22 -18.71 -50.39
CA SER A 560 -4.25 -19.74 -50.42
C SER A 560 -5.32 -19.40 -49.37
N PRO A 561 -6.53 -19.98 -49.46
CA PRO A 561 -7.57 -19.90 -48.46
C PRO A 561 -7.08 -20.29 -47.05
N LEU A 562 -6.13 -21.21 -46.97
CA LEU A 562 -5.57 -21.65 -45.69
C LEU A 562 -4.75 -20.54 -45.04
N GLU A 563 -4.31 -19.60 -45.85
CA GLU A 563 -3.50 -18.47 -45.47
C GLU A 563 -4.36 -17.22 -45.33
N GLY A 564 -5.67 -17.39 -45.45
CA GLY A 564 -6.61 -16.29 -45.32
C GLY A 564 -7.00 -15.66 -46.65
N GLY A 565 -6.38 -16.11 -47.72
CA GLY A 565 -6.66 -15.59 -49.05
C GLY A 565 -6.05 -14.21 -49.25
N GLY A 566 -6.33 -13.62 -50.39
CA GLY A 566 -5.78 -12.31 -50.70
C GLY A 566 -4.35 -12.43 -51.21
N TRP A 567 -3.64 -11.34 -51.17
CA TRP A 567 -2.27 -11.28 -51.66
C TRP A 567 -1.30 -10.84 -50.60
N LEU A 568 -0.10 -11.36 -50.67
CA LEU A 568 0.96 -10.86 -49.84
C LEU A 568 1.87 -10.05 -50.72
N VAL A 569 2.11 -8.80 -50.38
CA VAL A 569 2.94 -7.97 -51.22
C VAL A 569 4.06 -7.31 -50.44
N ALA A 570 5.13 -6.99 -51.14
CA ALA A 570 6.28 -6.37 -50.51
C ALA A 570 7.08 -5.57 -51.48
N SER A 571 7.84 -4.64 -50.96
CA SER A 571 8.77 -3.89 -51.77
C SER A 571 10.12 -3.94 -51.11
N GLY A 572 11.15 -4.00 -51.92
CA GLY A 572 12.50 -3.98 -51.39
C GLY A 572 13.19 -2.69 -51.73
N SER A 573 14.30 -2.46 -51.06
CA SER A 573 15.13 -1.31 -51.30
C SER A 573 16.57 -1.67 -51.02
N THR A 574 17.49 -0.86 -51.54
CA THR A 574 18.89 -1.20 -51.42
C THR A 574 19.77 -0.07 -50.90
N VAL A 575 20.94 -0.46 -50.40
CA VAL A 575 21.99 0.45 -50.01
C VAL A 575 23.30 0.01 -50.66
N ALA A 576 24.02 0.94 -51.25
CA ALA A 576 25.25 0.60 -51.94
C ALA A 576 26.22 -0.07 -50.99
N MET A 577 26.94 -1.05 -51.50
CA MET A 577 27.92 -1.76 -50.70
C MET A 577 29.12 -0.90 -50.41
N THR A 578 29.61 -1.03 -49.18
CA THR A 578 30.76 -0.34 -48.66
C THR A 578 32.09 -1.04 -48.90
N GLU A 579 33.20 -0.34 -48.63
CA GLU A 579 34.53 -0.89 -48.85
C GLU A 579 34.73 -2.20 -48.09
N GLN A 580 34.32 -2.21 -46.84
CA GLN A 580 34.37 -3.39 -46.01
C GLN A 580 32.97 -3.76 -45.62
N LEU A 581 32.67 -5.04 -45.55
CA LEU A 581 31.32 -5.45 -45.21
C LEU A 581 30.95 -5.10 -43.80
N GLN A 582 29.81 -4.48 -43.62
CA GLN A 582 29.32 -4.16 -42.30
C GLN A 582 28.26 -5.17 -41.91
N MET A 583 28.32 -5.64 -40.68
CA MET A 583 27.42 -6.65 -40.16
C MET A 583 26.76 -6.28 -38.85
N GLY A 584 25.54 -6.76 -38.68
CA GLY A 584 24.86 -6.66 -37.41
C GLY A 584 24.79 -8.02 -36.73
N PHE A 585 24.86 -8.01 -35.41
CA PHE A 585 24.74 -9.24 -34.64
C PHE A 585 23.80 -9.00 -33.48
N GLY A 586 22.70 -9.71 -33.46
CA GLY A 586 21.76 -9.58 -32.37
C GLY A 586 21.95 -10.72 -31.40
N ILE A 587 22.14 -10.41 -30.13
CA ILE A 587 22.26 -11.45 -29.13
C ILE A 587 21.10 -11.39 -28.19
N THR A 588 20.45 -12.52 -28.01
CA THR A 588 19.35 -12.64 -27.06
C THR A 588 19.69 -13.73 -26.06
N VAL A 589 19.50 -13.48 -24.78
CA VAL A 589 19.79 -14.51 -23.81
C VAL A 589 18.60 -14.83 -22.93
N GLN A 590 18.43 -16.10 -22.63
CA GLN A 590 17.38 -16.56 -21.73
C GLN A 590 18.00 -17.10 -20.47
N TYR A 591 17.38 -16.83 -19.33
CA TYR A 591 17.92 -17.20 -18.02
C TYR A 591 17.29 -18.34 -17.21
N GLY A 592 16.37 -19.11 -17.76
CA GLY A 592 15.83 -20.18 -16.90
C GLY A 592 14.76 -21.05 -17.54
N THR A 593 15.02 -21.55 -18.73
CA THR A 593 14.10 -22.43 -19.42
C THR A 593 14.66 -23.85 -19.42
N ASP A 594 15.86 -23.95 -18.87
CA ASP A 594 16.65 -25.15 -18.86
C ASP A 594 17.78 -24.96 -17.87
N THR A 595 18.62 -25.96 -17.74
CA THR A 595 19.85 -25.82 -16.98
C THR A 595 20.65 -24.70 -17.64
N ASN A 596 21.16 -23.71 -16.88
CA ASN A 596 21.86 -22.62 -17.55
C ASN A 596 23.28 -23.03 -17.86
N SER A 597 23.39 -23.83 -18.91
CA SER A 597 24.62 -24.48 -19.30
C SER A 597 25.39 -23.71 -20.36
N VAL A 598 24.98 -22.48 -20.65
CA VAL A 598 25.77 -21.64 -21.54
C VAL A 598 26.52 -20.67 -20.65
N CYS A 599 27.79 -20.97 -20.36
CA CYS A 599 28.58 -20.27 -19.35
C CYS A 599 29.93 -19.87 -19.92
N PRO A 600 30.62 -18.92 -19.30
CA PRO A 600 32.01 -18.60 -19.55
C PRO A 600 32.85 -19.81 -19.23
N LYS A 601 34.02 -19.94 -19.84
CA LYS A 601 34.85 -21.08 -19.50
C LYS A 601 35.54 -20.87 -18.17
N LEU A 602 35.28 -21.77 -17.24
CA LEU A 602 35.83 -21.68 -15.90
C LEU A 602 36.79 -22.81 -15.59
N GLU A 603 37.97 -22.47 -15.08
CA GLU A 603 38.92 -23.48 -14.67
C GLU A 603 38.57 -23.91 -13.26
N PHE A 604 38.26 -25.19 -13.09
CA PHE A 604 37.79 -25.69 -11.81
C PHE A 604 38.86 -26.15 -10.84
N ALA A 605 38.60 -25.88 -9.58
CA ALA A 605 39.42 -26.32 -8.46
C ALA A 605 38.64 -27.37 -7.68
N ASN A 606 39.31 -28.25 -6.94
CA ASN A 606 38.64 -29.30 -6.17
C ASN A 606 38.17 -28.82 -4.79
N ASP A 607 38.33 -27.51 -4.50
CA ASP A 607 37.83 -26.89 -3.26
C ASP A 607 36.49 -26.23 -3.52
N THR A 608 35.92 -26.45 -4.70
CA THR A 608 34.61 -25.92 -5.03
C THR A 608 33.61 -27.04 -5.30
N LYS A 609 33.93 -28.24 -4.83
CA LYS A 609 33.03 -29.37 -4.97
C LYS A 609 32.01 -29.36 -3.84
N ILE A 610 30.86 -29.98 -4.08
CA ILE A 610 29.85 -30.09 -3.03
C ILE A 610 30.19 -31.15 -2.00
N ALA A 611 30.63 -32.32 -2.47
CA ALA A 611 30.88 -33.42 -1.56
C ALA A 611 31.92 -33.07 -0.50
N SER A 612 32.87 -32.22 -0.87
CA SER A 612 33.94 -31.83 0.03
C SER A 612 33.53 -30.76 1.05
N GLN A 613 32.34 -30.19 0.91
CA GLN A 613 31.88 -29.14 1.81
C GLN A 613 30.50 -29.40 2.38
N LEU A 614 30.14 -30.64 2.58
CA LEU A 614 28.81 -30.92 3.09
C LEU A 614 28.68 -30.47 4.53
N GLY A 615 27.52 -29.91 4.85
CA GLY A 615 27.20 -29.45 6.18
C GLY A 615 27.61 -28.01 6.41
N ASN A 616 28.35 -27.42 5.48
CA ASN A 616 28.81 -26.06 5.63
C ASN A 616 27.90 -25.09 4.90
N CYS A 617 27.90 -23.81 5.32
CA CYS A 617 27.25 -22.74 4.59
C CYS A 617 28.19 -22.26 3.48
N VAL A 618 27.73 -22.38 2.26
CA VAL A 618 28.54 -21.99 1.14
C VAL A 618 27.75 -21.16 0.15
N GLU A 619 28.47 -20.39 -0.65
CA GLU A 619 27.83 -19.74 -1.77
C GLU A 619 27.82 -20.76 -2.87
N TYR A 620 26.79 -20.80 -3.67
CA TYR A 620 26.82 -21.74 -4.76
C TYR A 620 26.45 -21.12 -6.07
N SER A 621 26.99 -21.71 -7.12
CA SER A 621 26.62 -21.42 -8.48
C SER A 621 26.55 -22.73 -9.23
N LEU A 622 25.34 -23.20 -9.44
CA LEU A 622 25.11 -24.48 -10.07
C LEU A 622 24.42 -24.26 -11.39
N TYR A 623 25.19 -24.34 -12.47
CA TYR A 623 24.67 -24.09 -13.79
C TYR A 623 23.84 -22.85 -13.81
N GLY A 624 24.38 -21.77 -13.28
CA GLY A 624 23.76 -20.46 -13.32
C GLY A 624 22.80 -20.18 -12.19
N VAL A 625 22.46 -21.19 -11.40
CA VAL A 625 21.56 -21.00 -10.29
C VAL A 625 22.39 -20.69 -9.07
N SER A 626 22.12 -19.59 -8.41
CA SER A 626 23.00 -19.24 -7.31
C SER A 626 22.28 -18.81 -6.07
N GLY A 627 23.02 -18.80 -4.99
CA GLY A 627 22.51 -18.39 -3.69
C GLY A 627 23.40 -18.93 -2.59
N ARG A 628 22.89 -18.93 -1.37
CA ARG A 628 23.64 -19.44 -0.24
C ARG A 628 22.88 -20.58 0.37
N GLY A 629 23.59 -21.57 0.87
CA GLY A 629 22.92 -22.66 1.54
C GLY A 629 23.86 -23.75 2.01
N VAL A 630 23.27 -24.77 2.59
CA VAL A 630 23.96 -25.89 3.15
C VAL A 630 23.57 -27.15 2.42
N PHE A 631 24.56 -27.86 1.91
CA PHE A 631 24.28 -29.09 1.19
C PHE A 631 24.36 -30.28 2.13
N GLN A 632 23.43 -31.20 1.99
CA GLN A 632 23.44 -32.43 2.76
C GLN A 632 23.19 -33.60 1.83
N ASN A 633 23.80 -34.76 2.10
CA ASN A 633 23.56 -35.98 1.33
C ASN A 633 22.23 -36.61 1.78
N CYS A 634 21.30 -36.85 0.84
CA CYS A 634 19.97 -37.37 1.16
C CYS A 634 19.35 -38.17 0.02
N THR A 635 18.19 -38.75 0.31
CA THR A 635 17.46 -39.59 -0.63
C THR A 635 16.96 -38.79 -1.84
N ALA A 636 17.19 -39.34 -3.03
CA ALA A 636 16.80 -38.67 -4.25
C ALA A 636 15.29 -38.59 -4.41
N VAL A 637 14.84 -37.39 -4.74
CA VAL A 637 13.43 -37.12 -5.00
C VAL A 637 13.29 -36.31 -6.27
N GLY A 638 12.12 -36.31 -6.87
CA GLY A 638 11.92 -35.53 -8.08
C GLY A 638 12.47 -36.28 -9.29
N VAL A 639 12.42 -35.66 -10.45
CA VAL A 639 12.93 -36.29 -11.66
C VAL A 639 14.41 -35.98 -11.81
N ARG A 640 15.23 -37.03 -11.89
CA ARG A 640 16.68 -36.89 -11.96
C ARG A 640 17.17 -36.07 -13.12
N GLN A 641 16.52 -36.24 -14.27
CA GLN A 641 16.92 -35.57 -15.49
C GLN A 641 16.71 -34.07 -15.43
N GLN A 642 15.91 -33.59 -14.50
CA GLN A 642 15.61 -32.18 -14.42
C GLN A 642 16.59 -31.43 -13.55
N ARG A 643 17.48 -32.15 -12.88
CA ARG A 643 18.58 -31.61 -12.06
C ARG A 643 18.20 -30.82 -10.80
N PHE A 644 17.40 -29.78 -10.95
CA PHE A 644 17.08 -28.89 -9.84
C PHE A 644 15.71 -29.17 -9.24
N VAL A 645 15.67 -29.43 -7.94
CA VAL A 645 14.42 -29.73 -7.25
C VAL A 645 13.97 -28.50 -6.48
N TYR A 646 12.76 -28.05 -6.75
CA TYR A 646 12.21 -26.87 -6.10
C TYR A 646 11.05 -27.22 -5.17
N ASP A 647 10.84 -26.38 -4.16
CA ASP A 647 9.70 -26.54 -3.27
C ASP A 647 8.52 -25.69 -3.75
N ALA A 648 7.49 -25.62 -2.92
CA ALA A 648 6.25 -24.92 -3.25
C ALA A 648 6.39 -23.40 -3.23
N TYR A 649 7.51 -22.91 -2.71
CA TYR A 649 7.77 -21.48 -2.63
C TYR A 649 8.80 -21.11 -3.68
N GLN A 650 9.08 -22.04 -4.57
CA GLN A 650 10.03 -21.90 -5.64
C GLN A 650 11.46 -21.70 -5.18
N ASN A 651 11.80 -22.26 -4.02
CA ASN A 651 13.17 -22.22 -3.55
C ASN A 651 13.88 -23.45 -4.04
N LEU A 652 15.18 -23.37 -4.23
CA LEU A 652 15.89 -24.58 -4.59
C LEU A 652 16.09 -25.39 -3.32
N VAL A 653 15.60 -26.61 -3.30
CA VAL A 653 15.69 -27.43 -2.10
C VAL A 653 16.41 -28.75 -2.33
N GLY A 654 16.77 -29.03 -3.57
CA GLY A 654 17.50 -30.24 -3.84
C GLY A 654 18.24 -30.11 -5.14
N TYR A 655 19.29 -30.89 -5.28
CA TYR A 655 20.09 -30.84 -6.48
C TYR A 655 20.76 -32.14 -6.82
N TYR A 656 20.64 -32.54 -8.08
CA TYR A 656 21.34 -33.70 -8.57
C TYR A 656 22.67 -33.25 -9.15
N SER A 657 23.74 -33.72 -8.55
CA SER A 657 25.08 -33.32 -8.93
C SER A 657 25.65 -34.19 -10.02
N ASP A 658 26.62 -33.66 -10.76
CA ASP A 658 27.28 -34.47 -11.77
C ASP A 658 28.14 -35.58 -11.16
N ASP A 659 28.34 -35.54 -9.86
CA ASP A 659 29.10 -36.59 -9.20
C ASP A 659 28.22 -37.81 -8.91
N GLY A 660 26.95 -37.75 -9.30
CA GLY A 660 26.03 -38.87 -9.16
C GLY A 660 25.18 -38.84 -7.88
N ASN A 661 25.50 -37.93 -6.98
CA ASN A 661 24.79 -37.81 -5.71
C ASN A 661 23.65 -36.82 -5.75
N TYR A 662 22.69 -37.04 -4.87
CA TYR A 662 21.62 -36.07 -4.69
C TYR A 662 21.78 -35.39 -3.36
N TYR A 663 21.75 -34.07 -3.40
CA TYR A 663 21.90 -33.33 -2.18
C TYR A 663 20.64 -32.53 -1.87
N CYS A 664 20.34 -32.41 -0.58
CA CYS A 664 19.30 -31.53 -0.06
C CYS A 664 19.93 -30.19 0.18
N LEU A 665 19.23 -29.15 -0.16
CA LEU A 665 19.77 -27.84 0.05
C LEU A 665 18.92 -27.09 1.06
N ARG A 666 19.56 -26.64 2.12
CA ARG A 666 18.90 -25.94 3.19
C ARG A 666 19.42 -24.53 3.19
N ALA A 667 18.61 -23.58 3.59
CA ALA A 667 19.11 -22.21 3.63
C ALA A 667 20.12 -22.08 4.77
N CYS A 668 21.02 -21.08 4.68
CA CYS A 668 21.97 -20.81 5.74
C CYS A 668 21.23 -20.13 6.88
N VAL A 669 20.56 -20.96 7.68
CA VAL A 669 19.70 -20.47 8.74
C VAL A 669 20.45 -19.61 9.73
N SER A 670 19.83 -18.51 10.10
CA SER A 670 20.44 -17.58 11.04
C SER A 670 20.04 -17.92 12.47
N VAL A 671 20.82 -17.43 13.44
CA VAL A 671 20.53 -17.68 14.84
C VAL A 671 19.69 -16.55 15.42
N PRO A 672 18.48 -16.80 15.93
CA PRO A 672 17.61 -15.81 16.53
C PRO A 672 18.29 -15.11 17.69
N VAL A 673 18.04 -13.82 17.85
CA VAL A 673 18.61 -13.08 18.97
C VAL A 673 17.58 -12.18 19.62
N SER A 674 17.49 -12.24 20.95
CA SER A 674 16.66 -11.34 21.73
C SER A 674 17.47 -10.72 22.85
N VAL A 675 17.29 -9.44 23.07
CA VAL A 675 18.00 -8.74 24.12
C VAL A 675 17.15 -8.65 25.36
N ILE A 676 17.70 -9.09 26.47
CA ILE A 676 17.03 -8.97 27.74
C ILE A 676 17.66 -7.78 28.41
N TYR A 677 16.91 -6.70 28.57
CA TYR A 677 17.53 -5.47 29.05
C TYR A 677 16.87 -4.89 30.29
N ASP A 678 17.71 -4.52 31.25
CA ASP A 678 17.27 -3.82 32.45
C ASP A 678 17.80 -2.39 32.52
N LYS A 679 16.88 -1.45 32.34
CA LYS A 679 17.15 -0.01 32.31
C LYS A 679 17.73 0.54 33.61
N GLU A 680 17.31 -0.02 34.75
CA GLU A 680 17.72 0.51 36.04
C GLU A 680 19.14 0.11 36.37
N THR A 681 19.51 -1.10 35.97
CA THR A 681 20.85 -1.60 36.26
C THR A 681 21.79 -1.40 35.08
N LYS A 682 21.23 -1.15 33.90
CA LYS A 682 22.02 -1.03 32.67
C LYS A 682 22.77 -2.32 32.40
N THR A 683 22.08 -3.44 32.60
CA THR A 683 22.67 -4.74 32.33
C THR A 683 21.83 -5.48 31.33
N HIS A 684 22.39 -6.50 30.73
CA HIS A 684 21.65 -7.24 29.75
C HIS A 684 22.12 -8.66 29.61
N ALA A 685 21.30 -9.45 28.94
CA ALA A 685 21.61 -10.83 28.62
C ALA A 685 21.05 -11.13 27.25
N THR A 686 21.61 -12.12 26.60
CA THR A 686 21.17 -12.46 25.26
C THR A 686 20.45 -13.79 25.22
N LEU A 687 19.29 -13.81 24.61
CA LEU A 687 18.56 -15.05 24.41
C LEU A 687 18.57 -15.47 22.96
N PHE A 688 18.96 -16.71 22.74
CA PHE A 688 18.97 -17.27 21.41
C PHE A 688 17.83 -18.25 21.33
N GLY A 689 16.68 -17.72 20.94
CA GLY A 689 15.46 -18.49 21.05
C GLY A 689 15.48 -19.69 20.14
N SER A 690 15.03 -20.80 20.68
CA SER A 690 14.98 -22.07 19.97
C SER A 690 16.34 -22.55 19.49
N VAL A 691 17.41 -22.20 20.19
CA VAL A 691 18.74 -22.62 19.80
C VAL A 691 19.42 -23.43 20.90
N ALA A 692 19.95 -24.59 20.56
CA ALA A 692 20.72 -25.35 21.54
C ALA A 692 22.06 -24.65 21.77
N CYS A 693 22.59 -24.71 23.00
CA CYS A 693 23.84 -24.05 23.39
C CYS A 693 25.06 -24.63 22.68
N GLU A 694 24.85 -25.69 21.92
CA GLU A 694 25.91 -26.31 21.14
C GLU A 694 26.43 -25.34 20.09
N HIS A 695 25.62 -24.35 19.74
CA HIS A 695 26.01 -23.34 18.75
C HIS A 695 26.46 -22.00 19.34
N ILE A 696 26.51 -21.86 20.68
CA ILE A 696 26.79 -20.60 21.36
C ILE A 696 28.11 -20.71 22.11
N TYR A 718 30.30 -16.73 33.52
CA TYR A 718 29.45 -17.86 33.19
C TYR A 718 29.29 -17.98 31.67
N GLY A 719 29.19 -19.22 31.17
CA GLY A 719 29.00 -19.53 29.75
C GLY A 719 27.52 -19.63 29.43
N PRO A 720 27.18 -20.19 28.28
CA PRO A 720 25.84 -20.41 27.78
C PRO A 720 25.06 -21.32 28.72
N LEU A 721 23.79 -21.01 28.91
CA LEU A 721 22.89 -21.77 29.77
C LEU A 721 21.67 -22.21 28.98
N GLN A 722 21.36 -23.49 29.02
CA GLN A 722 20.23 -23.97 28.23
C GLN A 722 18.93 -23.83 29.00
N THR A 723 17.93 -23.20 28.41
CA THR A 723 16.65 -23.06 29.06
C THR A 723 15.58 -23.62 28.10
N PRO A 724 14.36 -23.86 28.57
CA PRO A 724 13.19 -24.27 27.80
C PRO A 724 12.81 -23.35 26.62
N VAL A 725 13.36 -22.14 26.55
CA VAL A 725 13.01 -21.24 25.45
C VAL A 725 14.17 -20.97 24.52
N GLY A 726 15.29 -21.64 24.74
CA GLY A 726 16.48 -21.41 23.94
C GLY A 726 17.69 -21.27 24.84
N CYS A 727 18.82 -20.87 24.28
CA CYS A 727 20.08 -20.75 25.01
C CYS A 727 20.26 -19.30 25.45
N VAL A 728 20.62 -19.09 26.70
CA VAL A 728 20.83 -17.74 27.15
C VAL A 728 22.26 -17.52 27.53
N LEU A 729 22.75 -16.35 27.22
CA LEU A 729 24.11 -16.00 27.53
C LEU A 729 24.07 -14.74 28.39
N GLY A 730 24.64 -14.80 29.57
CA GLY A 730 24.59 -13.65 30.47
C GLY A 730 23.60 -13.86 31.62
N LEU A 731 22.92 -15.01 31.67
CA LEU A 731 22.05 -15.30 32.79
C LEU A 731 22.67 -16.38 33.65
N VAL A 732 22.48 -16.27 34.95
CA VAL A 732 22.99 -17.25 35.89
C VAL A 732 21.85 -18.03 36.53
N ASN A 733 21.87 -19.37 36.42
CA ASN A 733 20.83 -20.23 36.97
C ASN A 733 20.81 -20.13 38.51
N SER A 734 19.66 -19.68 39.07
CA SER A 734 19.54 -19.40 40.51
C SER A 734 18.60 -20.33 41.28
N SER A 735 17.76 -21.10 40.59
CA SER A 735 16.77 -21.95 41.29
C SER A 735 15.99 -21.13 42.31
N LEU A 736 15.61 -19.94 41.89
CA LEU A 736 14.89 -18.96 42.68
C LEU A 736 13.52 -18.75 42.05
N PHE A 737 12.52 -18.48 42.88
CA PHE A 737 11.18 -18.24 42.35
C PHE A 737 10.67 -16.83 42.57
N VAL A 738 9.94 -16.33 41.58
CA VAL A 738 9.32 -15.01 41.62
C VAL A 738 7.85 -15.10 41.27
N GLU A 739 7.09 -14.05 41.54
CA GLU A 739 5.73 -13.99 41.06
C GLU A 739 5.64 -12.71 40.26
N ASP A 740 6.38 -11.76 40.77
CA ASP A 740 6.48 -10.40 40.26
C ASP A 740 7.56 -10.26 39.18
N CYS A 741 7.30 -10.85 38.00
CA CYS A 741 8.26 -10.90 36.90
C CYS A 741 8.09 -9.73 35.93
N LYS A 742 9.19 -9.01 35.71
CA LYS A 742 9.20 -7.88 34.78
C LYS A 742 9.83 -8.22 33.44
N LEU A 743 10.66 -9.25 33.40
CA LEU A 743 11.36 -9.64 32.19
C LEU A 743 11.12 -11.12 31.86
N PRO A 744 9.89 -11.51 31.51
CA PRO A 744 9.53 -12.87 31.21
C PRO A 744 10.24 -13.33 29.95
N LEU A 745 10.74 -14.54 29.98
CA LEU A 745 11.44 -15.07 28.83
C LEU A 745 10.57 -16.01 28.04
N GLY A 746 9.40 -16.27 28.58
CA GLY A 746 8.47 -17.23 27.99
C GLY A 746 8.40 -18.46 28.85
N GLN A 747 7.45 -19.33 28.57
CA GLN A 747 7.22 -20.49 29.40
C GLN A 747 7.04 -19.95 30.80
N SER A 748 7.75 -20.44 31.78
CA SER A 748 7.57 -19.86 33.10
C SER A 748 8.89 -19.36 33.63
N LEU A 749 9.69 -18.82 32.72
CA LEU A 749 11.01 -18.31 33.02
C LEU A 749 10.98 -16.80 33.14
N CYS A 750 11.90 -16.24 33.96
CA CYS A 750 12.02 -14.82 34.18
C CYS A 750 13.48 -14.41 34.34
N ALA A 751 13.85 -13.28 33.75
CA ALA A 751 15.18 -12.74 34.01
C ALA A 751 15.08 -11.81 35.21
N LEU A 752 15.88 -12.08 36.21
CA LEU A 752 15.82 -11.33 37.46
C LEU A 752 17.14 -10.61 37.75
N PRO A 753 17.21 -9.29 37.57
CA PRO A 753 18.39 -8.46 37.76
C PRO A 753 18.98 -8.62 39.13
N ASP A 754 20.31 -8.59 39.21
CA ASP A 754 21.03 -8.70 40.48
C ASP A 754 21.43 -7.32 41.00
N THR A 755 20.66 -6.81 41.97
CA THR A 755 20.80 -5.45 42.52
C THR A 755 20.12 -5.35 43.88
N PRO A 768 25.93 -3.36 39.74
CA PRO A 768 25.02 -4.48 39.47
C PRO A 768 25.78 -5.69 38.92
N GLY A 769 25.21 -6.88 39.12
CA GLY A 769 25.80 -8.16 38.69
C GLY A 769 25.11 -8.69 37.44
N GLU A 770 25.15 -10.00 37.26
CA GLU A 770 24.52 -10.61 36.11
C GLU A 770 23.07 -10.91 36.44
N MET A 771 22.24 -10.94 35.43
CA MET A 771 20.85 -11.29 35.63
C MET A 771 20.74 -12.76 35.98
N ARG A 772 19.85 -13.07 36.89
CA ARG A 772 19.59 -14.44 37.28
C ARG A 772 18.47 -15.06 36.48
N LEU A 773 18.53 -16.35 36.28
CA LEU A 773 17.42 -17.04 35.66
C LEU A 773 16.54 -17.59 36.76
N ALA A 774 15.32 -17.08 36.83
CA ALA A 774 14.37 -17.42 37.87
C ALA A 774 13.15 -18.09 37.26
N SER A 775 12.47 -18.88 38.04
CA SER A 775 11.23 -19.48 37.60
C SER A 775 10.07 -18.69 38.16
N ILE A 776 8.95 -18.71 37.46
CA ILE A 776 7.78 -18.04 37.98
C ILE A 776 6.97 -19.06 38.75
N ALA A 777 6.64 -18.72 39.98
CA ALA A 777 5.93 -19.62 40.87
C ALA A 777 4.43 -19.53 40.67
N PHE A 778 3.77 -20.63 40.95
CA PHE A 778 2.34 -20.63 41.03
C PHE A 778 1.96 -20.38 42.46
N ASN A 779 1.16 -19.37 42.69
CA ASN A 779 0.74 -19.07 44.04
C ASN A 779 -0.49 -19.89 44.36
N HIS A 780 -0.33 -20.84 45.28
CA HIS A 780 -1.41 -21.73 45.61
C HIS A 780 -2.45 -21.02 46.47
N PRO A 781 -3.73 -21.29 46.27
CA PRO A 781 -4.84 -20.81 47.05
C PRO A 781 -4.86 -21.47 48.40
N ILE A 782 -5.59 -20.90 49.33
CA ILE A 782 -5.73 -21.53 50.63
C ILE A 782 -6.43 -22.84 50.43
N GLN A 783 -5.84 -23.91 50.94
CA GLN A 783 -6.45 -25.21 50.75
C GLN A 783 -7.44 -25.50 51.84
N VAL A 784 -8.67 -25.82 51.46
CA VAL A 784 -9.66 -26.15 52.44
C VAL A 784 -10.22 -27.53 52.13
N ASP A 785 -9.99 -28.46 53.04
CA ASP A 785 -10.42 -29.84 52.85
C ASP A 785 -11.90 -30.05 53.03
N GLN A 786 -12.43 -31.07 52.38
CA GLN A 786 -13.82 -31.45 52.58
C GLN A 786 -13.91 -32.45 53.71
N LEU A 787 -15.02 -32.45 54.44
CA LEU A 787 -15.21 -33.39 55.51
C LEU A 787 -16.02 -34.60 55.06
N ASN A 788 -15.66 -35.79 55.57
CA ASN A 788 -16.42 -37.01 55.33
C ASN A 788 -17.50 -37.13 56.43
N SER A 789 -18.44 -36.18 56.40
CA SER A 789 -19.48 -36.03 57.42
C SER A 789 -20.62 -35.17 56.89
N SER A 790 -21.60 -34.93 57.76
CA SER A 790 -22.76 -34.11 57.44
C SER A 790 -22.46 -32.63 57.69
N TYR A 791 -21.22 -32.34 58.07
CA TYR A 791 -20.75 -30.99 58.29
C TYR A 791 -19.88 -30.56 57.13
N PHE A 792 -19.48 -29.30 57.13
CA PHE A 792 -18.51 -28.86 56.15
C PHE A 792 -17.54 -27.90 56.79
N LYS A 793 -16.36 -27.78 56.20
CA LYS A 793 -15.39 -26.82 56.67
C LYS A 793 -15.55 -25.50 56.00
N LEU A 794 -15.71 -24.49 56.82
CA LEU A 794 -15.86 -23.15 56.35
C LEU A 794 -14.61 -22.35 56.62
N SER A 795 -14.08 -21.77 55.56
CA SER A 795 -12.95 -20.88 55.72
C SER A 795 -13.48 -19.46 55.69
N ILE A 796 -13.41 -18.80 56.83
CA ILE A 796 -14.04 -17.49 56.96
C ILE A 796 -13.02 -16.48 57.49
N PRO A 797 -12.98 -15.25 56.96
CA PRO A 797 -12.08 -14.19 57.37
C PRO A 797 -12.30 -13.79 58.81
N THR A 798 -11.23 -13.45 59.50
CA THR A 798 -11.33 -12.90 60.86
C THR A 798 -10.86 -11.44 60.94
N ASN A 799 -10.39 -10.91 59.82
CA ASN A 799 -9.84 -9.58 59.64
C ASN A 799 -10.15 -9.15 58.21
N PHE A 800 -9.99 -7.85 57.93
CA PHE A 800 -10.19 -7.32 56.59
C PHE A 800 -9.51 -6.01 56.43
N SER A 801 -9.37 -5.61 55.19
CA SER A 801 -8.90 -4.30 54.82
C SER A 801 -9.70 -3.82 53.64
N PHE A 802 -9.56 -2.55 53.34
CA PHE A 802 -10.15 -2.04 52.12
C PHE A 802 -9.02 -1.81 51.17
N GLY A 803 -9.28 -1.93 49.90
CA GLY A 803 -8.26 -1.64 48.93
C GLY A 803 -8.87 -0.99 47.73
N VAL A 804 -8.06 -0.30 46.96
CA VAL A 804 -8.59 0.37 45.80
C VAL A 804 -8.02 -0.22 44.53
N THR A 805 -8.90 -0.71 43.69
CA THR A 805 -8.46 -1.18 42.41
C THR A 805 -8.60 -0.01 41.48
N GLN A 806 -7.53 0.35 40.83
CA GLN A 806 -7.58 1.49 39.95
C GLN A 806 -7.73 0.99 38.54
N GLU A 807 -8.55 1.65 37.78
CA GLU A 807 -8.77 1.25 36.41
C GLU A 807 -8.93 2.43 35.50
N TYR A 808 -8.26 2.39 34.37
CA TYR A 808 -8.43 3.43 33.39
C TYR A 808 -9.15 2.92 32.17
N ILE A 809 -10.21 3.60 31.81
CA ILE A 809 -10.95 3.27 30.62
C ILE A 809 -10.88 4.42 29.63
N GLN A 810 -10.22 4.19 28.52
CA GLN A 810 -10.18 5.16 27.44
C GLN A 810 -11.56 5.36 26.88
N THR A 811 -11.92 6.57 26.54
CA THR A 811 -13.23 6.79 26.02
C THR A 811 -13.12 7.44 24.67
N THR A 812 -12.06 8.21 24.51
CA THR A 812 -11.81 8.97 23.31
C THR A 812 -10.39 8.85 22.82
N ILE A 813 -10.16 9.34 21.63
CA ILE A 813 -8.82 9.51 21.10
C ILE A 813 -8.70 10.95 20.68
N GLN A 814 -7.49 11.42 20.48
CA GLN A 814 -7.33 12.77 19.98
C GLN A 814 -7.88 12.86 18.57
N LYS A 815 -8.71 13.87 18.34
CA LYS A 815 -9.33 14.09 17.04
C LYS A 815 -8.39 14.85 16.13
N VAL A 816 -8.14 14.30 14.95
CA VAL A 816 -7.20 14.91 14.03
C VAL A 816 -7.78 14.99 12.64
N THR A 817 -7.52 16.11 11.96
CA THR A 817 -7.86 16.24 10.56
C THR A 817 -6.59 16.50 9.80
N VAL A 818 -6.59 16.20 8.52
CA VAL A 818 -5.38 16.42 7.75
C VAL A 818 -5.68 17.21 6.50
N ASP A 819 -4.87 18.21 6.24
CA ASP A 819 -4.99 18.92 4.98
C ASP A 819 -4.20 18.08 3.99
N CYS A 820 -4.89 17.10 3.41
CA CYS A 820 -4.34 16.09 2.52
C CYS A 820 -3.62 16.70 1.33
N LYS A 821 -4.26 17.65 0.67
CA LYS A 821 -3.68 18.22 -0.50
C LYS A 821 -2.36 18.89 -0.17
N GLN A 822 -2.33 19.63 0.93
CA GLN A 822 -1.10 20.27 1.38
C GLN A 822 -0.08 19.24 1.84
N TYR A 823 -0.52 18.22 2.55
CA TYR A 823 0.38 17.21 3.07
C TYR A 823 1.15 16.56 1.96
N VAL A 824 0.44 16.16 0.92
CA VAL A 824 1.05 15.44 -0.17
C VAL A 824 1.89 16.31 -1.11
N CYS A 825 1.35 17.48 -1.53
CA CYS A 825 1.98 18.29 -2.58
C CYS A 825 2.63 19.57 -2.10
N ASN A 826 2.41 19.97 -0.87
CA ASN A 826 3.06 21.15 -0.34
C ASN A 826 2.91 22.40 -1.20
N GLY A 827 1.74 22.58 -1.82
CA GLY A 827 1.47 23.77 -2.59
C GLY A 827 2.01 23.77 -4.03
N PHE A 828 2.65 22.70 -4.45
CA PHE A 828 3.21 22.66 -5.79
C PHE A 828 2.18 22.24 -6.81
N GLN A 829 1.97 23.10 -7.80
CA GLN A 829 0.93 22.86 -8.79
C GLN A 829 1.22 21.64 -9.63
N LYS A 830 2.50 21.39 -9.88
CA LYS A 830 2.88 20.22 -10.66
C LYS A 830 2.49 18.91 -9.98
N CYS A 831 2.68 18.83 -8.65
CA CYS A 831 2.30 17.67 -7.86
C CYS A 831 0.79 17.54 -7.84
N GLU A 832 0.08 18.64 -7.66
CA GLU A 832 -1.36 18.59 -7.59
C GLU A 832 -1.93 18.03 -8.88
N GLN A 833 -1.30 18.36 -10.00
CA GLN A 833 -1.72 17.84 -11.28
C GLN A 833 -1.60 16.33 -11.32
N LEU A 834 -0.54 15.80 -10.73
CA LEU A 834 -0.31 14.37 -10.70
C LEU A 834 -1.18 13.69 -9.66
N LEU A 835 -1.47 14.39 -8.58
CA LEU A 835 -2.31 13.87 -7.52
C LEU A 835 -3.72 13.61 -8.02
N ARG A 836 -4.18 14.42 -8.96
CA ARG A 836 -5.51 14.26 -9.53
C ARG A 836 -5.68 12.93 -10.28
N GLU A 837 -4.58 12.29 -10.66
CA GLU A 837 -4.63 11.04 -11.40
C GLU A 837 -4.95 9.87 -10.47
N TYR A 838 -5.00 10.13 -9.18
CA TYR A 838 -5.29 9.12 -8.18
C TYR A 838 -6.73 9.21 -7.74
N GLY A 839 -7.52 9.99 -8.45
CA GLY A 839 -8.93 10.10 -8.15
C GLY A 839 -9.17 11.01 -6.98
N GLN A 840 -10.32 10.86 -6.36
CA GLN A 840 -10.67 11.74 -5.26
C GLN A 840 -10.06 11.23 -3.97
N PHE A 841 -8.74 11.18 -3.95
CA PHE A 841 -8.00 10.64 -2.83
C PHE A 841 -8.20 11.43 -1.54
N CYS A 842 -8.04 12.76 -1.61
CA CYS A 842 -8.12 13.64 -0.47
C CYS A 842 -9.54 13.77 0.04
N SER A 843 -10.51 13.58 -0.85
CA SER A 843 -11.88 13.60 -0.41
C SER A 843 -12.13 12.42 0.51
N LYS A 844 -11.54 11.27 0.17
CA LYS A 844 -11.72 10.08 0.98
C LYS A 844 -11.00 10.21 2.32
N ILE A 845 -9.83 10.82 2.33
CA ILE A 845 -9.10 11.03 3.57
C ILE A 845 -9.87 11.95 4.49
N ASN A 846 -10.39 13.04 3.93
CA ASN A 846 -11.09 14.02 4.73
C ASN A 846 -12.40 13.50 5.25
N GLN A 847 -13.11 12.74 4.44
CA GLN A 847 -14.39 12.23 4.87
C GLN A 847 -14.23 11.14 5.90
N ALA A 848 -13.20 10.32 5.77
CA ALA A 848 -12.99 9.27 6.73
C ALA A 848 -12.65 9.83 8.10
N LEU A 849 -11.80 10.86 8.13
CA LEU A 849 -11.44 11.46 9.40
C LEU A 849 -12.58 12.26 9.98
N HIS A 850 -13.37 12.90 9.12
CA HIS A 850 -14.52 13.64 9.60
C HIS A 850 -15.48 12.70 10.30
N GLY A 851 -15.75 11.56 9.68
CA GLY A 851 -16.64 10.59 10.26
C GLY A 851 -16.12 10.06 11.58
N ALA A 852 -14.83 9.78 11.64
CA ALA A 852 -14.21 9.30 12.87
C ALA A 852 -14.32 10.33 13.98
N ASN A 853 -14.15 11.59 13.62
CA ASN A 853 -14.19 12.65 14.60
C ASN A 853 -15.62 12.87 15.10
N LEU A 854 -16.60 12.71 14.22
CA LEU A 854 -17.99 12.80 14.66
C LEU A 854 -18.32 11.65 15.58
N ARG A 855 -17.80 10.47 15.28
CA ARG A 855 -18.06 9.32 16.12
C ARG A 855 -17.56 9.57 17.53
N GLN A 856 -16.40 10.21 17.64
CA GLN A 856 -15.85 10.51 18.95
C GLN A 856 -16.74 11.46 19.71
N ASP A 857 -17.32 12.44 19.03
CA ASP A 857 -18.21 13.37 19.70
C ASP A 857 -19.51 12.69 20.11
N ASP A 858 -20.00 11.76 19.29
CA ASP A 858 -21.21 11.03 19.63
C ASP A 858 -20.95 10.11 20.81
N SER A 859 -19.75 9.54 20.87
CA SER A 859 -19.36 8.65 21.95
C SER A 859 -19.35 9.39 23.27
N VAL A 860 -18.78 10.60 23.27
CA VAL A 860 -18.72 11.42 24.46
C VAL A 860 -20.09 11.88 24.89
N ARG A 861 -20.87 12.35 23.94
CA ARG A 861 -22.19 12.84 24.26
C ARG A 861 -23.04 11.75 24.88
N ASN A 862 -22.94 10.54 24.33
CA ASN A 862 -23.69 9.39 24.82
C ASN A 862 -23.22 8.95 26.20
N LEU A 863 -21.91 8.89 26.39
CA LEU A 863 -21.37 8.48 27.67
C LEU A 863 -21.79 9.42 28.77
N PHE A 864 -21.63 10.71 28.55
CA PHE A 864 -21.93 11.64 29.61
C PHE A 864 -23.42 11.75 29.85
N ALA A 865 -24.22 11.51 28.83
CA ALA A 865 -25.66 11.49 29.03
C ALA A 865 -26.02 10.41 30.04
N SER A 866 -25.28 9.30 30.04
CA SER A 866 -25.52 8.21 30.96
C SER A 866 -24.85 8.36 32.33
N VAL A 867 -23.70 9.04 32.42
CA VAL A 867 -23.10 9.21 33.75
C VAL A 867 -23.95 10.20 34.51
N LYS A 868 -24.53 11.16 33.80
CA LYS A 868 -25.35 12.20 34.39
C LYS A 868 -26.39 11.62 35.32
N SER A 869 -26.45 12.19 36.51
CA SER A 869 -27.43 11.79 37.51
C SER A 869 -28.71 12.55 37.31
N SER A 870 -29.84 11.95 37.65
CA SER A 870 -31.09 12.69 37.60
C SER A 870 -31.26 13.50 38.86
N GLN A 871 -30.74 12.96 39.96
CA GLN A 871 -30.80 13.59 41.27
C GLN A 871 -29.46 13.41 41.96
N SER A 872 -29.07 14.40 42.74
CA SER A 872 -27.80 14.34 43.44
C SER A 872 -27.80 15.23 44.68
N SER A 873 -26.98 14.90 45.66
CA SER A 873 -26.83 15.78 46.79
C SER A 873 -25.70 16.77 46.49
N PRO A 874 -25.77 18.01 46.96
CA PRO A 874 -24.71 18.98 46.89
C PRO A 874 -23.47 18.44 47.57
N ILE A 875 -22.31 18.67 46.97
CA ILE A 875 -21.06 18.30 47.63
C ILE A 875 -20.67 19.45 48.50
N ILE A 876 -20.44 19.17 49.75
CA ILE A 876 -20.03 20.18 50.69
C ILE A 876 -18.73 19.73 51.28
N PRO A 877 -17.89 20.62 51.78
CA PRO A 877 -16.70 20.26 52.48
C PRO A 877 -17.12 19.38 53.63
N GLY A 878 -16.44 18.25 53.82
CA GLY A 878 -16.80 17.36 54.91
C GLY A 878 -17.65 16.21 54.43
N PHE A 879 -18.02 16.25 53.15
CA PHE A 879 -18.77 15.19 52.52
C PHE A 879 -18.04 13.89 52.81
N GLY A 880 -18.77 12.89 53.27
CA GLY A 880 -18.17 11.61 53.63
C GLY A 880 -18.22 11.36 55.14
N GLY A 881 -18.31 12.42 55.92
CA GLY A 881 -18.37 12.27 57.37
C GLY A 881 -17.08 11.66 57.89
N ASP A 882 -17.18 10.51 58.55
CA ASP A 882 -16.02 9.82 59.09
C ASP A 882 -15.14 9.28 57.98
N PHE A 883 -15.71 9.16 56.80
CA PHE A 883 -15.03 8.65 55.64
C PHE A 883 -14.46 9.86 54.91
N ASN A 884 -13.14 9.88 54.74
CA ASN A 884 -12.41 11.01 54.18
C ASN A 884 -12.39 10.92 52.65
N LEU A 885 -13.24 11.75 52.01
CA LEU A 885 -13.40 11.81 50.58
C LEU A 885 -12.93 13.15 50.04
N THR A 886 -12.03 13.82 50.77
CA THR A 886 -11.64 15.17 50.37
C THR A 886 -10.82 15.18 49.11
N LEU A 887 -10.25 14.03 48.76
CA LEU A 887 -9.48 13.92 47.54
C LEU A 887 -10.39 13.79 46.33
N LEU A 888 -11.68 13.58 46.57
CA LEU A 888 -12.67 13.45 45.52
C LEU A 888 -13.50 14.74 45.38
N GLU A 889 -13.57 15.52 46.46
CA GLU A 889 -14.32 16.76 46.43
C GLU A 889 -13.66 17.74 45.45
N PRO A 890 -14.42 18.52 44.70
CA PRO A 890 -13.93 19.58 43.84
C PRO A 890 -13.14 20.58 44.67
N VAL A 891 -11.99 21.04 44.15
CA VAL A 891 -11.14 22.01 44.85
C VAL A 891 -11.70 23.42 44.62
N ALA A 900 -14.69 22.97 38.78
CA ALA A 900 -13.45 22.64 39.47
C ALA A 900 -13.26 21.12 39.51
N ARG A 901 -12.01 20.67 39.34
CA ARG A 901 -11.62 19.26 39.42
C ARG A 901 -11.24 18.91 40.85
N SER A 902 -11.30 17.62 41.17
CA SER A 902 -10.93 17.15 42.49
C SER A 902 -9.43 17.08 42.65
N ALA A 903 -8.96 16.92 43.88
CA ALA A 903 -7.53 16.83 44.10
C ALA A 903 -6.90 15.61 43.44
N ILE A 904 -7.57 14.47 43.49
CA ILE A 904 -7.00 13.27 42.88
C ILE A 904 -7.02 13.41 41.37
N GLU A 905 -8.04 14.10 40.86
CA GLU A 905 -8.18 14.33 39.44
C GLU A 905 -7.08 15.26 38.93
N ASP A 906 -6.80 16.34 39.66
CA ASP A 906 -5.70 17.23 39.26
C ASP A 906 -4.38 16.51 39.33
N LEU A 907 -4.19 15.68 40.35
CA LEU A 907 -2.93 14.96 40.46
C LEU A 907 -2.76 14.00 39.31
N LEU A 908 -3.83 13.31 38.93
CA LEU A 908 -3.76 12.39 37.80
C LEU A 908 -3.32 13.12 36.55
N PHE A 909 -3.90 14.29 36.29
CA PHE A 909 -3.50 15.05 35.10
C PHE A 909 -2.09 15.60 35.19
N ASP A 910 -1.69 16.10 36.36
CA ASP A 910 -0.37 16.71 36.52
C ASP A 910 0.76 15.69 36.38
N LYS A 911 0.50 14.44 36.73
CA LYS A 911 1.52 13.41 36.67
C LYS A 911 1.68 12.78 35.29
N VAL A 912 0.82 13.14 34.35
CA VAL A 912 0.87 12.57 33.01
C VAL A 912 1.48 13.58 32.07
N THR A 913 2.42 13.14 31.24
CA THR A 913 3.07 14.09 30.35
C THR A 913 2.28 14.24 29.07
N ILE A 914 1.66 15.40 28.92
CA ILE A 914 0.79 15.71 27.80
C ILE A 914 1.23 17.00 27.13
N ALA A 915 1.44 16.96 25.82
CA ALA A 915 1.78 18.19 25.14
C ALA A 915 0.54 19.07 25.04
N ASP A 916 0.69 20.35 25.31
CA ASP A 916 -0.42 21.28 25.21
C ASP A 916 -0.71 21.59 23.74
N PRO A 917 -1.87 21.21 23.20
CA PRO A 917 -2.26 21.37 21.82
C PRO A 917 -2.46 22.82 21.42
N GLY A 918 -2.62 23.72 22.39
CA GLY A 918 -2.78 25.12 22.05
C GLY A 918 -4.11 25.42 21.37
N TYR A 919 -5.20 24.92 21.92
CA TYR A 919 -6.49 25.08 21.27
C TYR A 919 -6.88 26.53 20.98
N MET A 920 -6.50 27.46 21.84
CA MET A 920 -6.90 28.84 21.62
C MET A 920 -5.93 29.63 20.73
N GLN A 921 -4.62 29.42 20.88
CA GLN A 921 -3.68 30.19 20.10
C GLN A 921 -2.34 29.49 19.84
N GLY A 922 -2.36 28.17 19.68
CA GLY A 922 -1.14 27.42 19.43
C GLY A 922 -0.40 27.90 18.18
N TYR A 923 -1.16 28.37 17.20
CA TYR A 923 -0.61 28.90 15.97
C TYR A 923 0.39 30.00 16.29
N ASP A 924 0.04 30.86 17.24
CA ASP A 924 0.87 32.00 17.59
C ASP A 924 2.00 31.59 18.51
N ASP A 925 1.73 30.66 19.41
CA ASP A 925 2.77 30.24 20.33
C ASP A 925 3.97 29.65 19.58
N CYS A 926 3.72 28.89 18.49
CA CYS A 926 4.74 28.24 17.69
C CYS A 926 5.48 29.21 16.77
N MET A 927 5.02 30.46 16.70
CA MET A 927 5.71 31.46 15.90
C MET A 927 6.55 32.36 16.80
N GLN A 928 5.99 32.68 17.97
CA GLN A 928 6.62 33.60 18.89
C GLN A 928 7.66 32.94 19.78
N GLN A 929 7.38 31.70 20.18
CA GLN A 929 8.29 30.97 21.04
C GLN A 929 8.96 29.84 20.27
N GLY A 930 8.19 29.20 19.39
CA GLY A 930 8.69 28.10 18.58
C GLY A 930 8.50 26.77 19.31
N PRO A 931 9.04 25.68 18.73
CA PRO A 931 8.94 24.31 19.21
C PRO A 931 9.47 24.20 20.63
N ALA A 932 8.79 23.41 21.45
CA ALA A 932 9.20 23.20 22.83
C ALA A 932 10.45 22.34 22.89
N SER A 933 10.55 21.40 21.96
CA SER A 933 11.68 20.48 21.91
C SER A 933 11.83 19.90 20.53
N ALA A 934 12.71 18.93 20.40
CA ALA A 934 12.88 18.24 19.14
C ALA A 934 11.64 17.40 18.92
N ARG A 935 11.25 17.24 17.67
CA ARG A 935 10.09 16.42 17.34
C ARG A 935 8.81 16.92 18.04
N ASP A 936 8.61 18.23 18.04
CA ASP A 936 7.41 18.84 18.62
C ASP A 936 6.22 18.66 17.69
N LEU A 937 5.33 17.76 18.08
CA LEU A 937 4.24 17.34 17.23
C LEU A 937 3.07 18.30 17.26
N ILE A 938 3.14 19.28 18.13
CA ILE A 938 2.09 20.27 18.17
C ILE A 938 2.44 21.38 17.18
N CYS A 939 3.69 21.86 17.17
CA CYS A 939 4.12 22.89 16.22
C CYS A 939 4.18 22.32 14.80
N ALA A 940 4.37 21.01 14.69
CA ALA A 940 4.36 20.33 13.42
C ALA A 940 3.00 20.46 12.73
N GLN A 941 1.96 20.78 13.48
CA GLN A 941 0.63 20.87 12.87
C GLN A 941 0.61 21.86 11.73
N TYR A 942 1.30 22.97 11.90
CA TYR A 942 1.14 24.06 10.95
C TYR A 942 2.22 24.00 9.90
N VAL A 943 3.01 22.94 9.95
CA VAL A 943 4.09 22.72 9.03
C VAL A 943 3.75 21.55 8.14
N ALA A 944 3.40 20.42 8.77
CA ALA A 944 3.06 19.20 8.07
C ALA A 944 1.69 19.30 7.41
N GLY A 945 0.78 20.07 7.98
CA GLY A 945 -0.55 20.17 7.39
C GLY A 945 -1.58 19.29 8.07
N TYR A 946 -1.56 19.26 9.40
CA TYR A 946 -2.57 18.51 10.14
C TYR A 946 -3.02 19.32 11.32
N LYS A 947 -4.20 19.04 11.82
CA LYS A 947 -4.72 19.81 12.92
C LYS A 947 -5.36 18.96 13.99
N VAL A 948 -4.99 19.23 15.23
CA VAL A 948 -5.61 18.61 16.37
C VAL A 948 -6.84 19.41 16.77
N LEU A 949 -7.97 18.74 16.85
CA LEU A 949 -9.20 19.41 17.18
C LEU A 949 -9.48 19.30 18.67
N PRO A 950 -10.12 20.30 19.26
CA PRO A 950 -10.54 20.31 20.64
C PRO A 950 -11.66 19.29 20.85
N PRO A 951 -11.79 18.78 22.08
CA PRO A 951 -12.79 17.86 22.55
C PRO A 951 -14.15 18.49 22.60
N LEU A 952 -15.19 17.66 22.58
CA LEU A 952 -16.57 18.11 22.64
C LEU A 952 -16.94 18.88 23.89
N MET A 953 -16.25 18.59 25.00
CA MET A 953 -16.53 19.25 26.26
C MET A 953 -15.28 19.87 26.81
N ASP A 954 -15.41 20.99 27.50
CA ASP A 954 -14.26 21.56 28.15
C ASP A 954 -14.04 20.87 29.50
N VAL A 955 -13.00 21.27 30.19
CA VAL A 955 -12.66 20.65 31.47
C VAL A 955 -13.69 20.89 32.54
N ASN A 956 -14.24 22.09 32.60
CA ASN A 956 -15.18 22.41 33.65
C ASN A 956 -16.46 21.62 33.52
N MET A 957 -16.91 21.41 32.29
CA MET A 957 -18.11 20.61 32.10
C MET A 957 -17.88 19.16 32.44
N GLU A 958 -16.73 18.62 32.06
CA GLU A 958 -16.48 17.23 32.40
C GLU A 958 -16.43 17.06 33.89
N ALA A 959 -15.83 18.02 34.59
CA ALA A 959 -15.74 17.99 36.03
C ALA A 959 -17.12 18.08 36.65
N ALA A 960 -18.01 18.86 36.04
CA ALA A 960 -19.36 19.00 36.53
C ALA A 960 -20.09 17.67 36.53
N TYR A 961 -19.83 16.86 35.51
CA TYR A 961 -20.48 15.57 35.42
C TYR A 961 -20.00 14.59 36.46
N THR A 962 -18.69 14.53 36.70
CA THR A 962 -18.19 13.60 37.70
C THR A 962 -18.45 14.11 39.11
N SER A 963 -18.56 15.42 39.27
CA SER A 963 -18.88 16.00 40.56
C SER A 963 -20.31 15.66 40.96
N SER A 964 -21.26 15.81 40.03
CA SER A 964 -22.63 15.49 40.35
C SER A 964 -22.81 14.00 40.50
N LEU A 965 -21.97 13.22 39.84
CA LEU A 965 -22.01 11.78 39.98
C LEU A 965 -21.58 11.39 41.39
N LEU A 966 -20.54 12.02 41.91
CA LEU A 966 -20.06 11.75 43.26
C LEU A 966 -21.17 11.97 44.28
N GLY A 967 -21.90 13.06 44.13
CA GLY A 967 -22.95 13.44 45.06
C GLY A 967 -24.17 12.55 45.00
N SER A 968 -24.23 11.68 43.99
CA SER A 968 -25.36 10.80 43.83
C SER A 968 -25.08 9.42 44.38
N ILE A 969 -23.84 9.11 44.71
CA ILE A 969 -23.54 7.72 45.01
C ILE A 969 -24.29 7.18 46.21
N ALA A 970 -24.22 7.88 47.32
CA ALA A 970 -24.81 7.37 48.54
C ALA A 970 -26.31 7.18 48.41
N GLY A 971 -26.97 8.08 47.72
CA GLY A 971 -28.42 8.03 47.64
C GLY A 971 -29.00 7.37 46.41
N VAL A 972 -28.16 6.83 45.54
CA VAL A 972 -28.70 6.23 44.33
C VAL A 972 -28.59 4.72 44.45
N GLY A 973 -27.43 4.25 44.90
CA GLY A 973 -27.20 2.84 45.07
C GLY A 973 -28.01 2.05 46.09
N TRP A 974 -28.85 2.76 46.86
CA TRP A 974 -29.59 2.09 47.91
C TRP A 974 -30.77 1.10 47.88
N THR A 975 -31.84 1.41 47.14
CA THR A 975 -33.00 0.50 47.15
C THR A 975 -33.57 0.24 45.76
N ALA A 976 -34.69 -0.48 45.73
CA ALA A 976 -35.36 -0.85 44.48
C ALA A 976 -35.78 0.37 43.67
N GLY A 977 -35.58 0.31 42.37
CA GLY A 977 -36.00 1.38 41.47
C GLY A 977 -34.88 2.37 41.24
N LEU A 978 -34.90 3.04 40.09
CA LEU A 978 -33.90 4.05 39.79
C LEU A 978 -34.50 5.44 39.84
N SER A 979 -35.77 5.51 40.24
CA SER A 979 -36.54 6.73 40.16
C SER A 979 -36.50 7.65 41.37
N SER A 980 -36.19 7.12 42.53
CA SER A 980 -36.17 7.95 43.72
C SER A 980 -34.76 8.13 44.22
N PHE A 981 -34.56 9.15 45.03
CA PHE A 981 -33.25 9.42 45.59
C PHE A 981 -33.30 9.61 47.08
N ALA A 982 -32.48 8.86 47.79
CA ALA A 982 -32.46 8.95 49.23
C ALA A 982 -31.22 9.70 49.68
N ALA A 983 -31.38 10.93 50.10
CA ALA A 983 -30.23 11.72 50.46
C ALA A 983 -29.76 11.33 51.83
N ILE A 984 -28.99 10.26 51.89
CA ILE A 984 -28.51 9.70 53.14
C ILE A 984 -27.01 9.99 53.20
N PRO A 985 -26.41 10.03 54.38
CA PRO A 985 -25.00 10.23 54.58
C PRO A 985 -24.21 9.15 53.89
N PHE A 986 -23.05 9.53 53.37
CA PHE A 986 -22.16 8.57 52.73
C PHE A 986 -21.84 7.44 53.68
N ALA A 987 -21.53 7.77 54.91
CA ALA A 987 -21.16 6.77 55.88
C ALA A 987 -22.27 5.75 56.07
N GLN A 988 -23.51 6.22 56.06
CA GLN A 988 -24.64 5.34 56.27
C GLN A 988 -24.77 4.39 55.10
N SER A 989 -24.49 4.91 53.90
CA SER A 989 -24.53 4.07 52.71
C SER A 989 -23.49 2.98 52.80
N ILE A 990 -22.28 3.30 53.24
CA ILE A 990 -21.23 2.31 53.34
C ILE A 990 -21.61 1.19 54.28
N PHE A 991 -22.24 1.52 55.39
CA PHE A 991 -22.60 0.46 56.31
C PHE A 991 -23.67 -0.45 55.73
N TYR A 992 -24.53 0.07 54.87
CA TYR A 992 -25.49 -0.80 54.20
C TYR A 992 -24.80 -1.65 53.15
N ARG A 993 -23.79 -1.09 52.50
CA ARG A 993 -23.04 -1.81 51.48
C ARG A 993 -22.29 -2.99 52.10
N LEU A 994 -21.76 -2.77 53.30
CA LEU A 994 -21.05 -3.81 54.02
C LEU A 994 -21.99 -4.86 54.59
N ASN A 995 -23.14 -4.43 55.10
CA ASN A 995 -24.10 -5.36 55.63
C ASN A 995 -24.59 -6.31 54.54
N GLY A 996 -24.74 -5.78 53.36
CA GLY A 996 -25.24 -6.52 52.23
C GLY A 996 -24.27 -7.56 51.68
N VAL A 997 -23.03 -7.56 52.16
CA VAL A 997 -22.08 -8.53 51.64
C VAL A 997 -21.71 -9.55 52.69
N GLY A 998 -22.40 -9.56 53.81
CA GLY A 998 -22.13 -10.58 54.81
C GLY A 998 -21.50 -10.12 56.11
N ILE A 999 -21.44 -8.83 56.39
CA ILE A 999 -20.91 -8.40 57.67
C ILE A 999 -22.09 -8.01 58.53
N THR A 1000 -22.25 -8.63 59.68
CA THR A 1000 -23.47 -8.40 60.44
C THR A 1000 -23.51 -7.01 61.03
N GLN A 1001 -24.70 -6.58 61.42
CA GLN A 1001 -24.90 -5.24 61.94
C GLN A 1001 -24.28 -5.07 63.30
N GLN A 1002 -24.15 -6.14 64.06
CA GLN A 1002 -23.51 -6.03 65.36
C GLN A 1002 -22.05 -5.70 65.17
N VAL A 1003 -21.45 -6.25 64.14
CA VAL A 1003 -20.05 -6.01 63.86
C VAL A 1003 -19.84 -4.60 63.35
N LEU A 1004 -20.69 -4.18 62.41
CA LEU A 1004 -20.54 -2.87 61.83
C LEU A 1004 -20.75 -1.79 62.87
N SER A 1005 -21.68 -2.03 63.80
CA SER A 1005 -21.94 -1.08 64.87
C SER A 1005 -20.76 -0.95 65.81
N GLU A 1006 -20.18 -2.08 66.21
CA GLU A 1006 -19.05 -2.07 67.12
C GLU A 1006 -17.79 -1.46 66.50
N ASN A 1007 -17.59 -1.69 65.22
CA ASN A 1007 -16.39 -1.28 64.53
C ASN A 1007 -16.54 -0.06 63.62
N GLN A 1008 -17.52 0.79 63.83
CA GLN A 1008 -17.69 1.89 62.87
C GLN A 1008 -16.45 2.76 62.69
N LYS A 1009 -15.71 2.99 63.75
CA LYS A 1009 -14.54 3.86 63.63
C LYS A 1009 -13.38 3.11 63.00
N LEU A 1010 -13.34 1.80 63.22
CA LEU A 1010 -12.29 0.97 62.64
C LEU A 1010 -12.48 0.89 61.14
N ILE A 1011 -13.73 0.76 60.73
CA ILE A 1011 -14.10 0.66 59.33
C ILE A 1011 -13.77 1.95 58.61
N ALA A 1012 -14.15 3.08 59.20
CA ALA A 1012 -13.84 4.36 58.60
C ALA A 1012 -12.34 4.54 58.49
N ASN A 1013 -11.59 4.10 59.48
CA ASN A 1013 -10.14 4.25 59.43
C ASN A 1013 -9.53 3.39 58.34
N LYS A 1014 -10.00 2.16 58.19
CA LYS A 1014 -9.46 1.29 57.15
C LYS A 1014 -9.81 1.80 55.77
N PHE A 1015 -11.00 2.34 55.63
CA PHE A 1015 -11.45 2.90 54.37
C PHE A 1015 -10.55 4.07 54.01
N ASN A 1016 -10.28 4.92 55.00
CA ASN A 1016 -9.47 6.10 54.80
C ASN A 1016 -8.05 5.73 54.44
N GLN A 1017 -7.54 4.63 54.97
CA GLN A 1017 -6.21 4.17 54.62
C GLN A 1017 -6.18 3.73 53.17
N ALA A 1018 -7.24 3.04 52.74
CA ALA A 1018 -7.29 2.54 51.37
C ALA A 1018 -7.28 3.68 50.36
N LEU A 1019 -8.00 4.76 50.65
CA LEU A 1019 -7.98 5.90 49.74
C LEU A 1019 -6.74 6.75 49.93
N GLY A 1020 -6.26 6.86 51.16
CA GLY A 1020 -5.08 7.66 51.43
C GLY A 1020 -3.88 7.09 50.70
N ALA A 1021 -3.82 5.77 50.61
CA ALA A 1021 -2.74 5.05 49.97
C ALA A 1021 -2.68 5.34 48.47
N MET A 1022 -3.77 5.84 47.93
CA MET A 1022 -3.88 6.13 46.52
C MET A 1022 -3.37 7.52 46.20
N GLN A 1023 -3.20 8.35 47.21
CA GLN A 1023 -2.80 9.73 47.01
C GLN A 1023 -1.41 9.82 46.42
N THR A 1024 -0.57 8.85 46.74
CA THR A 1024 0.80 8.80 46.27
C THR A 1024 1.01 7.61 45.33
N GLY A 1025 -0.08 7.08 44.78
CA GLY A 1025 0.00 5.87 43.97
C GLY A 1025 0.28 6.07 42.49
N PHE A 1026 0.40 7.29 42.02
CA PHE A 1026 0.60 7.50 40.59
C PHE A 1026 2.06 7.34 40.19
N THR A 1027 2.50 6.09 40.21
CA THR A 1027 3.87 5.68 39.93
C THR A 1027 3.95 4.62 38.82
N THR A 1028 5.16 4.14 38.57
CA THR A 1028 5.43 3.19 37.48
C THR A 1028 4.93 1.78 37.76
N THR A 1029 4.57 1.53 39.00
CA THR A 1029 4.05 0.23 39.41
C THR A 1029 2.54 0.21 39.38
N ASN A 1030 1.94 1.35 39.02
CA ASN A 1030 0.50 1.50 38.95
C ASN A 1030 0.04 1.27 37.53
N GLU A 1031 -0.50 0.09 37.25
CA GLU A 1031 -0.84 -0.26 35.88
C GLU A 1031 -1.90 0.66 35.30
N ALA A 1032 -2.91 1.03 36.09
CA ALA A 1032 -3.95 1.90 35.56
C ALA A 1032 -3.38 3.24 35.18
N PHE A 1033 -2.47 3.73 35.99
CA PHE A 1033 -1.84 5.00 35.71
C PHE A 1033 -1.02 4.92 34.44
N GLN A 1034 -0.26 3.84 34.30
CA GLN A 1034 0.56 3.71 33.10
C GLN A 1034 -0.31 3.62 31.87
N LYS A 1035 -1.47 3.00 31.98
CA LYS A 1035 -2.39 2.95 30.84
C LYS A 1035 -2.84 4.34 30.45
N VAL A 1036 -2.95 5.25 31.42
CA VAL A 1036 -3.32 6.61 31.10
C VAL A 1036 -2.23 7.24 30.26
N GLN A 1037 -0.98 7.05 30.67
CA GLN A 1037 0.14 7.59 29.92
C GLN A 1037 0.25 6.95 28.54
N ASP A 1038 -0.06 5.66 28.44
CA ASP A 1038 0.00 4.99 27.15
C ASP A 1038 -1.03 5.56 26.20
N ALA A 1039 -2.22 5.87 26.68
CA ALA A 1039 -3.23 6.45 25.81
C ALA A 1039 -2.74 7.77 25.25
N VAL A 1040 -2.07 8.54 26.09
CA VAL A 1040 -1.50 9.80 25.68
C VAL A 1040 -0.38 9.58 24.66
N ASN A 1041 0.44 8.56 24.90
CA ASN A 1041 1.52 8.25 23.99
C ASN A 1041 1.00 7.79 22.64
N ASN A 1042 -0.15 7.11 22.63
CA ASN A 1042 -0.72 6.64 21.38
C ASN A 1042 -1.20 7.81 20.54
N ASN A 1043 -1.65 8.88 21.20
CA ASN A 1043 -2.06 10.06 20.47
C ASN A 1043 -0.84 10.68 19.81
N ALA A 1044 0.26 10.73 20.57
CA ALA A 1044 1.50 11.29 20.06
C ALA A 1044 2.06 10.47 18.93
N GLN A 1045 1.96 9.15 19.01
CA GLN A 1045 2.48 8.32 17.94
C GLN A 1045 1.71 8.54 16.66
N ALA A 1046 0.39 8.70 16.75
CA ALA A 1046 -0.40 8.93 15.57
C ALA A 1046 0.06 10.18 14.84
N LEU A 1047 0.42 11.21 15.59
CA LEU A 1047 0.86 12.45 14.97
C LEU A 1047 2.29 12.36 14.49
N SER A 1048 3.12 11.55 15.15
CA SER A 1048 4.51 11.43 14.77
C SER A 1048 4.62 10.76 13.43
N LYS A 1049 3.64 9.92 13.10
CA LYS A 1049 3.65 9.26 11.82
C LYS A 1049 3.53 10.30 10.72
N LEU A 1050 2.60 11.22 10.87
CA LEU A 1050 2.44 12.21 9.83
C LEU A 1050 3.62 13.16 9.73
N ALA A 1051 4.13 13.56 10.89
CA ALA A 1051 5.21 14.54 10.92
C ALA A 1051 6.53 14.01 10.40
N SER A 1052 6.87 12.77 10.72
CA SER A 1052 8.16 12.24 10.33
C SER A 1052 8.21 11.67 8.91
N GLU A 1053 7.08 11.22 8.39
CA GLU A 1053 7.06 10.60 7.08
C GLU A 1053 7.36 11.58 5.95
N LEU A 1054 7.17 12.87 6.19
CA LEU A 1054 7.43 13.84 5.15
C LEU A 1054 8.90 14.01 4.83
N SER A 1055 9.77 13.50 5.68
CA SER A 1055 11.20 13.61 5.43
C SER A 1055 11.70 12.46 4.56
N ASN A 1056 10.84 11.48 4.31
CA ASN A 1056 11.25 10.31 3.54
C ASN A 1056 11.28 10.65 2.07
N THR A 1057 12.13 9.97 1.30
CA THR A 1057 12.19 10.24 -0.11
C THR A 1057 11.51 9.13 -0.89
N PHE A 1058 11.37 7.98 -0.28
CA PHE A 1058 10.71 6.85 -0.92
C PHE A 1058 11.36 6.50 -2.24
N GLY A 1059 12.67 6.63 -2.29
CA GLY A 1059 13.44 6.34 -3.49
C GLY A 1059 13.72 7.55 -4.36
N ALA A 1060 13.05 8.66 -4.07
CA ALA A 1060 13.24 9.88 -4.84
C ALA A 1060 14.56 10.53 -4.50
N ILE A 1061 15.03 11.40 -5.40
CA ILE A 1061 16.26 12.15 -5.21
C ILE A 1061 16.19 13.15 -4.07
N SER A 1062 14.98 13.55 -3.69
CA SER A 1062 14.76 14.47 -2.60
C SER A 1062 13.37 14.32 -2.05
N ALA A 1063 13.18 14.72 -0.79
CA ALA A 1063 11.85 14.73 -0.19
C ALA A 1063 11.15 16.04 -0.50
N SER A 1064 11.88 16.92 -1.15
CA SER A 1064 11.37 18.22 -1.52
C SER A 1064 10.96 18.26 -2.97
N ILE A 1065 9.68 18.55 -3.19
CA ILE A 1065 9.15 18.63 -4.52
C ILE A 1065 9.84 19.77 -5.26
N GLY A 1066 10.11 20.85 -4.55
CA GLY A 1066 10.78 21.99 -5.14
C GLY A 1066 12.17 21.61 -5.66
N ASP A 1067 12.87 20.71 -4.98
CA ASP A 1067 14.20 20.29 -5.44
C ASP A 1067 14.09 19.45 -6.69
N ILE A 1068 13.08 18.60 -6.73
CA ILE A 1068 12.90 17.73 -7.88
C ILE A 1068 12.62 18.57 -9.10
N ILE A 1069 11.76 19.57 -8.96
CA ILE A 1069 11.42 20.45 -10.06
C ILE A 1069 12.64 21.26 -10.44
N GLN A 1070 13.39 21.71 -9.44
CA GLN A 1070 14.61 22.47 -9.68
C GLN A 1070 15.65 21.68 -10.51
N ARG A 1071 15.80 20.40 -10.22
CA ARG A 1071 16.77 19.59 -10.92
C ARG A 1071 16.38 18.86 -12.20
N LEU A 1072 15.14 18.40 -12.31
CA LEU A 1072 14.73 17.56 -13.44
C LEU A 1072 13.70 18.17 -14.37
N ASP A 1073 13.67 17.67 -15.61
CA ASP A 1073 12.63 18.00 -16.59
C ASP A 1073 11.48 17.01 -16.51
N PRO A 1074 10.26 17.37 -16.94
CA PRO A 1074 9.02 16.61 -16.84
C PRO A 1074 9.09 15.08 -17.01
N PRO A 1075 9.70 14.47 -18.04
CA PRO A 1075 9.69 13.02 -18.20
C PRO A 1075 10.33 12.28 -17.03
N GLU A 1076 11.23 12.94 -16.30
CA GLU A 1076 11.88 12.32 -15.15
C GLU A 1076 11.34 12.93 -13.87
N GLN A 1077 10.98 14.20 -13.97
CA GLN A 1077 10.46 14.97 -12.86
C GLN A 1077 9.19 14.35 -12.36
N ASP A 1078 8.35 13.89 -13.29
CA ASP A 1078 7.08 13.28 -12.92
C ASP A 1078 7.31 12.01 -12.16
N ALA A 1079 8.31 11.25 -12.55
CA ALA A 1079 8.59 9.97 -11.92
C ALA A 1079 9.05 10.17 -10.49
N GLN A 1080 9.85 11.20 -10.26
CA GLN A 1080 10.36 11.46 -8.93
C GLN A 1080 9.28 12.01 -8.03
N ILE A 1081 8.42 12.86 -8.57
CA ILE A 1081 7.34 13.42 -7.79
C ILE A 1081 6.38 12.31 -7.47
N ASP A 1082 6.13 11.45 -8.44
CA ASP A 1082 5.21 10.35 -8.27
C ASP A 1082 5.68 9.41 -7.16
N ARG A 1083 6.98 9.24 -6.98
CA ARG A 1083 7.45 8.44 -5.85
C ARG A 1083 7.05 9.08 -4.54
N LEU A 1084 7.18 10.40 -4.45
CA LEU A 1084 6.81 11.07 -3.22
C LEU A 1084 5.32 11.01 -3.01
N ILE A 1085 4.55 11.11 -4.09
CA ILE A 1085 3.12 11.03 -3.95
C ILE A 1085 2.72 9.67 -3.45
N ASN A 1086 3.22 8.61 -4.06
CA ASN A 1086 2.80 7.30 -3.61
C ASN A 1086 3.20 7.03 -2.18
N GLY A 1087 4.35 7.53 -1.77
CA GLY A 1087 4.79 7.37 -0.41
C GLY A 1087 3.87 8.10 0.56
N ARG A 1088 3.52 9.32 0.23
CA ARG A 1088 2.68 10.14 1.08
C ARG A 1088 1.23 9.67 1.08
N LEU A 1089 0.75 9.14 -0.04
CA LEU A 1089 -0.61 8.63 -0.09
C LEU A 1089 -0.69 7.41 0.80
N THR A 1090 0.36 6.59 0.78
CA THR A 1090 0.43 5.41 1.62
C THR A 1090 0.40 5.80 3.09
N THR A 1091 1.17 6.82 3.43
CA THR A 1091 1.19 7.32 4.80
C THR A 1091 -0.17 7.79 5.26
N LEU A 1092 -0.84 8.57 4.43
CA LEU A 1092 -2.14 9.06 4.81
C LEU A 1092 -3.16 7.95 4.91
N ASN A 1093 -3.09 6.96 4.03
CA ASN A 1093 -4.00 5.84 4.16
C ASN A 1093 -3.76 5.09 5.45
N ALA A 1094 -2.50 4.89 5.81
CA ALA A 1094 -2.16 4.19 7.02
C ALA A 1094 -2.62 4.97 8.24
N PHE A 1095 -2.46 6.28 8.19
CA PHE A 1095 -2.88 7.15 9.28
C PHE A 1095 -4.36 7.06 9.48
N VAL A 1096 -5.12 7.17 8.40
CA VAL A 1096 -6.56 7.12 8.49
C VAL A 1096 -7.02 5.78 8.99
N ALA A 1097 -6.42 4.71 8.48
CA ALA A 1097 -6.81 3.40 8.92
C ALA A 1097 -6.60 3.24 10.41
N GLN A 1098 -5.50 3.75 10.94
CA GLN A 1098 -5.28 3.64 12.37
C GLN A 1098 -6.18 4.55 13.16
N GLN A 1099 -6.54 5.70 12.64
CA GLN A 1099 -7.48 6.53 13.39
C GLN A 1099 -8.84 5.85 13.43
N LEU A 1100 -9.21 5.17 12.37
CA LEU A 1100 -10.49 4.48 12.35
C LEU A 1100 -10.47 3.32 13.32
N VAL A 1101 -9.36 2.61 13.41
CA VAL A 1101 -9.22 1.51 14.34
C VAL A 1101 -9.22 2.00 15.77
N ARG A 1102 -8.47 3.05 16.04
CA ARG A 1102 -8.38 3.60 17.38
C ARG A 1102 -9.70 4.23 17.80
N SER A 1103 -10.39 4.84 16.84
CA SER A 1103 -11.67 5.45 17.11
C SER A 1103 -12.72 4.40 17.46
N GLU A 1104 -12.73 3.31 16.71
CA GLU A 1104 -13.67 2.24 16.97
C GLU A 1104 -13.39 1.58 18.31
N SER A 1105 -12.13 1.44 18.59
CA SER A 1105 -11.71 0.87 19.80
C SER A 1105 -12.17 1.69 20.98
N ALA A 1106 -11.98 3.00 20.92
CA ALA A 1106 -12.40 3.91 21.93
C ALA A 1106 -13.89 3.98 22.07
N ALA A 1107 -14.60 3.87 20.98
CA ALA A 1107 -16.05 3.87 21.02
C ALA A 1107 -16.61 2.67 21.77
N LEU A 1108 -16.00 1.50 21.60
CA LEU A 1108 -16.38 0.30 22.28
C LEU A 1108 -16.15 0.42 23.74
N SER A 1109 -15.01 0.99 24.03
CA SER A 1109 -14.46 1.26 25.32
C SER A 1109 -15.28 2.31 26.05
N ALA A 1110 -15.86 3.24 25.33
CA ALA A 1110 -16.74 4.20 25.93
C ALA A 1110 -17.99 3.49 26.47
N GLN A 1111 -18.49 2.49 25.77
CA GLN A 1111 -19.60 1.69 26.21
C GLN A 1111 -19.25 0.94 27.46
N LEU A 1112 -18.06 0.42 27.53
CA LEU A 1112 -17.65 -0.25 28.69
C LEU A 1112 -17.60 0.68 29.92
N ALA A 1113 -17.20 1.92 29.75
CA ALA A 1113 -17.14 2.89 30.80
C ALA A 1113 -18.54 3.20 31.23
N LYS A 1114 -19.44 3.29 30.28
CA LYS A 1114 -20.84 3.52 30.58
C LYS A 1114 -21.37 2.42 31.47
N ASP A 1115 -21.07 1.18 31.14
CA ASP A 1115 -21.50 0.05 31.94
C ASP A 1115 -20.90 0.07 33.33
N LYS A 1116 -19.64 0.45 33.45
CA LYS A 1116 -19.02 0.51 34.77
C LYS A 1116 -19.55 1.66 35.61
N VAL A 1117 -19.89 2.77 35.01
CA VAL A 1117 -20.49 3.79 35.84
C VAL A 1117 -21.83 3.29 36.37
N ASN A 1118 -22.64 2.71 35.51
CA ASN A 1118 -23.96 2.26 35.93
C ASN A 1118 -23.93 1.06 36.88
N GLU A 1119 -22.95 0.18 36.70
CA GLU A 1119 -22.80 -1.02 37.51
C GLU A 1119 -21.99 -0.85 38.80
N CYS A 1120 -20.89 -0.06 38.77
CA CYS A 1120 -19.94 0.06 39.87
C CYS A 1120 -20.09 1.36 40.65
N VAL A 1121 -20.46 2.44 39.97
CA VAL A 1121 -20.49 3.73 40.65
C VAL A 1121 -21.87 4.03 41.18
N LYS A 1122 -22.88 3.84 40.35
CA LYS A 1122 -24.25 4.13 40.71
C LYS A 1122 -24.91 2.95 41.41
N ALA A 1123 -24.16 1.89 41.62
CA ALA A 1123 -24.68 0.71 42.25
C ALA A 1123 -23.58 -0.09 42.89
N GLN A 1124 -23.93 -0.94 43.83
CA GLN A 1124 -22.98 -1.91 44.35
C GLN A 1124 -23.07 -3.13 43.47
N SER A 1125 -21.95 -3.60 42.99
CA SER A 1125 -21.96 -4.75 42.09
C SER A 1125 -21.79 -6.05 42.83
N LYS A 1126 -22.47 -7.08 42.35
CA LYS A 1126 -22.30 -8.43 42.88
C LYS A 1126 -21.53 -9.30 41.91
N ARG A 1127 -20.98 -8.68 40.88
CA ARG A 1127 -20.21 -9.38 39.88
C ARG A 1127 -18.76 -9.47 40.27
N SER A 1128 -18.29 -10.68 40.49
CA SER A 1128 -16.90 -10.84 40.88
C SER A 1128 -15.99 -10.40 39.76
N GLY A 1129 -15.03 -9.56 40.09
CA GLY A 1129 -14.00 -9.16 39.15
C GLY A 1129 -14.45 -8.14 38.12
N PHE A 1130 -15.71 -7.72 38.14
CA PHE A 1130 -16.14 -6.77 37.14
C PHE A 1130 -15.63 -5.37 37.43
N CYS A 1131 -15.79 -4.94 38.69
CA CYS A 1131 -15.37 -3.66 39.17
C CYS A 1131 -13.92 -3.81 39.59
N GLY A 1132 -13.67 -3.98 40.86
CA GLY A 1132 -12.31 -4.22 41.27
C GLY A 1132 -12.15 -5.67 41.69
N GLN A 1133 -11.11 -5.92 42.47
CA GLN A 1133 -10.89 -7.25 43.01
C GLN A 1133 -11.49 -7.28 44.40
N GLY A 1134 -11.76 -8.47 44.91
CA GLY A 1134 -12.37 -8.56 46.23
C GLY A 1134 -13.85 -8.29 46.10
N THR A 1135 -14.50 -7.97 47.21
CA THR A 1135 -15.93 -7.74 47.16
C THR A 1135 -16.22 -6.27 47.00
N HIS A 1136 -16.94 -5.90 45.95
CA HIS A 1136 -17.17 -4.49 45.68
C HIS A 1136 -18.04 -3.80 46.73
N ILE A 1137 -17.59 -2.63 47.15
CA ILE A 1137 -18.32 -1.81 48.11
C ILE A 1137 -18.80 -0.52 47.49
N VAL A 1138 -17.89 0.26 46.92
CA VAL A 1138 -18.22 1.55 46.32
C VAL A 1138 -17.19 1.95 45.29
N SER A 1139 -17.60 2.61 44.23
CA SER A 1139 -16.62 3.12 43.28
C SER A 1139 -16.79 4.59 43.04
N PHE A 1140 -15.68 5.23 42.68
CA PHE A 1140 -15.65 6.64 42.37
C PHE A 1140 -15.07 6.85 40.98
N VAL A 1141 -15.49 7.90 40.31
CA VAL A 1141 -14.94 8.23 39.00
C VAL A 1141 -14.52 9.67 38.86
N VAL A 1142 -13.35 9.86 38.28
CA VAL A 1142 -12.84 11.18 37.92
C VAL A 1142 -12.42 11.17 36.48
N ASN A 1143 -12.20 12.32 35.90
CA ASN A 1143 -11.77 12.37 34.52
C ASN A 1143 -10.29 12.08 34.40
N ALA A 1144 -9.93 11.49 33.29
CA ALA A 1144 -8.56 11.18 32.93
C ALA A 1144 -8.31 11.80 31.57
N PRO A 1145 -7.06 12.04 31.17
CA PRO A 1145 -6.67 12.62 29.90
C PRO A 1145 -7.45 12.15 28.67
N ASN A 1146 -7.70 10.87 28.51
CA ASN A 1146 -8.49 10.44 27.35
C ASN A 1146 -9.64 9.54 27.75
N GLY A 1147 -10.20 9.75 28.94
CA GLY A 1147 -11.25 8.88 29.41
C GLY A 1147 -11.57 9.06 30.86
N LEU A 1148 -11.95 7.97 31.51
CA LEU A 1148 -12.35 8.01 32.90
C LEU A 1148 -11.46 7.15 33.76
N TYR A 1149 -11.24 7.60 34.97
CA TYR A 1149 -10.42 6.86 35.91
C TYR A 1149 -11.29 6.36 37.05
N PHE A 1150 -11.38 5.06 37.18
CA PHE A 1150 -12.21 4.45 38.18
C PHE A 1150 -11.40 4.03 39.37
N MET A 1151 -11.95 4.27 40.53
CA MET A 1151 -11.34 3.86 41.78
C MET A 1151 -12.32 2.98 42.51
N HIS A 1152 -12.11 1.68 42.44
CA HIS A 1152 -13.06 0.75 42.96
C HIS A 1152 -12.64 0.33 44.34
N VAL A 1153 -13.45 0.64 45.34
CA VAL A 1153 -13.08 0.26 46.68
C VAL A 1153 -13.70 -1.08 46.99
N GLY A 1154 -12.85 -2.04 47.28
CA GLY A 1154 -13.32 -3.37 47.56
C GLY A 1154 -12.97 -3.79 48.97
N TYR A 1155 -13.66 -4.81 49.43
CA TYR A 1155 -13.44 -5.42 50.72
C TYR A 1155 -12.56 -6.63 50.52
N TYR A 1156 -11.43 -6.61 51.19
CA TYR A 1156 -10.46 -7.67 51.07
C TYR A 1156 -10.29 -8.39 52.38
N PRO A 1157 -10.67 -9.65 52.47
CA PRO A 1157 -10.60 -10.48 53.64
C PRO A 1157 -9.18 -10.90 53.94
N SER A 1158 -8.89 -11.19 55.18
CA SER A 1158 -7.61 -11.75 55.56
C SER A 1158 -7.74 -12.62 56.79
N ASN A 1159 -6.65 -13.32 57.13
CA ASN A 1159 -6.64 -14.15 58.32
C ASN A 1159 -7.81 -15.09 58.38
N HIS A 1160 -7.98 -15.89 57.34
CA HIS A 1160 -9.06 -16.85 57.33
C HIS A 1160 -8.81 -17.93 58.35
N ILE A 1161 -9.87 -18.41 58.97
CA ILE A 1161 -9.77 -19.54 59.87
C ILE A 1161 -10.75 -20.61 59.45
N GLU A 1162 -10.50 -21.83 59.85
CA GLU A 1162 -11.42 -22.90 59.53
C GLU A 1162 -12.30 -23.26 60.71
N VAL A 1163 -13.59 -23.30 60.47
CA VAL A 1163 -14.55 -23.67 61.47
C VAL A 1163 -15.46 -24.75 60.94
N VAL A 1164 -16.17 -25.44 61.82
CA VAL A 1164 -17.10 -26.47 61.42
C VAL A 1164 -18.49 -25.89 61.30
N SER A 1165 -19.13 -26.11 60.16
CA SER A 1165 -20.44 -25.55 59.89
C SER A 1165 -21.49 -26.58 59.55
N ALA A 1166 -22.74 -26.21 59.79
CA ALA A 1166 -23.90 -27.01 59.45
C ALA A 1166 -24.57 -26.45 58.22
N TYR A 1167 -25.28 -27.32 57.49
CA TYR A 1167 -26.04 -26.88 56.33
C TYR A 1167 -27.36 -26.29 56.80
N GLY A 1168 -27.76 -26.70 57.99
CA GLY A 1168 -28.99 -26.27 58.62
C GLY A 1168 -29.16 -27.04 59.92
N LEU A 1169 -30.13 -26.61 60.71
CA LEU A 1169 -30.42 -27.22 62.00
C LEU A 1169 -31.90 -27.57 62.07
N CYS A 1170 -32.23 -28.74 62.63
CA CYS A 1170 -33.61 -29.18 62.81
C CYS A 1170 -33.91 -29.48 64.27
N ASP A 1171 -35.15 -29.31 64.66
CA ASP A 1171 -35.55 -29.71 65.99
C ASP A 1171 -35.65 -31.22 66.06
N ALA A 1172 -34.82 -31.85 66.85
CA ALA A 1172 -34.80 -33.30 66.91
C ALA A 1172 -36.17 -33.86 67.30
N ALA A 1173 -36.89 -33.13 68.16
CA ALA A 1173 -38.20 -33.57 68.62
C ALA A 1173 -39.28 -33.31 67.57
N ASN A 1174 -38.99 -32.42 66.63
CA ASN A 1174 -39.92 -32.00 65.61
C ASN A 1174 -39.20 -31.86 64.28
N PRO A 1175 -38.85 -32.98 63.61
CA PRO A 1175 -37.95 -33.12 62.49
C PRO A 1175 -38.31 -32.30 61.26
N THR A 1176 -39.54 -31.81 61.19
CA THR A 1176 -39.96 -31.01 60.04
C THR A 1176 -39.76 -29.53 60.26
N ASN A 1177 -39.34 -29.17 61.47
CA ASN A 1177 -39.07 -27.77 61.80
C ASN A 1177 -37.58 -27.52 61.68
N CYS A 1178 -37.15 -26.93 60.56
CA CYS A 1178 -35.73 -26.75 60.24
C CYS A 1178 -35.43 -25.33 59.82
N ILE A 1179 -34.22 -24.89 60.13
CA ILE A 1179 -33.76 -23.58 59.76
C ILE A 1179 -32.44 -23.62 59.03
N ALA A 1180 -32.23 -22.61 58.20
CA ALA A 1180 -31.00 -22.41 57.47
C ALA A 1180 -30.59 -20.99 57.70
N PRO A 1181 -29.30 -20.67 57.64
CA PRO A 1181 -28.78 -19.34 57.83
C PRO A 1181 -29.09 -18.45 56.64
N VAL A 1182 -29.23 -17.17 56.90
CA VAL A 1182 -29.40 -16.20 55.83
C VAL A 1182 -28.20 -15.30 55.70
N ASN A 1183 -27.53 -15.38 54.56
CA ASN A 1183 -26.33 -14.61 54.25
C ASN A 1183 -25.22 -14.84 55.28
N GLY A 1184 -25.10 -16.07 55.73
CA GLY A 1184 -24.13 -16.43 56.73
C GLY A 1184 -24.13 -17.91 56.96
N TYR A 1185 -23.52 -18.32 58.05
CA TYR A 1185 -23.35 -19.72 58.35
C TYR A 1185 -23.69 -20.08 59.76
N PHE A 1186 -24.09 -21.32 59.97
CA PHE A 1186 -24.23 -21.88 61.30
C PHE A 1186 -22.93 -22.57 61.67
N ILE A 1187 -22.30 -22.08 62.71
CA ILE A 1187 -20.99 -22.57 63.11
C ILE A 1187 -21.00 -23.11 64.54
N LYS A 1188 -20.11 -24.04 64.81
CA LYS A 1188 -20.00 -24.57 66.17
C LYS A 1188 -19.15 -23.64 67.02
N THR A 1189 -19.46 -23.57 68.32
CA THR A 1189 -18.72 -22.76 69.29
C THR A 1189 -18.79 -23.38 70.69
N GLU A 1197 -24.20 -24.09 71.73
CA GLU A 1197 -23.53 -25.01 70.82
C GLU A 1197 -23.37 -24.38 69.43
N TRP A 1198 -24.50 -24.05 68.80
CA TRP A 1198 -24.54 -23.45 67.47
C TRP A 1198 -24.74 -21.96 67.54
N SER A 1199 -24.05 -21.25 66.68
CA SER A 1199 -24.17 -19.82 66.59
C SER A 1199 -24.11 -19.41 65.14
N TYR A 1200 -24.47 -18.19 64.87
CA TYR A 1200 -24.50 -17.67 63.52
C TYR A 1200 -23.36 -16.70 63.25
N THR A 1201 -22.81 -16.76 62.06
CA THR A 1201 -21.84 -15.75 61.68
C THR A 1201 -22.17 -15.22 60.30
N GLY A 1202 -21.90 -13.95 60.07
CA GLY A 1202 -22.11 -13.38 58.75
C GLY A 1202 -21.12 -14.03 57.82
N SER A 1203 -21.47 -14.15 56.55
CA SER A 1203 -20.60 -14.85 55.63
C SER A 1203 -19.23 -14.23 55.42
N SER A 1204 -19.08 -12.93 55.58
CA SER A 1204 -17.80 -12.33 55.26
C SER A 1204 -16.93 -11.99 56.45
N PHE A 1205 -17.39 -12.29 57.64
CA PHE A 1205 -16.58 -11.92 58.77
C PHE A 1205 -16.94 -12.74 59.98
N TYR A 1206 -15.96 -13.41 60.54
CA TYR A 1206 -16.20 -14.27 61.67
C TYR A 1206 -16.51 -13.45 62.90
N ALA A 1207 -17.74 -13.57 63.36
CA ALA A 1207 -18.20 -12.82 64.50
C ALA A 1207 -19.45 -13.46 65.07
N PRO A 1208 -19.32 -14.59 65.76
CA PRO A 1208 -20.40 -15.42 66.21
C PRO A 1208 -21.41 -14.63 67.03
N GLU A 1209 -22.68 -14.83 66.72
CA GLU A 1209 -23.78 -14.19 67.41
C GLU A 1209 -24.88 -15.24 67.55
N PRO A 1210 -25.85 -15.09 68.44
CA PRO A 1210 -26.94 -16.01 68.63
C PRO A 1210 -27.73 -16.20 67.36
N ILE A 1211 -28.26 -17.40 67.18
CA ILE A 1211 -29.16 -17.68 66.08
C ILE A 1211 -30.52 -17.17 66.46
N THR A 1212 -31.07 -16.32 65.61
CA THR A 1212 -32.35 -15.69 65.87
C THR A 1212 -33.19 -15.73 64.62
N SER A 1213 -34.44 -15.31 64.72
CA SER A 1213 -35.33 -15.27 63.58
C SER A 1213 -34.90 -14.25 62.54
N LEU A 1214 -33.96 -13.37 62.90
CA LEU A 1214 -33.50 -12.33 61.99
C LEU A 1214 -32.35 -12.78 61.11
N ASN A 1215 -31.76 -13.94 61.41
CA ASN A 1215 -30.61 -14.39 60.64
C ASN A 1215 -30.82 -15.81 60.11
N THR A 1216 -32.06 -16.27 60.16
CA THR A 1216 -32.44 -17.58 59.66
C THR A 1216 -33.67 -17.55 58.80
N LYS A 1217 -33.90 -18.63 58.10
CA LYS A 1217 -35.12 -18.84 57.35
C LYS A 1217 -35.59 -20.26 57.58
N TYR A 1218 -36.90 -20.48 57.52
CA TYR A 1218 -37.39 -21.84 57.66
C TYR A 1218 -37.28 -22.55 56.34
N VAL A 1219 -36.82 -23.77 56.41
CA VAL A 1219 -36.61 -24.59 55.23
C VAL A 1219 -37.18 -25.98 55.36
N ALA A 1220 -37.34 -26.65 54.23
CA ALA A 1220 -37.70 -28.04 54.25
C ALA A 1220 -36.52 -28.82 54.81
N PRO A 1221 -36.74 -29.91 55.55
CA PRO A 1221 -35.73 -30.75 56.15
C PRO A 1221 -34.87 -31.45 55.12
N GLN A 1222 -33.60 -31.65 55.46
CA GLN A 1222 -32.66 -32.36 54.61
C GLN A 1222 -31.83 -33.32 55.41
N VAL A 1223 -31.33 -34.34 54.75
CA VAL A 1223 -30.50 -35.37 55.35
C VAL A 1223 -29.17 -34.83 55.88
N THR A 1224 -28.79 -33.63 55.46
CA THR A 1224 -27.55 -33.00 55.86
C THR A 1224 -27.72 -32.00 57.00
N TYR A 1225 -28.95 -31.82 57.49
CA TYR A 1225 -29.18 -30.89 58.58
C TYR A 1225 -28.94 -31.59 59.89
N GLN A 1226 -28.51 -30.86 60.89
CA GLN A 1226 -28.20 -31.49 62.17
C GLN A 1226 -29.45 -31.62 63.03
N ASN A 1227 -29.55 -32.72 63.81
CA ASN A 1227 -30.66 -32.94 64.75
C ASN A 1227 -30.29 -32.39 66.13
N ILE A 1228 -30.89 -31.25 66.50
CA ILE A 1228 -30.57 -30.54 67.75
C ILE A 1228 -31.60 -30.88 68.81
N SER A 1229 -31.13 -31.40 69.94
CA SER A 1229 -32.04 -31.86 70.99
C SER A 1229 -31.93 -31.12 72.32
N THR A 1230 -30.94 -30.26 72.48
CA THR A 1230 -30.74 -29.63 73.78
C THR A 1230 -30.92 -28.12 73.74
N ASN A 1231 -29.84 -27.38 73.54
CA ASN A 1231 -29.91 -25.94 73.59
C ASN A 1231 -30.34 -25.40 72.24
N LEU A 1232 -31.62 -25.56 71.95
CA LEU A 1232 -32.16 -25.16 70.67
C LEU A 1232 -32.21 -23.66 70.59
N PRO A 1233 -31.94 -23.07 69.43
CA PRO A 1233 -32.03 -21.67 69.17
C PRO A 1233 -33.52 -21.31 69.12
N PRO A 1234 -33.90 -20.08 69.44
CA PRO A 1234 -35.26 -19.56 69.45
C PRO A 1234 -36.16 -19.95 68.27
N PRO A 1235 -35.71 -19.96 66.99
CA PRO A 1235 -36.54 -20.29 65.85
C PRO A 1235 -37.07 -21.71 65.89
N LEU A 1236 -36.43 -22.58 66.67
CA LEU A 1236 -36.84 -23.97 66.75
C LEU A 1236 -37.59 -24.29 68.04
N LEU A 1237 -37.77 -23.31 68.91
CA LEU A 1237 -38.42 -23.58 70.19
C LEU A 1237 -39.94 -23.53 70.07
N GLY A 1238 -40.52 -24.57 69.45
CA GLY A 1238 -41.95 -24.69 69.21
C GLY A 1238 -42.69 -25.00 70.51
N THR B 32 0.64 34.39 -49.45
CA THR B 32 -0.12 35.19 -48.51
C THR B 32 -1.55 35.42 -49.04
N VAL B 33 -2.47 35.77 -48.15
CA VAL B 33 -3.88 35.99 -48.44
C VAL B 33 -4.21 37.42 -48.83
N ASP B 34 -4.93 37.54 -49.93
CA ASP B 34 -5.41 38.82 -50.42
C ASP B 34 -6.61 39.23 -49.57
N VAL B 35 -6.51 40.40 -48.96
CA VAL B 35 -7.54 40.86 -48.04
C VAL B 35 -8.19 42.13 -48.55
N GLY B 36 -8.12 42.34 -49.85
CA GLY B 36 -8.70 43.50 -50.48
C GLY B 36 -7.67 44.61 -50.57
N PRO B 37 -8.05 45.73 -51.19
CA PRO B 37 -7.22 46.88 -51.46
C PRO B 37 -6.91 47.69 -50.21
N ASP B 38 -5.85 48.49 -50.28
CA ASP B 38 -5.49 49.44 -49.24
C ASP B 38 -6.45 50.59 -49.21
N SER B 39 -6.53 51.27 -48.08
CA SER B 39 -7.26 52.51 -48.05
C SER B 39 -6.55 53.53 -48.92
N VAL B 40 -7.33 54.37 -49.57
CA VAL B 40 -6.77 55.39 -50.45
C VAL B 40 -6.92 56.79 -49.87
N LYS B 41 -7.32 56.86 -48.61
CA LYS B 41 -7.48 58.16 -47.98
C LYS B 41 -6.14 58.69 -47.48
N SER B 42 -5.95 59.99 -47.62
CA SER B 42 -4.73 60.67 -47.20
C SER B 42 -4.72 61.00 -45.72
N ALA B 43 -5.86 60.79 -45.07
CA ALA B 43 -6.01 61.10 -43.67
C ALA B 43 -7.02 60.18 -43.01
N CYS B 44 -6.83 60.00 -41.71
CA CYS B 44 -7.71 59.26 -40.81
C CYS B 44 -8.69 60.23 -40.15
N ILE B 45 -9.79 59.72 -39.65
CA ILE B 45 -10.70 60.59 -38.94
C ILE B 45 -10.14 60.85 -37.54
N GLU B 46 -10.11 62.11 -37.15
CA GLU B 46 -9.60 62.49 -35.86
C GLU B 46 -10.32 61.76 -34.76
N VAL B 47 -9.56 61.27 -33.78
CA VAL B 47 -10.13 60.53 -32.68
C VAL B 47 -10.01 61.30 -31.37
N ASP B 48 -11.16 61.60 -30.77
CA ASP B 48 -11.25 62.32 -29.52
C ASP B 48 -11.27 61.36 -28.34
N ILE B 49 -10.24 61.39 -27.51
CA ILE B 49 -10.18 60.47 -26.39
C ILE B 49 -10.55 61.20 -25.11
N GLN B 50 -11.65 60.81 -24.51
CA GLN B 50 -12.07 61.41 -23.26
C GLN B 50 -12.49 60.35 -22.28
N GLN B 51 -11.50 59.76 -21.63
CA GLN B 51 -11.72 58.61 -20.77
C GLN B 51 -12.72 58.87 -19.67
N THR B 52 -12.80 60.10 -19.19
CA THR B 52 -13.74 60.45 -18.15
C THR B 52 -15.15 59.95 -18.46
N PHE B 53 -15.56 60.08 -19.72
CA PHE B 53 -16.92 59.73 -20.13
C PHE B 53 -17.16 58.24 -20.13
N PHE B 54 -16.09 57.47 -20.06
CA PHE B 54 -16.15 56.03 -20.11
C PHE B 54 -15.85 55.41 -18.75
N ASP B 55 -15.60 56.26 -17.75
CA ASP B 55 -15.29 55.77 -16.41
C ASP B 55 -16.56 55.51 -15.64
N LYS B 56 -17.25 54.46 -16.02
CA LYS B 56 -18.52 54.10 -15.45
C LYS B 56 -18.36 52.92 -14.51
N THR B 57 -19.30 52.77 -13.58
CA THR B 57 -19.26 51.66 -12.66
C THR B 57 -20.53 50.84 -12.77
N TRP B 58 -20.49 49.85 -13.65
CA TRP B 58 -21.63 49.00 -13.93
C TRP B 58 -21.23 47.55 -13.75
N PRO B 59 -20.89 47.13 -12.53
CA PRO B 59 -20.27 45.87 -12.24
C PRO B 59 -21.16 44.71 -12.58
N ARG B 60 -20.56 43.70 -13.19
CA ARG B 60 -21.23 42.46 -13.51
C ARG B 60 -20.26 41.32 -13.27
N PRO B 61 -20.00 40.97 -12.02
CA PRO B 61 -19.01 40.00 -11.64
C PRO B 61 -19.46 38.63 -12.05
N ILE B 62 -18.51 37.74 -12.24
CA ILE B 62 -18.85 36.38 -12.57
C ILE B 62 -19.61 35.74 -11.45
N ASP B 63 -20.79 35.24 -11.77
CA ASP B 63 -21.59 34.51 -10.84
C ASP B 63 -21.60 33.07 -11.27
N VAL B 64 -20.80 32.26 -10.61
CA VAL B 64 -20.59 30.91 -11.07
C VAL B 64 -21.82 30.05 -10.78
N SER B 65 -22.72 30.54 -9.94
CA SER B 65 -23.93 29.77 -9.63
C SER B 65 -24.91 29.82 -10.79
N LYS B 66 -24.62 30.70 -11.76
CA LYS B 66 -25.41 30.85 -12.97
C LYS B 66 -24.58 30.37 -14.15
N ALA B 67 -23.44 29.76 -13.83
CA ALA B 67 -22.45 29.28 -14.78
C ALA B 67 -21.92 30.37 -15.71
N ASP B 68 -21.70 31.57 -15.19
CA ASP B 68 -21.14 32.64 -16.00
C ASP B 68 -19.73 32.32 -16.46
N GLY B 69 -19.47 32.53 -17.73
CA GLY B 69 -18.12 32.44 -18.26
C GLY B 69 -17.59 31.03 -18.42
N ILE B 70 -18.46 30.03 -18.32
CA ILE B 70 -17.97 28.67 -18.43
C ILE B 70 -17.88 28.13 -19.84
N ILE B 71 -16.69 27.63 -20.16
CA ILE B 71 -16.42 26.93 -21.40
C ILE B 71 -16.69 25.47 -21.14
N TYR B 72 -17.50 24.89 -21.97
CA TYR B 72 -17.96 23.52 -21.80
C TYR B 72 -16.77 22.57 -22.00
N PRO B 73 -16.69 21.43 -21.28
CA PRO B 73 -15.70 20.38 -21.49
C PRO B 73 -15.67 20.10 -22.98
N GLN B 74 -14.49 20.10 -23.56
CA GLN B 74 -14.43 20.12 -25.01
C GLN B 74 -14.65 18.83 -25.78
N GLY B 75 -14.19 17.70 -25.27
CA GLY B 75 -14.31 16.48 -26.08
C GLY B 75 -15.48 15.59 -25.72
N ARG B 76 -16.36 16.07 -24.85
CA ARG B 76 -17.41 15.22 -24.33
C ARG B 76 -18.55 15.98 -23.70
N THR B 77 -19.61 15.25 -23.40
CA THR B 77 -20.72 15.77 -22.63
C THR B 77 -21.10 14.81 -21.53
N TYR B 78 -21.90 15.31 -20.60
CA TYR B 78 -22.38 14.55 -19.46
C TYR B 78 -23.85 14.82 -19.33
N SER B 79 -24.57 13.94 -18.67
CA SER B 79 -25.99 14.15 -18.50
C SER B 79 -26.48 13.88 -17.09
N ASN B 80 -27.11 14.91 -16.48
CA ASN B 80 -27.75 14.86 -15.17
C ASN B 80 -26.83 14.41 -14.02
N ILE B 81 -25.57 14.85 -14.02
CA ILE B 81 -24.62 14.55 -12.93
C ILE B 81 -23.89 15.78 -12.46
N THR B 82 -23.33 15.68 -11.27
CA THR B 82 -22.44 16.69 -10.73
C THR B 82 -21.06 16.12 -10.53
N ILE B 83 -20.07 16.73 -11.18
CA ILE B 83 -18.69 16.30 -11.08
C ILE B 83 -17.74 17.47 -10.95
N THR B 84 -16.54 17.25 -10.42
CA THR B 84 -15.56 18.30 -10.52
C THR B 84 -14.84 18.20 -11.85
N TYR B 85 -14.32 19.32 -12.31
CA TYR B 85 -13.63 19.38 -13.57
C TYR B 85 -12.52 20.41 -13.54
N GLN B 86 -11.38 20.03 -14.08
CA GLN B 86 -10.23 20.90 -14.17
C GLN B 86 -10.19 21.55 -15.54
N GLY B 87 -10.13 22.88 -15.58
CA GLY B 87 -10.12 23.57 -16.86
C GLY B 87 -9.94 25.05 -16.71
N LEU B 88 -10.04 25.79 -17.81
CA LEU B 88 -9.84 27.22 -17.75
C LEU B 88 -11.14 27.93 -17.48
N PHE B 89 -11.20 28.56 -16.31
CA PHE B 89 -12.38 29.22 -15.82
C PHE B 89 -12.04 30.60 -15.28
N PRO B 90 -12.98 31.53 -15.26
CA PRO B 90 -12.88 32.80 -14.60
C PRO B 90 -13.02 32.61 -13.10
N TYR B 91 -12.50 33.53 -12.31
CA TYR B 91 -12.69 33.45 -10.88
C TYR B 91 -14.08 33.88 -10.46
N GLN B 92 -14.65 33.17 -9.50
CA GLN B 92 -15.90 33.61 -8.90
C GLN B 92 -15.74 35.00 -8.30
N GLY B 93 -16.64 35.90 -8.64
CA GLY B 93 -16.62 37.23 -8.09
C GLY B 93 -15.78 38.21 -8.90
N ASP B 94 -15.12 37.73 -9.96
CA ASP B 94 -14.29 38.60 -10.76
C ASP B 94 -15.12 39.62 -11.51
N HIS B 95 -14.83 40.89 -11.30
CA HIS B 95 -15.57 41.95 -11.96
C HIS B 95 -15.18 42.08 -13.41
N GLY B 96 -13.95 41.73 -13.72
CA GLY B 96 -13.45 41.83 -15.07
C GLY B 96 -13.17 43.27 -15.43
N ASP B 97 -12.72 43.47 -16.64
CA ASP B 97 -12.48 44.79 -17.17
C ASP B 97 -13.64 45.20 -18.04
N MET B 98 -14.26 46.32 -17.73
CA MET B 98 -15.39 46.76 -18.51
C MET B 98 -14.97 47.70 -19.61
N TYR B 99 -15.51 47.48 -20.79
CA TYR B 99 -15.25 48.32 -21.93
C TYR B 99 -16.56 48.74 -22.56
N VAL B 100 -16.65 49.98 -22.98
CA VAL B 100 -17.87 50.40 -23.64
C VAL B 100 -17.56 51.20 -24.89
N TYR B 101 -18.36 51.01 -25.91
CA TYR B 101 -18.24 51.74 -27.15
C TYR B 101 -19.29 52.81 -27.20
N SER B 102 -19.04 53.86 -27.96
CA SER B 102 -19.97 54.97 -27.98
C SER B 102 -20.16 55.61 -29.33
N ALA B 103 -21.17 56.45 -29.40
CA ALA B 103 -21.41 57.27 -30.56
C ALA B 103 -20.31 58.30 -30.66
N GLY B 104 -20.00 58.71 -31.87
CA GLY B 104 -19.00 59.73 -32.09
C GLY B 104 -19.63 61.11 -32.01
N HIS B 105 -18.85 62.11 -32.35
CA HIS B 105 -19.30 63.49 -32.33
C HIS B 105 -20.15 63.74 -33.54
N ALA B 106 -21.08 64.66 -33.44
CA ALA B 106 -21.92 65.00 -34.57
C ALA B 106 -22.54 66.36 -34.38
N THR B 107 -22.90 66.98 -35.49
CA THR B 107 -23.67 68.21 -35.49
C THR B 107 -24.83 68.04 -36.44
N GLY B 108 -26.00 67.78 -35.89
CA GLY B 108 -27.15 67.50 -36.71
C GLY B 108 -26.95 66.23 -37.53
N THR B 109 -27.09 66.35 -38.83
CA THR B 109 -26.97 65.21 -39.73
C THR B 109 -25.56 64.89 -40.20
N THR B 110 -24.58 65.65 -39.75
CA THR B 110 -23.20 65.40 -40.16
C THR B 110 -22.34 64.89 -38.99
N PRO B 111 -21.88 63.63 -39.03
CA PRO B 111 -20.95 63.03 -38.09
C PRO B 111 -19.62 63.75 -38.17
N GLN B 112 -18.91 63.82 -37.06
CA GLN B 112 -17.63 64.50 -37.07
C GLN B 112 -16.47 63.56 -36.76
N LYS B 113 -15.81 63.79 -35.63
CA LYS B 113 -14.67 62.96 -35.23
C LYS B 113 -15.14 61.80 -34.41
N LEU B 114 -14.30 60.79 -34.21
CA LEU B 114 -14.72 59.69 -33.37
C LEU B 114 -14.56 59.93 -31.89
N PHE B 115 -15.34 59.26 -31.06
CA PHE B 115 -15.26 59.45 -29.63
C PHE B 115 -14.98 58.14 -28.95
N VAL B 116 -13.80 58.03 -28.36
CA VAL B 116 -13.36 56.77 -27.79
C VAL B 116 -12.77 56.91 -26.39
N ALA B 117 -12.62 55.76 -25.76
CA ALA B 117 -11.92 55.60 -24.51
C ALA B 117 -10.43 55.35 -24.80
N ASN B 118 -9.58 55.41 -23.77
CA ASN B 118 -8.13 55.18 -23.90
C ASN B 118 -7.80 53.68 -23.93
N TYR B 119 -8.50 52.91 -24.76
CA TYR B 119 -8.39 51.46 -24.82
C TYR B 119 -7.19 50.97 -25.60
N SER B 120 -6.78 51.71 -26.61
CA SER B 120 -5.69 51.25 -27.46
C SER B 120 -4.34 51.25 -26.75
N GLN B 121 -4.18 52.11 -25.75
CA GLN B 121 -2.94 52.19 -25.00
C GLN B 121 -2.97 51.27 -23.79
N ASP B 122 -4.13 50.69 -23.52
CA ASP B 122 -4.33 49.85 -22.36
C ASP B 122 -4.06 48.40 -22.75
N VAL B 123 -2.80 48.03 -22.79
CA VAL B 123 -2.44 46.71 -23.26
C VAL B 123 -2.37 45.74 -22.09
N LYS B 124 -3.09 44.63 -22.22
CA LYS B 124 -3.23 43.63 -21.18
C LYS B 124 -2.40 42.41 -21.46
N GLN B 125 -2.07 41.67 -20.41
CA GLN B 125 -1.39 40.40 -20.56
C GLN B 125 -2.44 39.33 -20.88
N PHE B 126 -2.21 38.55 -21.91
CA PHE B 126 -3.14 37.51 -22.35
C PHE B 126 -3.22 36.34 -21.39
N ALA B 127 -2.08 35.87 -20.91
CA ALA B 127 -2.00 34.71 -20.03
C ALA B 127 -2.68 33.49 -20.64
N ASN B 128 -3.78 33.03 -20.06
CA ASN B 128 -4.43 31.82 -20.52
C ASN B 128 -5.62 32.12 -21.39
N GLY B 129 -5.82 33.39 -21.69
CA GLY B 129 -6.96 33.79 -22.48
C GLY B 129 -8.03 34.40 -21.61
N PHE B 130 -9.17 34.65 -22.23
CA PHE B 130 -10.25 35.36 -21.56
C PHE B 130 -11.62 35.03 -22.12
N VAL B 131 -12.64 35.37 -21.35
CA VAL B 131 -14.02 35.26 -21.79
C VAL B 131 -14.67 36.61 -21.72
N VAL B 132 -15.66 36.84 -22.56
CA VAL B 132 -16.26 38.13 -22.64
C VAL B 132 -17.77 38.05 -22.51
N ARG B 133 -18.33 38.87 -21.64
CA ARG B 133 -19.77 38.96 -21.48
C ARG B 133 -20.24 40.03 -22.43
N ILE B 134 -21.04 39.67 -23.42
CA ILE B 134 -21.45 40.60 -24.46
C ILE B 134 -22.96 40.87 -24.46
N GLY B 135 -23.33 42.15 -24.41
CA GLY B 135 -24.73 42.55 -24.52
C GLY B 135 -25.53 42.37 -23.24
N ALA B 136 -24.88 42.32 -22.10
CA ALA B 136 -25.57 42.07 -20.85
C ALA B 136 -26.62 43.09 -20.52
N ALA B 137 -26.38 44.34 -20.89
CA ALA B 137 -27.29 45.42 -20.57
C ALA B 137 -28.32 45.64 -21.66
N ALA B 138 -28.33 44.83 -22.68
CA ALA B 138 -29.24 45.06 -23.79
C ALA B 138 -30.68 45.09 -23.27
N ASN B 139 -31.52 45.93 -23.91
CA ASN B 139 -32.93 46.19 -23.62
C ASN B 139 -33.18 47.16 -22.46
N SER B 140 -32.16 47.39 -21.61
CA SER B 140 -32.27 48.30 -20.48
C SER B 140 -32.14 49.71 -20.98
N THR B 141 -32.56 50.69 -20.20
CA THR B 141 -32.34 52.06 -20.60
C THR B 141 -30.99 52.47 -20.05
N GLY B 142 -30.14 52.98 -20.92
CA GLY B 142 -28.83 53.39 -20.51
C GLY B 142 -28.51 54.76 -21.00
N THR B 143 -27.25 55.09 -20.94
CA THR B 143 -26.80 56.40 -21.34
C THR B 143 -26.07 56.34 -22.65
N VAL B 144 -26.22 57.39 -23.40
CA VAL B 144 -25.43 57.57 -24.59
C VAL B 144 -24.17 58.24 -24.10
N ILE B 145 -23.05 57.54 -24.17
CA ILE B 145 -21.86 57.96 -23.46
C ILE B 145 -21.39 59.36 -23.79
N ILE B 146 -21.42 59.71 -25.06
CA ILE B 146 -20.95 61.01 -25.51
C ILE B 146 -21.80 62.17 -25.00
N SER B 147 -23.02 61.88 -24.60
CA SER B 147 -23.94 62.90 -24.12
C SER B 147 -24.70 62.36 -22.91
N PRO B 148 -24.12 62.45 -21.71
CA PRO B 148 -24.58 61.87 -20.45
C PRO B 148 -26.03 62.21 -20.10
N SER B 149 -26.53 63.33 -20.59
CA SER B 149 -27.88 63.76 -20.31
C SER B 149 -28.92 63.01 -21.16
N THR B 150 -28.45 62.29 -22.16
CA THR B 150 -29.31 61.58 -23.09
C THR B 150 -29.33 60.10 -22.81
N SER B 151 -30.52 59.55 -22.70
CA SER B 151 -30.68 58.13 -22.47
C SER B 151 -31.27 57.47 -23.69
N ALA B 152 -31.01 56.18 -23.84
CA ALA B 152 -31.54 55.43 -24.95
C ALA B 152 -31.56 53.95 -24.62
N THR B 153 -32.38 53.19 -25.33
CA THR B 153 -32.40 51.75 -25.15
C THR B 153 -31.04 51.18 -25.56
N ILE B 154 -30.50 50.31 -24.71
CA ILE B 154 -29.22 49.70 -24.94
C ILE B 154 -29.27 48.56 -25.95
N ARG B 155 -28.36 48.60 -26.92
CA ARG B 155 -28.24 47.55 -27.91
C ARG B 155 -26.90 46.83 -27.82
N LYS B 156 -26.90 45.55 -28.12
CA LYS B 156 -25.68 44.76 -28.11
C LYS B 156 -24.72 45.18 -29.19
N ILE B 157 -23.45 45.26 -28.83
CA ILE B 157 -22.39 45.57 -29.77
C ILE B 157 -21.28 44.57 -29.54
N TYR B 158 -20.60 44.16 -30.59
CA TYR B 158 -19.55 43.18 -30.41
C TYR B 158 -18.20 43.84 -30.23
N PRO B 159 -17.35 43.30 -29.36
CA PRO B 159 -16.02 43.75 -29.07
C PRO B 159 -15.04 43.46 -30.18
N ALA B 160 -14.07 44.33 -30.33
CA ALA B 160 -12.98 44.11 -31.25
C ALA B 160 -11.68 43.95 -30.47
N PHE B 161 -10.85 43.03 -30.90
CA PHE B 161 -9.60 42.77 -30.20
C PHE B 161 -8.40 42.78 -31.10
N MET B 162 -7.27 43.17 -30.54
CA MET B 162 -5.99 43.07 -31.21
C MET B 162 -5.08 42.26 -30.32
N LEU B 163 -4.55 41.16 -30.82
CA LEU B 163 -3.73 40.26 -30.02
C LEU B 163 -2.38 39.97 -30.66
N GLY B 164 -1.34 39.85 -29.87
CA GLY B 164 -0.05 39.53 -30.47
C GLY B 164 1.02 39.13 -29.47
N SER B 165 2.21 38.88 -29.97
CA SER B 165 3.32 38.42 -29.16
C SER B 165 4.26 39.54 -28.72
N SER B 166 4.16 40.69 -29.36
CA SER B 166 5.06 41.80 -29.05
C SER B 166 4.40 43.14 -29.20
N VAL B 167 4.63 44.01 -28.23
CA VAL B 167 4.05 45.33 -28.21
C VAL B 167 5.06 46.43 -27.93
N GLY B 168 4.68 47.65 -28.28
CA GLY B 168 5.51 48.81 -28.02
C GLY B 168 4.75 50.07 -28.38
N ASN B 169 5.50 51.15 -28.63
CA ASN B 169 4.92 52.46 -28.93
C ASN B 169 4.91 52.75 -30.43
N PHE B 170 4.10 53.75 -30.80
CA PHE B 170 4.00 54.32 -32.14
C PHE B 170 5.02 55.43 -32.28
N SER B 171 5.09 56.05 -33.45
CA SER B 171 6.11 57.04 -33.70
C SER B 171 6.09 58.23 -32.73
N ASP B 172 4.92 58.54 -32.17
CA ASP B 172 4.80 59.67 -31.26
C ASP B 172 4.95 59.30 -29.79
N GLY B 173 5.30 58.06 -29.50
CA GLY B 173 5.49 57.63 -28.13
C GLY B 173 4.28 56.99 -27.47
N LYS B 174 3.13 57.00 -28.11
CA LYS B 174 1.96 56.40 -27.50
C LYS B 174 2.03 54.88 -27.59
N MET B 175 1.59 54.21 -26.54
CA MET B 175 1.62 52.74 -26.51
C MET B 175 0.49 52.13 -27.31
N GLY B 176 0.63 50.86 -27.66
CA GLY B 176 -0.48 50.17 -28.30
C GLY B 176 -0.13 49.62 -29.66
N ARG B 177 1.12 49.75 -30.06
CA ARG B 177 1.51 49.19 -31.33
C ARG B 177 1.87 47.74 -31.16
N PHE B 178 1.37 46.91 -32.07
CA PHE B 178 1.72 45.51 -32.07
C PHE B 178 2.69 45.28 -33.19
N PHE B 179 3.66 44.42 -32.95
CA PHE B 179 4.68 44.16 -33.94
C PHE B 179 4.54 42.78 -34.53
N ASN B 180 5.06 42.62 -35.75
CA ASN B 180 5.04 41.36 -36.51
C ASN B 180 3.59 40.94 -36.75
N HIS B 181 3.27 39.63 -36.75
CA HIS B 181 1.90 39.22 -37.03
C HIS B 181 1.01 39.40 -35.82
N THR B 182 -0.08 40.08 -36.06
CA THR B 182 -1.06 40.43 -35.05
C THR B 182 -2.39 39.84 -35.44
N LEU B 183 -3.06 39.26 -34.47
CA LEU B 183 -4.37 38.70 -34.68
C LEU B 183 -5.41 39.73 -34.38
N VAL B 184 -6.26 39.99 -35.33
CA VAL B 184 -7.29 40.97 -35.15
C VAL B 184 -8.65 40.31 -35.26
N LEU B 185 -9.45 40.50 -34.24
CA LEU B 185 -10.81 39.99 -34.22
C LEU B 185 -11.72 41.19 -34.34
N LEU B 186 -12.26 41.38 -35.53
CA LEU B 186 -12.97 42.59 -35.83
C LEU B 186 -14.37 42.32 -36.35
N PRO B 187 -15.42 42.53 -35.56
CA PRO B 187 -16.78 42.34 -35.93
C PRO B 187 -17.11 43.38 -36.97
N ASP B 188 -17.96 43.02 -37.91
CA ASP B 188 -18.32 43.91 -38.99
C ASP B 188 -19.75 43.69 -39.43
N GLY B 189 -20.18 44.45 -40.42
CA GLY B 189 -21.51 44.31 -40.99
C GLY B 189 -22.60 44.69 -40.00
N CYS B 190 -22.33 45.67 -39.12
CA CYS B 190 -23.24 46.12 -38.07
C CYS B 190 -23.59 44.96 -37.14
N GLY B 191 -22.60 44.11 -36.84
CA GLY B 191 -22.78 42.97 -35.95
C GLY B 191 -23.31 41.71 -36.63
N THR B 192 -23.08 41.55 -37.94
CA THR B 192 -23.57 40.37 -38.63
C THR B 192 -22.46 39.39 -38.99
N LEU B 193 -21.21 39.79 -38.82
CA LEU B 193 -20.11 38.87 -39.04
C LEU B 193 -18.93 39.16 -38.13
N LEU B 194 -18.18 38.13 -37.79
CA LEU B 194 -16.92 38.30 -37.11
C LEU B 194 -15.79 38.02 -38.06
N ARG B 195 -14.89 38.98 -38.24
CA ARG B 195 -13.77 38.73 -39.12
C ARG B 195 -12.48 38.54 -38.34
N ALA B 196 -11.83 37.42 -38.56
CA ALA B 196 -10.59 37.11 -37.85
C ALA B 196 -9.43 37.03 -38.82
N PHE B 197 -8.40 37.83 -38.60
CA PHE B 197 -7.26 37.77 -39.50
C PHE B 197 -5.95 37.92 -38.78
N TYR B 198 -4.92 37.33 -39.34
CA TYR B 198 -3.59 37.35 -38.76
C TYR B 198 -2.66 37.96 -39.78
N CYS B 199 -2.14 39.15 -39.46
CA CYS B 199 -1.46 39.96 -40.46
C CYS B 199 -0.47 40.91 -39.81
N ILE B 200 0.40 41.53 -40.59
CA ILE B 200 1.28 42.54 -40.07
C ILE B 200 0.61 43.88 -40.23
N LEU B 201 0.57 44.65 -39.16
CA LEU B 201 -0.07 45.94 -39.23
C LEU B 201 0.95 47.02 -39.44
N GLU B 202 0.90 47.62 -40.61
CA GLU B 202 1.84 48.66 -40.98
C GLU B 202 1.16 50.01 -40.88
N PRO B 203 1.43 50.80 -39.84
CA PRO B 203 0.70 52.01 -39.56
C PRO B 203 0.89 52.99 -40.69
N ARG B 204 -0.20 53.61 -41.09
CA ARG B 204 -0.19 54.60 -42.14
C ARG B 204 0.29 55.93 -41.61
N SER B 205 0.90 56.73 -42.48
CA SER B 205 1.53 57.98 -42.09
C SER B 205 0.73 59.23 -42.39
N GLY B 206 -0.54 59.06 -42.74
CA GLY B 206 -1.37 60.22 -43.07
C GLY B 206 -1.79 60.98 -41.81
N ASN B 207 -2.59 62.01 -42.02
CA ASN B 207 -3.01 62.87 -40.91
C ASN B 207 -3.89 62.11 -39.93
N HIS B 208 -3.54 62.17 -38.64
CA HIS B 208 -4.23 61.46 -37.56
C HIS B 208 -4.10 59.94 -37.61
N CYS B 209 -3.12 59.41 -38.38
CA CYS B 209 -2.83 57.99 -38.49
C CYS B 209 -1.63 57.71 -37.57
N PRO B 210 -1.39 56.46 -37.14
CA PRO B 210 -0.42 56.09 -36.12
C PRO B 210 1.03 56.41 -36.44
N ALA B 211 1.36 56.60 -37.72
CA ALA B 211 2.72 56.94 -38.08
C ALA B 211 2.80 58.36 -38.62
N GLY B 212 1.71 59.11 -38.47
CA GLY B 212 1.63 60.48 -38.96
C GLY B 212 1.49 61.50 -37.84
N ASN B 213 0.97 62.68 -38.18
CA ASN B 213 0.83 63.77 -37.22
C ASN B 213 -0.53 63.77 -36.55
N SER B 214 -0.59 64.39 -35.37
CA SER B 214 -1.84 64.54 -34.62
C SER B 214 -2.53 63.21 -34.33
N TYR B 215 -1.73 62.20 -33.99
CA TYR B 215 -2.25 60.90 -33.64
C TYR B 215 -2.59 60.81 -32.17
N THR B 216 -3.74 60.25 -31.90
CA THR B 216 -4.24 60.04 -30.56
C THR B 216 -4.44 58.55 -30.35
N SER B 217 -5.40 58.00 -31.06
CA SER B 217 -5.67 56.57 -31.04
C SER B 217 -6.26 56.13 -32.34
N PHE B 218 -5.96 54.90 -32.72
CA PHE B 218 -6.64 54.34 -33.86
C PHE B 218 -7.99 53.90 -33.38
N ALA B 219 -8.93 53.78 -34.27
CA ALA B 219 -10.24 53.30 -33.90
C ALA B 219 -10.94 52.79 -35.12
N THR B 220 -11.88 51.91 -34.94
CA THR B 220 -12.71 51.51 -36.05
C THR B 220 -14.05 52.19 -35.91
N TYR B 221 -14.79 52.20 -36.99
CA TYR B 221 -16.08 52.82 -36.98
C TYR B 221 -16.94 52.32 -38.11
N HIS B 222 -18.21 52.59 -37.98
CA HIS B 222 -19.12 52.40 -39.09
C HIS B 222 -20.07 53.57 -39.06
N THR B 223 -20.71 53.84 -40.19
CA THR B 223 -21.64 54.94 -40.32
C THR B 223 -23.01 54.40 -40.66
N PRO B 224 -23.89 54.19 -39.67
CA PRO B 224 -25.17 53.54 -39.80
C PRO B 224 -25.98 54.08 -40.97
N ALA B 225 -25.84 55.37 -41.24
CA ALA B 225 -26.59 56.00 -42.32
C ALA B 225 -26.32 55.33 -43.66
N THR B 226 -25.10 54.85 -43.90
CA THR B 226 -24.78 54.23 -45.17
C THR B 226 -24.41 52.76 -45.03
N ASP B 227 -24.02 52.35 -43.83
CA ASP B 227 -23.55 50.99 -43.60
C ASP B 227 -24.58 50.00 -43.04
N CYS B 228 -25.64 50.50 -42.35
CA CYS B 228 -26.62 49.63 -41.67
C CYS B 228 -27.98 49.72 -42.35
N SER B 229 -28.01 49.54 -43.66
CA SER B 229 -29.25 49.50 -44.39
C SER B 229 -30.02 48.26 -43.97
N ASP B 230 -31.35 48.33 -44.01
CA ASP B 230 -32.16 47.19 -43.58
C ASP B 230 -31.85 45.95 -44.39
N GLY B 231 -31.57 46.15 -45.67
CA GLY B 231 -31.29 45.04 -46.57
C GLY B 231 -29.79 44.75 -46.66
N ASN B 232 -29.10 45.55 -47.45
CA ASN B 232 -27.69 45.33 -47.73
C ASN B 232 -26.76 45.99 -46.72
N TYR B 233 -26.26 45.24 -45.75
CA TYR B 233 -25.34 45.79 -44.78
C TYR B 233 -23.95 45.83 -45.39
N ASN B 234 -23.17 46.80 -44.98
CA ASN B 234 -21.81 46.88 -45.48
C ASN B 234 -20.90 45.99 -44.67
N ARG B 235 -20.61 44.82 -45.21
CA ARG B 235 -19.85 43.81 -44.51
C ARG B 235 -18.37 44.13 -44.36
N ASN B 236 -17.90 45.22 -44.99
CA ASN B 236 -16.52 45.70 -44.92
C ASN B 236 -16.40 47.06 -44.21
N ALA B 237 -17.45 47.55 -43.53
CA ALA B 237 -17.42 48.89 -42.93
C ALA B 237 -16.35 49.04 -41.85
N SER B 238 -16.26 48.08 -40.94
CA SER B 238 -15.28 48.20 -39.87
C SER B 238 -13.90 47.79 -40.35
N LEU B 239 -13.85 46.92 -41.35
CA LEU B 239 -12.55 46.56 -41.90
C LEU B 239 -11.96 47.72 -42.65
N ASN B 240 -12.79 48.42 -43.41
CA ASN B 240 -12.32 49.52 -44.20
C ASN B 240 -11.84 50.65 -43.31
N SER B 241 -12.51 50.86 -42.18
CA SER B 241 -12.04 51.89 -41.27
C SER B 241 -10.74 51.49 -40.60
N PHE B 242 -10.58 50.20 -40.31
CA PHE B 242 -9.35 49.70 -39.71
C PHE B 242 -8.19 49.98 -40.65
N LYS B 243 -8.42 49.71 -41.94
CA LYS B 243 -7.45 49.90 -43.00
C LYS B 243 -7.02 51.35 -43.19
N GLU B 244 -7.73 52.30 -42.60
CA GLU B 244 -7.34 53.68 -42.72
C GLU B 244 -6.17 53.96 -41.80
N TYR B 245 -6.06 53.20 -40.73
CA TYR B 245 -4.99 53.42 -39.78
C TYR B 245 -3.83 52.49 -40.08
N PHE B 246 -4.12 51.30 -40.58
CA PHE B 246 -3.06 50.33 -40.85
C PHE B 246 -3.16 49.72 -42.22
N ASN B 247 -2.03 49.49 -42.85
CA ASN B 247 -1.98 48.69 -44.05
C ASN B 247 -1.89 47.25 -43.61
N LEU B 248 -2.57 46.36 -44.30
CA LEU B 248 -2.50 44.96 -43.92
C LEU B 248 -1.50 44.25 -44.83
N ARG B 249 -0.45 43.72 -44.22
CA ARG B 249 0.64 43.12 -44.96
C ARG B 249 0.95 41.71 -44.48
N ASN B 250 1.27 40.81 -45.43
CA ASN B 250 1.67 39.43 -45.14
C ASN B 250 0.61 38.67 -44.33
N CYS B 251 -0.67 38.82 -44.70
CA CYS B 251 -1.79 38.14 -44.04
C CYS B 251 -1.72 36.66 -44.31
N THR B 252 -1.89 35.85 -43.28
CA THR B 252 -1.81 34.43 -43.46
C THR B 252 -3.19 33.84 -43.61
N PHE B 253 -4.17 34.53 -43.07
CA PHE B 253 -5.55 34.13 -43.21
C PHE B 253 -6.47 35.28 -42.92
N MET B 254 -7.68 35.13 -43.39
CA MET B 254 -8.79 36.00 -43.03
C MET B 254 -10.07 35.20 -43.13
N TYR B 255 -10.68 34.97 -41.99
CA TYR B 255 -11.86 34.14 -41.88
C TYR B 255 -13.04 34.97 -41.46
N THR B 256 -14.22 34.60 -41.93
CA THR B 256 -15.41 35.25 -41.44
C THR B 256 -16.36 34.24 -40.88
N TYR B 257 -17.09 34.66 -39.86
CA TYR B 257 -18.11 33.84 -39.25
C TYR B 257 -19.39 34.65 -39.25
N ASN B 258 -20.53 34.02 -39.53
CA ASN B 258 -21.82 34.71 -39.59
C ASN B 258 -22.53 34.71 -38.24
N ILE B 259 -23.04 35.90 -37.87
CA ILE B 259 -23.79 36.17 -36.65
C ILE B 259 -25.22 36.58 -36.96
N THR B 260 -26.19 35.80 -36.54
CA THR B 260 -27.59 36.19 -36.70
C THR B 260 -27.87 37.34 -35.73
N GLU B 261 -28.56 38.37 -36.20
CA GLU B 261 -28.84 39.50 -35.31
C GLU B 261 -29.87 39.18 -34.25
N ASP B 262 -29.56 39.56 -33.02
CA ASP B 262 -30.46 39.43 -31.89
C ASP B 262 -29.96 40.33 -30.78
N GLU B 263 -30.66 40.37 -29.65
CA GLU B 263 -30.22 41.15 -28.49
C GLU B 263 -29.98 40.25 -27.30
N ILE B 264 -29.67 39.00 -27.56
CA ILE B 264 -29.47 37.96 -26.55
C ILE B 264 -28.08 38.04 -25.92
N LEU B 265 -28.00 37.96 -24.60
CA LEU B 265 -26.71 37.99 -23.94
C LEU B 265 -25.89 36.82 -24.43
N GLU B 266 -24.64 37.05 -24.79
CA GLU B 266 -23.82 35.93 -25.22
C GLU B 266 -22.42 36.00 -24.69
N TRP B 267 -21.79 34.85 -24.69
CA TRP B 267 -20.41 34.78 -24.26
C TRP B 267 -19.48 34.45 -25.39
N PHE B 268 -18.32 35.06 -25.35
CA PHE B 268 -17.23 34.82 -26.29
C PHE B 268 -15.96 34.46 -25.55
N GLY B 269 -15.18 33.53 -26.07
CA GLY B 269 -13.94 33.23 -25.38
C GLY B 269 -12.79 32.98 -26.34
N ILE B 270 -11.59 33.19 -25.83
CA ILE B 270 -10.40 32.91 -26.60
C ILE B 270 -9.31 32.26 -25.75
N THR B 271 -8.73 31.17 -26.26
CA THR B 271 -7.60 30.51 -25.60
C THR B 271 -6.57 30.14 -26.64
N GLN B 272 -5.38 29.74 -26.23
CA GLN B 272 -4.38 29.28 -27.18
C GLN B 272 -3.65 28.04 -26.71
N THR B 273 -3.47 27.10 -27.62
CA THR B 273 -2.72 25.87 -27.39
C THR B 273 -1.78 25.62 -28.56
N ALA B 274 -1.12 24.47 -28.58
CA ALA B 274 -0.23 24.11 -29.68
C ALA B 274 -0.99 24.05 -31.01
N GLN B 275 -2.29 23.78 -30.95
CA GLN B 275 -3.11 23.68 -32.16
C GLN B 275 -3.51 25.02 -32.73
N GLY B 276 -3.22 26.09 -32.02
CA GLY B 276 -3.62 27.40 -32.47
C GLY B 276 -4.56 28.09 -31.50
N VAL B 277 -5.21 29.11 -31.99
CA VAL B 277 -6.09 29.92 -31.17
C VAL B 277 -7.51 29.45 -31.30
N HIS B 278 -8.11 29.16 -30.17
CA HIS B 278 -9.44 28.62 -30.14
C HIS B 278 -10.45 29.68 -29.82
N LEU B 279 -11.46 29.81 -30.65
CA LEU B 279 -12.51 30.77 -30.41
C LEU B 279 -13.75 30.05 -29.95
N PHE B 280 -14.29 30.52 -28.86
CA PHE B 280 -15.46 29.92 -28.24
C PHE B 280 -16.62 30.88 -28.27
N SER B 281 -17.80 30.35 -28.37
CA SER B 281 -18.99 31.16 -28.32
C SER B 281 -20.17 30.36 -27.87
N SER B 282 -21.07 31.00 -27.18
CA SER B 282 -22.28 30.33 -26.76
C SER B 282 -23.37 30.33 -27.82
N ARG B 283 -23.29 31.22 -28.80
CA ARG B 283 -24.43 31.42 -29.69
C ARG B 283 -24.70 30.32 -30.71
N TYR B 284 -23.78 29.40 -30.91
CA TYR B 284 -24.02 28.37 -31.91
C TYR B 284 -24.51 27.07 -31.30
N VAL B 285 -24.43 26.94 -29.98
CA VAL B 285 -24.81 25.71 -29.31
C VAL B 285 -25.76 25.95 -28.14
N ASP B 286 -25.49 26.97 -27.34
CA ASP B 286 -26.24 27.23 -26.13
C ASP B 286 -26.65 28.70 -26.07
N LEU B 287 -27.37 29.12 -27.10
CA LEU B 287 -27.76 30.51 -27.29
C LEU B 287 -28.52 31.11 -26.13
N TYR B 288 -29.36 30.32 -25.49
CA TYR B 288 -30.20 30.83 -24.43
C TYR B 288 -29.68 30.40 -23.07
N GLY B 289 -28.47 29.86 -23.05
CA GLY B 289 -27.86 29.34 -21.85
C GLY B 289 -26.62 30.13 -21.48
N GLY B 290 -25.62 30.11 -22.36
CA GLY B 290 -24.38 30.81 -22.08
C GLY B 290 -23.15 29.91 -22.02
N ASN B 291 -23.31 28.60 -22.19
CA ASN B 291 -22.13 27.75 -22.19
C ASN B 291 -21.39 27.99 -23.49
N MET B 292 -20.08 28.12 -23.41
CA MET B 292 -19.31 28.35 -24.61
C MET B 292 -18.76 27.09 -25.21
N PHE B 293 -18.89 27.00 -26.51
CA PHE B 293 -18.40 25.88 -27.27
C PHE B 293 -17.45 26.38 -28.33
N GLN B 294 -16.47 25.60 -28.69
CA GLN B 294 -15.54 26.04 -29.69
C GLN B 294 -16.19 26.11 -31.06
N PHE B 295 -15.99 27.21 -31.77
CA PHE B 295 -16.55 27.34 -33.10
C PHE B 295 -15.48 27.51 -34.16
N ALA B 296 -14.26 27.85 -33.73
CA ALA B 296 -13.20 28.03 -34.70
C ALA B 296 -11.84 27.80 -34.10
N THR B 297 -10.90 27.38 -34.94
CA THR B 297 -9.50 27.31 -34.54
C THR B 297 -8.70 28.09 -35.57
N LEU B 298 -7.88 29.01 -35.12
CA LEU B 298 -7.11 29.82 -36.02
C LEU B 298 -5.66 29.33 -36.02
N PRO B 299 -4.99 29.27 -37.17
CA PRO B 299 -3.62 28.83 -37.32
C PRO B 299 -2.63 29.91 -36.90
N VAL B 300 -2.71 30.26 -35.63
CA VAL B 300 -1.86 31.24 -34.99
C VAL B 300 -0.99 30.50 -33.99
N TYR B 301 0.28 30.36 -34.30
CA TYR B 301 1.12 29.51 -33.48
C TYR B 301 2.13 30.26 -32.66
N ASP B 302 2.34 31.54 -32.95
CA ASP B 302 3.23 32.32 -32.10
C ASP B 302 2.45 32.54 -30.83
N THR B 303 3.11 32.76 -29.73
CA THR B 303 2.41 32.87 -28.47
C THR B 303 1.82 34.24 -28.27
N ILE B 304 0.53 34.28 -27.99
CA ILE B 304 -0.10 35.55 -27.72
C ILE B 304 0.20 35.93 -26.30
N LYS B 305 0.77 37.10 -26.13
CA LYS B 305 1.17 37.55 -24.83
C LYS B 305 0.42 38.79 -24.45
N TYR B 306 0.01 39.55 -25.45
CA TYR B 306 -0.62 40.82 -25.22
C TYR B 306 -1.89 40.95 -25.99
N TYR B 307 -2.83 41.69 -25.43
CA TYR B 307 -4.01 42.05 -26.20
C TYR B 307 -4.50 43.41 -25.80
N SER B 308 -5.29 43.99 -26.67
CA SER B 308 -5.92 45.26 -26.37
C SER B 308 -7.28 45.28 -27.01
N ILE B 309 -8.10 46.20 -26.57
CA ILE B 309 -9.41 46.37 -27.16
C ILE B 309 -9.31 47.43 -28.20
N ILE B 310 -9.79 47.12 -29.39
CA ILE B 310 -9.77 48.13 -30.42
C ILE B 310 -10.99 48.97 -30.15
N PRO B 311 -10.86 50.28 -29.93
CA PRO B 311 -11.96 51.15 -29.65
C PRO B 311 -12.80 51.26 -30.89
N HIS B 312 -14.09 51.40 -30.69
CA HIS B 312 -15.01 51.52 -31.81
C HIS B 312 -15.90 52.70 -31.55
N SER B 313 -16.16 53.47 -32.57
CA SER B 313 -17.03 54.62 -32.43
C SER B 313 -18.02 54.65 -33.56
N ILE B 314 -19.28 54.86 -33.23
CA ILE B 314 -20.32 54.79 -34.22
C ILE B 314 -20.63 56.18 -34.74
N ARG B 315 -20.50 56.37 -36.04
CA ARG B 315 -20.68 57.69 -36.61
C ARG B 315 -22.13 57.93 -36.97
N SER B 316 -22.96 57.96 -35.95
CA SER B 316 -24.36 58.22 -36.11
C SER B 316 -24.57 59.72 -36.14
N ILE B 317 -25.73 60.14 -36.60
CA ILE B 317 -26.05 61.55 -36.54
C ILE B 317 -26.45 61.91 -35.12
N GLN B 318 -26.45 63.19 -34.81
CA GLN B 318 -26.68 63.64 -33.45
C GLN B 318 -28.05 63.22 -32.91
N SER B 319 -29.04 63.16 -33.78
CA SER B 319 -30.40 62.83 -33.39
C SER B 319 -30.72 61.34 -33.42
N ASP B 320 -29.72 60.52 -33.75
CA ASP B 320 -29.94 59.08 -33.87
C ASP B 320 -28.89 58.29 -33.13
N ARG B 321 -28.52 58.79 -31.95
CA ARG B 321 -27.54 58.10 -31.15
C ARG B 321 -28.16 56.96 -30.37
N LYS B 322 -27.45 55.83 -30.32
CA LYS B 322 -27.89 54.66 -29.59
C LYS B 322 -27.05 54.51 -28.35
N ALA B 323 -27.56 53.79 -27.38
CA ALA B 323 -26.76 53.42 -26.25
C ALA B 323 -26.25 52.03 -26.53
N TRP B 324 -24.99 51.77 -26.31
CA TRP B 324 -24.45 50.46 -26.60
C TRP B 324 -24.09 49.76 -25.33
N ALA B 325 -24.34 48.45 -25.28
CA ALA B 325 -24.04 47.68 -24.10
C ALA B 325 -22.55 47.61 -23.88
N ALA B 326 -22.13 47.65 -22.63
CA ALA B 326 -20.75 47.45 -22.30
C ALA B 326 -20.45 45.97 -22.34
N PHE B 327 -19.21 45.62 -22.62
CA PHE B 327 -18.80 44.25 -22.56
C PHE B 327 -17.75 44.08 -21.49
N TYR B 328 -17.67 42.88 -20.97
CA TYR B 328 -16.77 42.66 -19.85
C TYR B 328 -15.80 41.55 -20.12
N VAL B 329 -14.52 41.80 -19.91
CA VAL B 329 -13.50 40.81 -20.18
C VAL B 329 -12.98 40.20 -18.89
N TYR B 330 -13.03 38.88 -18.79
CA TYR B 330 -12.60 38.19 -17.58
C TYR B 330 -11.46 37.25 -17.93
N LYS B 331 -10.44 37.23 -17.10
CA LYS B 331 -9.31 36.37 -17.36
C LYS B 331 -9.56 34.94 -16.95
N LEU B 332 -8.98 34.01 -17.69
CA LEU B 332 -9.07 32.60 -17.36
C LEU B 332 -7.82 32.08 -16.68
N GLN B 333 -8.01 31.05 -15.88
CA GLN B 333 -6.93 30.34 -15.22
C GLN B 333 -7.36 28.91 -14.97
N PRO B 334 -6.43 27.97 -14.84
CA PRO B 334 -6.65 26.58 -14.54
C PRO B 334 -7.15 26.36 -13.12
N LEU B 335 -8.46 26.20 -13.01
CA LEU B 335 -9.16 26.06 -11.74
C LEU B 335 -9.95 24.78 -11.71
N THR B 336 -10.29 24.32 -10.51
CA THR B 336 -11.20 23.21 -10.41
C THR B 336 -12.58 23.76 -10.10
N PHE B 337 -13.54 23.39 -10.94
CA PHE B 337 -14.93 23.75 -10.75
C PHE B 337 -15.80 22.54 -10.50
N LEU B 338 -16.86 22.74 -9.74
CA LEU B 338 -17.88 21.72 -9.62
C LEU B 338 -18.94 22.07 -10.64
N LEU B 339 -19.20 21.18 -11.58
CA LEU B 339 -20.14 21.49 -12.64
C LEU B 339 -21.40 20.65 -12.58
N ASP B 340 -22.54 21.33 -12.58
CA ASP B 340 -23.84 20.68 -12.56
C ASP B 340 -24.41 20.58 -13.96
N PHE B 341 -24.42 19.36 -14.51
CA PHE B 341 -24.90 19.14 -15.85
C PHE B 341 -26.37 18.76 -15.81
N SER B 342 -27.17 19.45 -16.59
CA SER B 342 -28.59 19.16 -16.68
C SER B 342 -28.81 17.92 -17.51
N VAL B 343 -30.04 17.46 -17.61
CA VAL B 343 -30.32 16.28 -18.41
C VAL B 343 -29.91 16.51 -19.85
N ASP B 344 -30.12 17.73 -20.34
CA ASP B 344 -29.78 18.11 -21.70
C ASP B 344 -28.30 18.47 -21.86
N GLY B 345 -27.53 18.28 -20.80
CA GLY B 345 -26.11 18.45 -20.81
C GLY B 345 -25.60 19.84 -20.56
N TYR B 346 -26.45 20.82 -20.44
CA TYR B 346 -25.89 22.15 -20.26
C TYR B 346 -25.54 22.40 -18.81
N ILE B 347 -24.54 23.25 -18.61
CA ILE B 347 -24.11 23.60 -17.28
C ILE B 347 -24.86 24.84 -16.86
N ARG B 348 -25.61 24.72 -15.80
CA ARG B 348 -26.44 25.84 -15.36
C ARG B 348 -26.01 26.36 -14.02
N ARG B 349 -25.30 25.54 -13.28
CA ARG B 349 -24.85 25.88 -11.96
C ARG B 349 -23.45 25.32 -11.74
N ALA B 350 -22.60 26.07 -11.06
CA ALA B 350 -21.26 25.59 -10.78
C ALA B 350 -20.69 26.21 -9.50
N ILE B 351 -19.65 25.57 -8.97
CA ILE B 351 -18.89 26.09 -7.83
C ILE B 351 -17.43 26.32 -8.20
N ASP B 352 -16.91 27.49 -7.87
CA ASP B 352 -15.47 27.74 -7.98
C ASP B 352 -14.83 27.21 -6.70
N CYS B 353 -14.15 26.06 -6.79
CA CYS B 353 -13.69 25.30 -5.64
C CYS B 353 -12.66 26.04 -4.80
N GLY B 354 -12.05 27.08 -5.37
CA GLY B 354 -11.00 27.78 -4.63
C GLY B 354 -11.45 29.15 -4.16
N PHE B 355 -12.71 29.48 -4.35
CA PHE B 355 -13.18 30.80 -4.01
C PHE B 355 -13.17 31.09 -2.51
N ASN B 356 -13.73 30.18 -1.74
CA ASN B 356 -13.77 30.29 -0.30
C ASN B 356 -13.85 28.92 0.33
N ASP B 357 -13.94 28.88 1.65
CA ASP B 357 -13.94 27.64 2.39
C ASP B 357 -15.21 26.84 2.20
N LEU B 358 -16.32 27.51 2.04
CA LEU B 358 -17.57 26.80 1.81
C LEU B 358 -17.55 26.13 0.45
N SER B 359 -16.98 26.80 -0.53
CA SER B 359 -16.88 26.25 -1.87
C SER B 359 -16.00 25.01 -1.85
N GLN B 360 -14.94 25.05 -1.06
CA GLN B 360 -14.06 23.90 -0.93
C GLN B 360 -14.82 22.71 -0.38
N LEU B 361 -15.70 22.98 0.56
CA LEU B 361 -16.51 21.92 1.15
C LEU B 361 -17.44 21.23 0.15
N HIS B 362 -18.12 22.02 -0.66
CA HIS B 362 -18.99 21.44 -1.66
C HIS B 362 -18.26 20.61 -2.72
N CYS B 363 -17.05 21.06 -3.10
CA CYS B 363 -16.24 20.38 -4.10
C CYS B 363 -15.71 19.06 -3.53
N SER B 364 -15.35 19.03 -2.24
CA SER B 364 -14.82 17.80 -1.67
C SER B 364 -15.89 16.71 -1.59
N TYR B 365 -17.15 17.11 -1.54
CA TYR B 365 -18.24 16.14 -1.55
C TYR B 365 -18.88 16.00 -2.92
N GLU B 366 -18.34 16.70 -3.91
CA GLU B 366 -18.89 16.74 -5.25
C GLU B 366 -20.39 16.96 -5.22
N SER B 367 -20.83 17.92 -4.44
CA SER B 367 -22.26 18.13 -4.31
C SER B 367 -22.61 19.54 -3.93
N PHE B 368 -23.75 20.00 -4.41
CA PHE B 368 -24.26 21.32 -4.08
C PHE B 368 -25.05 21.26 -2.79
N ASP B 369 -25.28 20.04 -2.32
CA ASP B 369 -25.99 19.78 -1.09
C ASP B 369 -25.15 18.96 -0.13
N VAL B 370 -24.68 19.59 0.91
CA VAL B 370 -23.86 18.91 1.91
C VAL B 370 -24.55 19.06 3.24
N GLU B 371 -24.21 18.19 4.18
CA GLU B 371 -24.85 18.19 5.48
C GLU B 371 -24.32 19.27 6.39
N SER B 372 -25.10 19.61 7.39
CA SER B 372 -24.66 20.55 8.39
C SER B 372 -23.54 19.93 9.18
N GLY B 373 -22.61 20.75 9.63
CA GLY B 373 -21.51 20.24 10.43
C GLY B 373 -20.35 21.19 10.44
N VAL B 374 -19.27 20.78 11.09
CA VAL B 374 -18.08 21.59 11.15
C VAL B 374 -16.97 20.83 10.44
N TYR B 375 -16.51 21.36 9.32
CA TYR B 375 -15.62 20.63 8.46
C TYR B 375 -14.25 21.26 8.31
N SER B 376 -13.21 20.45 8.34
CA SER B 376 -11.90 21.00 8.04
C SER B 376 -11.74 21.13 6.54
N VAL B 377 -11.16 22.25 6.13
CA VAL B 377 -10.89 22.54 4.72
C VAL B 377 -9.44 22.96 4.57
N SER B 378 -9.03 23.29 3.35
CA SER B 378 -7.64 23.65 3.15
C SER B 378 -7.27 24.86 3.96
N SER B 379 -6.06 24.83 4.50
CA SER B 379 -5.55 25.93 5.29
C SER B 379 -5.35 27.15 4.44
N PHE B 380 -5.36 28.32 5.06
CA PHE B 380 -5.10 29.56 4.34
C PHE B 380 -3.60 29.57 4.20
N GLU B 381 -3.14 29.49 2.98
CA GLU B 381 -1.72 29.43 2.71
C GLU B 381 -1.04 30.78 2.90
N ALA B 382 0.14 30.74 3.49
CA ALA B 382 0.96 31.92 3.58
C ALA B 382 1.71 32.06 2.28
N LYS B 383 1.86 33.27 1.79
CA LYS B 383 2.61 33.45 0.56
C LYS B 383 3.86 34.25 0.87
N PRO B 384 4.97 33.99 0.18
CA PRO B 384 6.19 34.75 0.25
C PRO B 384 5.92 36.20 -0.11
N SER B 385 6.53 37.09 0.65
CA SER B 385 6.45 38.53 0.42
C SER B 385 7.78 39.02 -0.11
N GLY B 386 8.67 38.08 -0.39
CA GLY B 386 10.01 38.40 -0.85
C GLY B 386 10.87 37.16 -0.90
N SER B 387 12.17 37.36 -1.07
CA SER B 387 13.12 36.28 -1.15
C SER B 387 14.47 36.68 -0.60
N VAL B 388 15.23 35.71 -0.11
CA VAL B 388 16.58 35.97 0.34
C VAL B 388 17.55 35.04 -0.36
N VAL B 389 18.71 35.58 -0.74
CA VAL B 389 19.68 34.76 -1.41
C VAL B 389 21.09 34.97 -0.88
N GLU B 390 21.78 33.87 -0.59
CA GLU B 390 23.19 33.94 -0.26
C GLU B 390 23.94 32.91 -1.07
N GLN B 391 25.01 33.33 -1.70
CA GLN B 391 25.84 32.44 -2.48
C GLN B 391 27.25 32.84 -2.26
N ALA B 392 28.17 31.93 -2.49
CA ALA B 392 29.54 32.36 -2.44
C ALA B 392 29.74 33.30 -3.62
N GLU B 393 30.37 34.43 -3.37
CA GLU B 393 30.67 35.36 -4.43
C GLU B 393 32.16 35.61 -4.41
N GLY B 394 32.83 35.26 -5.48
CA GLY B 394 34.27 35.45 -5.47
C GLY B 394 34.92 35.01 -6.75
N VAL B 395 35.88 34.11 -6.61
CA VAL B 395 36.66 33.63 -7.71
C VAL B 395 35.83 32.81 -8.67
N GLU B 396 36.09 32.92 -9.96
CA GLU B 396 35.38 32.04 -10.84
C GLU B 396 36.09 30.71 -10.91
N CYS B 397 35.37 29.74 -11.38
CA CYS B 397 35.91 28.40 -11.54
C CYS B 397 36.92 28.38 -12.69
N ASP B 398 38.13 27.92 -12.40
CA ASP B 398 39.24 28.01 -13.33
C ASP B 398 39.37 26.82 -14.28
N PHE B 399 39.06 27.05 -15.55
CA PHE B 399 39.13 26.01 -16.56
C PHE B 399 40.40 26.15 -17.38
N SER B 400 41.33 26.96 -16.91
CA SER B 400 42.57 27.21 -17.62
C SER B 400 43.41 25.95 -17.90
N PRO B 401 43.64 25.03 -16.94
CA PRO B 401 44.47 23.85 -17.13
C PRO B 401 44.05 23.05 -18.35
N LEU B 402 42.76 23.04 -18.59
CA LEU B 402 42.12 22.33 -19.67
C LEU B 402 42.57 22.82 -21.04
N LEU B 403 42.85 24.11 -21.12
CA LEU B 403 43.14 24.79 -22.37
C LEU B 403 44.62 24.82 -22.69
N SER B 404 45.46 24.22 -21.85
CA SER B 404 46.89 24.35 -22.07
C SER B 404 47.62 23.01 -22.13
N GLY B 405 48.24 22.75 -23.28
CA GLY B 405 49.02 21.54 -23.48
C GLY B 405 48.24 20.48 -24.23
N THR B 406 48.78 19.26 -24.23
CA THR B 406 48.16 18.15 -24.95
C THR B 406 47.24 17.44 -23.97
N PRO B 407 45.93 17.32 -24.24
CA PRO B 407 45.00 16.62 -23.40
C PRO B 407 45.41 15.16 -23.32
N PRO B 408 45.08 14.49 -22.24
CA PRO B 408 45.36 13.11 -21.96
C PRO B 408 44.50 12.18 -22.78
N GLN B 409 44.88 10.93 -22.83
CA GLN B 409 44.03 9.93 -23.46
C GLN B 409 42.88 9.58 -22.54
N VAL B 410 41.85 8.96 -23.09
CA VAL B 410 40.66 8.60 -22.33
C VAL B 410 40.92 7.84 -21.04
N TYR B 411 41.96 7.01 -20.97
CA TYR B 411 42.23 6.24 -19.76
C TYR B 411 43.05 7.03 -18.75
N ASN B 412 43.57 8.16 -19.17
CA ASN B 412 44.38 9.05 -18.36
C ASN B 412 43.70 10.38 -18.18
N PHE B 413 42.39 10.39 -18.23
CA PHE B 413 41.67 11.64 -18.17
C PHE B 413 42.12 12.48 -17.01
N LYS B 414 42.13 13.79 -17.19
CA LYS B 414 42.48 14.67 -16.10
C LYS B 414 41.24 15.19 -15.46
N ARG B 415 41.32 15.39 -14.16
CA ARG B 415 40.18 15.84 -13.41
C ARG B 415 40.35 17.19 -12.75
N LEU B 416 39.40 18.07 -13.01
CA LEU B 416 39.35 19.36 -12.35
C LEU B 416 38.17 19.39 -11.40
N VAL B 417 38.45 19.61 -10.12
CA VAL B 417 37.38 19.61 -9.15
C VAL B 417 37.12 21.01 -8.67
N PHE B 418 35.90 21.47 -8.86
CA PHE B 418 35.53 22.82 -8.53
C PHE B 418 34.66 22.91 -7.30
N THR B 419 35.12 23.68 -6.33
CA THR B 419 34.39 23.97 -5.10
C THR B 419 34.55 25.44 -4.78
N ASN B 420 33.63 26.02 -4.02
CA ASN B 420 33.77 27.41 -3.57
C ASN B 420 34.09 28.41 -4.69
N CYS B 421 33.33 28.37 -5.79
CA CYS B 421 33.58 29.24 -6.96
C CYS B 421 32.32 29.49 -7.77
N ASN B 422 32.41 30.48 -8.65
CA ASN B 422 31.31 30.79 -9.54
C ASN B 422 31.57 30.15 -10.89
N TYR B 423 30.68 29.28 -11.32
CA TYR B 423 30.94 28.58 -12.56
C TYR B 423 30.13 29.18 -13.69
N ASN B 424 30.63 28.99 -14.91
CA ASN B 424 29.99 29.42 -16.14
C ASN B 424 30.36 28.42 -17.25
N LEU B 425 29.38 27.58 -17.65
CA LEU B 425 29.63 26.56 -18.68
C LEU B 425 29.80 27.17 -20.05
N THR B 426 29.07 28.22 -20.34
CA THR B 426 29.18 28.87 -21.64
C THR B 426 30.57 29.35 -21.97
N LYS B 427 31.27 29.81 -20.94
CA LYS B 427 32.61 30.35 -20.99
C LYS B 427 33.65 29.30 -21.34
N LEU B 428 33.27 28.06 -21.16
CA LEU B 428 34.10 26.92 -21.50
C LEU B 428 33.66 26.41 -22.86
N LEU B 429 32.37 26.24 -23.02
CA LEU B 429 31.78 25.67 -24.21
C LEU B 429 31.99 26.54 -25.44
N SER B 430 32.01 27.85 -25.25
CA SER B 430 32.15 28.79 -26.35
C SER B 430 33.52 28.72 -27.00
N LEU B 431 34.46 28.05 -26.36
CA LEU B 431 35.80 27.91 -26.89
C LEU B 431 35.92 26.69 -27.79
N PHE B 432 34.90 25.86 -27.83
CA PHE B 432 34.96 24.62 -28.59
C PHE B 432 33.80 24.48 -29.53
N SER B 433 33.97 23.71 -30.58
CA SER B 433 32.85 23.41 -31.44
C SER B 433 32.16 22.16 -30.90
N VAL B 434 31.06 22.35 -30.20
CA VAL B 434 30.43 21.25 -29.50
C VAL B 434 29.62 20.39 -30.44
N ASN B 435 29.93 19.10 -30.44
CA ASN B 435 29.29 18.15 -31.32
C ASN B 435 28.15 17.45 -30.62
N ASP B 436 28.33 17.24 -29.33
CA ASP B 436 27.34 16.53 -28.53
C ASP B 436 27.37 17.03 -27.10
N PHE B 437 26.21 17.32 -26.55
CA PHE B 437 26.12 17.74 -25.17
C PHE B 437 24.86 17.19 -24.56
N THR B 438 24.98 16.06 -23.88
CA THR B 438 23.80 15.44 -23.30
C THR B 438 23.96 15.27 -21.81
N CYS B 439 22.82 15.31 -21.08
CA CYS B 439 22.78 15.19 -19.63
C CYS B 439 21.93 14.02 -19.17
N SER B 440 22.26 13.50 -18.01
CA SER B 440 21.58 12.38 -17.39
C SER B 440 21.35 12.63 -15.90
N GLN B 441 20.09 12.48 -15.49
CA GLN B 441 19.63 12.70 -14.12
C GLN B 441 19.74 14.15 -13.68
N ILE B 442 19.75 15.05 -14.66
CA ILE B 442 19.71 16.48 -14.46
C ILE B 442 19.21 17.09 -15.74
N SER B 443 18.36 18.09 -15.65
CA SER B 443 17.92 18.71 -16.87
C SER B 443 19.03 19.55 -17.47
N PRO B 444 19.05 19.72 -18.79
CA PRO B 444 19.84 20.66 -19.54
C PRO B 444 19.75 22.09 -19.03
N ALA B 445 18.58 22.51 -18.58
CA ALA B 445 18.42 23.85 -18.06
C ALA B 445 19.08 23.98 -16.70
N ALA B 446 19.01 22.91 -15.92
CA ALA B 446 19.54 22.85 -14.58
C ALA B 446 21.05 22.77 -14.56
N ILE B 447 21.66 22.07 -15.49
CA ILE B 447 23.11 21.91 -15.40
C ILE B 447 23.83 23.25 -15.41
N ALA B 448 23.28 24.23 -16.12
CA ALA B 448 23.89 25.54 -16.19
C ALA B 448 23.39 26.54 -15.14
N SER B 449 22.40 26.16 -14.33
CA SER B 449 21.80 27.12 -13.40
C SER B 449 21.75 26.71 -11.93
N ASN B 450 21.99 25.43 -11.62
CA ASN B 450 21.90 24.98 -10.23
C ASN B 450 23.20 25.17 -9.45
N CYS B 451 23.09 25.16 -8.11
CA CYS B 451 24.24 25.17 -7.20
C CYS B 451 24.61 23.75 -6.82
N TYR B 452 25.91 23.50 -6.72
CA TYR B 452 26.42 22.18 -6.42
C TYR B 452 27.41 22.20 -5.25
N SER B 453 27.56 21.07 -4.58
CA SER B 453 28.59 20.93 -3.56
C SER B 453 29.91 20.97 -4.25
N SER B 454 29.94 20.29 -5.38
CA SER B 454 31.12 20.21 -6.21
C SER B 454 30.75 19.95 -7.64
N LEU B 455 31.62 20.37 -8.54
CA LEU B 455 31.49 20.03 -9.93
C LEU B 455 32.80 19.44 -10.38
N ILE B 456 32.74 18.25 -10.94
CA ILE B 456 33.93 17.56 -11.37
C ILE B 456 33.98 17.46 -12.87
N LEU B 457 35.05 17.98 -13.45
CA LEU B 457 35.22 17.97 -14.90
C LEU B 457 36.38 17.07 -15.34
N ASP B 458 36.05 16.00 -16.05
CA ASP B 458 37.01 15.03 -16.56
C ASP B 458 37.27 15.25 -18.04
N TYR B 459 38.47 15.65 -18.42
CA TYR B 459 38.67 15.93 -19.83
C TYR B 459 39.75 15.06 -20.44
N PHE B 460 39.54 14.72 -21.70
CA PHE B 460 40.45 13.86 -22.44
C PHE B 460 40.28 13.95 -23.94
N SER B 461 41.28 13.52 -24.67
CA SER B 461 41.18 13.39 -26.12
C SER B 461 40.29 12.21 -26.44
N TYR B 462 39.41 12.38 -27.40
CA TYR B 462 38.52 11.29 -27.75
C TYR B 462 38.00 11.44 -29.17
N PRO B 463 38.15 10.43 -30.03
CA PRO B 463 37.69 10.46 -31.39
C PRO B 463 36.18 10.49 -31.37
N LEU B 464 35.60 11.31 -32.22
CA LEU B 464 34.16 11.44 -32.28
C LEU B 464 33.55 10.20 -32.91
N SER B 465 34.36 9.47 -33.65
CA SER B 465 33.94 8.26 -34.32
C SER B 465 33.60 7.15 -33.32
N MET B 466 34.03 7.32 -32.07
CA MET B 466 33.75 6.35 -31.03
C MET B 466 32.71 6.88 -30.06
N LYS B 467 31.97 7.90 -30.48
CA LYS B 467 30.95 8.56 -29.68
C LYS B 467 30.10 7.61 -28.86
N SER B 468 29.60 6.57 -29.51
CA SER B 468 28.67 5.64 -28.90
C SER B 468 29.27 4.81 -27.80
N ASP B 469 30.58 4.77 -27.71
CA ASP B 469 31.21 3.89 -26.75
C ASP B 469 31.32 4.54 -25.39
N LEU B 470 30.86 5.79 -25.28
CA LEU B 470 30.78 6.48 -24.02
C LEU B 470 29.39 6.39 -23.41
N SER B 471 28.50 5.69 -24.10
CA SER B 471 27.14 5.47 -23.61
C SER B 471 27.11 4.54 -22.43
N VAL B 472 26.18 4.76 -21.53
CA VAL B 472 25.99 3.90 -20.36
C VAL B 472 25.62 2.46 -20.77
N SER B 473 25.01 2.30 -21.93
CA SER B 473 24.61 0.99 -22.40
C SER B 473 25.72 0.26 -23.14
N SER B 474 26.84 0.94 -23.38
CA SER B 474 27.94 0.38 -24.14
C SER B 474 28.66 -0.73 -23.42
N ALA B 475 29.05 -1.74 -24.19
CA ALA B 475 29.83 -2.86 -23.70
C ALA B 475 31.15 -2.95 -24.43
N GLY B 476 31.55 -1.84 -25.02
CA GLY B 476 32.80 -1.79 -25.74
C GLY B 476 33.94 -1.45 -24.80
N PRO B 477 35.16 -1.39 -25.32
CA PRO B 477 36.40 -1.09 -24.64
C PRO B 477 36.39 0.16 -23.78
N ILE B 478 35.70 1.20 -24.20
CA ILE B 478 35.80 2.43 -23.46
C ILE B 478 35.06 2.37 -22.14
N SER B 479 33.83 1.93 -22.17
CA SER B 479 33.08 1.85 -20.93
C SER B 479 33.56 0.73 -20.03
N GLN B 480 34.24 -0.26 -20.60
CA GLN B 480 34.70 -1.37 -19.78
C GLN B 480 36.07 -1.16 -19.18
N PHE B 481 37.00 -0.55 -19.92
CA PHE B 481 38.36 -0.45 -19.43
C PHE B 481 38.95 0.95 -19.32
N ASN B 482 38.27 1.96 -19.80
CA ASN B 482 38.89 3.27 -19.86
C ASN B 482 38.21 4.31 -19.02
N TYR B 483 36.96 4.58 -19.33
CA TYR B 483 36.25 5.65 -18.65
C TYR B 483 34.77 5.36 -18.56
N LYS B 484 34.25 5.49 -17.35
CA LYS B 484 32.84 5.30 -17.12
C LYS B 484 32.35 6.42 -16.22
N GLN B 485 31.17 6.94 -16.50
CA GLN B 485 30.59 7.99 -15.69
C GLN B 485 29.83 7.39 -14.53
N SER B 486 29.67 8.17 -13.48
CA SER B 486 28.93 7.74 -12.29
C SER B 486 27.49 7.43 -12.59
N PHE B 487 26.95 6.49 -11.83
CA PHE B 487 25.55 6.13 -11.96
C PHE B 487 24.70 6.77 -10.89
N SER B 488 25.35 7.26 -9.84
CA SER B 488 24.66 7.77 -8.68
C SER B 488 24.55 9.28 -8.67
N ASN B 489 25.45 9.94 -9.37
CA ASN B 489 25.42 11.38 -9.44
C ASN B 489 24.88 11.78 -10.80
N PRO B 490 24.26 12.95 -10.94
CA PRO B 490 23.94 13.57 -12.19
C PRO B 490 25.19 13.85 -12.99
N THR B 491 25.13 13.56 -14.27
CA THR B 491 26.27 13.76 -15.14
C THR B 491 25.88 14.37 -16.48
N CYS B 492 26.85 14.96 -17.17
CA CYS B 492 26.73 15.42 -18.54
C CYS B 492 27.96 14.99 -19.32
N LEU B 493 27.77 14.64 -20.57
CA LEU B 493 28.87 14.31 -21.43
C LEU B 493 28.93 15.24 -22.62
N ILE B 494 30.07 15.87 -22.79
CA ILE B 494 30.27 16.80 -23.87
C ILE B 494 31.36 16.32 -24.80
N LEU B 495 31.07 16.29 -26.08
CA LEU B 495 32.06 15.96 -27.07
C LEU B 495 32.24 17.17 -27.94
N ALA B 496 33.47 17.61 -28.11
CA ALA B 496 33.68 18.84 -28.87
C ALA B 496 34.99 18.83 -29.61
N THR B 497 35.04 19.58 -30.68
CA THR B 497 36.22 19.71 -31.49
C THR B 497 36.94 21.00 -31.20
N VAL B 498 38.27 20.91 -31.06
CA VAL B 498 39.09 22.08 -30.82
C VAL B 498 39.23 22.86 -32.12
N PRO B 499 38.83 24.14 -32.17
CA PRO B 499 38.91 25.03 -33.31
C PRO B 499 40.35 25.26 -33.73
N HIS B 500 40.55 25.56 -35.00
CA HIS B 500 41.89 25.79 -35.52
C HIS B 500 42.64 26.95 -34.85
N ASN B 501 41.89 27.98 -34.41
CA ASN B 501 42.47 29.17 -33.78
C ASN B 501 42.74 28.99 -32.27
N LEU B 502 42.36 27.83 -31.66
CA LEU B 502 42.60 27.59 -30.23
C LEU B 502 43.96 26.91 -30.13
N THR B 503 45.01 27.69 -30.28
CA THR B 503 46.35 27.16 -30.47
C THR B 503 47.04 26.79 -29.18
N THR B 504 46.37 27.00 -28.06
CA THR B 504 46.94 26.66 -26.76
C THR B 504 46.77 25.18 -26.47
N ILE B 505 45.88 24.51 -27.20
CA ILE B 505 45.69 23.07 -27.06
C ILE B 505 46.38 22.37 -28.20
N THR B 506 47.28 21.47 -27.86
CA THR B 506 48.05 20.77 -28.86
C THR B 506 47.53 19.37 -29.04
N LYS B 507 47.96 18.69 -30.08
CA LYS B 507 47.42 17.37 -30.35
C LYS B 507 48.43 16.28 -30.03
N PRO B 508 47.97 15.11 -29.60
CA PRO B 508 48.73 13.89 -29.50
C PRO B 508 48.89 13.35 -30.90
N LEU B 509 49.73 12.35 -31.05
CA LEU B 509 49.98 11.77 -32.36
C LEU B 509 48.83 10.90 -32.85
N LYS B 510 48.08 10.38 -31.90
CA LYS B 510 46.97 9.49 -32.18
C LYS B 510 46.08 9.43 -30.97
N TYR B 511 44.88 8.93 -31.14
CA TYR B 511 44.04 8.68 -30.00
C TYR B 511 44.35 7.29 -29.56
N SER B 512 44.29 7.02 -28.28
CA SER B 512 44.50 5.64 -27.89
C SER B 512 43.66 5.26 -26.71
N TYR B 513 43.47 3.97 -26.55
CA TYR B 513 42.66 3.44 -25.50
C TYR B 513 43.07 2.04 -25.14
N ILE B 514 42.59 1.59 -24.00
CA ILE B 514 42.81 0.23 -23.56
C ILE B 514 41.70 -0.66 -24.08
N ASN B 515 42.03 -1.74 -24.74
CA ASN B 515 40.98 -2.61 -25.23
C ASN B 515 40.93 -3.89 -24.42
N LYS B 516 41.91 -4.05 -23.57
CA LYS B 516 41.98 -5.20 -22.69
C LYS B 516 42.65 -4.80 -21.40
N CYS B 517 42.11 -5.25 -20.28
CA CYS B 517 42.70 -5.10 -18.95
C CYS B 517 42.23 -6.26 -18.10
N SER B 518 43.16 -7.05 -17.62
CA SER B 518 42.83 -8.23 -16.86
C SER B 518 43.94 -8.66 -15.93
N ARG B 519 43.62 -9.55 -15.00
CA ARG B 519 44.63 -10.12 -14.16
C ARG B 519 44.77 -11.60 -14.39
N LEU B 520 46.00 -12.06 -14.39
CA LEU B 520 46.29 -13.46 -14.48
C LEU B 520 46.59 -13.89 -13.08
N LEU B 521 45.78 -14.77 -12.54
CA LEU B 521 45.91 -15.14 -11.15
C LEU B 521 47.15 -16.00 -10.97
N SER B 522 47.58 -16.20 -9.71
CA SER B 522 48.83 -16.91 -9.43
C SER B 522 48.85 -18.35 -9.94
N ASP B 523 47.69 -18.92 -10.20
CA ASP B 523 47.58 -20.26 -10.76
C ASP B 523 47.99 -20.31 -12.22
N ASP B 524 48.02 -19.13 -12.85
CA ASP B 524 48.32 -18.93 -14.26
C ASP B 524 47.40 -19.69 -15.20
N ARG B 525 46.14 -19.86 -14.80
CA ARG B 525 45.14 -20.48 -15.64
C ARG B 525 43.95 -19.54 -15.84
N THR B 526 43.56 -18.86 -14.75
CA THR B 526 42.38 -18.02 -14.78
C THR B 526 42.69 -16.55 -15.02
N GLU B 527 42.04 -16.00 -16.02
CA GLU B 527 42.16 -14.59 -16.39
C GLU B 527 40.90 -13.84 -16.00
N VAL B 528 41.08 -12.80 -15.20
CA VAL B 528 39.96 -12.03 -14.68
C VAL B 528 39.95 -10.59 -15.20
N PRO B 529 38.99 -10.20 -16.03
CA PRO B 529 38.84 -8.86 -16.58
C PRO B 529 38.75 -7.84 -15.46
N GLN B 530 39.48 -6.76 -15.61
CA GLN B 530 39.48 -5.70 -14.62
C GLN B 530 38.71 -4.50 -15.13
N LEU B 531 37.46 -4.40 -14.74
CA LEU B 531 36.62 -3.37 -15.29
C LEU B 531 36.79 -2.08 -14.52
N VAL B 532 36.73 -0.97 -15.24
CA VAL B 532 36.87 0.32 -14.63
C VAL B 532 35.62 0.70 -13.87
N ASN B 533 35.80 1.28 -12.70
CA ASN B 533 34.67 1.74 -11.90
C ASN B 533 34.32 3.13 -12.33
N ALA B 534 33.09 3.54 -12.06
CA ALA B 534 32.70 4.88 -12.42
C ALA B 534 33.55 5.89 -11.68
N ASN B 535 33.98 6.91 -12.41
CA ASN B 535 34.82 8.01 -11.93
C ASN B 535 36.21 7.58 -11.48
N GLN B 536 36.62 6.37 -11.80
CA GLN B 536 37.95 5.94 -11.41
C GLN B 536 38.83 5.65 -12.60
N TYR B 537 40.10 5.41 -12.32
CA TYR B 537 41.04 5.05 -13.35
C TYR B 537 41.14 3.54 -13.38
N SER B 538 41.35 2.99 -14.56
CA SER B 538 41.59 1.57 -14.69
C SER B 538 42.87 1.19 -13.97
N PRO B 539 42.96 0.02 -13.34
CA PRO B 539 44.14 -0.48 -12.69
C PRO B 539 45.33 -0.66 -13.65
N CYS B 540 45.06 -0.75 -14.97
CA CYS B 540 46.07 -0.94 -16.00
C CYS B 540 46.69 0.38 -16.42
N VAL B 541 46.22 1.48 -15.86
CA VAL B 541 46.78 2.77 -16.20
C VAL B 541 48.26 2.82 -15.86
N SER B 542 48.65 2.15 -14.79
CA SER B 542 50.04 2.10 -14.39
C SER B 542 50.94 1.28 -15.35
N ILE B 543 50.37 0.46 -16.23
CA ILE B 543 51.21 -0.32 -17.14
C ILE B 543 51.10 0.17 -18.59
N VAL B 544 50.03 0.88 -18.88
CA VAL B 544 49.81 1.43 -20.22
C VAL B 544 50.37 2.86 -20.28
N PRO B 545 51.26 3.17 -21.22
CA PRO B 545 51.93 4.44 -21.40
C PRO B 545 50.95 5.51 -21.81
N SER B 546 51.36 6.77 -21.73
CA SER B 546 50.46 7.88 -22.05
C SER B 546 49.93 7.83 -23.47
N THR B 547 50.70 7.24 -24.38
CA THR B 547 50.25 7.03 -25.74
C THR B 547 50.58 5.61 -26.12
N VAL B 548 49.61 4.90 -26.69
CA VAL B 548 49.89 3.56 -27.18
C VAL B 548 50.71 3.69 -28.45
N TRP B 549 51.85 3.02 -28.50
CA TRP B 549 52.74 3.16 -29.64
C TRP B 549 52.11 2.57 -30.90
N GLU B 550 51.72 1.30 -30.83
CA GLU B 550 51.06 0.66 -31.95
C GLU B 550 49.82 -0.09 -31.52
N ASP B 551 48.86 -0.17 -32.41
CA ASP B 551 47.65 -0.91 -32.13
C ASP B 551 48.01 -2.37 -31.87
N GLY B 552 47.53 -2.91 -30.75
CA GLY B 552 47.84 -4.28 -30.40
C GLY B 552 48.96 -4.41 -29.38
N ASP B 553 49.60 -3.30 -29.00
CA ASP B 553 50.66 -3.37 -28.01
C ASP B 553 50.17 -4.01 -26.74
N TYR B 554 50.98 -4.90 -26.19
CA TYR B 554 50.64 -5.64 -25.00
C TYR B 554 51.53 -5.24 -23.85
N TYR B 555 50.92 -5.06 -22.69
CA TYR B 555 51.62 -4.60 -21.52
C TYR B 555 51.45 -5.60 -20.41
N ARG B 556 52.44 -5.73 -19.55
CA ARG B 556 52.32 -6.63 -18.42
C ARG B 556 53.11 -6.14 -17.24
N LYS B 557 52.62 -6.43 -16.05
CA LYS B 557 53.34 -6.15 -14.82
C LYS B 557 53.20 -7.29 -13.83
N GLN B 558 54.31 -7.65 -13.20
CA GLN B 558 54.26 -8.64 -12.15
C GLN B 558 53.72 -7.97 -10.90
N LEU B 559 52.66 -8.52 -10.33
CA LEU B 559 52.08 -7.96 -9.13
C LEU B 559 52.74 -8.54 -7.90
N SER B 560 52.85 -7.71 -6.88
CA SER B 560 53.40 -8.15 -5.60
C SER B 560 52.34 -8.95 -4.84
N PRO B 561 52.71 -9.74 -3.84
CA PRO B 561 51.82 -10.42 -2.92
C PRO B 561 50.81 -9.47 -2.27
N LEU B 562 51.21 -8.21 -2.04
CA LEU B 562 50.33 -7.20 -1.43
C LEU B 562 49.19 -6.82 -2.37
N GLU B 563 49.42 -7.07 -3.65
CA GLU B 563 48.51 -6.76 -4.73
C GLU B 563 47.74 -8.01 -5.16
N GLY B 564 47.93 -9.10 -4.41
CA GLY B 564 47.26 -10.37 -4.68
C GLY B 564 48.08 -11.32 -5.53
N GLY B 565 49.23 -10.86 -6.00
CA GLY B 565 50.10 -11.69 -6.82
C GLY B 565 49.57 -11.82 -8.24
N GLY B 566 50.23 -12.62 -9.04
CA GLY B 566 49.83 -12.80 -10.42
C GLY B 566 50.32 -11.66 -11.28
N TRP B 567 49.72 -11.51 -12.44
CA TRP B 567 50.11 -10.50 -13.40
C TRP B 567 48.98 -9.58 -13.75
N LEU B 568 49.31 -8.34 -14.01
CA LEU B 568 48.32 -7.42 -14.56
C LEU B 568 48.67 -7.23 -16.01
N VAL B 569 47.73 -7.49 -16.89
CA VAL B 569 48.02 -7.36 -18.30
C VAL B 569 47.02 -6.48 -19.02
N ALA B 570 47.46 -5.89 -20.11
CA ALA B 570 46.59 -5.02 -20.88
C ALA B 570 47.00 -4.93 -22.30
N SER B 571 46.07 -4.56 -23.16
CA SER B 571 46.39 -4.29 -24.53
C SER B 571 45.84 -2.94 -24.91
N GLY B 572 46.56 -2.24 -25.75
CA GLY B 572 46.10 -0.96 -26.21
C GLY B 572 45.73 -1.01 -27.67
N SER B 573 45.03 0.01 -28.11
CA SER B 573 44.64 0.16 -29.49
C SER B 573 44.58 1.62 -29.84
N THR B 574 44.61 1.92 -31.13
CA THR B 574 44.67 3.31 -31.55
C THR B 574 43.65 3.70 -32.60
N VAL B 575 43.43 5.00 -32.68
CA VAL B 575 42.62 5.61 -33.73
C VAL B 575 43.40 6.76 -34.36
N ALA B 576 43.42 6.81 -35.68
CA ALA B 576 44.18 7.84 -36.35
C ALA B 576 43.71 9.22 -35.94
N MET B 577 44.65 10.13 -35.81
CA MET B 577 44.33 11.49 -35.44
C MET B 577 43.63 12.23 -36.56
N THR B 578 42.65 13.01 -36.16
CA THR B 578 41.84 13.85 -37.03
C THR B 578 42.41 15.23 -37.31
N GLU B 579 41.81 15.94 -38.27
CA GLU B 579 42.28 17.28 -38.64
C GLU B 579 42.31 18.22 -37.45
N GLN B 580 41.24 18.20 -36.68
CA GLN B 580 41.13 18.98 -35.46
C GLN B 580 40.99 18.04 -34.30
N LEU B 581 41.58 18.38 -33.18
CA LEU B 581 41.51 17.47 -32.04
C LEU B 581 40.11 17.38 -31.48
N GLN B 582 39.65 16.16 -31.27
CA GLN B 582 38.36 15.94 -30.68
C GLN B 582 38.55 15.59 -29.22
N MET B 583 37.72 16.17 -28.36
CA MET B 583 37.80 15.98 -26.92
C MET B 583 36.50 15.59 -26.27
N GLY B 584 36.60 14.80 -25.22
CA GLY B 584 35.45 14.50 -24.39
C GLY B 584 35.57 15.21 -23.04
N PHE B 585 34.44 15.62 -22.50
CA PHE B 585 34.40 16.26 -21.20
C PHE B 585 33.30 15.65 -20.37
N GLY B 586 33.65 15.02 -19.28
CA GLY B 586 32.65 14.44 -18.41
C GLY B 586 32.39 15.37 -17.24
N ILE B 587 31.15 15.72 -17.01
CA ILE B 587 30.82 16.54 -15.87
C ILE B 587 29.98 15.77 -14.89
N THR B 588 30.41 15.76 -13.65
CA THR B 588 29.66 15.11 -12.58
C THR B 588 29.37 16.14 -11.51
N VAL B 589 28.14 16.20 -11.04
CA VAL B 589 27.84 17.16 -9.99
C VAL B 589 27.24 16.51 -8.76
N GLN B 590 27.64 17.00 -7.60
CA GLN B 590 27.11 16.52 -6.33
C GLN B 590 26.30 17.64 -5.69
N TYR B 591 25.19 17.28 -5.06
CA TYR B 591 24.26 18.26 -4.48
C TYR B 591 24.15 18.42 -2.97
N GLY B 592 25.02 17.83 -2.17
CA GLY B 592 24.84 18.06 -0.74
C GLY B 592 25.84 17.35 0.18
N THR B 593 27.11 17.49 -0.12
CA THR B 593 28.16 16.90 0.70
C THR B 593 28.88 18.01 1.45
N ASP B 594 28.46 19.23 1.16
CA ASP B 594 29.07 20.44 1.64
C ASP B 594 28.12 21.59 1.37
N THR B 595 28.52 22.78 1.73
CA THR B 595 27.79 23.98 1.32
C THR B 595 27.78 23.99 -0.21
N ASN B 596 26.63 24.20 -0.85
CA ASN B 596 26.64 24.15 -2.31
C ASN B 596 27.11 25.46 -2.87
N SER B 597 28.42 25.63 -2.80
CA SER B 597 29.09 26.87 -3.12
C SER B 597 29.60 26.93 -4.56
N VAL B 598 29.23 25.95 -5.37
CA VAL B 598 29.55 26.02 -6.80
C VAL B 598 28.28 26.48 -7.51
N CYS B 599 28.18 27.78 -7.80
CA CYS B 599 26.95 28.42 -8.27
C CYS B 599 27.23 29.25 -9.51
N PRO B 600 26.22 29.58 -10.29
CA PRO B 600 26.25 30.57 -11.35
C PRO B 600 26.60 31.91 -10.75
N LYS B 601 27.19 32.81 -11.52
CA LYS B 601 27.48 34.11 -10.95
C LYS B 601 26.24 34.97 -10.88
N LEU B 602 25.90 35.38 -9.67
CA LEU B 602 24.69 36.16 -9.43
C LEU B 602 25.01 37.56 -8.95
N GLU B 603 24.40 38.56 -9.58
CA GLU B 603 24.56 39.93 -9.14
C GLU B 603 23.58 40.19 -8.01
N PHE B 604 24.09 40.54 -6.84
CA PHE B 604 23.25 40.68 -5.67
C PHE B 604 22.65 42.06 -5.45
N ALA B 605 21.43 42.05 -4.96
CA ALA B 605 20.70 43.24 -4.55
C ALA B 605 20.56 43.22 -3.04
N ASN B 606 20.39 44.39 -2.41
CA ASN B 606 20.27 44.47 -0.95
C ASN B 606 18.83 44.22 -0.45
N ASP B 607 17.91 43.86 -1.37
CA ASP B 607 16.54 43.49 -1.02
C ASP B 607 16.42 41.97 -0.93
N THR B 608 17.55 41.27 -1.00
CA THR B 608 17.57 39.82 -0.87
C THR B 608 18.37 39.39 0.36
N LYS B 609 18.58 40.31 1.27
CA LYS B 609 19.28 40.00 2.50
C LYS B 609 18.31 39.42 3.52
N ILE B 610 18.84 38.64 4.46
CA ILE B 610 18.00 38.09 5.52
C ILE B 610 17.66 39.12 6.58
N ALA B 611 18.66 39.90 7.01
CA ALA B 611 18.45 40.83 8.10
C ALA B 611 17.35 41.84 7.77
N SER B 612 17.23 42.19 6.50
CA SER B 612 16.25 43.18 6.06
C SER B 612 14.83 42.62 5.94
N GLN B 613 14.66 41.30 6.06
CA GLN B 613 13.35 40.69 5.92
C GLN B 613 12.99 39.76 7.07
N LEU B 614 13.47 40.06 8.27
CA LEU B 614 13.18 39.17 9.38
C LEU B 614 11.71 39.23 9.74
N GLY B 615 11.16 38.07 10.07
CA GLY B 615 9.78 37.95 10.49
C GLY B 615 8.83 37.73 9.31
N ASN B 616 9.33 37.85 8.10
CA ASN B 616 8.50 37.69 6.92
C ASN B 616 8.64 36.29 6.35
N CYS B 617 7.61 35.85 5.60
CA CYS B 617 7.69 34.61 4.81
C CYS B 617 8.40 34.93 3.50
N VAL B 618 9.50 34.26 3.28
CA VAL B 618 10.26 34.49 2.07
C VAL B 618 10.68 33.19 1.43
N GLU B 619 10.97 33.26 0.15
CA GLU B 619 11.60 32.14 -0.50
C GLU B 619 13.07 32.29 -0.24
N TYR B 620 13.78 31.21 -0.03
CA TYR B 620 15.20 31.37 0.17
C TYR B 620 16.01 30.44 -0.68
N SER B 621 17.21 30.88 -0.99
CA SER B 621 18.22 30.08 -1.62
C SER B 621 19.54 30.39 -0.95
N LEU B 622 19.97 29.51 -0.08
CA LEU B 622 21.17 29.71 0.71
C LEU B 622 22.18 28.68 0.31
N TYR B 623 23.15 29.09 -0.50
CA TYR B 623 24.15 28.20 -1.00
C TYR B 623 23.54 26.92 -1.50
N GLY B 624 22.53 27.06 -2.34
CA GLY B 624 21.89 25.93 -3.00
C GLY B 624 20.77 25.28 -2.21
N VAL B 625 20.62 25.65 -0.96
CA VAL B 625 19.57 25.06 -0.13
C VAL B 625 18.37 25.97 -0.25
N SER B 626 17.24 25.43 -0.63
CA SER B 626 16.11 26.31 -0.85
C SER B 626 14.82 25.83 -0.25
N GLY B 627 13.89 26.75 -0.16
CA GLY B 627 12.57 26.47 0.38
C GLY B 627 11.89 27.76 0.80
N ARG B 628 10.85 27.64 1.61
CA ARG B 628 10.15 28.81 2.10
C ARG B 628 10.21 28.82 3.59
N GLY B 629 10.28 29.98 4.18
CA GLY B 629 10.28 30.07 5.62
C GLY B 629 10.44 31.47 6.16
N VAL B 630 10.46 31.56 7.47
CA VAL B 630 10.55 32.81 8.18
C VAL B 630 11.82 32.84 8.98
N PHE B 631 12.63 33.86 8.78
CA PHE B 631 13.87 33.98 9.51
C PHE B 631 13.68 34.82 10.76
N GLN B 632 14.28 34.38 11.85
CA GLN B 632 14.25 35.13 13.09
C GLN B 632 15.65 35.19 13.67
N ASN B 633 16.01 36.29 14.32
CA ASN B 633 17.30 36.42 15.01
C ASN B 633 17.25 35.69 16.35
N CYS B 634 18.18 34.74 16.59
CA CYS B 634 18.16 33.91 17.80
C CYS B 634 19.56 33.43 18.20
N THR B 635 19.62 32.77 19.35
CA THR B 635 20.86 32.25 19.93
C THR B 635 21.47 31.17 19.07
N ALA B 636 22.77 31.30 18.81
CA ALA B 636 23.49 30.34 17.98
C ALA B 636 23.58 28.97 18.62
N VAL B 637 23.25 27.96 17.83
CA VAL B 637 23.34 26.57 18.23
C VAL B 637 24.01 25.76 17.14
N GLY B 638 24.53 24.60 17.48
CA GLY B 638 25.17 23.76 16.48
C GLY B 638 26.59 24.25 16.21
N VAL B 639 27.27 23.63 15.27
CA VAL B 639 28.64 24.03 14.93
C VAL B 639 28.59 25.13 13.88
N ARG B 640 29.20 26.27 14.19
CA ARG B 640 29.18 27.44 13.32
C ARG B 640 29.76 27.19 11.95
N GLN B 641 30.82 26.42 11.90
CA GLN B 641 31.53 26.14 10.67
C GLN B 641 30.72 25.31 9.69
N GLN B 642 29.67 24.67 10.17
CA GLN B 642 28.88 23.80 9.31
C GLN B 642 27.73 24.53 8.64
N ARG B 643 27.53 25.81 9.01
CA ARG B 643 26.55 26.72 8.42
C ARG B 643 25.07 26.37 8.59
N PHE B 644 24.66 25.19 8.16
CA PHE B 644 23.26 24.81 8.17
C PHE B 644 22.89 23.92 9.34
N VAL B 645 21.90 24.34 10.13
CA VAL B 645 21.47 23.57 11.28
C VAL B 645 20.18 22.86 10.95
N TYR B 646 20.17 21.55 11.12
CA TYR B 646 19.02 20.72 10.83
C TYR B 646 18.41 20.13 12.10
N ASP B 647 17.11 19.84 12.03
CA ASP B 647 16.43 19.16 13.13
C ASP B 647 16.40 17.65 12.89
N ALA B 648 15.66 16.95 13.74
CA ALA B 648 15.59 15.49 13.71
C ALA B 648 14.79 14.95 12.53
N TYR B 649 14.08 15.83 11.82
CA TYR B 649 13.29 15.44 10.68
C TYR B 649 13.98 15.89 9.40
N GLN B 650 15.22 16.31 9.55
CA GLN B 650 16.07 16.78 8.48
C GLN B 650 15.57 18.04 7.81
N ASN B 651 14.87 18.88 8.57
CA ASN B 651 14.44 20.17 8.05
C ASN B 651 15.49 21.19 8.36
N LEU B 652 15.61 22.22 7.56
CA LEU B 652 16.54 23.27 7.93
C LEU B 652 15.86 24.13 8.98
N VAL B 653 16.48 24.25 10.14
CA VAL B 653 15.87 25.00 11.23
C VAL B 653 16.74 26.14 11.73
N GLY B 654 17.94 26.24 11.20
CA GLY B 654 18.79 27.34 11.59
C GLY B 654 19.85 27.57 10.55
N TYR B 655 20.37 28.78 10.53
CA TYR B 655 21.36 29.14 9.54
C TYR B 655 22.33 30.20 10.01
N TYR B 656 23.61 29.93 9.81
CA TYR B 656 24.63 30.93 10.09
C TYR B 656 24.89 31.72 8.82
N SER B 657 24.61 33.00 8.88
CA SER B 657 24.73 33.88 7.74
C SER B 657 26.11 34.46 7.60
N ASP B 658 26.47 34.87 6.39
CA ASP B 658 27.76 35.53 6.20
C ASP B 658 27.80 36.91 6.85
N ASP B 659 26.65 37.41 7.29
CA ASP B 659 26.63 38.70 7.96
C ASP B 659 27.02 38.56 9.44
N GLY B 660 27.32 37.33 9.87
CA GLY B 660 27.78 37.07 11.23
C GLY B 660 26.67 36.66 12.21
N ASN B 661 25.42 36.78 11.77
CA ASN B 661 24.27 36.45 12.61
C ASN B 661 23.81 35.03 12.45
N TYR B 662 23.16 34.52 13.48
CA TYR B 662 22.52 33.23 13.41
C TYR B 662 21.02 33.40 13.40
N TYR B 663 20.38 32.79 12.44
CA TYR B 663 18.96 32.91 12.36
C TYR B 663 18.28 31.56 12.55
N CYS B 664 17.10 31.59 13.17
CA CYS B 664 16.22 30.45 13.30
C CYS B 664 15.32 30.46 12.10
N LEU B 665 15.07 29.31 11.54
CA LEU B 665 14.22 29.24 10.39
C LEU B 665 12.96 28.45 10.71
N ARG B 666 11.83 29.09 10.53
CA ARG B 666 10.56 28.49 10.83
C ARG B 666 9.84 28.31 9.53
N ALA B 667 9.00 27.30 9.41
CA ALA B 667 8.26 27.15 8.18
C ALA B 667 7.22 28.25 8.06
N CYS B 668 6.79 28.56 6.83
CA CYS B 668 5.72 29.54 6.61
C CYS B 668 4.40 28.89 7.00
N VAL B 669 4.14 28.90 8.30
CA VAL B 669 2.98 28.22 8.85
C VAL B 669 1.69 28.75 8.27
N SER B 670 0.80 27.83 7.94
CA SER B 670 -0.48 28.18 7.36
C SER B 670 -1.53 28.37 8.45
N VAL B 671 -2.61 29.07 8.12
CA VAL B 671 -3.68 29.30 9.07
C VAL B 671 -4.77 28.23 8.92
N PRO B 672 -5.08 27.44 9.95
CA PRO B 672 -6.09 26.41 9.94
C PRO B 672 -7.45 26.99 9.59
N VAL B 673 -8.25 26.25 8.84
CA VAL B 673 -9.59 26.71 8.50
C VAL B 673 -10.62 25.60 8.64
N SER B 674 -11.71 25.90 9.33
CA SER B 674 -12.85 24.98 9.44
C SER B 674 -14.13 25.70 9.06
N VAL B 675 -14.98 25.04 8.30
CA VAL B 675 -16.24 25.62 7.89
C VAL B 675 -17.35 25.18 8.80
N ILE B 676 -18.07 26.12 9.34
CA ILE B 676 -19.22 25.83 10.16
C ILE B 676 -20.41 26.02 9.25
N TYR B 677 -21.10 24.95 8.91
CA TYR B 677 -22.15 25.06 7.91
C TYR B 677 -23.51 24.56 8.36
N ASP B 678 -24.53 25.38 8.09
CA ASP B 678 -25.91 25.01 8.33
C ASP B 678 -26.70 24.85 7.04
N LYS B 679 -27.03 23.59 6.73
CA LYS B 679 -27.74 23.18 5.53
C LYS B 679 -29.14 23.78 5.40
N GLU B 680 -29.84 23.96 6.52
CA GLU B 680 -31.22 24.43 6.50
C GLU B 680 -31.30 25.91 6.22
N THR B 681 -30.33 26.65 6.74
CA THR B 681 -30.33 28.09 6.54
C THR B 681 -29.42 28.51 5.40
N LYS B 682 -28.53 27.61 4.98
CA LYS B 682 -27.54 27.91 3.94
C LYS B 682 -26.64 29.05 4.39
N THR B 683 -26.25 29.02 5.65
CA THR B 683 -25.35 30.02 6.19
C THR B 683 -24.11 29.36 6.72
N HIS B 684 -23.07 30.14 6.92
CA HIS B 684 -21.84 29.56 7.41
C HIS B 684 -20.99 30.56 8.16
N ALA B 685 -20.01 30.03 8.86
CA ALA B 685 -19.03 30.81 9.57
C ALA B 685 -17.70 30.12 9.48
N THR B 686 -16.62 30.85 9.64
CA THR B 686 -15.31 30.27 9.51
C THR B 686 -14.59 30.23 10.85
N LEU B 687 -14.06 29.08 11.18
CA LEU B 687 -13.24 28.96 12.38
C LEU B 687 -11.79 28.77 12.03
N PHE B 688 -10.95 29.59 12.66
CA PHE B 688 -9.53 29.50 12.47
C PHE B 688 -8.96 28.92 13.74
N GLY B 689 -8.89 27.61 13.77
CA GLY B 689 -8.58 26.93 15.01
C GLY B 689 -7.20 27.24 15.48
N SER B 690 -7.09 27.49 16.77
CA SER B 690 -5.82 27.81 17.41
C SER B 690 -5.17 29.06 16.86
N VAL B 691 -5.95 30.00 16.36
CA VAL B 691 -5.40 31.25 15.82
C VAL B 691 -5.93 32.46 16.55
N ALA B 692 -5.04 33.34 16.99
CA ALA B 692 -5.49 34.60 17.59
C ALA B 692 -6.05 35.49 16.48
N CYS B 693 -7.07 36.30 16.80
CA CYS B 693 -7.75 37.17 15.84
C CYS B 693 -6.85 38.30 15.33
N GLU B 694 -5.65 38.39 15.89
CA GLU B 694 -4.67 39.36 15.46
C GLU B 694 -4.27 39.12 14.01
N HIS B 695 -4.47 37.89 13.54
CA HIS B 695 -4.15 37.53 12.16
C HIS B 695 -5.34 37.47 11.20
N ILE B 696 -6.56 37.81 11.68
CA ILE B 696 -7.79 37.67 10.90
C ILE B 696 -8.38 39.04 10.63
N TYR B 718 -20.22 42.16 11.63
CA TYR B 718 -19.35 41.84 12.76
C TYR B 718 -17.99 41.36 12.25
N GLY B 719 -16.92 41.69 12.99
CA GLY B 719 -15.55 41.29 12.69
C GLY B 719 -15.21 39.98 13.39
N PRO B 720 -13.94 39.63 13.46
CA PRO B 720 -13.39 38.45 14.09
C PRO B 720 -13.74 38.43 15.57
N LEU B 721 -14.06 37.25 16.08
CA LEU B 721 -14.40 37.03 17.47
C LEU B 721 -13.49 35.97 18.08
N GLN B 722 -12.86 36.27 19.20
CA GLN B 722 -11.94 35.30 19.78
C GLN B 722 -12.67 34.34 20.68
N THR B 723 -12.49 33.05 20.46
CA THR B 723 -13.11 32.05 21.31
C THR B 723 -12.00 31.13 21.85
N PRO B 724 -12.26 30.31 22.86
CA PRO B 724 -11.40 29.28 23.41
C PRO B 724 -10.86 28.25 22.41
N VAL B 725 -11.42 28.17 21.21
CA VAL B 725 -10.94 27.18 20.23
C VAL B 725 -10.28 27.82 19.03
N GLY B 726 -10.13 29.13 19.05
CA GLY B 726 -9.56 29.84 17.92
C GLY B 726 -10.41 31.05 17.60
N CYS B 727 -10.14 31.69 16.47
CA CYS B 727 -10.83 32.92 16.05
C CYS B 727 -11.96 32.55 15.10
N VAL B 728 -13.13 33.10 15.31
CA VAL B 728 -14.22 32.80 14.41
C VAL B 728 -14.66 34.04 13.69
N LEU B 729 -15.00 33.86 12.43
CA LEU B 729 -15.45 34.95 11.61
C LEU B 729 -16.83 34.59 11.09
N GLY B 730 -17.82 35.42 11.36
CA GLY B 730 -19.17 35.10 10.95
C GLY B 730 -20.05 34.64 12.11
N LEU B 731 -19.50 34.58 13.33
CA LEU B 731 -20.32 34.26 14.48
C LEU B 731 -20.49 35.48 15.35
N VAL B 732 -21.67 35.61 15.93
CA VAL B 732 -21.96 36.73 16.81
C VAL B 732 -22.11 36.25 18.25
N ASN B 733 -21.34 36.84 19.17
CA ASN B 733 -21.37 36.47 20.59
C ASN B 733 -22.73 36.80 21.21
N SER B 734 -23.44 35.77 21.70
CA SER B 734 -24.82 35.93 22.21
C SER B 734 -25.01 35.72 23.70
N SER B 735 -24.02 35.17 24.40
CA SER B 735 -24.17 34.87 25.84
C SER B 735 -25.47 34.10 26.09
N LEU B 736 -25.72 33.14 25.23
CA LEU B 736 -26.89 32.30 25.22
C LEU B 736 -26.46 30.87 25.49
N PHE B 737 -27.31 30.09 26.17
CA PHE B 737 -26.98 28.71 26.45
C PHE B 737 -27.89 27.71 25.76
N VAL B 738 -27.29 26.60 25.34
CA VAL B 738 -28.00 25.51 24.70
C VAL B 738 -27.66 24.18 25.36
N GLU B 739 -28.43 23.14 25.09
CA GLU B 739 -28.04 21.81 25.53
C GLU B 739 -28.01 20.97 24.28
N ASP B 740 -28.94 21.31 23.43
CA ASP B 740 -29.20 20.67 22.15
C ASP B 740 -28.35 21.25 21.01
N CYS B 741 -27.04 20.99 21.07
CA CYS B 741 -26.07 21.54 20.12
C CYS B 741 -25.84 20.63 18.92
N LYS B 742 -26.02 21.20 17.73
CA LYS B 742 -25.81 20.47 16.48
C LYS B 742 -24.48 20.80 15.82
N LEU B 743 -23.92 21.96 16.13
CA LEU B 743 -22.68 22.42 15.53
C LEU B 743 -21.64 22.78 16.58
N PRO B 744 -21.13 21.81 17.35
CA PRO B 744 -20.17 22.02 18.41
C PRO B 744 -18.87 22.50 17.82
N LEU B 745 -18.26 23.48 18.47
CA LEU B 745 -17.01 24.00 17.99
C LEU B 745 -15.85 23.45 18.78
N GLY B 746 -16.16 22.71 19.82
CA GLY B 746 -15.17 22.18 20.73
C GLY B 746 -15.28 22.89 22.06
N GLN B 747 -14.59 22.38 23.06
CA GLN B 747 -14.70 22.92 24.40
C GLN B 747 -16.17 22.89 24.72
N SER B 748 -16.77 23.97 25.14
CA SER B 748 -18.20 23.90 25.39
C SER B 748 -18.91 24.95 24.58
N LEU B 749 -18.42 25.16 23.38
CA LEU B 749 -18.93 26.16 22.46
C LEU B 749 -19.82 25.50 21.41
N CYS B 750 -20.80 26.25 20.90
CA CYS B 750 -21.73 25.78 19.88
C CYS B 750 -22.08 26.90 18.91
N ALA B 751 -22.16 26.58 17.62
CA ALA B 751 -22.66 27.54 16.66
C ALA B 751 -24.16 27.36 16.55
N LEU B 752 -24.89 28.43 16.78
CA LEU B 752 -26.33 28.38 16.82
C LEU B 752 -26.96 29.26 15.74
N PRO B 753 -27.49 28.69 14.65
CA PRO B 753 -28.08 29.39 13.52
C PRO B 753 -29.18 30.34 13.94
N ASP B 754 -29.26 31.48 13.27
CA ASP B 754 -30.29 32.48 13.55
C ASP B 754 -31.45 32.34 12.56
N THR B 755 -32.55 31.71 13.00
CA THR B 755 -33.71 31.39 12.18
C THR B 755 -34.93 31.12 13.06
N PRO B 768 -32.41 34.14 6.79
CA PRO B 768 -31.61 33.79 7.95
C PRO B 768 -30.53 34.84 8.21
N GLY B 769 -30.07 34.92 9.47
CA GLY B 769 -29.05 35.87 9.92
C GLY B 769 -27.71 35.18 10.10
N GLU B 770 -26.89 35.75 10.97
CA GLU B 770 -25.57 35.18 11.24
C GLU B 770 -25.70 34.16 12.34
N MET B 771 -24.81 33.17 12.34
CA MET B 771 -24.80 32.19 13.40
C MET B 771 -24.34 32.84 14.69
N ARG B 772 -24.97 32.45 15.78
CA ARG B 772 -24.61 32.94 17.09
C ARG B 772 -23.59 32.04 17.76
N LEU B 773 -22.76 32.61 18.60
CA LEU B 773 -21.87 31.79 19.41
C LEU B 773 -22.53 31.57 20.75
N ALA B 774 -22.85 30.32 21.02
CA ALA B 774 -23.56 29.92 22.23
C ALA B 774 -22.69 29.00 23.07
N SER B 775 -22.95 28.98 24.35
CA SER B 775 -22.26 28.05 25.24
C SER B 775 -23.15 26.86 25.49
N ILE B 776 -22.54 25.73 25.77
CA ILE B 776 -23.32 24.56 26.11
C ILE B 776 -23.46 24.52 27.61
N ALA B 777 -24.69 24.40 28.08
CA ALA B 777 -24.99 24.42 29.49
C ALA B 777 -24.86 23.04 30.11
N PHE B 778 -24.53 23.04 31.38
CA PHE B 778 -24.59 21.82 32.15
C PHE B 778 -25.95 21.77 32.79
N ASN B 779 -26.66 20.69 32.56
CA ASN B 779 -27.97 20.54 33.14
C ASN B 779 -27.83 19.95 34.52
N HIS B 780 -28.12 20.74 35.55
CA HIS B 780 -27.95 20.27 36.91
C HIS B 780 -29.05 19.31 37.29
N PRO B 781 -28.73 18.27 38.06
CA PRO B 781 -29.65 17.32 38.62
C PRO B 781 -30.47 17.94 39.71
N ILE B 782 -31.56 17.30 40.08
CA ILE B 782 -32.35 17.80 41.18
C ILE B 782 -31.50 17.73 42.43
N GLN B 783 -31.39 18.83 43.14
CA GLN B 783 -30.56 18.83 44.32
C GLN B 783 -31.34 18.40 45.52
N VAL B 784 -30.85 17.38 46.22
CA VAL B 784 -31.52 16.93 47.41
C VAL B 784 -30.54 16.98 48.57
N ASP B 785 -30.84 17.82 49.54
CA ASP B 785 -29.97 18.02 50.69
C ASP B 785 -30.01 16.87 51.68
N GLN B 786 -28.93 16.70 52.41
CA GLN B 786 -28.91 15.73 53.49
C GLN B 786 -29.36 16.39 54.78
N LEU B 787 -29.98 15.62 55.67
CA LEU B 787 -30.41 16.17 56.94
C LEU B 787 -29.41 15.88 58.04
N ASN B 788 -29.23 16.84 58.95
CA ASN B 788 -28.40 16.66 60.14
C ASN B 788 -29.26 16.07 61.27
N SER B 789 -29.73 14.84 61.04
CA SER B 789 -30.69 14.14 61.90
C SER B 789 -30.67 12.65 61.63
N SER B 790 -31.53 11.93 62.34
CA SER B 790 -31.69 10.49 62.18
C SER B 790 -32.66 10.16 61.05
N TYR B 791 -33.13 11.20 60.37
CA TYR B 791 -34.02 11.07 59.24
C TYR B 791 -33.25 11.32 57.96
N PHE B 792 -33.89 11.10 56.83
CA PHE B 792 -33.29 11.49 55.58
C PHE B 792 -34.33 12.07 54.65
N LYS B 793 -33.88 12.87 53.70
CA LYS B 793 -34.79 13.42 52.70
C LYS B 793 -34.90 12.52 51.51
N LEU B 794 -36.12 12.15 51.22
CA LEU B 794 -36.40 11.31 50.10
C LEU B 794 -37.04 12.09 48.99
N SER B 795 -36.44 12.03 47.82
CA SER B 795 -37.04 12.64 46.66
C SER B 795 -37.74 11.56 45.88
N ILE B 796 -39.05 11.62 45.86
CA ILE B 796 -39.84 10.54 45.27
C ILE B 796 -40.81 11.10 44.24
N PRO B 797 -40.99 10.47 43.07
CA PRO B 797 -41.88 10.87 42.02
C PRO B 797 -43.32 10.89 42.48
N THR B 798 -44.10 11.84 41.98
CA THR B 798 -45.55 11.87 42.24
C THR B 798 -46.37 11.64 40.95
N ASN B 799 -45.67 11.53 39.83
CA ASN B 799 -46.21 11.36 38.49
C ASN B 799 -45.21 10.54 37.69
N PHE B 800 -45.63 10.03 36.54
CA PHE B 800 -44.75 9.28 35.65
C PHE B 800 -45.30 9.23 34.26
N SER B 801 -44.43 8.85 33.36
CA SER B 801 -44.80 8.58 31.99
C SER B 801 -44.02 7.37 31.51
N PHE B 802 -44.41 6.86 30.38
CA PHE B 802 -43.63 5.82 29.77
C PHE B 802 -42.94 6.44 28.59
N GLY B 803 -41.79 5.93 28.26
CA GLY B 803 -41.11 6.43 27.09
C GLY B 803 -40.41 5.30 26.39
N VAL B 804 -40.11 5.49 25.13
CA VAL B 804 -39.45 4.44 24.40
C VAL B 804 -38.07 4.86 23.98
N THR B 805 -37.09 4.10 24.42
CA THR B 805 -35.74 4.35 23.98
C THR B 805 -35.55 3.46 22.77
N GLN B 806 -35.19 4.05 21.67
CA GLN B 806 -35.01 3.28 20.47
C GLN B 806 -33.55 3.01 20.29
N GLU B 807 -33.23 1.81 19.89
CA GLU B 807 -31.85 1.44 19.69
C GLU B 807 -31.67 0.54 18.50
N TYR B 808 -30.68 0.85 17.69
CA TYR B 808 -30.38 -0.03 16.57
C TYR B 808 -29.07 -0.73 16.77
N ILE B 809 -29.10 -2.03 16.66
CA ILE B 809 -27.93 -2.83 16.75
C ILE B 809 -27.66 -3.54 15.43
N GLN B 810 -26.59 -3.17 14.77
CA GLN B 810 -26.16 -3.84 13.56
C GLN B 810 -25.78 -5.26 13.87
N THR B 811 -26.11 -6.18 13.01
CA THR B 811 -25.77 -7.55 13.29
C THR B 811 -24.96 -8.09 12.15
N THR B 812 -25.22 -7.56 10.98
CA THR B 812 -24.58 -8.00 9.75
C THR B 812 -24.10 -6.85 8.91
N ILE B 813 -23.33 -7.18 7.89
CA ILE B 813 -22.97 -6.25 6.85
C ILE B 813 -23.35 -6.89 5.54
N GLN B 814 -23.42 -6.10 4.49
CA GLN B 814 -23.69 -6.68 3.19
C GLN B 814 -22.53 -7.58 2.79
N LYS B 815 -22.84 -8.79 2.37
CA LYS B 815 -21.84 -9.75 1.95
C LYS B 815 -21.45 -9.53 0.50
N VAL B 816 -20.16 -9.37 0.26
CA VAL B 816 -19.69 -9.08 -1.08
C VAL B 816 -18.53 -9.98 -1.46
N THR B 817 -18.52 -10.41 -2.71
CA THR B 817 -17.39 -11.14 -3.25
C THR B 817 -16.88 -10.35 -4.44
N VAL B 818 -15.62 -10.56 -4.78
CA VAL B 818 -15.07 -9.84 -5.90
C VAL B 818 -14.41 -10.75 -6.89
N ASP B 819 -14.71 -10.57 -8.15
CA ASP B 819 -13.98 -11.32 -9.16
C ASP B 819 -12.72 -10.53 -9.40
N CYS B 820 -11.70 -10.84 -8.57
CA CYS B 820 -10.42 -10.16 -8.50
C CYS B 820 -9.72 -10.12 -9.85
N LYS B 821 -9.64 -11.25 -10.51
CA LYS B 821 -8.93 -11.32 -11.75
C LYS B 821 -9.56 -10.40 -12.77
N GLN B 822 -10.89 -10.41 -12.85
CA GLN B 822 -11.59 -9.50 -13.75
C GLN B 822 -11.48 -8.06 -13.31
N TYR B 823 -11.55 -7.80 -12.01
CA TYR B 823 -11.49 -6.45 -11.51
C TYR B 823 -10.19 -5.79 -11.91
N VAL B 824 -9.09 -6.50 -11.71
CA VAL B 824 -7.79 -5.95 -11.98
C VAL B 824 -7.44 -5.85 -13.47
N CYS B 825 -7.67 -6.93 -14.24
CA CYS B 825 -7.19 -7.03 -15.62
C CYS B 825 -8.26 -6.91 -16.68
N ASN B 826 -9.53 -6.95 -16.32
CA ASN B 826 -10.59 -6.77 -17.29
C ASN B 826 -10.49 -7.68 -18.51
N GLY B 827 -10.04 -8.92 -18.31
CA GLY B 827 -10.00 -9.89 -19.39
C GLY B 827 -8.77 -9.79 -20.31
N PHE B 828 -7.86 -8.88 -20.04
CA PHE B 828 -6.69 -8.74 -20.89
C PHE B 828 -5.60 -9.70 -20.50
N GLN B 829 -5.19 -10.52 -21.46
CA GLN B 829 -4.21 -11.57 -21.19
C GLN B 829 -2.87 -11.00 -20.81
N LYS B 830 -2.52 -9.86 -21.40
CA LYS B 830 -1.25 -9.21 -21.07
C LYS B 830 -1.17 -8.79 -19.62
N CYS B 831 -2.26 -8.25 -19.06
CA CYS B 831 -2.35 -7.85 -17.67
C CYS B 831 -2.29 -9.10 -16.79
N GLU B 832 -3.01 -10.13 -17.16
CA GLU B 832 -3.04 -11.33 -16.35
C GLU B 832 -1.64 -11.91 -16.21
N GLN B 833 -0.86 -11.83 -17.28
CA GLN B 833 0.51 -12.28 -17.25
C GLN B 833 1.32 -11.53 -16.21
N LEU B 834 1.08 -10.23 -16.10
CA LEU B 834 1.79 -9.39 -15.15
C LEU B 834 1.26 -9.56 -13.75
N LEU B 835 -0.03 -9.85 -13.64
CA LEU B 835 -0.68 -10.05 -12.36
C LEU B 835 -0.11 -11.29 -11.66
N ARG B 836 0.28 -12.29 -12.44
CA ARG B 836 0.86 -13.50 -11.88
C ARG B 836 2.18 -13.25 -11.15
N GLU B 837 2.83 -12.13 -11.42
CA GLU B 837 4.11 -11.81 -10.80
C GLU B 837 3.93 -11.33 -9.36
N TYR B 838 2.68 -11.15 -8.96
CA TYR B 838 2.34 -10.71 -7.63
C TYR B 838 1.91 -11.86 -6.76
N GLY B 839 2.13 -13.07 -7.24
CA GLY B 839 1.82 -14.26 -6.47
C GLY B 839 0.35 -14.55 -6.50
N GLN B 840 -0.11 -15.31 -5.52
CA GLN B 840 -1.50 -15.71 -5.50
C GLN B 840 -2.34 -14.62 -4.87
N PHE B 841 -2.34 -13.46 -5.51
CA PHE B 841 -3.03 -12.30 -5.00
C PHE B 841 -4.54 -12.47 -4.90
N CYS B 842 -5.16 -12.94 -5.99
CA CYS B 842 -6.59 -13.10 -6.09
C CYS B 842 -7.09 -14.25 -5.23
N SER B 843 -6.23 -15.21 -4.99
CA SER B 843 -6.61 -16.29 -4.12
C SER B 843 -6.80 -15.75 -2.71
N LYS B 844 -5.91 -14.83 -2.32
CA LYS B 844 -6.00 -14.25 -0.99
C LYS B 844 -7.21 -13.34 -0.86
N ILE B 845 -7.54 -12.60 -1.90
CA ILE B 845 -8.71 -11.74 -1.88
C ILE B 845 -9.97 -12.56 -1.76
N ASN B 846 -10.05 -13.63 -2.54
CA ASN B 846 -11.24 -14.45 -2.55
C ASN B 846 -11.42 -15.22 -1.27
N GLN B 847 -10.33 -15.72 -0.70
CA GLN B 847 -10.43 -16.48 0.52
C GLN B 847 -10.76 -15.59 1.69
N ALA B 848 -10.22 -14.38 1.72
CA ALA B 848 -10.50 -13.47 2.81
C ALA B 848 -11.97 -13.08 2.83
N LEU B 849 -12.53 -12.79 1.65
CA LEU B 849 -13.92 -12.42 1.59
C LEU B 849 -14.83 -13.59 1.84
N HIS B 850 -14.42 -14.78 1.39
CA HIS B 850 -15.21 -15.97 1.64
C HIS B 850 -15.33 -16.19 3.14
N GLY B 851 -14.21 -16.09 3.84
CA GLY B 851 -14.20 -16.28 5.27
C GLY B 851 -15.07 -15.25 5.97
N ALA B 852 -14.98 -13.99 5.55
CA ALA B 852 -15.79 -12.94 6.13
C ALA B 852 -17.27 -13.19 5.92
N ASN B 853 -17.61 -13.70 4.74
CA ASN B 853 -19.00 -13.93 4.42
C ASN B 853 -19.53 -15.14 5.21
N LEU B 854 -18.68 -16.14 5.44
CA LEU B 854 -19.11 -17.25 6.28
C LEU B 854 -19.31 -16.79 7.70
N ARG B 855 -18.45 -15.90 8.17
CA ARG B 855 -18.57 -15.39 9.52
C ARG B 855 -19.91 -14.71 9.70
N GLN B 856 -20.34 -13.97 8.69
CA GLN B 856 -21.62 -13.28 8.77
C GLN B 856 -22.76 -14.28 8.86
N ASP B 857 -22.67 -15.39 8.13
CA ASP B 857 -23.72 -16.37 8.20
C ASP B 857 -23.73 -17.08 9.55
N ASP B 858 -22.55 -17.31 10.12
CA ASP B 858 -22.46 -17.94 11.43
C ASP B 858 -23.00 -17.00 12.50
N SER B 859 -22.76 -15.71 12.33
CA SER B 859 -23.23 -14.70 13.26
C SER B 859 -24.74 -14.67 13.29
N VAL B 860 -25.36 -14.71 12.11
CA VAL B 860 -26.81 -14.71 12.00
C VAL B 860 -27.41 -15.98 12.55
N ARG B 861 -26.84 -17.11 12.19
CA ARG B 861 -27.36 -18.37 12.64
C ARG B 861 -27.32 -18.46 14.16
N ASN B 862 -26.23 -17.98 14.76
CA ASN B 862 -26.07 -17.99 16.20
C ASN B 862 -27.02 -17.03 16.90
N LEU B 863 -27.16 -15.83 16.35
CA LEU B 863 -28.04 -14.86 16.95
C LEU B 863 -29.47 -15.33 16.96
N PHE B 864 -29.95 -15.82 15.83
CA PHE B 864 -31.33 -16.22 15.76
C PHE B 864 -31.60 -17.48 16.55
N ALA B 865 -30.60 -18.34 16.68
CA ALA B 865 -30.75 -19.50 17.53
C ALA B 865 -31.06 -19.07 18.96
N SER B 866 -30.49 -17.95 19.39
CA SER B 866 -30.72 -17.44 20.73
C SER B 866 -31.98 -16.58 20.88
N VAL B 867 -32.39 -15.86 19.84
CA VAL B 867 -33.62 -15.07 19.98
C VAL B 867 -34.79 -16.04 20.03
N LYS B 868 -34.68 -17.14 19.30
CA LYS B 868 -35.71 -18.14 19.22
C LYS B 868 -36.21 -18.55 20.58
N SER B 869 -37.52 -18.53 20.74
CA SER B 869 -38.17 -18.94 21.96
C SER B 869 -38.38 -20.43 21.98
N SER B 870 -38.36 -21.04 23.15
CA SER B 870 -38.70 -22.46 23.22
C SER B 870 -40.20 -22.63 23.27
N GLN B 871 -40.87 -21.65 23.89
CA GLN B 871 -42.31 -21.64 24.02
C GLN B 871 -42.82 -20.24 23.79
N SER B 872 -44.00 -20.13 23.21
CA SER B 872 -44.57 -18.83 22.90
C SER B 872 -46.09 -18.89 22.80
N SER B 873 -46.76 -17.79 23.06
CA SER B 873 -48.19 -17.75 22.83
C SER B 873 -48.44 -17.30 21.39
N PRO B 874 -49.48 -17.79 20.73
CA PRO B 874 -49.92 -17.31 19.44
C PRO B 874 -50.23 -15.84 19.49
N ILE B 875 -49.84 -15.10 18.46
CA ILE B 875 -50.21 -13.70 18.40
C ILE B 875 -51.55 -13.63 17.73
N ILE B 876 -52.48 -12.98 18.38
CA ILE B 876 -53.81 -12.83 17.83
C ILE B 876 -54.08 -11.36 17.76
N PRO B 877 -54.97 -10.90 16.90
CA PRO B 877 -55.39 -9.54 16.86
C PRO B 877 -55.92 -9.20 18.24
N GLY B 878 -55.51 -8.08 18.80
CA GLY B 878 -55.99 -7.72 20.12
C GLY B 878 -54.98 -8.06 21.19
N PHE B 879 -53.91 -8.73 20.78
CA PHE B 879 -52.82 -9.07 21.68
C PHE B 879 -52.39 -7.80 22.38
N GLY B 880 -52.28 -7.86 23.70
CA GLY B 880 -51.92 -6.69 24.49
C GLY B 880 -53.10 -6.23 25.37
N GLY B 881 -54.31 -6.57 24.98
CA GLY B 881 -55.48 -6.18 25.76
C GLY B 881 -55.61 -4.66 25.78
N ASP B 882 -55.58 -4.08 26.97
CA ASP B 882 -55.69 -2.63 27.13
C ASP B 882 -54.47 -1.91 26.58
N PHE B 883 -53.39 -2.67 26.44
CA PHE B 883 -52.14 -2.16 25.95
C PHE B 883 -52.13 -2.40 24.45
N ASN B 884 -52.01 -1.32 23.67
CA ASN B 884 -52.11 -1.34 22.22
C ASN B 884 -50.75 -1.67 21.60
N LEU B 885 -50.62 -2.94 21.15
CA LEU B 885 -49.42 -3.49 20.55
C LEU B 885 -49.66 -3.80 19.08
N THR B 886 -50.63 -3.13 18.46
CA THR B 886 -50.98 -3.51 17.08
C THR B 886 -49.90 -3.13 16.10
N LEU B 887 -49.01 -2.24 16.50
CA LEU B 887 -47.91 -1.84 15.65
C LEU B 887 -46.80 -2.88 15.68
N LEU B 888 -46.91 -3.83 16.59
CA LEU B 888 -45.93 -4.90 16.73
C LEU B 888 -46.47 -6.21 16.15
N GLU B 889 -47.80 -6.34 16.09
CA GLU B 889 -48.41 -7.54 15.54
C GLU B 889 -48.08 -7.65 14.05
N PRO B 890 -47.83 -8.85 13.52
CA PRO B 890 -47.64 -9.12 12.12
C PRO B 890 -48.86 -8.67 11.34
N VAL B 891 -48.66 -8.01 10.19
CA VAL B 891 -49.76 -7.52 9.35
C VAL B 891 -50.29 -8.69 8.50
N ALA B 900 -45.03 -12.59 7.78
CA ALA B 900 -45.46 -11.20 7.69
C ALA B 900 -44.72 -10.35 8.73
N ARG B 901 -44.34 -9.13 8.34
CA ARG B 901 -43.68 -8.16 9.22
C ARG B 901 -44.73 -7.29 9.91
N SER B 902 -44.35 -6.70 11.03
CA SER B 902 -45.24 -5.82 11.78
C SER B 902 -45.34 -4.46 11.13
N ALA B 903 -46.31 -3.66 11.56
CA ALA B 903 -46.46 -2.34 10.98
C ALA B 903 -45.27 -1.44 11.26
N ILE B 904 -44.72 -1.50 12.48
CA ILE B 904 -43.59 -0.64 12.79
C ILE B 904 -42.36 -1.11 12.03
N GLU B 905 -42.28 -2.41 11.82
CA GLU B 905 -41.18 -3.02 11.10
C GLU B 905 -41.22 -2.62 9.63
N ASP B 906 -42.41 -2.66 9.01
CA ASP B 906 -42.51 -2.21 7.62
C ASP B 906 -42.21 -0.74 7.50
N LEU B 907 -42.65 0.05 8.46
CA LEU B 907 -42.39 1.47 8.39
C LEU B 907 -40.90 1.74 8.51
N LEU B 908 -40.22 1.03 9.39
CA LEU B 908 -38.79 1.21 9.53
C LEU B 908 -38.09 0.93 8.21
N PHE B 909 -38.46 -0.15 7.54
CA PHE B 909 -37.83 -0.46 6.25
C PHE B 909 -38.20 0.54 5.16
N ASP B 910 -39.46 0.97 5.10
CA ASP B 910 -39.90 1.88 4.06
C ASP B 910 -39.27 3.26 4.16
N LYS B 911 -38.94 3.68 5.37
CA LYS B 911 -38.35 5.00 5.58
C LYS B 911 -36.85 5.06 5.35
N VAL B 912 -36.22 3.91 5.11
CA VAL B 912 -34.77 3.85 4.91
C VAL B 912 -34.49 3.68 3.44
N THR B 913 -33.55 4.46 2.91
CA THR B 913 -33.27 4.37 1.49
C THR B 913 -32.25 3.29 1.22
N ILE B 914 -32.73 2.21 0.62
CA ILE B 914 -31.92 1.03 0.34
C ILE B 914 -32.01 0.68 -1.13
N ALA B 915 -30.88 0.53 -1.79
CA ALA B 915 -30.92 0.10 -3.19
C ALA B 915 -31.28 -1.38 -3.24
N ASP B 916 -32.17 -1.75 -4.13
CA ASP B 916 -32.56 -3.14 -4.30
C ASP B 916 -31.46 -3.91 -5.03
N PRO B 917 -30.79 -4.88 -4.38
CA PRO B 917 -29.69 -5.64 -4.92
C PRO B 917 -30.10 -6.57 -6.06
N GLY B 918 -31.40 -6.84 -6.21
CA GLY B 918 -31.83 -7.68 -7.31
C GLY B 918 -31.40 -9.13 -7.15
N TYR B 919 -31.61 -9.70 -5.99
CA TYR B 919 -31.13 -11.06 -5.73
C TYR B 919 -31.62 -12.09 -6.72
N MET B 920 -32.84 -11.96 -7.23
CA MET B 920 -33.35 -12.97 -8.14
C MET B 920 -33.00 -12.71 -9.60
N GLN B 921 -33.02 -11.46 -10.04
CA GLN B 921 -32.75 -11.19 -11.45
C GLN B 921 -32.17 -9.80 -11.73
N GLY B 922 -31.36 -9.28 -10.82
CA GLY B 922 -30.75 -7.96 -11.01
C GLY B 922 -29.94 -7.88 -12.29
N TYR B 923 -29.33 -8.99 -12.68
CA TYR B 923 -28.56 -9.06 -13.90
C TYR B 923 -29.39 -8.61 -15.08
N ASP B 924 -30.65 -9.05 -15.10
CA ASP B 924 -31.53 -8.74 -16.21
C ASP B 924 -32.12 -7.35 -16.08
N ASP B 925 -32.42 -6.94 -14.87
CA ASP B 925 -32.99 -5.61 -14.68
C ASP B 925 -32.05 -4.51 -15.19
N CYS B 926 -30.73 -4.69 -15.00
CA CYS B 926 -29.70 -3.73 -15.39
C CYS B 926 -29.41 -3.77 -16.89
N MET B 927 -30.00 -4.73 -17.61
CA MET B 927 -29.83 -4.79 -19.05
C MET B 927 -31.06 -4.24 -19.74
N GLN B 928 -32.22 -4.54 -19.17
CA GLN B 928 -33.49 -4.17 -19.76
C GLN B 928 -33.90 -2.75 -19.42
N GLN B 929 -33.62 -2.33 -18.19
CA GLN B 929 -33.99 -1.01 -17.74
C GLN B 929 -32.74 -0.14 -17.59
N GLY B 930 -31.67 -0.76 -17.11
CA GLY B 930 -30.40 -0.04 -16.91
C GLY B 930 -30.33 0.57 -15.52
N PRO B 931 -29.29 1.36 -15.24
CA PRO B 931 -29.00 2.01 -13.97
C PRO B 931 -30.15 2.87 -13.53
N ALA B 932 -30.44 2.86 -12.23
CA ALA B 932 -31.53 3.66 -11.68
C ALA B 932 -31.14 5.13 -11.66
N SER B 933 -29.87 5.39 -11.44
CA SER B 933 -29.36 6.75 -11.36
C SER B 933 -27.86 6.77 -11.62
N ALA B 934 -27.26 7.92 -11.42
CA ALA B 934 -25.82 8.04 -11.56
C ALA B 934 -25.20 7.28 -10.40
N ARG B 935 -24.05 6.69 -10.63
CA ARG B 935 -23.34 5.98 -9.58
C ARG B 935 -24.19 4.84 -8.98
N ASP B 936 -24.86 4.08 -9.85
CA ASP B 936 -25.67 2.94 -9.43
C ASP B 936 -24.78 1.76 -9.09
N LEU B 937 -24.65 1.49 -7.80
CA LEU B 937 -23.70 0.51 -7.31
C LEU B 937 -24.21 -0.90 -7.40
N ILE B 938 -25.47 -1.05 -7.77
CA ILE B 938 -26.01 -2.37 -7.96
C ILE B 938 -25.74 -2.82 -9.39
N CYS B 939 -25.97 -1.96 -10.39
CA CYS B 939 -25.69 -2.30 -11.78
C CYS B 939 -24.18 -2.37 -12.02
N ALA B 940 -23.42 -1.65 -11.20
CA ALA B 940 -21.96 -1.70 -11.26
C ALA B 940 -21.45 -3.09 -10.97
N GLN B 941 -22.24 -3.95 -10.33
CA GLN B 941 -21.78 -5.27 -9.99
C GLN B 941 -21.30 -6.03 -11.21
N TYR B 942 -22.02 -5.88 -12.31
CA TYR B 942 -21.76 -6.74 -13.45
C TYR B 942 -20.83 -6.07 -14.42
N VAL B 943 -20.34 -4.91 -14.02
CA VAL B 943 -19.44 -4.13 -14.83
C VAL B 943 -18.07 -4.13 -14.18
N ALA B 944 -18.04 -3.78 -12.90
CA ALA B 944 -16.81 -3.73 -12.13
C ALA B 944 -16.28 -5.10 -11.79
N GLY B 945 -17.16 -6.07 -11.63
CA GLY B 945 -16.72 -7.42 -11.30
C GLY B 945 -16.84 -7.74 -9.83
N TYR B 946 -17.95 -7.36 -9.21
CA TYR B 946 -18.21 -7.71 -7.82
C TYR B 946 -19.64 -8.14 -7.67
N LYS B 947 -19.92 -8.89 -6.64
CA LYS B 947 -21.26 -9.40 -6.45
C LYS B 947 -21.73 -9.29 -5.02
N VAL B 948 -22.94 -8.77 -4.86
CA VAL B 948 -23.60 -8.74 -3.58
C VAL B 948 -24.34 -10.04 -3.36
N LEU B 949 -24.07 -10.68 -2.26
CA LEU B 949 -24.69 -11.96 -1.97
C LEU B 949 -25.92 -11.76 -1.09
N PRO B 950 -26.93 -12.59 -1.24
CA PRO B 950 -28.12 -12.60 -0.42
C PRO B 950 -27.78 -13.06 1.00
N PRO B 951 -28.57 -12.62 1.99
CA PRO B 951 -28.49 -12.95 3.39
C PRO B 951 -28.86 -14.39 3.64
N LEU B 952 -28.42 -14.92 4.77
CA LEU B 952 -28.69 -16.29 5.17
C LEU B 952 -30.17 -16.61 5.35
N MET B 953 -30.96 -15.61 5.70
CA MET B 953 -32.38 -15.81 5.92
C MET B 953 -33.18 -14.86 5.06
N ASP B 954 -34.34 -15.29 4.61
CA ASP B 954 -35.20 -14.37 3.89
C ASP B 954 -36.00 -13.54 4.88
N VAL B 955 -36.81 -12.64 4.36
CA VAL B 955 -37.59 -11.74 5.20
C VAL B 955 -38.62 -12.44 6.04
N ASN B 956 -39.28 -13.42 5.46
CA ASN B 956 -40.36 -14.10 6.17
C ASN B 956 -39.83 -14.89 7.35
N MET B 957 -38.67 -15.51 7.19
CA MET B 957 -38.09 -16.24 8.31
C MET B 957 -37.63 -15.31 9.41
N GLU B 958 -37.03 -14.18 9.06
CA GLU B 958 -36.60 -13.26 10.10
C GLU B 958 -37.80 -12.75 10.86
N ALA B 959 -38.89 -12.48 10.15
CA ALA B 959 -40.12 -12.02 10.76
C ALA B 959 -40.69 -13.08 11.68
N ALA B 960 -40.57 -14.34 11.29
CA ALA B 960 -41.06 -15.44 12.09
C ALA B 960 -40.37 -15.48 13.44
N TYR B 961 -39.08 -15.16 13.46
CA TYR B 961 -38.34 -15.18 14.70
C TYR B 961 -38.73 -14.05 15.63
N THR B 962 -38.92 -12.85 15.11
CA THR B 962 -39.29 -11.75 15.99
C THR B 962 -40.76 -11.83 16.37
N SER B 963 -41.57 -12.45 15.54
CA SER B 963 -42.97 -12.66 15.84
C SER B 963 -43.14 -13.63 17.00
N SER B 964 -42.41 -14.74 16.96
CA SER B 964 -42.52 -15.71 18.04
C SER B 964 -41.88 -15.17 19.30
N LEU B 965 -40.91 -14.27 19.15
CA LEU B 965 -40.30 -13.63 20.29
C LEU B 965 -41.31 -12.73 20.98
N LEU B 966 -42.09 -11.97 20.22
CA LEU B 966 -43.11 -11.09 20.77
C LEU B 966 -44.08 -11.87 21.63
N GLY B 967 -44.51 -13.02 21.13
CA GLY B 967 -45.51 -13.84 21.80
C GLY B 967 -44.98 -14.52 23.06
N SER B 968 -43.68 -14.44 23.28
CA SER B 968 -43.09 -15.06 24.44
C SER B 968 -42.85 -14.08 25.55
N ILE B 969 -42.98 -12.79 25.29
CA ILE B 969 -42.52 -11.85 26.29
C ILE B 969 -43.28 -11.94 27.60
N ALA B 970 -44.59 -11.89 27.54
CA ALA B 970 -45.37 -11.86 28.76
C ALA B 970 -45.15 -13.09 29.62
N GLY B 971 -45.02 -14.24 28.98
CA GLY B 971 -44.93 -15.49 29.72
C GLY B 971 -43.53 -16.01 29.96
N VAL B 972 -42.51 -15.29 29.55
CA VAL B 972 -41.16 -15.79 29.73
C VAL B 972 -40.49 -15.00 30.83
N GLY B 973 -40.64 -13.69 30.79
CA GLY B 973 -40.06 -12.82 31.78
C GLY B 973 -40.52 -12.91 33.23
N TRP B 974 -41.54 -13.74 33.48
CA TRP B 974 -42.10 -13.81 34.82
C TRP B 974 -41.57 -14.39 36.13
N THR B 975 -41.09 -15.63 36.13
CA THR B 975 -40.63 -16.23 37.40
C THR B 975 -39.31 -16.97 37.26
N ALA B 976 -38.90 -17.63 38.35
CA ALA B 976 -37.64 -18.36 38.42
C ALA B 976 -37.57 -19.47 37.38
N GLY B 977 -36.42 -19.61 36.74
CA GLY B 977 -36.19 -20.68 35.78
C GLY B 977 -36.51 -20.22 34.36
N LEU B 978 -35.88 -20.83 33.37
CA LEU B 978 -36.13 -20.50 31.99
C LEU B 978 -36.89 -21.61 31.30
N SER B 979 -37.26 -22.61 32.07
CA SER B 979 -37.82 -23.84 31.53
C SER B 979 -39.33 -23.90 31.37
N SER B 980 -40.06 -23.09 32.11
CA SER B 980 -41.51 -23.13 32.02
C SER B 980 -42.04 -21.87 31.39
N PHE B 981 -43.26 -21.93 30.89
CA PHE B 981 -43.87 -20.78 30.26
C PHE B 981 -45.25 -20.51 30.82
N ALA B 982 -45.47 -19.29 31.27
CA ALA B 982 -46.76 -18.94 31.82
C ALA B 982 -47.52 -18.10 30.84
N ALA B 983 -48.52 -18.66 30.20
CA ALA B 983 -49.23 -17.93 29.18
C ALA B 983 -50.22 -17.00 29.83
N ILE B 984 -49.71 -15.85 30.26
CA ILE B 984 -50.50 -14.86 30.97
C ILE B 984 -50.71 -13.69 30.02
N PRO B 985 -51.74 -12.87 30.21
CA PRO B 985 -52.02 -11.70 29.43
C PRO B 985 -50.88 -10.72 29.51
N PHE B 986 -50.63 -10.03 28.41
CA PHE B 986 -49.59 -9.02 28.37
C PHE B 986 -49.81 -8.00 29.47
N ALA B 987 -51.04 -7.55 29.60
CA ALA B 987 -51.36 -6.54 30.59
C ALA B 987 -51.00 -6.99 31.99
N GLN B 988 -51.23 -8.26 32.27
CA GLN B 988 -50.96 -8.80 33.58
C GLN B 988 -49.46 -8.81 33.83
N SER B 989 -48.70 -9.10 32.79
CA SER B 989 -47.25 -9.07 32.89
C SER B 989 -46.76 -7.68 33.21
N ILE B 990 -47.31 -6.66 32.54
CA ILE B 990 -46.89 -5.29 32.78
C ILE B 990 -47.12 -4.89 34.21
N PHE B 991 -48.24 -5.28 34.79
CA PHE B 991 -48.49 -4.89 36.16
C PHE B 991 -47.51 -5.56 37.12
N TYR B 992 -47.04 -6.75 36.79
CA TYR B 992 -46.02 -7.37 37.63
C TYR B 992 -44.68 -6.68 37.44
N ARG B 993 -44.41 -6.22 36.22
CA ARG B 993 -43.17 -5.53 35.92
C ARG B 993 -43.10 -4.20 36.67
N LEU B 994 -44.24 -3.53 36.78
CA LEU B 994 -44.33 -2.27 37.49
C LEU B 994 -44.28 -2.47 38.99
N ASN B 995 -44.93 -3.51 39.49
CA ASN B 995 -44.90 -3.78 40.91
C ASN B 995 -43.49 -4.08 41.37
N GLY B 996 -42.74 -4.75 40.53
CA GLY B 996 -41.39 -5.15 40.85
C GLY B 996 -40.39 -4.01 40.86
N VAL B 997 -40.80 -2.81 40.44
CA VAL B 997 -39.86 -1.70 40.44
C VAL B 997 -40.24 -0.66 41.46
N GLY B 998 -41.19 -0.96 42.32
CA GLY B 998 -41.53 -0.02 43.38
C GLY B 998 -42.89 0.67 43.29
N ILE B 999 -43.78 0.22 42.43
CA ILE B 999 -45.10 0.82 42.41
C ILE B 999 -46.03 -0.15 43.11
N THR B 1000 -46.70 0.30 44.16
CA THR B 1000 -47.47 -0.66 44.95
C THR B 1000 -48.70 -1.14 44.20
N GLN B 1001 -49.24 -2.25 44.68
CA GLN B 1001 -50.38 -2.88 44.02
C GLN B 1001 -51.64 -2.07 44.17
N GLN B 1002 -51.74 -1.29 45.24
CA GLN B 1002 -52.90 -0.45 45.41
C GLN B 1002 -52.92 0.61 44.32
N VAL B 1003 -51.75 1.11 43.97
CA VAL B 1003 -51.64 2.13 42.95
C VAL B 1003 -51.92 1.55 41.58
N LEU B 1004 -51.34 0.40 41.30
CA LEU B 1004 -51.51 -0.21 39.99
C LEU B 1004 -52.95 -0.60 39.77
N SER B 1005 -53.64 -1.04 40.83
CA SER B 1005 -55.04 -1.41 40.74
C SER B 1005 -55.92 -0.20 40.45
N GLU B 1006 -55.68 0.90 41.17
CA GLU B 1006 -56.46 2.10 40.98
C GLU B 1006 -56.26 2.75 39.61
N ASN B 1007 -55.03 2.69 39.12
CA ASN B 1007 -54.65 3.37 37.90
C ASN B 1007 -54.49 2.46 36.67
N GLN B 1008 -55.11 1.29 36.63
CA GLN B 1008 -54.86 0.42 35.49
C GLN B 1008 -55.15 1.04 34.14
N LYS B 1009 -56.19 1.87 34.05
CA LYS B 1009 -56.53 2.45 32.76
C LYS B 1009 -55.60 3.61 32.45
N LEU B 1010 -55.13 4.29 33.48
CA LEU B 1010 -54.20 5.40 33.30
C LEU B 1010 -52.88 4.88 32.79
N ILE B 1011 -52.45 3.76 33.35
CA ILE B 1011 -51.20 3.13 32.99
C ILE B 1011 -51.24 2.64 31.56
N ALA B 1012 -52.34 1.98 31.18
CA ALA B 1012 -52.47 1.51 29.81
C ALA B 1012 -52.48 2.69 28.86
N ASN B 1013 -53.11 3.80 29.24
CA ASN B 1013 -53.13 4.96 28.36
C ASN B 1013 -51.76 5.57 28.20
N LYS B 1014 -51.01 5.69 29.28
CA LYS B 1014 -49.66 6.26 29.19
C LYS B 1014 -48.74 5.37 28.38
N PHE B 1015 -48.90 4.07 28.53
CA PHE B 1015 -48.11 3.11 27.79
C PHE B 1015 -48.40 3.27 26.31
N ASN B 1016 -49.68 3.38 25.99
CA ASN B 1016 -50.12 3.52 24.61
C ASN B 1016 -49.62 4.81 24.00
N GLN B 1017 -49.52 5.86 24.78
CA GLN B 1017 -48.98 7.11 24.28
C GLN B 1017 -47.51 6.96 23.96
N ALA B 1018 -46.78 6.24 24.81
CA ALA B 1018 -45.35 6.05 24.60
C ALA B 1018 -45.07 5.31 23.30
N LEU B 1019 -45.87 4.28 23.01
CA LEU B 1019 -45.68 3.56 21.76
C LEU B 1019 -46.29 4.30 20.58
N GLY B 1020 -47.40 4.98 20.80
CA GLY B 1020 -48.04 5.72 19.72
C GLY B 1020 -47.12 6.81 19.20
N ALA B 1021 -46.37 7.42 20.10
CA ALA B 1021 -45.45 8.49 19.80
C ALA B 1021 -44.31 8.03 18.89
N MET B 1022 -44.11 6.73 18.84
CA MET B 1022 -43.04 6.14 18.06
C MET B 1022 -43.48 5.88 16.64
N GLN B 1023 -44.78 5.93 16.39
CA GLN B 1023 -45.32 5.60 15.08
C GLN B 1023 -44.85 6.60 14.04
N THR B 1024 -44.64 7.84 14.47
CA THR B 1024 -44.21 8.92 13.59
C THR B 1024 -42.80 9.37 13.94
N GLY B 1025 -42.05 8.53 14.65
CA GLY B 1025 -40.74 8.92 15.14
C GLY B 1025 -39.57 8.68 14.19
N PHE B 1026 -39.79 8.12 13.02
CA PHE B 1026 -38.67 7.83 12.14
C PHE B 1026 -38.24 9.05 11.33
N THR B 1027 -37.62 9.98 12.03
CA THR B 1027 -37.17 11.26 11.51
C THR B 1027 -35.68 11.52 11.76
N THR B 1028 -35.23 12.70 11.38
CA THR B 1028 -33.80 13.06 11.46
C THR B 1028 -33.32 13.33 12.88
N THR B 1029 -34.25 13.45 13.80
CA THR B 1029 -33.93 13.70 15.20
C THR B 1029 -33.89 12.38 15.97
N ASN B 1030 -34.17 11.28 15.28
CA ASN B 1030 -34.18 9.96 15.88
C ASN B 1030 -32.85 9.29 15.66
N GLU B 1031 -32.00 9.27 16.67
CA GLU B 1031 -30.64 8.78 16.50
C GLU B 1031 -30.61 7.31 16.12
N ALA B 1032 -31.48 6.49 16.70
CA ALA B 1032 -31.47 5.07 16.37
C ALA B 1032 -31.83 4.87 14.92
N PHE B 1033 -32.78 5.65 14.45
CA PHE B 1033 -33.19 5.55 13.07
C PHE B 1033 -32.07 5.97 12.14
N GLN B 1034 -31.40 7.06 12.48
CA GLN B 1034 -30.31 7.50 11.63
C GLN B 1034 -29.19 6.47 11.60
N LYS B 1035 -28.96 5.78 12.70
CA LYS B 1035 -27.97 4.72 12.70
C LYS B 1035 -28.34 3.61 11.74
N VAL B 1036 -29.64 3.37 11.55
CA VAL B 1036 -30.07 2.36 10.60
C VAL B 1036 -29.67 2.80 9.20
N GLN B 1037 -29.92 4.07 8.89
CA GLN B 1037 -29.56 4.60 7.58
C GLN B 1037 -28.06 4.61 7.39
N ASP B 1038 -27.31 4.90 8.44
CA ASP B 1038 -25.86 4.90 8.34
C ASP B 1038 -25.32 3.53 8.03
N ALA B 1039 -25.89 2.49 8.63
CA ALA B 1039 -25.44 1.14 8.34
C ALA B 1039 -25.64 0.83 6.86
N VAL B 1040 -26.76 1.29 6.32
CA VAL B 1040 -27.06 1.12 4.91
C VAL B 1040 -26.07 1.91 4.06
N ASN B 1041 -25.76 3.11 4.49
CA ASN B 1041 -24.83 3.95 3.76
C ASN B 1041 -23.42 3.35 3.78
N ASN B 1042 -23.07 2.66 4.86
CA ASN B 1042 -21.75 2.05 4.94
C ASN B 1042 -21.63 0.90 3.96
N ASN B 1043 -22.75 0.22 3.70
CA ASN B 1043 -22.72 -0.84 2.71
C ASN B 1043 -22.49 -0.24 1.33
N ALA B 1044 -23.16 0.88 1.07
CA ALA B 1044 -23.02 1.56 -0.20
C ALA B 1044 -21.62 2.11 -0.39
N GLN B 1045 -21.01 2.62 0.68
CA GLN B 1045 -19.67 3.15 0.55
C GLN B 1045 -18.68 2.06 0.21
N ALA B 1046 -18.85 0.90 0.81
CA ALA B 1046 -17.94 -0.20 0.52
C ALA B 1046 -17.96 -0.55 -0.95
N LEU B 1047 -19.14 -0.50 -1.57
CA LEU B 1047 -19.24 -0.83 -2.98
C LEU B 1047 -18.79 0.33 -3.86
N SER B 1048 -18.94 1.56 -3.40
CA SER B 1048 -18.56 2.70 -4.19
C SER B 1048 -17.06 2.75 -4.34
N LYS B 1049 -16.35 2.20 -3.37
CA LYS B 1049 -14.91 2.15 -3.46
C LYS B 1049 -14.49 1.31 -4.64
N LEU B 1050 -15.09 0.13 -4.78
CA LEU B 1050 -14.71 -0.72 -5.89
C LEU B 1050 -15.12 -0.14 -7.22
N ALA B 1051 -16.33 0.42 -7.28
CA ALA B 1051 -16.86 0.93 -8.54
C ALA B 1051 -16.14 2.16 -9.05
N SER B 1052 -15.77 3.08 -8.17
CA SER B 1052 -15.17 4.32 -8.62
C SER B 1052 -13.67 4.25 -8.85
N GLU B 1053 -12.98 3.34 -8.17
CA GLU B 1053 -11.54 3.25 -8.29
C GLU B 1053 -11.07 2.78 -9.66
N LEU B 1054 -11.94 2.12 -10.41
CA LEU B 1054 -11.55 1.63 -11.72
C LEU B 1054 -11.36 2.74 -12.73
N SER B 1055 -11.83 3.94 -12.43
CA SER B 1055 -11.67 5.05 -13.35
C SER B 1055 -10.34 5.75 -13.15
N ASN B 1056 -9.62 5.39 -12.10
CA ASN B 1056 -8.36 6.05 -11.78
C ASN B 1056 -7.28 5.54 -12.70
N THR B 1057 -6.27 6.38 -12.97
CA THR B 1057 -5.20 5.93 -13.83
C THR B 1057 -3.96 5.64 -13.02
N PHE B 1058 -3.89 6.18 -11.82
CA PHE B 1058 -2.76 5.94 -10.93
C PHE B 1058 -1.45 6.31 -11.59
N GLY B 1059 -1.47 7.36 -12.39
CA GLY B 1059 -0.29 7.84 -13.09
C GLY B 1059 -0.18 7.32 -14.51
N ALA B 1060 -1.00 6.34 -14.86
CA ALA B 1060 -0.96 5.76 -16.19
C ALA B 1060 -1.59 6.70 -17.20
N ILE B 1061 -1.26 6.48 -18.48
CA ILE B 1061 -1.81 7.25 -19.58
C ILE B 1061 -3.31 7.05 -19.77
N SER B 1062 -3.83 5.94 -19.28
CA SER B 1062 -5.24 5.63 -19.36
C SER B 1062 -5.64 4.63 -18.30
N ALA B 1063 -6.92 4.63 -17.93
CA ALA B 1063 -7.44 3.65 -16.99
C ALA B 1063 -7.85 2.39 -17.74
N SER B 1064 -7.74 2.47 -19.05
CA SER B 1064 -8.09 1.35 -19.91
C SER B 1064 -6.86 0.59 -20.37
N ILE B 1065 -6.83 -0.68 -20.02
CA ILE B 1065 -5.72 -1.53 -20.40
C ILE B 1065 -5.67 -1.63 -21.92
N GLY B 1066 -6.84 -1.69 -22.54
CA GLY B 1066 -6.92 -1.76 -23.98
C GLY B 1066 -6.28 -0.54 -24.65
N ASP B 1067 -6.40 0.63 -24.04
CA ASP B 1067 -5.79 1.83 -24.62
C ASP B 1067 -4.29 1.79 -24.50
N ILE B 1068 -3.82 1.29 -23.37
CA ILE B 1068 -2.39 1.21 -23.15
C ILE B 1068 -1.77 0.28 -24.17
N ILE B 1069 -2.41 -0.86 -24.40
CA ILE B 1069 -1.91 -1.83 -25.35
C ILE B 1069 -2.01 -1.23 -26.75
N GLN B 1070 -3.09 -0.52 -27.02
CA GLN B 1070 -3.28 0.12 -28.30
C GLN B 1070 -2.17 1.15 -28.63
N ARG B 1071 -1.75 1.91 -27.62
CA ARG B 1071 -0.74 2.93 -27.84
C ARG B 1071 0.74 2.58 -27.67
N LEU B 1072 1.07 1.69 -26.74
CA LEU B 1072 2.47 1.40 -26.42
C LEU B 1072 2.96 0.01 -26.75
N ASP B 1073 4.28 -0.12 -26.91
CA ASP B 1073 4.95 -1.42 -27.07
C ASP B 1073 5.39 -1.95 -25.70
N PRO B 1074 5.56 -3.27 -25.54
CA PRO B 1074 5.89 -3.97 -24.30
C PRO B 1074 6.82 -3.28 -23.29
N PRO B 1075 8.01 -2.76 -23.60
CA PRO B 1075 8.90 -2.17 -22.61
C PRO B 1075 8.28 -0.99 -21.86
N GLU B 1076 7.31 -0.32 -22.49
CA GLU B 1076 6.64 0.82 -21.86
C GLU B 1076 5.22 0.42 -21.47
N GLN B 1077 4.66 -0.48 -22.26
CA GLN B 1077 3.31 -0.97 -22.07
C GLN B 1077 3.21 -1.66 -20.73
N ASP B 1078 4.23 -2.43 -20.38
CA ASP B 1078 4.24 -3.15 -19.12
C ASP B 1078 4.23 -2.19 -17.97
N ALA B 1079 4.97 -1.10 -18.09
CA ALA B 1079 5.08 -0.13 -17.02
C ALA B 1079 3.75 0.56 -16.77
N GLN B 1080 3.01 0.85 -17.83
CA GLN B 1080 1.74 1.52 -17.69
C GLN B 1080 0.69 0.59 -17.14
N ILE B 1081 0.72 -0.67 -17.57
CA ILE B 1081 -0.23 -1.64 -17.08
C ILE B 1081 0.06 -1.89 -15.63
N ASP B 1082 1.34 -1.98 -15.30
CA ASP B 1082 1.76 -2.24 -13.95
C ASP B 1082 1.29 -1.14 -13.01
N ARG B 1083 1.23 0.11 -13.47
CA ARG B 1083 0.66 1.15 -12.62
C ARG B 1083 -0.79 0.87 -12.30
N LEU B 1084 -1.55 0.43 -13.31
CA LEU B 1084 -2.94 0.13 -13.06
C LEU B 1084 -3.08 -1.07 -12.16
N ILE B 1085 -2.21 -2.05 -12.32
CA ILE B 1085 -2.29 -3.22 -11.47
C ILE B 1085 -2.01 -2.83 -10.04
N ASN B 1086 -0.96 -2.09 -9.79
CA ASN B 1086 -0.66 -1.75 -8.40
C ASN B 1086 -1.76 -0.92 -7.78
N GLY B 1087 -2.36 -0.04 -8.56
CA GLY B 1087 -3.45 0.76 -8.06
C GLY B 1087 -4.65 -0.10 -7.69
N ARG B 1088 -5.01 -1.02 -8.57
CA ARG B 1088 -6.15 -1.88 -8.36
C ARG B 1088 -5.90 -2.92 -7.27
N LEU B 1089 -4.66 -3.39 -7.13
CA LEU B 1089 -4.36 -4.35 -6.08
C LEU B 1089 -4.50 -3.65 -4.75
N THR B 1090 -4.06 -2.40 -4.69
CA THR B 1090 -4.17 -1.59 -3.49
C THR B 1090 -5.63 -1.40 -3.11
N THR B 1091 -6.45 -1.11 -4.10
CA THR B 1091 -7.88 -0.94 -3.87
C THR B 1091 -8.52 -2.20 -3.33
N LEU B 1092 -8.20 -3.35 -3.92
CA LEU B 1092 -8.78 -4.58 -3.45
C LEU B 1092 -8.29 -4.93 -2.06
N ASN B 1093 -7.04 -4.66 -1.76
CA ASN B 1093 -6.56 -4.93 -0.41
C ASN B 1093 -7.28 -4.05 0.59
N ALA B 1094 -7.48 -2.78 0.26
CA ALA B 1094 -8.17 -1.86 1.14
C ALA B 1094 -9.61 -2.28 1.33
N PHE B 1095 -10.25 -2.73 0.26
CA PHE B 1095 -11.62 -3.20 0.32
C PHE B 1095 -11.75 -4.37 1.24
N VAL B 1096 -10.87 -5.36 1.07
CA VAL B 1096 -10.93 -6.55 1.87
C VAL B 1096 -10.66 -6.21 3.32
N ALA B 1097 -9.68 -5.37 3.57
CA ALA B 1097 -9.38 -5.02 4.94
C ALA B 1097 -10.58 -4.36 5.61
N GLN B 1098 -11.30 -3.51 4.89
CA GLN B 1098 -12.47 -2.90 5.49
C GLN B 1098 -13.61 -3.88 5.64
N GLN B 1099 -13.75 -4.83 4.75
CA GLN B 1099 -14.82 -5.80 4.95
C GLN B 1099 -14.52 -6.65 6.15
N LEU B 1100 -13.24 -6.95 6.39
CA LEU B 1100 -12.87 -7.75 7.54
C LEU B 1100 -13.10 -6.97 8.82
N VAL B 1101 -12.82 -5.68 8.81
CA VAL B 1101 -13.06 -4.83 9.96
C VAL B 1101 -14.54 -4.67 10.23
N ARG B 1102 -15.31 -4.42 9.19
CA ARG B 1102 -16.74 -4.24 9.33
C ARG B 1102 -17.42 -5.54 9.72
N SER B 1103 -16.91 -6.65 9.21
CA SER B 1103 -17.45 -7.95 9.54
C SER B 1103 -17.22 -8.30 10.99
N GLU B 1104 -16.01 -8.03 11.47
CA GLU B 1104 -15.67 -8.30 12.87
C GLU B 1104 -16.49 -7.41 13.79
N SER B 1105 -16.66 -6.19 13.38
CA SER B 1105 -17.40 -5.26 14.12
C SER B 1105 -18.84 -5.72 14.27
N ALA B 1106 -19.46 -6.13 13.19
CA ALA B 1106 -20.80 -6.64 13.17
C ALA B 1106 -20.94 -7.90 13.95
N ALA B 1107 -19.95 -8.76 13.91
CA ALA B 1107 -19.99 -9.99 14.67
C ALA B 1107 -20.02 -9.75 16.18
N LEU B 1108 -19.27 -8.76 16.64
CA LEU B 1108 -19.23 -8.38 18.03
C LEU B 1108 -20.54 -7.85 18.47
N SER B 1109 -21.09 -7.04 17.59
CA SER B 1109 -22.33 -6.35 17.68
C SER B 1109 -23.49 -7.33 17.65
N ALA B 1110 -23.36 -8.42 16.95
CA ALA B 1110 -24.37 -9.44 16.95
C ALA B 1110 -24.46 -10.07 18.36
N GLN B 1111 -23.34 -10.24 19.04
CA GLN B 1111 -23.30 -10.73 20.39
C GLN B 1111 -23.99 -9.77 21.32
N LEU B 1112 -23.79 -8.50 21.13
CA LEU B 1112 -24.44 -7.54 21.92
C LEU B 1112 -25.97 -7.59 21.75
N ALA B 1113 -26.47 -7.84 20.56
CA ALA B 1113 -27.86 -7.94 20.28
C ALA B 1113 -28.39 -9.17 20.96
N LYS B 1114 -27.62 -10.23 20.94
CA LYS B 1114 -27.99 -11.45 21.62
C LYS B 1114 -28.20 -11.20 23.09
N ASP B 1115 -27.27 -10.47 23.71
CA ASP B 1115 -27.37 -10.14 25.11
C ASP B 1115 -28.58 -9.27 25.40
N LYS B 1116 -28.88 -8.32 24.53
CA LYS B 1116 -30.04 -7.47 24.75
C LYS B 1116 -31.35 -8.21 24.55
N VAL B 1117 -31.41 -9.16 23.64
CA VAL B 1117 -32.64 -9.90 23.57
C VAL B 1117 -32.84 -10.68 24.85
N ASN B 1118 -31.80 -11.36 25.31
CA ASN B 1118 -31.94 -12.17 26.51
C ASN B 1118 -32.13 -11.37 27.79
N GLU B 1119 -31.52 -10.19 27.86
CA GLU B 1119 -31.59 -9.33 29.02
C GLU B 1119 -32.79 -8.36 29.05
N CYS B 1120 -33.17 -7.78 27.90
CA CYS B 1120 -34.19 -6.72 27.81
C CYS B 1120 -35.51 -7.23 27.27
N VAL B 1121 -35.49 -8.19 26.37
CA VAL B 1121 -36.73 -8.61 25.74
C VAL B 1121 -37.35 -9.80 26.45
N LYS B 1122 -36.53 -10.79 26.74
CA LYS B 1122 -36.99 -12.00 27.40
C LYS B 1122 -36.99 -11.86 28.91
N ALA B 1123 -36.61 -10.70 29.39
CA ALA B 1123 -36.55 -10.46 30.82
C ALA B 1123 -36.69 -8.99 31.12
N GLN B 1124 -37.06 -8.68 32.35
CA GLN B 1124 -37.01 -7.31 32.80
C GLN B 1124 -35.62 -7.07 33.36
N SER B 1125 -34.97 -6.02 32.92
CA SER B 1125 -33.62 -5.76 33.37
C SER B 1125 -33.58 -4.85 34.57
N LYS B 1126 -32.64 -5.10 35.46
CA LYS B 1126 -32.39 -4.23 36.60
C LYS B 1126 -31.13 -3.43 36.41
N ARG B 1127 -30.56 -3.50 35.22
CA ARG B 1127 -29.33 -2.80 34.91
C ARG B 1127 -29.63 -1.41 34.40
N SER B 1128 -29.19 -0.41 35.15
CA SER B 1128 -29.45 0.95 34.73
C SER B 1128 -28.73 1.24 33.44
N GLY B 1129 -29.45 1.79 32.47
CA GLY B 1129 -28.84 2.24 31.24
C GLY B 1129 -28.48 1.14 30.27
N PHE B 1130 -28.71 -0.12 30.61
CA PHE B 1130 -28.34 -1.17 29.68
C PHE B 1130 -29.31 -1.27 28.52
N CYS B 1131 -30.61 -1.27 28.84
CA CYS B 1131 -31.69 -1.35 27.90
C CYS B 1131 -31.96 0.08 27.45
N GLY B 1132 -32.97 0.70 28.01
CA GLY B 1132 -33.21 2.08 27.67
C GLY B 1132 -32.82 2.97 28.84
N GLN B 1133 -33.36 4.16 28.84
CA GLN B 1133 -33.14 5.08 29.95
C GLN B 1133 -34.32 4.94 30.89
N GLY B 1134 -34.14 5.37 32.13
CA GLY B 1134 -35.22 5.24 33.10
C GLY B 1134 -35.25 3.81 33.60
N THR B 1135 -36.35 3.40 34.19
CA THR B 1135 -36.43 2.06 34.73
C THR B 1135 -37.05 1.12 33.72
N HIS B 1136 -36.34 0.07 33.35
CA HIS B 1136 -36.83 -0.83 32.31
C HIS B 1136 -38.08 -1.60 32.72
N ILE B 1137 -39.06 -1.62 31.81
CA ILE B 1137 -40.29 -2.36 32.00
C ILE B 1137 -40.42 -3.51 31.03
N VAL B 1138 -40.34 -3.21 29.74
CA VAL B 1138 -40.49 -4.21 28.69
C VAL B 1138 -39.81 -3.77 27.41
N SER B 1139 -39.24 -4.70 26.67
CA SER B 1139 -38.69 -4.34 25.37
C SER B 1139 -39.24 -5.18 24.26
N PHE B 1140 -39.26 -4.60 23.07
CA PHE B 1140 -39.72 -5.29 21.88
C PHE B 1140 -38.64 -5.23 20.81
N VAL B 1141 -38.60 -6.24 19.96
CA VAL B 1141 -37.65 -6.26 18.85
C VAL B 1141 -38.27 -6.56 17.51
N VAL B 1142 -37.87 -5.80 16.52
CA VAL B 1142 -38.25 -6.03 15.13
C VAL B 1142 -37.00 -6.04 14.29
N ASN B 1143 -37.10 -6.51 13.06
CA ASN B 1143 -35.94 -6.53 12.20
C ASN B 1143 -35.69 -5.17 11.60
N ALA B 1144 -34.44 -4.88 11.36
CA ALA B 1144 -33.98 -3.67 10.73
C ALA B 1144 -33.13 -4.08 9.54
N PRO B 1145 -32.91 -3.21 8.55
CA PRO B 1145 -32.12 -3.47 7.36
C PRO B 1145 -30.83 -4.25 7.56
N ASN B 1146 -30.03 -3.94 8.56
CA ASN B 1146 -28.81 -4.73 8.77
C ASN B 1146 -28.69 -5.22 10.19
N GLY B 1147 -29.82 -5.49 10.85
CA GLY B 1147 -29.76 -5.87 12.24
C GLY B 1147 -31.10 -5.86 12.91
N LEU B 1148 -31.10 -5.54 14.19
CA LEU B 1148 -32.31 -5.54 14.99
C LEU B 1148 -32.61 -4.17 15.54
N TYR B 1149 -33.88 -3.85 15.64
CA TYR B 1149 -34.31 -2.58 16.17
C TYR B 1149 -35.03 -2.82 17.50
N PHE B 1150 -34.47 -2.27 18.56
CA PHE B 1150 -35.00 -2.45 19.88
C PHE B 1150 -35.81 -1.27 20.29
N MET B 1151 -36.93 -1.54 20.91
CA MET B 1151 -37.79 -0.51 21.45
C MET B 1151 -37.96 -0.78 22.93
N HIS B 1152 -37.24 -0.05 23.74
CA HIS B 1152 -37.20 -0.31 25.15
C HIS B 1152 -38.17 0.59 25.86
N VAL B 1153 -39.18 0.03 26.48
CA VAL B 1153 -40.14 0.86 27.17
C VAL B 1153 -39.72 1.00 28.61
N GLY B 1154 -39.47 2.22 29.01
CA GLY B 1154 -39.03 2.49 30.36
C GLY B 1154 -40.02 3.34 31.11
N TYR B 1155 -39.90 3.31 32.40
CA TYR B 1155 -40.68 4.10 33.32
C TYR B 1155 -39.90 5.35 33.67
N TYR B 1156 -40.48 6.48 33.37
CA TYR B 1156 -39.83 7.75 33.61
C TYR B 1156 -40.60 8.56 34.63
N PRO B 1157 -40.02 8.81 35.80
CA PRO B 1157 -40.61 9.54 36.88
C PRO B 1157 -40.64 11.02 36.59
N SER B 1158 -41.56 11.72 37.21
CA SER B 1158 -41.60 13.17 37.13
C SER B 1158 -42.21 13.77 38.39
N ASN B 1159 -42.14 15.08 38.49
CA ASN B 1159 -42.74 15.77 39.62
C ASN B 1159 -42.29 15.20 40.95
N HIS B 1160 -40.99 15.14 41.16
CA HIS B 1160 -40.49 14.63 42.42
C HIS B 1160 -40.81 15.59 43.54
N ILE B 1161 -41.10 15.05 44.70
CA ILE B 1161 -41.28 15.87 45.89
C ILE B 1161 -40.37 15.38 46.98
N GLU B 1162 -40.09 16.24 47.94
CA GLU B 1162 -39.26 15.84 49.05
C GLU B 1162 -40.09 15.56 50.29
N VAL B 1163 -39.85 14.39 50.87
CA VAL B 1163 -40.53 13.99 52.08
C VAL B 1163 -39.50 13.56 53.11
N VAL B 1164 -39.92 13.48 54.36
CA VAL B 1164 -39.04 13.02 55.42
C VAL B 1164 -39.23 11.54 55.65
N SER B 1165 -38.14 10.79 55.64
CA SER B 1165 -38.19 9.36 55.78
C SER B 1165 -37.36 8.82 56.93
N ALA B 1166 -37.76 7.65 57.40
CA ALA B 1166 -37.05 6.92 58.43
C ALA B 1166 -36.28 5.77 57.82
N TYR B 1167 -35.22 5.35 58.49
CA TYR B 1167 -34.44 4.21 58.06
C TYR B 1167 -35.14 2.93 58.50
N GLY B 1168 -35.96 3.08 59.53
CA GLY B 1168 -36.71 2.00 60.12
C GLY B 1168 -37.42 2.54 61.36
N LEU B 1169 -38.32 1.72 61.89
CA LEU B 1169 -39.12 2.07 63.05
C LEU B 1169 -39.00 0.98 64.10
N CYS B 1170 -38.88 1.34 65.38
CA CYS B 1170 -38.80 0.41 66.49
C CYS B 1170 -39.89 0.67 67.51
N ASP B 1171 -40.31 -0.38 68.19
CA ASP B 1171 -41.25 -0.20 69.28
C ASP B 1171 -40.53 0.40 70.47
N ALA B 1172 -40.89 1.60 70.86
CA ALA B 1172 -40.20 2.27 71.94
C ALA B 1172 -40.24 1.45 73.23
N ALA B 1173 -41.35 0.73 73.44
CA ALA B 1173 -41.51 -0.08 74.64
C ALA B 1173 -40.75 -1.40 74.54
N ASN B 1174 -40.40 -1.79 73.32
CA ASN B 1174 -39.73 -3.05 73.03
C ASN B 1174 -38.67 -2.82 71.97
N PRO B 1175 -37.53 -2.21 72.32
CA PRO B 1175 -36.49 -1.68 71.47
C PRO B 1175 -35.85 -2.67 70.51
N THR B 1176 -36.04 -3.96 70.74
CA THR B 1176 -35.46 -4.96 69.87
C THR B 1176 -36.42 -5.39 68.77
N ASN B 1177 -37.64 -4.87 68.82
CA ASN B 1177 -38.64 -5.17 67.80
C ASN B 1177 -38.66 -4.02 66.80
N CYS B 1178 -38.02 -4.21 65.64
CA CYS B 1178 -37.84 -3.16 64.64
C CYS B 1178 -38.21 -3.64 63.26
N ILE B 1179 -38.71 -2.71 62.46
CA ILE B 1179 -39.06 -2.98 61.09
C ILE B 1179 -38.42 -2.02 60.12
N ALA B 1180 -38.22 -2.51 58.91
CA ALA B 1180 -37.69 -1.73 57.81
C ALA B 1180 -38.63 -1.94 56.65
N PRO B 1181 -38.75 -1.00 55.72
CA PRO B 1181 -39.59 -1.08 54.57
C PRO B 1181 -39.03 -2.05 53.55
N VAL B 1182 -39.92 -2.66 52.78
CA VAL B 1182 -39.49 -3.52 51.69
C VAL B 1182 -39.85 -2.92 50.35
N ASN B 1183 -38.83 -2.61 49.57
CA ASN B 1183 -38.97 -1.99 48.25
C ASN B 1183 -39.73 -0.68 48.30
N GLY B 1184 -39.49 0.09 49.35
CA GLY B 1184 -40.16 1.35 49.56
C GLY B 1184 -39.60 2.06 50.75
N TYR B 1185 -40.32 3.05 51.22
CA TYR B 1185 -39.85 3.88 52.30
C TYR B 1185 -40.89 4.13 53.36
N PHE B 1186 -40.42 4.39 54.57
CA PHE B 1186 -41.28 4.86 55.64
C PHE B 1186 -41.24 6.37 55.65
N ILE B 1187 -42.38 6.97 55.43
CA ILE B 1187 -42.48 8.42 55.30
C ILE B 1187 -43.43 9.01 56.33
N LYS B 1188 -43.19 10.27 56.67
CA LYS B 1188 -44.08 10.94 57.61
C LYS B 1188 -45.29 11.49 56.87
N THR B 1189 -46.44 11.54 57.55
CA THR B 1189 -47.69 12.07 57.00
C THR B 1189 -48.58 12.64 58.11
N GLU B 1197 -49.09 8.58 61.87
CA GLU B 1197 -47.84 9.32 61.81
C GLU B 1197 -46.98 8.82 60.64
N TRP B 1198 -46.59 7.54 60.70
CA TRP B 1198 -45.76 6.89 59.68
C TRP B 1198 -46.59 6.09 58.72
N SER B 1199 -46.22 6.15 57.47
CA SER B 1199 -46.87 5.38 56.44
C SER B 1199 -45.84 4.87 55.46
N TYR B 1200 -46.24 3.95 54.63
CA TYR B 1200 -45.35 3.34 53.66
C TYR B 1200 -45.61 3.82 52.25
N THR B 1201 -44.56 4.02 51.48
CA THR B 1201 -44.76 4.30 50.07
C THR B 1201 -43.85 3.43 49.24
N GLY B 1202 -44.30 3.04 48.07
CA GLY B 1202 -43.46 2.26 47.17
C GLY B 1202 -42.34 3.15 46.73
N SER B 1203 -41.18 2.58 46.44
CA SER B 1203 -40.04 3.39 46.10
C SER B 1203 -40.17 4.24 44.85
N SER B 1204 -40.98 3.84 43.89
CA SER B 1204 -41.02 4.59 42.64
C SER B 1204 -42.22 5.50 42.49
N PHE B 1205 -43.09 5.55 43.45
CA PHE B 1205 -44.25 6.38 43.27
C PHE B 1205 -44.86 6.74 44.60
N TYR B 1206 -44.99 8.02 44.84
CA TYR B 1206 -45.53 8.50 46.09
C TYR B 1206 -47.00 8.19 46.20
N ALA B 1207 -47.33 7.31 47.11
CA ALA B 1207 -48.69 6.89 47.30
C ALA B 1207 -48.84 6.24 48.67
N PRO B 1208 -48.87 7.03 49.73
CA PRO B 1208 -48.82 6.58 51.11
C PRO B 1208 -49.92 5.58 51.40
N GLU B 1209 -49.56 4.50 52.06
CA GLU B 1209 -50.47 3.45 52.46
C GLU B 1209 -50.05 3.00 53.85
N PRO B 1210 -50.89 2.34 54.63
CA PRO B 1210 -50.58 1.87 55.96
C PRO B 1210 -49.39 0.93 55.94
N ILE B 1211 -48.62 0.96 57.01
CA ILE B 1211 -47.52 0.03 57.20
C ILE B 1211 -48.11 -1.27 57.68
N THR B 1212 -47.81 -2.34 56.97
CA THR B 1212 -48.36 -3.65 57.26
C THR B 1212 -47.26 -4.68 57.17
N SER B 1213 -47.57 -5.91 57.55
CA SER B 1213 -46.60 -6.99 57.47
C SER B 1213 -46.24 -7.35 56.03
N LEU B 1214 -47.00 -6.84 55.07
CA LEU B 1214 -46.76 -7.13 53.67
C LEU B 1214 -45.78 -6.17 53.02
N ASN B 1215 -45.44 -5.08 53.70
CA ASN B 1215 -44.55 -4.10 53.11
C ASN B 1215 -43.37 -3.79 54.02
N THR B 1216 -43.17 -4.64 55.02
CA THR B 1216 -42.07 -4.52 55.95
C THR B 1216 -41.34 -5.82 56.18
N LYS B 1217 -40.18 -5.71 56.79
CA LYS B 1217 -39.42 -6.86 57.23
C LYS B 1217 -38.89 -6.59 58.62
N TYR B 1218 -38.72 -7.63 59.43
CA TYR B 1218 -38.14 -7.43 60.74
C TYR B 1218 -36.65 -7.36 60.63
N VAL B 1219 -36.07 -6.41 61.32
CA VAL B 1219 -34.65 -6.17 61.29
C VAL B 1219 -34.05 -6.02 62.67
N ALA B 1220 -32.74 -6.15 62.74
CA ALA B 1220 -32.03 -5.84 63.96
C ALA B 1220 -32.11 -4.34 64.18
N PRO B 1221 -32.18 -3.86 65.42
CA PRO B 1221 -32.27 -2.47 65.78
C PRO B 1221 -31.03 -1.69 65.41
N GLN B 1222 -31.23 -0.43 65.05
CA GLN B 1222 -30.14 0.47 64.71
C GLN B 1222 -30.33 1.82 65.35
N VAL B 1223 -29.23 2.52 65.55
CA VAL B 1223 -29.22 3.85 66.15
C VAL B 1223 -29.96 4.89 65.31
N THR B 1224 -30.21 4.58 64.05
CA THR B 1224 -30.89 5.47 63.12
C THR B 1224 -32.38 5.20 62.98
N TYR B 1225 -32.89 4.19 63.69
CA TYR B 1225 -34.30 3.86 63.60
C TYR B 1225 -35.06 4.71 64.58
N GLN B 1226 -36.30 5.03 64.27
CA GLN B 1226 -37.07 5.90 65.13
C GLN B 1226 -37.74 5.10 66.25
N ASN B 1227 -37.85 5.71 67.46
CA ASN B 1227 -38.53 5.10 68.60
C ASN B 1227 -40.00 5.54 68.62
N ILE B 1228 -40.91 4.63 68.26
CA ILE B 1228 -42.34 4.91 68.12
C ILE B 1228 -43.08 4.45 69.36
N SER B 1229 -43.78 5.38 70.00
CA SER B 1229 -44.44 5.08 71.28
C SER B 1229 -45.95 5.20 71.27
N THR B 1230 -46.54 5.71 70.20
CA THR B 1230 -47.99 5.93 70.20
C THR B 1230 -48.73 5.10 69.16
N ASN B 1231 -48.94 5.66 67.98
CA ASN B 1231 -49.72 4.97 66.98
C ASN B 1231 -48.84 4.02 66.20
N LEU B 1232 -48.51 2.92 66.84
CA LEU B 1232 -47.61 1.94 66.27
C LEU B 1232 -48.31 1.21 65.15
N PRO B 1233 -47.62 0.88 64.07
CA PRO B 1233 -48.12 0.12 62.97
C PRO B 1233 -48.25 -1.33 63.44
N PRO B 1234 -49.16 -2.12 62.87
CA PRO B 1234 -49.44 -3.51 63.19
C PRO B 1234 -48.21 -4.42 63.42
N PRO B 1235 -47.12 -4.37 62.62
CA PRO B 1235 -45.97 -5.23 62.79
C PRO B 1235 -45.27 -5.04 64.13
N LEU B 1236 -45.49 -3.91 64.78
CA LEU B 1236 -44.85 -3.63 66.05
C LEU B 1236 -45.79 -3.80 67.24
N LEU B 1237 -47.04 -4.16 67.00
CA LEU B 1237 -47.99 -4.26 68.10
C LEU B 1237 -47.92 -5.62 68.78
N GLY B 1238 -46.85 -5.82 69.57
CA GLY B 1238 -46.58 -7.07 70.29
C GLY B 1238 -47.54 -7.22 71.47
N THR C 32 24.74 -27.53 -47.53
CA THR C 32 23.51 -28.29 -47.31
C THR C 32 23.87 -29.74 -46.98
N VAL C 33 22.91 -30.46 -46.38
CA VAL C 33 23.05 -31.85 -45.95
C VAL C 33 22.67 -32.86 -47.01
N ASP C 34 23.54 -33.83 -47.21
CA ASP C 34 23.31 -34.93 -48.12
C ASP C 34 22.37 -35.91 -47.44
N VAL C 35 21.24 -36.18 -48.07
CA VAL C 35 20.22 -37.03 -47.48
C VAL C 35 19.99 -38.28 -48.31
N GLY C 36 21.01 -38.65 -49.06
CA GLY C 36 20.96 -39.83 -49.90
C GLY C 36 20.47 -39.46 -51.29
N PRO C 37 20.42 -40.42 -52.20
CA PRO C 37 20.05 -40.30 -53.59
C PRO C 37 18.57 -40.06 -53.78
N ASP C 38 18.22 -39.53 -54.95
CA ASP C 38 16.83 -39.36 -55.37
C ASP C 38 16.22 -40.69 -55.72
N SER C 39 14.90 -40.75 -55.67
CA SER C 39 14.23 -41.92 -56.20
C SER C 39 14.45 -41.99 -57.70
N VAL C 40 14.59 -43.20 -58.21
CA VAL C 40 14.81 -43.40 -59.63
C VAL C 40 13.60 -43.98 -60.33
N LYS C 41 12.49 -44.04 -59.62
CA LYS C 41 11.28 -44.57 -60.21
C LYS C 41 10.57 -43.53 -61.07
N SER C 42 10.02 -43.98 -62.19
CA SER C 42 9.31 -43.12 -63.13
C SER C 42 7.87 -42.86 -62.71
N ALA C 43 7.43 -43.58 -61.70
CA ALA C 43 6.07 -43.48 -61.23
C ALA C 43 5.96 -43.77 -59.75
N CYS C 44 4.95 -43.19 -59.13
CA CYS C 44 4.55 -43.39 -57.75
C CYS C 44 3.49 -44.49 -57.66
N ILE C 45 3.33 -45.07 -56.50
CA ILE C 45 2.28 -46.04 -56.35
C ILE C 45 0.95 -45.32 -56.21
N GLU C 46 -0.04 -45.75 -56.99
CA GLU C 46 -1.35 -45.14 -56.95
C GLU C 46 -1.92 -45.14 -55.56
N VAL C 47 -2.50 -44.02 -55.16
CA VAL C 47 -3.06 -43.90 -53.84
C VAL C 47 -4.58 -43.79 -53.88
N ASP C 48 -5.24 -44.75 -53.26
CA ASP C 48 -6.69 -44.82 -53.17
C ASP C 48 -7.21 -44.11 -51.94
N ILE C 49 -7.94 -43.01 -52.12
CA ILE C 49 -8.44 -42.27 -50.98
C ILE C 49 -9.89 -42.57 -50.76
N GLN C 50 -10.20 -43.19 -49.64
CA GLN C 50 -11.59 -43.48 -49.32
C GLN C 50 -11.89 -43.12 -47.89
N GLN C 51 -12.14 -41.84 -47.67
CA GLN C 51 -12.29 -41.31 -46.34
C GLN C 51 -13.36 -41.99 -45.52
N THR C 52 -14.40 -42.48 -46.18
CA THR C 52 -15.48 -43.17 -45.49
C THR C 52 -14.95 -44.25 -44.55
N PHE C 53 -13.94 -44.97 -44.98
CA PHE C 53 -13.41 -46.09 -44.22
C PHE C 53 -12.63 -45.64 -43.00
N PHE C 54 -12.30 -44.36 -42.95
CA PHE C 54 -11.51 -43.80 -41.87
C PHE C 54 -12.36 -42.92 -40.98
N ASP C 55 -13.66 -42.82 -41.28
CA ASP C 55 -14.55 -41.98 -40.50
C ASP C 55 -15.08 -42.76 -39.31
N LYS C 56 -14.20 -42.98 -38.35
CA LYS C 56 -14.52 -43.76 -37.18
C LYS C 56 -14.72 -42.87 -35.97
N THR C 57 -15.43 -43.36 -34.98
CA THR C 57 -15.64 -42.60 -33.76
C THR C 57 -15.13 -43.35 -32.57
N TRP C 58 -13.88 -43.11 -32.24
CA TRP C 58 -13.19 -43.80 -31.16
C TRP C 58 -12.60 -42.77 -30.22
N PRO C 59 -13.43 -41.98 -29.54
CA PRO C 59 -13.03 -40.81 -28.80
C PRO C 59 -12.14 -41.15 -27.64
N ARG C 60 -11.10 -40.36 -27.48
CA ARG C 60 -10.19 -40.46 -26.36
C ARG C 60 -9.81 -39.07 -25.92
N PRO C 61 -10.70 -38.35 -25.23
CA PRO C 61 -10.54 -36.99 -24.87
C PRO C 61 -9.48 -36.88 -23.81
N ILE C 62 -8.86 -35.72 -23.72
CA ILE C 62 -7.88 -35.50 -22.69
C ILE C 62 -8.50 -35.57 -21.33
N ASP C 63 -7.96 -36.44 -20.50
CA ASP C 63 -8.40 -36.57 -19.15
C ASP C 63 -7.28 -36.06 -18.27
N VAL C 64 -7.43 -34.84 -17.79
CA VAL C 64 -6.35 -34.19 -17.11
C VAL C 64 -6.15 -34.79 -15.72
N SER C 65 -7.12 -35.56 -15.24
CA SER C 65 -6.99 -36.18 -13.92
C SER C 65 -6.01 -37.34 -13.98
N LYS C 66 -5.64 -37.74 -15.19
CA LYS C 66 -4.67 -38.80 -15.44
C LYS C 66 -3.41 -38.18 -16.03
N ALA C 67 -3.38 -36.86 -16.03
CA ALA C 67 -2.32 -36.04 -16.59
C ALA C 67 -2.08 -36.30 -18.09
N ASP C 68 -3.15 -36.51 -18.85
CA ASP C 68 -2.99 -36.71 -20.29
C ASP C 68 -2.46 -35.48 -20.98
N GLY C 69 -1.46 -35.68 -21.83
CA GLY C 69 -0.96 -34.63 -22.68
C GLY C 69 -0.11 -33.59 -21.99
N ILE C 70 0.31 -33.86 -20.76
CA ILE C 70 1.11 -32.88 -20.06
C ILE C 70 2.60 -32.93 -20.33
N ILE C 71 3.14 -31.77 -20.71
CA ILE C 71 4.55 -31.56 -20.89
C ILE C 71 5.08 -31.07 -19.56
N TYR C 72 6.09 -31.73 -19.08
CA TYR C 72 6.65 -31.48 -17.78
C TYR C 72 7.31 -30.09 -17.76
N PRO C 73 7.28 -29.34 -16.65
CA PRO C 73 7.99 -28.08 -16.48
C PRO C 73 9.42 -28.31 -16.94
N GLN C 74 9.91 -27.45 -17.81
CA GLN C 74 11.14 -27.79 -18.50
C GLN C 74 12.46 -27.61 -17.77
N GLY C 75 12.62 -26.60 -16.95
CA GLY C 75 13.93 -26.37 -16.35
C GLY C 75 14.08 -26.88 -14.93
N ARG C 76 13.10 -27.62 -14.44
CA ARG C 76 13.08 -28.02 -13.06
C ARG C 76 12.16 -29.17 -12.75
N THR C 77 12.27 -29.68 -11.54
CA THR C 77 11.35 -30.67 -11.02
C THR C 77 10.90 -30.28 -9.62
N TYR C 78 9.85 -30.94 -9.17
CA TYR C 78 9.27 -30.72 -7.86
C TYR C 78 9.02 -32.06 -7.26
N SER C 79 8.91 -32.13 -5.94
CA SER C 79 8.66 -33.39 -5.30
C SER C 79 7.58 -33.33 -4.22
N ASN C 80 6.54 -34.16 -4.38
CA ASN C 80 5.44 -34.35 -3.44
C ASN C 80 4.68 -33.06 -3.07
N ILE C 81 4.45 -32.16 -4.04
CA ILE C 81 3.67 -30.94 -3.83
C ILE C 81 2.63 -30.72 -4.89
N THR C 82 1.66 -29.89 -4.58
CA THR C 82 0.67 -29.43 -5.55
C THR C 82 0.79 -27.94 -5.74
N ILE C 83 1.04 -27.53 -6.98
CA ILE C 83 1.17 -26.12 -7.33
C ILE C 83 0.45 -25.79 -8.63
N THR C 84 0.11 -24.53 -8.84
CA THR C 84 -0.35 -24.17 -10.17
C THR C 84 0.84 -23.86 -11.04
N TYR C 85 0.66 -24.03 -12.34
CA TYR C 85 1.71 -23.79 -13.29
C TYR C 85 1.16 -23.28 -14.60
N GLN C 86 1.81 -22.27 -15.14
CA GLN C 86 1.43 -21.70 -16.42
C GLN C 86 2.27 -22.31 -17.53
N GLY C 87 1.63 -22.85 -18.55
CA GLY C 87 2.37 -23.47 -19.63
C GLY C 87 1.48 -23.93 -20.75
N LEU C 88 2.05 -24.64 -21.72
CA LEU C 88 1.25 -25.08 -22.85
C LEU C 88 0.65 -26.43 -22.59
N PHE C 89 -0.67 -26.46 -22.52
CA PHE C 89 -1.41 -27.65 -22.18
C PHE C 89 -2.60 -27.81 -23.12
N PRO C 90 -3.09 -29.02 -23.32
CA PRO C 90 -4.31 -29.33 -24.02
C PRO C 90 -5.50 -28.97 -23.14
N TYR C 91 -6.65 -28.73 -23.73
CA TYR C 91 -7.83 -28.47 -22.94
C TYR C 91 -8.41 -29.74 -22.35
N GLN C 92 -8.88 -29.67 -21.12
CA GLN C 92 -9.61 -30.78 -20.54
C GLN C 92 -10.83 -31.09 -21.38
N GLY C 93 -11.01 -32.36 -21.72
CA GLY C 93 -12.16 -32.78 -22.49
C GLY C 93 -11.97 -32.70 -23.99
N ASP C 94 -10.82 -32.20 -24.44
CA ASP C 94 -10.59 -32.09 -25.87
C ASP C 94 -10.46 -33.44 -26.51
N HIS C 95 -11.30 -33.70 -27.51
CA HIS C 95 -11.27 -34.97 -28.20
C HIS C 95 -10.09 -35.08 -29.15
N GLY C 96 -9.66 -33.93 -29.66
CA GLY C 96 -8.54 -33.91 -30.58
C GLY C 96 -8.98 -34.40 -31.94
N ASP C 97 -8.03 -34.41 -32.86
CA ASP C 97 -8.26 -34.93 -34.18
C ASP C 97 -7.72 -36.34 -34.27
N MET C 98 -8.57 -37.28 -34.64
CA MET C 98 -8.13 -38.66 -34.74
C MET C 98 -7.66 -38.99 -36.13
N TYR C 99 -6.54 -39.67 -36.21
CA TYR C 99 -6.00 -40.11 -37.47
C TYR C 99 -5.67 -41.57 -37.38
N VAL C 100 -5.94 -42.31 -38.43
CA VAL C 100 -5.59 -43.72 -38.41
C VAL C 100 -4.94 -44.13 -39.72
N TYR C 101 -3.96 -45.01 -39.62
CA TYR C 101 -3.26 -45.54 -40.77
C TYR C 101 -3.77 -46.93 -41.04
N SER C 102 -3.66 -47.38 -42.27
CA SER C 102 -4.21 -48.68 -42.62
C SER C 102 -3.39 -49.47 -43.59
N ALA C 103 -3.75 -50.73 -43.72
CA ALA C 103 -3.18 -51.59 -44.72
C ALA C 103 -3.62 -51.13 -46.08
N GLY C 104 -2.80 -51.35 -47.08
CA GLY C 104 -3.14 -51.00 -48.44
C GLY C 104 -3.90 -52.13 -49.10
N HIS C 105 -4.14 -51.99 -50.39
CA HIS C 105 -4.86 -52.98 -51.16
C HIS C 105 -3.95 -54.14 -51.45
N ALA C 106 -4.51 -55.32 -51.61
CA ALA C 106 -3.71 -56.48 -51.93
C ALA C 106 -4.57 -57.57 -52.52
N THR C 107 -3.94 -58.43 -53.29
CA THR C 107 -4.56 -59.64 -53.80
C THR C 107 -3.67 -60.81 -53.50
N GLY C 108 -4.00 -61.55 -52.47
CA GLY C 108 -3.14 -62.64 -52.03
C GLY C 108 -1.80 -62.12 -51.57
N THR C 109 -0.74 -62.63 -52.16
CA THR C 109 0.62 -62.27 -51.77
C THR C 109 1.19 -61.05 -52.48
N THR C 110 0.39 -60.42 -53.34
CA THR C 110 0.88 -59.23 -54.04
C THR C 110 0.14 -57.96 -53.60
N PRO C 111 0.81 -57.01 -52.91
CA PRO C 111 0.32 -55.71 -52.52
C PRO C 111 0.01 -54.90 -53.77
N GLN C 112 -0.98 -54.04 -53.70
CA GLN C 112 -1.32 -53.24 -54.86
C GLN C 112 -1.10 -51.74 -54.62
N LYS C 113 -2.19 -50.97 -54.63
CA LYS C 113 -2.12 -49.53 -54.43
C LYS C 113 -2.22 -49.21 -52.97
N LEU C 114 -1.87 -48.00 -52.57
CA LEU C 114 -2.03 -47.65 -51.17
C LEU C 114 -3.43 -47.23 -50.78
N PHE C 115 -3.78 -47.40 -49.52
CA PHE C 115 -5.12 -47.03 -49.07
C PHE C 115 -5.02 -46.03 -47.94
N VAL C 116 -5.48 -44.82 -48.21
CA VAL C 116 -5.32 -43.74 -47.25
C VAL C 116 -6.59 -42.93 -47.03
N ALA C 117 -6.54 -42.13 -45.99
CA ALA C 117 -7.53 -41.12 -45.67
C ALA C 117 -7.16 -39.82 -46.38
N ASN C 118 -8.07 -38.83 -46.40
CA ASN C 118 -7.84 -37.54 -47.03
C ASN C 118 -7.05 -36.59 -46.11
N TYR C 119 -5.94 -37.08 -45.56
CA TYR C 119 -5.14 -36.35 -44.57
C TYR C 119 -4.23 -35.30 -45.16
N SER C 120 -3.74 -35.55 -46.37
CA SER C 120 -2.78 -34.63 -46.97
C SER C 120 -3.39 -33.29 -47.34
N GLN C 121 -4.69 -33.27 -47.61
CA GLN C 121 -5.38 -32.04 -47.98
C GLN C 121 -5.94 -31.34 -46.75
N ASP C 122 -5.87 -32.02 -45.61
CA ASP C 122 -6.44 -31.51 -44.38
C ASP C 122 -5.36 -30.76 -43.62
N VAL C 123 -5.13 -29.51 -44.01
CA VAL C 123 -4.06 -28.75 -43.43
C VAL C 123 -4.56 -27.95 -42.23
N LYS C 124 -3.88 -28.12 -41.11
CA LYS C 124 -4.26 -27.52 -39.85
C LYS C 124 -3.39 -26.34 -39.49
N GLN C 125 -3.91 -25.46 -38.65
CA GLN C 125 -3.13 -24.35 -38.13
C GLN C 125 -2.31 -24.88 -36.95
N PHE C 126 -1.01 -24.60 -36.94
CA PHE C 126 -0.11 -25.06 -35.90
C PHE C 126 -0.32 -24.36 -34.56
N ALA C 127 -0.50 -23.04 -34.60
CA ALA C 127 -0.66 -22.25 -33.39
C ALA C 127 0.49 -22.43 -32.41
N ASN C 128 0.23 -23.03 -31.26
CA ASN C 128 1.25 -23.18 -30.24
C ASN C 128 1.85 -24.57 -30.24
N GLY C 129 1.46 -25.37 -31.20
CA GLY C 129 1.93 -26.73 -31.26
C GLY C 129 0.88 -27.69 -30.77
N PHE C 130 1.27 -28.94 -30.65
CA PHE C 130 0.34 -30.01 -30.32
C PHE C 130 0.99 -31.19 -29.63
N VAL C 131 0.16 -32.01 -29.01
CA VAL C 131 0.60 -33.26 -28.43
C VAL C 131 -0.16 -34.40 -29.05
N VAL C 132 0.45 -35.57 -29.09
CA VAL C 132 -0.15 -36.68 -29.77
C VAL C 132 -0.21 -37.90 -28.87
N ARG C 133 -1.38 -38.51 -28.80
CA ARG C 133 -1.56 -39.75 -28.06
C ARG C 133 -1.29 -40.89 -29.04
N ILE C 134 -0.25 -41.66 -28.79
CA ILE C 134 0.16 -42.70 -29.72
C ILE C 134 0.03 -44.12 -29.15
N GLY C 135 -0.68 -44.98 -29.88
CA GLY C 135 -0.78 -46.38 -29.51
C GLY C 135 -1.78 -46.67 -28.40
N ALA C 136 -2.73 -45.78 -28.20
CA ALA C 136 -3.68 -45.93 -27.10
C ALA C 136 -4.49 -47.21 -27.17
N ALA C 137 -4.81 -47.64 -28.37
CA ALA C 137 -5.64 -48.81 -28.57
C ALA C 137 -4.83 -50.09 -28.68
N ALA C 138 -3.52 -50.00 -28.53
CA ALA C 138 -2.69 -51.17 -28.72
C ALA C 138 -3.15 -52.28 -27.78
N ASN C 139 -3.04 -53.54 -28.25
CA ASN C 139 -3.41 -54.81 -27.59
C ASN C 139 -4.91 -55.13 -27.67
N SER C 140 -5.75 -54.14 -27.98
CA SER C 140 -7.19 -54.35 -28.09
C SER C 140 -7.48 -54.98 -29.43
N THR C 141 -8.65 -55.56 -29.57
CA THR C 141 -9.02 -56.07 -30.88
C THR C 141 -9.70 -54.96 -31.62
N GLY C 142 -9.22 -54.69 -32.82
CA GLY C 142 -9.79 -53.63 -33.62
C GLY C 142 -10.07 -54.09 -35.00
N THR C 143 -10.30 -53.13 -35.87
CA THR C 143 -10.63 -53.42 -37.24
C THR C 143 -9.48 -53.12 -38.15
N VAL C 144 -9.36 -53.90 -39.19
CA VAL C 144 -8.44 -53.62 -40.24
C VAL C 144 -9.22 -52.69 -41.16
N ILE C 145 -8.80 -51.45 -41.25
CA ILE C 145 -9.63 -50.42 -41.86
C ILE C 145 -10.06 -50.73 -43.27
N ILE C 146 -9.15 -51.24 -44.07
CA ILE C 146 -9.43 -51.53 -45.47
C ILE C 146 -10.46 -52.63 -45.67
N SER C 147 -10.65 -53.46 -44.65
CA SER C 147 -11.59 -54.57 -44.72
C SER C 147 -12.34 -54.67 -43.40
N PRO C 148 -13.42 -53.90 -43.23
CA PRO C 148 -14.21 -53.71 -42.02
C PRO C 148 -14.68 -55.00 -41.36
N SER C 149 -14.83 -56.06 -42.15
CA SER C 149 -15.29 -57.34 -41.64
C SER C 149 -14.18 -58.11 -40.94
N THR C 150 -12.95 -57.65 -41.09
CA THR C 150 -11.79 -58.33 -40.55
C THR C 150 -11.26 -57.61 -39.32
N SER C 151 -11.08 -58.37 -38.25
CA SER C 151 -10.54 -57.82 -37.03
C SER C 151 -9.16 -58.36 -36.78
N ALA C 152 -8.37 -57.61 -36.03
CA ALA C 152 -7.02 -58.02 -35.69
C ALA C 152 -6.54 -57.30 -34.44
N THR C 153 -5.53 -57.86 -33.79
CA THR C 153 -4.95 -57.19 -32.63
C THR C 153 -4.31 -55.88 -33.09
N ILE C 154 -4.59 -54.82 -32.36
CA ILE C 154 -4.08 -53.49 -32.66
C ILE C 154 -2.63 -53.31 -32.24
N ARG C 155 -1.84 -52.80 -33.17
CA ARG C 155 -0.44 -52.48 -32.90
C ARG C 155 -0.16 -51.00 -33.01
N LYS C 156 0.76 -50.51 -32.20
CA LYS C 156 1.17 -49.11 -32.23
C LYS C 156 1.87 -48.75 -33.53
N ILE C 157 1.51 -47.60 -34.07
CA ILE C 157 2.16 -47.08 -35.25
C ILE C 157 2.47 -45.63 -34.99
N TYR C 158 3.58 -45.13 -35.49
CA TYR C 158 3.93 -43.76 -35.23
C TYR C 158 3.44 -42.84 -36.34
N PRO C 159 2.97 -41.65 -35.98
CA PRO C 159 2.48 -40.62 -36.86
C PRO C 159 3.58 -39.96 -37.65
N ALA C 160 3.26 -39.54 -38.85
CA ALA C 160 4.16 -38.74 -39.66
C ALA C 160 3.57 -37.35 -39.86
N PHE C 161 4.41 -36.34 -39.79
CA PHE C 161 3.93 -34.98 -39.93
C PHE C 161 4.70 -34.18 -40.96
N MET C 162 4.02 -33.24 -41.57
CA MET C 162 4.64 -32.27 -42.45
C MET C 162 4.29 -30.89 -41.92
N LEU C 163 5.30 -30.09 -41.61
CA LEU C 163 5.07 -28.78 -41.01
C LEU C 163 5.76 -27.67 -41.78
N GLY C 164 5.14 -26.50 -41.87
CA GLY C 164 5.82 -25.42 -42.56
C GLY C 164 5.16 -24.07 -42.36
N SER C 165 5.72 -23.06 -43.01
CA SER C 165 5.25 -21.69 -42.89
C SER C 165 4.30 -21.26 -44.00
N SER C 166 4.25 -22.02 -45.08
CA SER C 166 3.43 -21.65 -46.22
C SER C 166 2.86 -22.85 -46.93
N VAL C 167 1.59 -22.78 -47.26
CA VAL C 167 0.88 -23.86 -47.93
C VAL C 167 0.08 -23.41 -49.13
N GLY C 168 -0.25 -24.35 -49.98
CA GLY C 168 -1.08 -24.09 -51.15
C GLY C 168 -1.41 -25.38 -51.85
N ASN C 169 -1.74 -25.29 -53.14
CA ASN C 169 -2.16 -26.43 -53.94
C ASN C 169 -1.03 -26.97 -54.81
N PHE C 170 -1.22 -28.20 -55.31
CA PHE C 170 -0.36 -28.88 -56.26
C PHE C 170 -0.81 -28.53 -57.66
N SER C 171 -0.13 -29.06 -58.67
CA SER C 171 -0.42 -28.68 -60.05
C SER C 171 -1.87 -28.97 -60.47
N ASP C 172 -2.51 -29.97 -59.84
CA ASP C 172 -3.87 -30.32 -60.22
C ASP C 172 -4.94 -29.64 -59.37
N GLY C 173 -4.55 -28.73 -58.51
CA GLY C 173 -5.51 -28.01 -57.69
C GLY C 173 -5.76 -28.60 -56.31
N LYS C 174 -5.19 -29.76 -56.01
CA LYS C 174 -5.41 -30.34 -54.69
C LYS C 174 -4.55 -29.64 -53.65
N MET C 175 -5.10 -29.45 -52.46
CA MET C 175 -4.38 -28.76 -51.39
C MET C 175 -3.38 -29.66 -50.71
N GLY C 176 -2.43 -29.08 -50.01
CA GLY C 176 -1.52 -29.89 -49.21
C GLY C 176 -0.06 -29.71 -49.59
N ARG C 177 0.21 -28.81 -50.50
CA ARG C 177 1.59 -28.55 -50.85
C ARG C 177 2.19 -27.57 -49.88
N PHE C 178 3.39 -27.86 -49.43
CA PHE C 178 4.11 -26.94 -48.57
C PHE C 178 5.19 -26.31 -49.39
N PHE C 179 5.42 -25.03 -49.15
CA PHE C 179 6.40 -24.30 -49.92
C PHE C 179 7.61 -23.96 -49.09
N ASN C 180 8.75 -23.77 -49.79
CA ASN C 180 10.04 -23.43 -49.19
C ASN C 180 10.47 -24.55 -48.24
N HIS C 181 11.14 -24.25 -47.11
CA HIS C 181 11.60 -25.32 -46.23
C HIS C 181 10.47 -25.85 -45.38
N THR C 182 10.32 -27.15 -45.42
CA THR C 182 9.28 -27.88 -44.73
C THR C 182 9.92 -28.87 -43.79
N LEU C 183 9.39 -28.93 -42.58
CA LEU C 183 9.86 -29.87 -41.59
C LEU C 183 9.07 -31.13 -41.69
N VAL C 184 9.76 -32.22 -41.87
CA VAL C 184 9.11 -33.50 -41.98
C VAL C 184 9.55 -34.39 -40.85
N LEU C 185 8.58 -34.91 -40.13
CA LEU C 185 8.82 -35.84 -39.05
C LEU C 185 8.31 -37.18 -39.51
N LEU C 186 9.23 -38.03 -39.91
CA LEU C 186 8.87 -39.26 -40.57
C LEU C 186 9.46 -40.48 -39.88
N PRO C 187 8.67 -41.26 -39.15
CA PRO C 187 9.09 -42.45 -38.47
C PRO C 187 9.45 -43.46 -39.53
N ASP C 188 10.44 -44.28 -39.25
CA ASP C 188 10.92 -45.26 -40.20
C ASP C 188 11.41 -46.51 -39.50
N GLY C 189 11.86 -47.47 -40.29
CA GLY C 189 12.42 -48.70 -39.75
C GLY C 189 11.39 -49.55 -39.03
N CYS C 190 10.13 -49.52 -39.50
CA CYS C 190 8.99 -50.22 -38.90
C CYS C 190 8.80 -49.76 -37.45
N GLY C 191 8.99 -48.46 -37.21
CA GLY C 191 8.79 -47.88 -35.88
C GLY C 191 10.03 -47.97 -34.98
N THR C 192 11.23 -48.04 -35.56
CA THR C 192 12.44 -48.13 -34.74
C THR C 192 13.25 -46.83 -34.75
N LEU C 193 12.89 -45.89 -35.61
CA LEU C 193 13.55 -44.59 -35.59
C LEU C 193 12.61 -43.48 -36.01
N LEU C 194 12.86 -42.29 -35.49
CA LEU C 194 12.17 -41.10 -35.96
C LEU C 194 13.14 -40.26 -36.75
N ARG C 195 12.80 -39.95 -37.99
CA ARG C 195 13.68 -39.12 -38.78
C ARG C 195 13.10 -37.72 -38.94
N ALA C 196 13.86 -36.71 -38.56
CA ALA C 196 13.42 -35.34 -38.66
C ALA C 196 14.28 -34.56 -39.62
N PHE C 197 13.69 -33.96 -40.63
CA PHE C 197 14.48 -33.20 -41.57
C PHE C 197 13.78 -31.94 -42.03
N TYR C 198 14.57 -30.95 -42.38
CA TYR C 198 14.05 -29.66 -42.81
C TYR C 198 14.61 -29.40 -44.18
N CYS C 199 13.74 -29.40 -45.19
CA CYS C 199 14.17 -29.43 -46.57
C CYS C 199 13.11 -28.83 -47.50
N ILE C 200 13.47 -28.55 -48.73
CA ILE C 200 12.50 -28.11 -49.71
C ILE C 200 11.95 -29.31 -50.43
N LEU C 201 10.64 -29.41 -50.49
CA LEU C 201 10.04 -30.56 -51.14
C LEU C 201 9.65 -30.20 -52.55
N GLU C 202 10.35 -30.80 -53.49
CA GLU C 202 10.14 -30.56 -54.89
C GLU C 202 9.35 -31.71 -55.50
N PRO C 203 8.06 -31.56 -55.76
CA PRO C 203 7.20 -32.63 -56.16
C PRO C 203 7.66 -33.21 -57.47
N ARG C 204 7.69 -34.53 -57.54
CA ARG C 204 8.08 -35.21 -58.74
C ARG C 204 6.93 -35.25 -59.74
N SER C 205 7.27 -35.31 -61.02
CA SER C 205 6.30 -35.22 -62.10
C SER C 205 5.91 -36.55 -62.74
N GLY C 206 6.29 -37.65 -62.13
CA GLY C 206 5.99 -38.95 -62.69
C GLY C 206 4.54 -39.32 -62.48
N ASN C 207 4.17 -40.52 -62.92
CA ASN C 207 2.78 -40.97 -62.85
C ASN C 207 2.32 -41.13 -61.40
N HIS C 208 1.20 -40.52 -61.07
CA HIS C 208 0.63 -40.52 -59.70
C HIS C 208 1.46 -39.74 -58.67
N CYS C 209 2.38 -38.87 -59.12
CA CYS C 209 3.22 -38.03 -58.27
C CYS C 209 2.56 -36.63 -58.28
N PRO C 210 2.83 -35.77 -57.29
CA PRO C 210 2.15 -34.50 -57.06
C PRO C 210 2.26 -33.48 -58.19
N ALA C 211 3.26 -33.61 -59.05
CA ALA C 211 3.39 -32.69 -60.17
C ALA C 211 3.12 -33.40 -61.48
N GLY C 212 2.60 -34.62 -61.42
CA GLY C 212 2.32 -35.42 -62.60
C GLY C 212 0.83 -35.70 -62.78
N ASN C 213 0.53 -36.75 -63.53
CA ASN C 213 -0.85 -37.10 -63.84
C ASN C 213 -1.43 -38.09 -62.85
N SER C 214 -2.76 -38.10 -62.75
CA SER C 214 -3.47 -39.05 -61.90
C SER C 214 -3.03 -38.98 -60.43
N TYR C 215 -2.82 -37.76 -59.95
CA TYR C 215 -2.45 -37.54 -58.56
C TYR C 215 -3.67 -37.42 -57.68
N THR C 216 -3.61 -38.08 -56.55
CA THR C 216 -4.65 -38.07 -55.55
C THR C 216 -4.06 -37.53 -54.26
N SER C 217 -3.16 -38.30 -53.67
CA SER C 217 -2.44 -37.90 -52.48
C SER C 217 -1.10 -38.54 -52.43
N PHE C 218 -0.14 -37.85 -51.86
CA PHE C 218 1.12 -38.48 -51.59
C PHE C 218 0.93 -39.32 -50.36
N ALA C 219 1.77 -40.31 -50.18
CA ALA C 219 1.70 -41.12 -49.00
C ALA C 219 3.01 -41.83 -48.81
N THR C 220 3.31 -42.20 -47.59
CA THR C 220 4.47 -43.03 -47.36
C THR C 220 4.01 -44.43 -47.12
N TYR C 221 4.93 -45.36 -47.22
CA TYR C 221 4.60 -46.74 -47.02
C TYR C 221 5.82 -47.56 -46.71
N HIS C 222 5.59 -48.73 -46.19
CA HIS C 222 6.64 -49.72 -46.08
C HIS C 222 6.01 -51.04 -46.44
N THR C 223 6.84 -52.00 -46.81
CA THR C 223 6.39 -53.32 -47.21
C THR C 223 6.96 -54.34 -46.25
N PRO C 224 6.22 -54.76 -45.22
CA PRO C 224 6.68 -55.60 -44.14
C PRO C 224 7.40 -56.84 -44.63
N ALA C 225 6.97 -57.36 -45.78
CA ALA C 225 7.58 -58.56 -46.34
C ALA C 225 9.07 -58.39 -46.58
N THR C 226 9.52 -57.19 -46.95
CA THR C 226 10.92 -56.98 -47.22
C THR C 226 11.56 -55.98 -46.27
N ASP C 227 10.74 -55.14 -45.64
CA ASP C 227 11.24 -54.08 -44.77
C ASP C 227 11.27 -54.38 -43.27
N CYS C 228 10.44 -55.33 -42.78
CA CYS C 228 10.29 -55.62 -41.34
C CYS C 228 10.83 -57.00 -41.01
N SER C 229 12.05 -57.28 -41.44
CA SER C 229 12.69 -58.53 -41.10
C SER C 229 12.98 -58.54 -39.61
N ASP C 230 12.97 -59.71 -39.00
CA ASP C 230 13.20 -59.79 -37.56
C ASP C 230 14.54 -59.20 -37.15
N GLY C 231 15.53 -59.38 -38.02
CA GLY C 231 16.86 -58.88 -37.74
C GLY C 231 17.09 -57.50 -38.34
N ASN C 232 17.35 -57.47 -39.63
CA ASN C 232 17.71 -56.22 -40.31
C ASN C 232 16.49 -55.46 -40.83
N TYR C 233 16.05 -54.44 -40.09
CA TYR C 233 14.93 -53.63 -40.55
C TYR C 233 15.43 -52.62 -41.56
N ASN C 234 14.58 -52.27 -42.49
CA ASN C 234 14.96 -51.27 -43.47
C ASN C 234 14.72 -49.88 -42.92
N ARG C 235 15.79 -49.27 -42.46
CA ARG C 235 15.71 -47.99 -41.78
C ARG C 235 15.41 -46.80 -42.71
N ASN C 236 15.38 -47.05 -44.04
CA ASN C 236 15.07 -46.06 -45.06
C ASN C 236 13.76 -46.36 -45.81
N ALA C 237 12.94 -47.31 -45.33
CA ALA C 237 11.73 -47.72 -46.07
C ALA C 237 10.72 -46.58 -46.25
N SER C 238 10.44 -45.83 -45.18
CA SER C 238 9.45 -44.77 -45.30
C SER C 238 10.08 -43.54 -45.91
N LEU C 239 11.38 -43.36 -45.74
CA LEU C 239 12.03 -42.23 -46.39
C LEU C 239 12.08 -42.44 -47.88
N ASN C 240 12.37 -43.66 -48.30
CA ASN C 240 12.48 -43.94 -49.71
C ASN C 240 11.14 -43.80 -50.39
N SER C 241 10.06 -44.17 -49.71
CA SER C 241 8.75 -43.98 -50.31
C SER C 241 8.38 -42.51 -50.37
N PHE C 242 8.80 -41.73 -49.38
CA PHE C 242 8.53 -40.31 -49.38
C PHE C 242 9.20 -39.67 -50.59
N LYS C 243 10.43 -40.08 -50.84
CA LYS C 243 11.24 -39.62 -51.95
C LYS C 243 10.67 -39.93 -53.32
N GLU C 244 9.67 -40.81 -53.39
CA GLU C 244 9.06 -41.11 -54.67
C GLU C 244 8.13 -39.99 -55.06
N TYR C 245 7.60 -39.27 -54.08
CA TYR C 245 6.68 -38.21 -54.37
C TYR C 245 7.40 -36.88 -54.42
N PHE C 246 8.45 -36.73 -53.61
CA PHE C 246 9.17 -35.47 -53.56
C PHE C 246 10.67 -35.65 -53.67
N ASN C 247 11.31 -34.73 -54.36
CA ASN C 247 12.76 -34.66 -54.32
C ASN C 247 13.12 -33.82 -53.11
N LEU C 248 14.17 -34.20 -52.41
CA LEU C 248 14.57 -33.42 -51.25
C LEU C 248 15.71 -32.49 -51.64
N ARG C 249 15.45 -31.20 -51.53
CA ARG C 249 16.40 -30.19 -51.96
C ARG C 249 16.72 -29.18 -50.87
N ASN C 250 17.99 -28.75 -50.80
CA ASN C 250 18.45 -27.72 -49.85
C ASN C 250 18.15 -28.10 -48.40
N CYS C 251 18.39 -29.35 -48.01
CA CYS C 251 18.17 -29.85 -46.65
C CYS C 251 19.17 -29.20 -45.71
N THR C 252 18.69 -28.73 -44.58
CA THR C 252 19.59 -28.07 -43.65
C THR C 252 20.02 -29.04 -42.57
N PHE C 253 19.21 -30.04 -42.34
CA PHE C 253 19.53 -31.10 -41.40
C PHE C 253 18.70 -32.31 -41.65
N MET C 254 19.17 -33.42 -41.14
CA MET C 254 18.43 -34.65 -41.05
C MET C 254 18.92 -35.42 -39.84
N TYR C 255 18.06 -35.55 -38.86
CA TYR C 255 18.40 -36.18 -37.60
C TYR C 255 17.62 -37.45 -37.41
N THR C 256 18.21 -38.42 -36.74
CA THR C 256 17.47 -39.59 -36.40
C THR C 256 17.50 -39.83 -34.92
N TYR C 257 16.42 -40.37 -34.40
CA TYR C 257 16.31 -40.72 -33.02
C TYR C 257 15.89 -42.18 -32.96
N ASN C 258 16.47 -42.96 -32.02
CA ASN C 258 16.17 -44.38 -31.90
C ASN C 258 15.00 -44.64 -30.94
N ILE C 259 14.08 -45.51 -31.39
CA ILE C 259 12.90 -45.94 -30.65
C ILE C 259 12.96 -47.43 -30.37
N THR C 260 13.00 -47.81 -29.11
CA THR C 260 12.94 -49.23 -28.76
C THR C 260 11.53 -49.72 -29.02
N GLU C 261 11.39 -50.89 -29.64
CA GLU C 261 10.05 -51.40 -29.94
C GLU C 261 9.31 -51.86 -28.70
N ASP C 262 8.06 -51.44 -28.59
CA ASP C 262 7.16 -51.87 -27.54
C ASP C 262 5.73 -51.53 -27.97
N GLU C 263 4.75 -51.87 -27.15
CA GLU C 263 3.36 -51.53 -27.43
C GLU C 263 2.79 -50.61 -26.36
N ILE C 264 3.67 -49.86 -25.71
CA ILE C 264 3.32 -48.97 -24.60
C ILE C 264 2.75 -47.66 -25.09
N LEU C 265 1.66 -47.20 -24.50
CA LEU C 265 1.06 -45.92 -24.88
C LEU C 265 2.09 -44.83 -24.66
N GLU C 266 2.28 -43.96 -25.63
CA GLU C 266 3.23 -42.89 -25.42
C GLU C 266 2.73 -41.57 -25.94
N TRP C 267 3.31 -40.51 -25.42
CA TRP C 267 2.97 -39.19 -25.89
C TRP C 267 4.12 -38.54 -26.62
N PHE C 268 3.76 -37.80 -27.65
CA PHE C 268 4.69 -37.01 -28.44
C PHE C 268 4.24 -35.57 -28.51
N GLY C 269 5.16 -34.62 -28.45
CA GLY C 269 4.73 -33.24 -28.56
C GLY C 269 5.67 -32.39 -29.38
N ILE C 270 5.13 -31.32 -29.93
CA ILE C 270 5.92 -30.37 -30.68
C ILE C 270 5.54 -28.94 -30.37
N THR C 271 6.51 -28.10 -30.10
CA THR C 271 6.30 -26.66 -29.89
C THR C 271 7.38 -25.88 -30.61
N GLN C 272 7.22 -24.57 -30.74
CA GLN C 272 8.27 -23.77 -31.34
C GLN C 272 8.50 -22.46 -30.60
N THR C 273 9.77 -22.14 -30.39
CA THR C 273 10.21 -20.89 -29.77
C THR C 273 11.34 -20.28 -30.59
N ALA C 274 11.94 -19.21 -30.09
CA ALA C 274 13.06 -18.58 -30.76
C ALA C 274 14.24 -19.55 -30.92
N GLN C 275 14.33 -20.54 -30.03
CA GLN C 275 15.42 -21.50 -30.07
C GLN C 275 15.23 -22.58 -31.11
N GLY C 276 14.06 -22.62 -31.73
CA GLY C 276 13.77 -23.67 -32.69
C GLY C 276 12.59 -24.52 -32.28
N VAL C 277 12.48 -25.65 -32.91
CA VAL C 277 11.37 -26.55 -32.70
C VAL C 277 11.72 -27.60 -31.68
N HIS C 278 10.90 -27.70 -30.67
CA HIS C 278 11.16 -28.60 -29.57
C HIS C 278 10.34 -29.84 -29.70
N LEU C 279 10.99 -30.98 -29.64
CA LEU C 279 10.30 -32.25 -29.71
C LEU C 279 10.28 -32.87 -28.34
N PHE C 280 9.09 -33.27 -27.92
CA PHE C 280 8.88 -33.83 -26.61
C PHE C 280 8.42 -35.25 -26.74
N SER C 281 8.78 -36.08 -25.78
CA SER C 281 8.31 -37.43 -25.75
C SER C 281 8.35 -37.97 -24.35
N SER C 282 7.42 -38.85 -24.06
CA SER C 282 7.41 -39.49 -22.76
C SER C 282 8.33 -40.70 -22.68
N ARG C 283 8.70 -41.28 -23.81
CA ARG C 283 9.37 -42.58 -23.76
C ARG C 283 10.81 -42.60 -23.27
N TYR C 284 11.46 -41.46 -23.14
CA TYR C 284 12.84 -41.47 -22.71
C TYR C 284 12.99 -41.16 -21.23
N VAL C 285 11.92 -40.68 -20.59
CA VAL C 285 11.98 -40.30 -19.19
C VAL C 285 10.85 -40.91 -18.36
N ASP C 286 9.64 -40.92 -18.90
CA ASP C 286 8.47 -41.36 -18.18
C ASP C 286 7.67 -42.35 -19.01
N LEU C 287 8.34 -43.42 -19.41
CA LEU C 287 7.79 -44.41 -20.32
C LEU C 287 6.49 -45.02 -19.86
N TYR C 288 6.35 -45.24 -18.56
CA TYR C 288 5.17 -45.90 -18.04
C TYR C 288 4.23 -44.91 -17.39
N GLY C 289 4.49 -43.63 -17.61
CA GLY C 289 3.73 -42.56 -17.00
C GLY C 289 3.00 -41.74 -18.05
N GLY C 290 3.75 -41.10 -18.94
CA GLY C 290 3.16 -40.28 -19.97
C GLY C 290 3.57 -38.81 -19.91
N ASN C 291 4.38 -38.41 -18.94
CA ASN C 291 4.82 -37.03 -18.92
C ASN C 291 5.81 -36.84 -20.05
N MET C 292 5.68 -35.76 -20.77
CA MET C 292 6.57 -35.50 -21.88
C MET C 292 7.74 -34.63 -21.49
N PHE C 293 8.90 -35.05 -21.93
CA PHE C 293 10.13 -34.32 -21.70
C PHE C 293 10.78 -34.02 -23.03
N GLN C 294 11.49 -32.92 -23.10
CA GLN C 294 12.12 -32.58 -24.35
C GLN C 294 13.26 -33.53 -24.67
N PHE C 295 13.29 -34.02 -25.91
CA PHE C 295 14.37 -34.91 -26.30
C PHE C 295 15.19 -34.34 -27.44
N ALA C 296 14.66 -33.34 -28.12
CA ALA C 296 15.39 -32.75 -29.23
C ALA C 296 14.99 -31.32 -29.49
N THR C 297 15.92 -30.55 -30.04
CA THR C 297 15.62 -29.22 -30.54
C THR C 297 16.10 -29.15 -31.96
N LEU C 298 15.24 -28.72 -32.86
CA LEU C 298 15.60 -28.65 -34.26
C LEU C 298 15.83 -27.19 -34.63
N PRO C 299 16.85 -26.89 -35.44
CA PRO C 299 17.20 -25.57 -35.90
C PRO C 299 16.27 -25.08 -37.01
N VAL C 300 15.01 -24.97 -36.66
CA VAL C 300 13.96 -24.50 -37.53
C VAL C 300 13.48 -23.18 -36.99
N TYR C 301 13.82 -22.10 -37.68
CA TYR C 301 13.55 -20.79 -37.11
C TYR C 301 12.45 -20.03 -37.82
N ASP C 302 12.04 -20.49 -39.00
CA ASP C 302 10.92 -19.85 -39.64
C ASP C 302 9.72 -20.29 -38.85
N THR C 303 8.65 -19.52 -38.87
CA THR C 303 7.51 -19.85 -38.03
C THR C 303 6.65 -20.91 -38.65
N ILE C 304 6.38 -21.96 -37.90
CA ILE C 304 5.50 -22.98 -38.39
C ILE C 304 4.09 -22.52 -38.20
N LYS C 305 3.34 -22.51 -39.27
CA LYS C 305 1.99 -22.02 -39.23
C LYS C 305 1.03 -23.11 -39.59
N TYR C 306 1.49 -24.05 -40.38
CA TYR C 306 0.65 -25.11 -40.89
C TYR C 306 1.25 -26.46 -40.67
N TYR C 307 0.39 -27.44 -40.50
CA TYR C 307 0.86 -28.81 -40.50
C TYR C 307 -0.18 -29.72 -41.07
N SER C 308 0.27 -30.89 -41.48
CA SER C 308 -0.63 -31.91 -41.95
C SER C 308 -0.09 -33.25 -41.56
N ILE C 309 -0.94 -34.25 -41.62
CA ILE C 309 -0.52 -35.60 -41.34
C ILE C 309 -0.17 -36.26 -42.63
N ILE C 310 1.00 -36.83 -42.68
CA ILE C 310 1.38 -37.54 -43.89
C ILE C 310 0.71 -38.89 -43.77
N PRO C 311 -0.15 -39.28 -44.69
CA PRO C 311 -0.84 -40.54 -44.65
C PRO C 311 0.17 -41.64 -44.85
N HIS C 312 -0.05 -42.76 -44.21
CA HIS C 312 0.83 -43.90 -44.32
C HIS C 312 0.00 -45.11 -44.61
N SER C 313 0.49 -45.95 -45.50
CA SER C 313 -0.22 -47.16 -45.83
C SER C 313 0.74 -48.32 -45.86
N ILE C 314 0.35 -49.40 -45.23
CA ILE C 314 1.23 -50.53 -45.07
C ILE C 314 0.96 -51.54 -46.16
N ARG C 315 1.98 -51.86 -46.95
CA ARG C 315 1.80 -52.75 -48.08
C ARG C 315 1.99 -54.18 -47.67
N SER C 316 1.10 -54.64 -46.82
CA SER C 316 1.10 -56.01 -46.37
C SER C 316 0.36 -56.85 -47.37
N ILE C 317 0.53 -58.15 -47.29
CA ILE C 317 -0.24 -59.03 -48.14
C ILE C 317 -1.64 -59.16 -47.57
N GLN C 318 -2.56 -59.65 -48.38
CA GLN C 318 -3.96 -59.69 -47.99
C GLN C 318 -4.21 -60.53 -46.74
N SER C 319 -3.42 -61.59 -46.57
CA SER C 319 -3.59 -62.52 -45.46
C SER C 319 -2.80 -62.12 -44.22
N ASP C 320 -2.09 -61.00 -44.27
CA ASP C 320 -1.25 -60.59 -43.15
C ASP C 320 -1.49 -59.14 -42.78
N ARG C 321 -2.74 -58.73 -42.81
CA ARG C 321 -3.09 -57.38 -42.46
C ARG C 321 -3.16 -57.20 -40.95
N LYS C 322 -2.63 -56.09 -40.47
CA LYS C 322 -2.66 -55.77 -39.06
C LYS C 322 -3.63 -54.65 -38.82
N ALA C 323 -4.11 -54.52 -37.60
CA ALA C 323 -4.88 -53.37 -37.23
C ALA C 323 -3.92 -52.39 -36.59
N TRP C 324 -3.99 -51.14 -36.96
CA TRP C 324 -3.06 -50.18 -36.40
C TRP C 324 -3.80 -49.22 -35.50
N ALA C 325 -3.16 -48.85 -34.40
CA ALA C 325 -3.78 -47.94 -33.45
C ALA C 325 -3.94 -46.57 -34.07
N ALA C 326 -5.03 -45.91 -33.76
CA ALA C 326 -5.22 -44.55 -34.17
C ALA C 326 -4.43 -43.65 -33.26
N PHE C 327 -4.00 -42.50 -33.77
CA PHE C 327 -3.35 -41.53 -32.93
C PHE C 327 -4.18 -40.27 -32.87
N TYR C 328 -4.02 -39.53 -31.81
CA TYR C 328 -4.87 -38.38 -31.61
C TYR C 328 -4.06 -37.12 -31.39
N VAL C 329 -4.38 -36.09 -32.15
CA VAL C 329 -3.64 -34.84 -32.06
C VAL C 329 -4.43 -33.78 -31.31
N TYR C 330 -3.84 -33.22 -30.27
CA TYR C 330 -4.52 -32.23 -29.44
C TYR C 330 -3.75 -30.93 -29.49
N LYS C 331 -4.45 -29.83 -29.63
CA LYS C 331 -3.78 -28.55 -29.69
C LYS C 331 -3.40 -28.02 -28.32
N LEU C 332 -2.30 -27.31 -28.26
CA LEU C 332 -1.86 -26.68 -27.04
C LEU C 332 -2.16 -25.21 -26.99
N GLN C 333 -2.32 -24.70 -25.78
CA GLN C 333 -2.52 -23.29 -25.53
C GLN C 333 -2.01 -22.96 -24.14
N PRO C 334 -1.64 -21.71 -23.87
CA PRO C 334 -1.17 -21.22 -22.60
C PRO C 334 -2.28 -21.18 -21.55
N LEU C 335 -2.30 -22.21 -20.72
CA LEU C 335 -3.31 -22.41 -19.69
C LEU C 335 -2.67 -22.51 -18.33
N THR C 336 -3.46 -22.30 -17.29
CA THR C 336 -2.97 -22.56 -15.95
C THR C 336 -3.51 -23.90 -15.51
N PHE C 337 -2.61 -24.79 -15.13
CA PHE C 337 -2.96 -26.09 -14.60
C PHE C 337 -2.55 -26.24 -13.15
N LEU C 338 -3.29 -27.04 -12.42
CA LEU C 338 -2.87 -27.44 -11.09
C LEU C 338 -2.17 -28.77 -11.26
N LEU C 339 -0.91 -28.85 -10.88
CA LEU C 339 -0.16 -30.06 -11.10
C LEU C 339 0.22 -30.76 -9.82
N ASP C 340 -0.12 -32.04 -9.72
CA ASP C 340 0.20 -32.87 -8.57
C ASP C 340 1.46 -33.68 -8.82
N PHE C 341 2.54 -33.29 -8.18
CA PHE C 341 3.82 -33.96 -8.35
C PHE C 341 3.99 -35.04 -7.30
N SER C 342 4.30 -36.24 -7.75
CA SER C 342 4.52 -37.35 -6.84
C SER C 342 5.88 -37.22 -6.19
N VAL C 343 6.20 -38.10 -5.26
CA VAL C 343 7.49 -38.03 -4.60
C VAL C 343 8.61 -38.15 -5.62
N ASP C 344 8.41 -39.01 -6.63
CA ASP C 344 9.38 -39.23 -7.68
C ASP C 344 9.33 -38.16 -8.77
N GLY C 345 8.51 -37.13 -8.56
CA GLY C 345 8.43 -35.98 -9.43
C GLY C 345 7.49 -36.10 -10.60
N TYR C 346 6.90 -37.23 -10.82
CA TYR C 346 6.05 -37.28 -12.00
C TYR C 346 4.68 -36.71 -11.74
N ILE C 347 4.06 -36.18 -12.78
CA ILE C 347 2.74 -35.62 -12.68
C ILE C 347 1.75 -36.70 -13.02
N ARG C 348 0.90 -37.02 -12.07
CA ARG C 348 -0.04 -38.10 -12.27
C ARG C 348 -1.47 -37.62 -12.29
N ARG C 349 -1.68 -36.45 -11.72
CA ARG C 349 -2.99 -35.86 -11.62
C ARG C 349 -2.89 -34.36 -11.83
N ALA C 350 -3.86 -33.77 -12.51
CA ALA C 350 -3.87 -32.34 -12.72
C ALA C 350 -5.27 -31.80 -12.90
N ILE C 351 -5.41 -30.48 -12.73
CA ILE C 351 -6.65 -29.76 -13.00
C ILE C 351 -6.46 -28.70 -14.08
N ASP C 352 -7.34 -28.68 -15.06
CA ASP C 352 -7.38 -27.59 -16.03
C ASP C 352 -8.20 -26.47 -15.40
N CYS C 353 -7.55 -25.40 -14.95
CA CYS C 353 -8.14 -24.37 -14.11
C CYS C 353 -9.24 -23.59 -14.82
N GLY C 354 -9.28 -23.67 -16.14
CA GLY C 354 -10.28 -22.90 -16.87
C GLY C 354 -11.39 -23.75 -17.44
N PHE C 355 -11.39 -25.04 -17.12
CA PHE C 355 -12.37 -25.93 -17.70
C PHE C 355 -13.80 -25.65 -17.26
N ASN C 356 -13.99 -25.54 -15.95
CA ASN C 356 -15.29 -25.25 -15.39
C ASN C 356 -15.12 -24.54 -14.05
N ASP C 357 -16.23 -24.25 -13.39
CA ASP C 357 -16.23 -23.51 -12.15
C ASP C 357 -15.65 -24.30 -10.99
N LEU C 358 -15.85 -25.60 -10.99
CA LEU C 358 -15.29 -26.41 -9.93
C LEU C 358 -13.78 -26.46 -10.05
N SER C 359 -13.28 -26.52 -11.27
CA SER C 359 -11.84 -26.54 -11.51
C SER C 359 -11.23 -25.23 -11.03
N GLN C 360 -11.94 -24.13 -11.26
CA GLN C 360 -11.46 -22.83 -10.81
C GLN C 360 -11.31 -22.83 -9.30
N LEU C 361 -12.26 -23.46 -8.62
CA LEU C 361 -12.22 -23.53 -7.17
C LEU C 361 -11.01 -24.28 -6.63
N HIS C 362 -10.71 -25.43 -7.22
CA HIS C 362 -9.55 -26.18 -6.78
C HIS C 362 -8.23 -25.46 -7.03
N CYS C 363 -8.13 -24.73 -8.15
CA CYS C 363 -6.92 -23.99 -8.50
C CYS C 363 -6.74 -22.80 -7.55
N SER C 364 -7.83 -22.15 -7.14
CA SER C 364 -7.69 -21.00 -6.26
C SER C 364 -7.19 -21.42 -4.87
N TYR C 365 -7.44 -22.66 -4.49
CA TYR C 365 -6.93 -23.18 -3.23
C TYR C 365 -5.68 -24.02 -3.40
N GLU C 366 -5.19 -24.12 -4.64
CA GLU C 366 -4.06 -24.97 -4.98
C GLU C 366 -4.19 -26.34 -4.36
N SER C 367 -5.36 -26.94 -4.49
CA SER C 367 -5.58 -28.22 -3.86
C SER C 367 -6.62 -29.06 -4.55
N PHE C 368 -6.44 -30.37 -4.51
CA PHE C 368 -7.41 -31.29 -5.07
C PHE C 368 -8.48 -31.61 -4.06
N ASP C 369 -8.26 -31.14 -2.84
CA ASP C 369 -9.17 -31.33 -1.74
C ASP C 369 -9.57 -29.99 -1.14
N VAL C 370 -10.80 -29.58 -1.39
CA VAL C 370 -11.31 -28.32 -0.87
C VAL C 370 -12.53 -28.62 -0.03
N GLU C 371 -12.88 -27.71 0.86
CA GLU C 371 -14.00 -27.92 1.76
C GLU C 371 -15.33 -27.70 1.10
N SER C 372 -16.36 -28.26 1.69
CA SER C 372 -17.71 -28.03 1.21
C SER C 372 -18.07 -26.58 1.44
N GLY C 373 -18.88 -26.04 0.57
CA GLY C 373 -19.30 -24.66 0.73
C GLY C 373 -19.81 -24.07 -0.56
N VAL C 374 -20.15 -22.80 -0.52
CA VAL C 374 -20.62 -22.11 -1.71
C VAL C 374 -19.62 -21.01 -2.03
N TYR C 375 -18.94 -21.16 -3.15
CA TYR C 375 -17.82 -20.28 -3.44
C TYR C 375 -18.02 -19.43 -4.67
N SER C 376 -17.63 -18.17 -4.60
CA SER C 376 -17.66 -17.36 -5.80
C SER C 376 -16.45 -17.67 -6.65
N VAL C 377 -16.67 -17.78 -7.95
CA VAL C 377 -15.61 -18.05 -8.93
C VAL C 377 -15.70 -17.02 -10.04
N SER C 378 -14.83 -17.13 -11.04
CA SER C 378 -14.84 -16.15 -12.10
C SER C 378 -16.16 -16.15 -12.82
N SER C 379 -16.61 -14.96 -13.18
CA SER C 379 -17.86 -14.79 -13.90
C SER C 379 -17.75 -15.38 -15.29
N PHE C 380 -18.89 -15.76 -15.86
CA PHE C 380 -18.90 -16.27 -17.23
C PHE C 380 -18.80 -15.01 -18.06
N GLU C 381 -17.71 -14.91 -18.78
CA GLU C 381 -17.46 -13.73 -19.59
C GLU C 381 -18.30 -13.69 -20.83
N ALA C 382 -18.80 -12.50 -21.15
CA ALA C 382 -19.48 -12.30 -22.40
C ALA C 382 -18.44 -12.05 -23.46
N LYS C 383 -18.64 -12.58 -24.65
CA LYS C 383 -17.69 -12.33 -25.71
C LYS C 383 -18.36 -11.53 -26.81
N PRO C 384 -17.64 -10.65 -27.48
CA PRO C 384 -18.09 -9.93 -28.64
C PRO C 384 -18.53 -10.88 -29.73
N SER C 385 -19.63 -10.55 -30.36
CA SER C 385 -20.18 -11.31 -31.48
C SER C 385 -19.98 -10.52 -32.75
N GLY C 386 -19.26 -9.42 -32.64
CA GLY C 386 -19.04 -8.53 -33.77
C GLY C 386 -18.35 -7.25 -33.32
N SER C 387 -18.32 -6.28 -34.21
CA SER C 387 -17.69 -5.00 -33.92
C SER C 387 -18.37 -3.88 -34.68
N VAL C 388 -18.30 -2.67 -34.13
CA VAL C 388 -18.82 -1.50 -34.82
C VAL C 388 -17.75 -0.45 -34.95
N VAL C 389 -17.69 0.21 -36.09
CA VAL C 389 -16.70 1.24 -36.29
C VAL C 389 -17.27 2.49 -36.93
N GLU C 390 -16.96 3.63 -36.35
CA GLU C 390 -17.28 4.90 -36.97
C GLU C 390 -16.06 5.79 -36.96
N GLN C 391 -15.74 6.36 -38.10
CA GLN C 391 -14.61 7.27 -38.21
C GLN C 391 -15.01 8.36 -39.13
N ALA C 392 -14.35 9.49 -39.03
CA ALA C 392 -14.61 10.49 -40.03
C ALA C 392 -14.08 9.94 -41.34
N GLU C 393 -14.88 10.05 -42.38
CA GLU C 393 -14.45 9.62 -43.69
C GLU C 393 -14.60 10.79 -44.63
N GLY C 394 -13.51 11.25 -45.20
CA GLY C 394 -13.61 12.40 -46.06
C GLY C 394 -12.28 12.82 -46.65
N VAL C 395 -11.95 14.06 -46.41
CA VAL C 395 -10.75 14.67 -46.95
C VAL C 395 -9.50 14.06 -46.34
N GLU C 396 -8.46 13.90 -47.12
CA GLU C 396 -7.26 13.45 -46.50
C GLU C 396 -6.53 14.62 -45.92
N CYS C 397 -5.61 14.31 -45.04
CA CYS C 397 -4.78 15.32 -44.40
C CYS C 397 -3.79 15.90 -45.41
N ASP C 398 -3.81 17.21 -45.57
CA ASP C 398 -3.06 17.89 -46.61
C ASP C 398 -1.63 18.27 -46.23
N PHE C 399 -0.66 17.57 -46.80
CA PHE C 399 0.75 17.83 -46.51
C PHE C 399 1.38 18.64 -47.63
N SER C 400 0.54 19.21 -48.50
CA SER C 400 1.03 19.98 -49.62
C SER C 400 1.91 21.18 -49.25
N PRO C 401 1.57 22.03 -48.27
CA PRO C 401 2.33 23.21 -47.91
C PRO C 401 3.79 22.89 -47.65
N LEU C 402 4.00 21.72 -47.08
CA LEU C 402 5.30 21.20 -46.71
C LEU C 402 6.22 21.01 -47.91
N LEU C 403 5.61 20.66 -49.04
CA LEU C 403 6.35 20.29 -50.24
C LEU C 403 6.60 21.46 -51.17
N SER C 404 6.19 22.66 -50.78
CA SER C 404 6.31 23.78 -51.70
C SER C 404 7.04 24.99 -51.12
N GLY C 405 8.15 25.33 -51.76
CA GLY C 405 8.95 26.48 -51.34
C GLY C 405 10.14 26.09 -50.50
N THR C 406 10.77 27.09 -49.88
CA THR C 406 11.96 26.85 -49.07
C THR C 406 11.48 26.62 -47.64
N PRO C 407 11.78 25.49 -47.00
CA PRO C 407 11.43 25.21 -45.64
C PRO C 407 12.11 26.23 -44.74
N PRO C 408 11.53 26.53 -43.60
CA PRO C 408 11.99 27.45 -42.60
C PRO C 408 13.18 26.90 -41.84
N GLN C 409 13.86 27.76 -41.14
CA GLN C 409 14.92 27.32 -40.24
C GLN C 409 14.32 26.72 -38.98
N VAL C 410 15.10 25.96 -38.25
CA VAL C 410 14.64 25.30 -37.04
C VAL C 410 13.93 26.20 -36.03
N TYR C 411 14.29 27.47 -35.93
CA TYR C 411 13.64 28.36 -34.96
C TYR C 411 12.37 28.98 -35.51
N ASN C 412 12.15 28.82 -36.80
CA ASN C 412 11.00 29.33 -37.51
C ASN C 412 10.16 28.22 -38.06
N PHE C 413 10.20 27.07 -37.42
CA PHE C 413 9.51 25.91 -37.95
C PHE C 413 8.08 26.23 -38.28
N LYS C 414 7.56 25.62 -39.34
CA LYS C 414 6.18 25.82 -39.68
C LYS C 414 5.36 24.70 -39.14
N ARG C 415 4.14 25.01 -38.76
CA ARG C 415 3.27 24.03 -38.17
C ARG C 415 2.01 23.75 -38.96
N LEU C 416 1.77 22.49 -39.24
CA LEU C 416 0.55 22.04 -39.87
C LEU C 416 -0.28 21.27 -38.87
N VAL C 417 -1.48 21.75 -38.60
CA VAL C 417 -2.32 21.07 -37.63
C VAL C 417 -3.45 20.37 -38.32
N PHE C 418 -3.53 19.06 -38.11
CA PHE C 418 -4.49 18.24 -38.77
C PHE C 418 -5.59 17.78 -37.84
N THR C 419 -6.83 18.09 -38.22
CA THR C 419 -8.03 17.65 -37.51
C THR C 419 -9.06 17.23 -38.54
N ASN C 420 -10.00 16.38 -38.15
CA ASN C 420 -11.10 16.01 -39.05
C ASN C 420 -10.65 15.55 -40.44
N CYS C 421 -9.69 14.62 -40.52
CA CYS C 421 -9.14 14.15 -41.80
C CYS C 421 -8.57 12.75 -41.69
N ASN C 422 -8.32 12.16 -42.85
CA ASN C 422 -7.72 10.84 -42.92
C ASN C 422 -6.24 10.99 -43.18
N TYR C 423 -5.41 10.50 -42.28
CA TYR C 423 -3.98 10.71 -42.43
C TYR C 423 -3.33 9.45 -42.97
N ASN C 424 -2.18 9.65 -43.63
CA ASN C 424 -1.34 8.59 -44.16
C ASN C 424 0.11 9.05 -44.10
N LEU C 425 0.90 8.48 -43.16
CA LEU C 425 2.30 8.87 -42.99
C LEU C 425 3.16 8.40 -44.13
N THR C 426 2.87 7.22 -44.66
CA THR C 426 3.65 6.69 -45.77
C THR C 426 3.69 7.59 -46.98
N LYS C 427 2.56 8.26 -47.23
CA LYS C 427 2.33 9.16 -48.33
C LYS C 427 3.16 10.43 -48.24
N LEU C 428 3.65 10.70 -47.06
CA LEU C 428 4.52 11.82 -46.79
C LEU C 428 5.95 11.31 -46.80
N LEU C 429 6.18 10.23 -46.08
CA LEU C 429 7.50 9.66 -45.88
C LEU C 429 8.11 9.14 -47.18
N SER C 430 7.27 8.63 -48.07
CA SER C 430 7.73 8.04 -49.32
C SER C 430 8.33 9.08 -50.25
N LEU C 431 8.11 10.36 -49.96
CA LEU C 431 8.64 11.43 -50.77
C LEU C 431 10.03 11.83 -50.34
N PHE C 432 10.49 11.32 -49.22
CA PHE C 432 11.78 11.72 -48.68
C PHE C 432 12.67 10.53 -48.40
N SER C 433 13.97 10.74 -48.38
CA SER C 433 14.86 9.68 -47.96
C SER C 433 15.03 9.79 -46.46
N VAL C 434 14.35 8.94 -45.72
CA VAL C 434 14.31 9.07 -44.28
C VAL C 434 15.57 8.51 -43.64
N ASN C 435 16.23 9.34 -42.86
CA ASN C 435 17.46 8.98 -42.22
C ASN C 435 17.23 8.49 -40.81
N ASP C 436 16.23 9.06 -40.17
CA ASP C 436 15.91 8.75 -38.79
C ASP C 436 14.43 8.93 -38.54
N PHE C 437 13.81 7.94 -37.92
CA PHE C 437 12.40 8.04 -37.58
C PHE C 437 12.17 7.37 -36.26
N THR C 438 12.17 8.13 -35.18
CA THR C 438 11.99 7.53 -33.87
C THR C 438 10.80 8.15 -33.16
N CYS C 439 10.15 7.35 -32.29
CA CYS C 439 8.97 7.75 -31.54
C CYS C 439 9.19 7.65 -30.04
N SER C 440 8.46 8.48 -29.31
CA SER C 440 8.49 8.54 -27.86
C SER C 440 7.10 8.62 -27.27
N GLN C 441 6.82 7.72 -26.33
CA GLN C 441 5.54 7.58 -25.65
C GLN C 441 4.41 7.15 -26.58
N ILE C 442 4.80 6.51 -27.68
CA ILE C 442 3.88 5.89 -28.62
C ILE C 442 4.67 4.87 -29.38
N SER C 443 4.08 3.72 -29.65
CA SER C 443 4.82 2.74 -30.41
C SER C 443 4.89 3.17 -31.87
N PRO C 444 5.94 2.77 -32.59
CA PRO C 444 6.09 2.83 -34.02
C PRO C 444 4.91 2.26 -34.80
N ALA C 445 4.33 1.19 -34.30
CA ALA C 445 3.18 0.60 -34.98
C ALA C 445 1.95 1.47 -34.81
N ALA C 446 1.84 2.08 -33.64
CA ALA C 446 0.71 2.91 -33.28
C ALA C 446 0.73 4.24 -33.99
N ILE C 447 1.90 4.84 -34.19
CA ILE C 447 1.89 6.17 -34.78
C ILE C 447 1.21 6.21 -36.14
N ALA C 448 1.31 5.12 -36.89
CA ALA C 448 0.70 5.04 -38.20
C ALA C 448 -0.71 4.44 -38.22
N SER C 449 -1.21 3.98 -37.07
CA SER C 449 -2.49 3.28 -37.05
C SER C 449 -3.55 3.81 -36.07
N ASN C 450 -3.16 4.65 -35.13
CA ASN C 450 -4.12 5.14 -34.13
C ASN C 450 -4.88 6.38 -34.59
N CYS C 451 -6.04 6.63 -33.94
CA CYS C 451 -6.82 7.85 -34.13
C CYS C 451 -6.41 8.90 -33.10
N TYR C 452 -6.38 10.15 -33.54
CA TYR C 452 -5.96 11.25 -32.70
C TYR C 452 -6.98 12.39 -32.71
N SER C 453 -6.97 13.19 -31.65
CA SER C 453 -7.77 14.42 -31.61
C SER C 453 -7.20 15.35 -32.63
N SER C 454 -5.89 15.38 -32.65
CA SER C 454 -5.13 16.22 -33.56
C SER C 454 -3.77 15.63 -33.81
N LEU C 455 -3.22 15.96 -34.96
CA LEU C 455 -1.85 15.63 -35.27
C LEU C 455 -1.16 16.90 -35.70
N ILE C 456 -0.07 17.22 -35.04
CA ILE C 456 0.65 18.44 -35.33
C ILE C 456 1.99 18.14 -35.95
N LEU C 457 2.22 18.67 -37.14
CA LEU C 457 3.46 18.44 -37.86
C LEU C 457 4.30 19.71 -37.98
N ASP C 458 5.46 19.72 -37.34
CA ASP C 458 6.39 20.83 -37.34
C ASP C 458 7.55 20.58 -38.30
N TYR C 459 7.66 21.33 -39.37
CA TYR C 459 8.73 21.02 -40.30
C TYR C 459 9.70 22.16 -40.49
N PHE C 460 10.95 21.81 -40.69
CA PHE C 460 12.02 22.77 -40.85
C PHE C 460 13.27 22.19 -41.49
N SER C 461 14.12 23.05 -42.01
CA SER C 461 15.43 22.65 -42.50
C SER C 461 16.31 22.31 -41.32
N TYR C 462 17.05 21.24 -41.42
CA TYR C 462 17.91 20.86 -40.32
C TYR C 462 19.05 19.98 -40.79
N PRO C 463 20.31 20.33 -40.50
CA PRO C 463 21.46 19.56 -40.90
C PRO C 463 21.43 18.26 -40.13
N LEU C 464 21.74 17.17 -40.82
CA LEU C 464 21.73 15.86 -40.20
C LEU C 464 22.91 15.72 -39.26
N SER C 465 23.92 16.54 -39.47
CA SER C 465 25.11 16.53 -38.65
C SER C 465 24.82 16.99 -37.22
N MET C 466 23.67 17.62 -37.00
CA MET C 466 23.28 18.07 -35.69
C MET C 466 22.18 17.20 -35.11
N LYS C 467 22.01 16.01 -35.68
CA LYS C 467 20.99 15.06 -35.28
C LYS C 467 20.78 14.95 -33.78
N SER C 468 21.87 14.82 -33.05
CA SER C 468 21.83 14.58 -31.62
C SER C 468 21.30 15.75 -30.83
N ASP C 469 21.24 16.92 -31.43
CA ASP C 469 20.88 18.11 -30.68
C ASP C 469 19.36 18.26 -30.62
N LEU C 470 18.64 17.34 -31.25
CA LEU C 470 17.20 17.31 -31.16
C LEU C 470 16.73 16.31 -30.12
N SER C 471 17.68 15.68 -29.44
CA SER C 471 17.38 14.72 -28.38
C SER C 471 16.84 15.42 -27.15
N VAL C 472 15.96 14.75 -26.44
CA VAL C 472 15.41 15.28 -25.19
C VAL C 472 16.48 15.49 -24.13
N SER C 473 17.57 14.73 -24.21
CA SER C 473 18.66 14.84 -23.24
C SER C 473 19.66 15.93 -23.60
N SER C 474 19.52 16.52 -24.78
CA SER C 474 20.45 17.52 -25.27
C SER C 474 20.40 18.82 -24.50
N ALA C 475 21.58 19.39 -24.30
CA ALA C 475 21.72 20.69 -23.67
C ALA C 475 22.40 21.65 -24.60
N GLY C 476 22.34 21.36 -25.88
CA GLY C 476 22.93 22.23 -26.87
C GLY C 476 21.95 23.31 -27.28
N PRO C 477 22.35 24.18 -28.20
CA PRO C 477 21.61 25.30 -28.74
C PRO C 477 20.24 24.97 -29.27
N ILE C 478 20.06 23.81 -29.88
CA ILE C 478 18.78 23.55 -30.51
C ILE C 478 17.68 23.28 -29.51
N SER C 479 17.94 22.41 -28.55
CA SER C 479 16.92 22.12 -27.57
C SER C 479 16.73 23.27 -26.58
N GLN C 480 17.73 24.14 -26.46
CA GLN C 480 17.59 25.24 -25.51
C GLN C 480 16.96 26.48 -26.11
N PHE C 481 17.29 26.81 -27.35
CA PHE C 481 16.81 28.07 -27.91
C PHE C 481 16.00 27.99 -29.19
N ASN C 482 15.89 26.82 -29.81
CA ASN C 482 15.26 26.77 -31.12
C ASN C 482 14.00 25.95 -31.16
N TYR C 483 14.13 24.68 -30.85
CA TYR C 483 13.01 23.78 -30.97
C TYR C 483 13.08 22.65 -29.97
N LYS C 484 11.98 22.46 -29.26
CA LYS C 484 11.88 21.40 -28.29
C LYS C 484 10.54 20.71 -28.47
N GLN C 485 10.51 19.40 -28.38
CA GLN C 485 9.27 18.66 -28.49
C GLN C 485 8.59 18.56 -27.15
N SER C 486 7.29 18.35 -27.17
CA SER C 486 6.49 18.23 -25.96
C SER C 486 6.91 17.05 -25.12
N PHE C 487 6.75 17.19 -23.82
CA PHE C 487 7.05 16.13 -22.89
C PHE C 487 5.80 15.39 -22.45
N SER C 488 4.65 16.01 -22.68
CA SER C 488 3.39 15.49 -22.19
C SER C 488 2.61 14.72 -23.24
N ASN C 489 2.87 15.03 -24.50
CA ASN C 489 2.19 14.35 -25.58
C ASN C 489 3.16 13.36 -26.19
N PRO C 490 2.67 12.29 -26.80
CA PRO C 490 3.43 11.41 -27.64
C PRO C 490 3.96 12.14 -28.85
N THR C 491 5.21 11.88 -29.17
CA THR C 491 5.86 12.55 -30.28
C THR C 491 6.68 11.59 -31.12
N CYS C 492 6.97 11.98 -32.37
CA CYS C 492 7.92 11.31 -33.24
C CYS C 492 8.80 12.37 -33.91
N LEU C 493 10.05 12.03 -34.10
CA LEU C 493 10.96 12.90 -34.80
C LEU C 493 11.50 12.23 -36.04
N ILE C 494 11.32 12.88 -37.16
CA ILE C 494 11.77 12.36 -38.43
C ILE C 494 12.81 13.26 -39.05
N LEU C 495 13.92 12.70 -39.45
CA LEU C 495 14.95 13.43 -40.15
C LEU C 495 15.06 12.82 -41.51
N ALA C 496 14.98 13.64 -42.54
CA ALA C 496 15.00 13.09 -43.89
C ALA C 496 15.64 14.03 -44.88
N THR C 497 16.17 13.45 -45.93
CA THR C 497 16.81 14.19 -46.99
C THR C 497 15.88 14.33 -48.19
N VAL C 498 15.81 15.53 -48.74
CA VAL C 498 14.99 15.80 -49.91
C VAL C 498 15.72 15.22 -51.13
N PRO C 499 15.09 14.30 -51.89
CA PRO C 499 15.61 13.69 -53.10
C PRO C 499 15.86 14.71 -54.18
N HIS C 500 16.79 14.42 -55.07
CA HIS C 500 17.11 15.34 -56.15
C HIS C 500 15.94 15.64 -57.10
N ASN C 501 15.03 14.66 -57.28
CA ASN C 501 13.88 14.81 -58.17
C ASN C 501 12.68 15.51 -57.51
N LEU C 502 12.74 15.85 -56.20
CA LEU C 502 11.64 16.54 -55.51
C LEU C 502 11.91 18.02 -55.65
N THR C 503 11.63 18.54 -56.83
CA THR C 503 12.06 19.89 -57.22
C THR C 503 11.14 20.98 -56.73
N THR C 504 10.09 20.60 -56.04
CA THR C 504 9.14 21.57 -55.51
C THR C 504 9.65 22.16 -54.19
N ILE C 505 10.63 21.50 -53.57
CA ILE C 505 11.25 22.02 -52.35
C ILE C 505 12.58 22.61 -52.69
N THR C 506 12.75 23.87 -52.35
CA THR C 506 13.96 24.59 -52.67
C THR C 506 14.84 24.70 -51.45
N LYS C 507 16.09 25.10 -51.62
CA LYS C 507 17.00 25.15 -50.50
C LYS C 507 17.28 26.57 -50.07
N PRO C 508 17.52 26.81 -48.78
CA PRO C 508 18.05 28.02 -48.23
C PRO C 508 19.53 28.04 -48.54
N LEU C 509 20.18 29.17 -48.29
CA LEU C 509 21.60 29.28 -48.58
C LEU C 509 22.46 28.55 -47.57
N LYS C 510 21.91 28.38 -46.38
CA LYS C 510 22.61 27.74 -45.29
C LYS C 510 21.61 27.33 -44.24
N TYR C 511 22.02 26.47 -43.34
CA TYR C 511 21.16 26.15 -42.23
C TYR C 511 21.51 27.15 -41.16
N SER C 512 20.55 27.56 -40.36
CA SER C 512 20.92 28.45 -39.28
C SER C 512 20.11 28.21 -38.05
N TYR C 513 20.64 28.65 -36.93
CA TYR C 513 20.00 28.45 -35.67
C TYR C 513 20.42 29.52 -34.68
N ILE C 514 19.68 29.60 -33.60
CA ILE C 514 19.99 30.51 -32.52
C ILE C 514 20.89 29.81 -31.53
N ASN C 515 22.01 30.41 -31.19
CA ASN C 515 22.89 29.75 -30.23
C ASN C 515 22.86 30.48 -28.90
N LYS C 516 22.20 31.62 -28.91
CA LYS C 516 22.04 32.41 -27.71
C LYS C 516 20.72 33.15 -27.78
N CYS C 517 20.00 33.18 -26.67
CA CYS C 517 18.79 33.96 -26.50
C CYS C 517 18.65 34.29 -25.03
N SER C 518 18.63 35.57 -24.71
CA SER C 518 18.60 36.00 -23.33
C SER C 518 18.02 37.38 -23.18
N ARG C 519 17.67 37.74 -21.95
CA ARG C 519 17.25 39.09 -21.67
C ARG C 519 18.20 39.79 -20.76
N LEU C 520 18.43 41.05 -21.06
CA LEU C 520 19.23 41.90 -20.20
C LEU C 520 18.25 42.72 -19.42
N LEU C 521 18.25 42.55 -18.11
CA LEU C 521 17.23 43.18 -17.30
C LEU C 521 17.53 44.68 -17.22
N SER C 522 16.56 45.45 -16.74
CA SER C 522 16.67 46.91 -16.73
C SER C 522 17.84 47.44 -15.91
N ASP C 523 18.36 46.63 -15.01
CA ASP C 523 19.53 46.98 -14.21
C ASP C 523 20.82 46.96 -15.04
N ASP C 524 20.75 46.30 -16.19
CA ASP C 524 21.85 46.11 -17.13
C ASP C 524 23.05 45.41 -16.50
N ARG C 525 22.79 44.50 -15.56
CA ARG C 525 23.84 43.69 -14.96
C ARG C 525 23.53 42.21 -15.13
N THR C 526 22.26 41.86 -14.95
CA THR C 526 21.83 40.47 -14.97
C THR C 526 21.29 40.03 -16.32
N GLU C 527 21.87 38.96 -16.84
CA GLU C 527 21.46 38.36 -18.09
C GLU C 527 20.74 37.04 -17.84
N VAL C 528 19.51 36.94 -18.33
CA VAL C 528 18.68 35.78 -18.10
C VAL C 528 18.40 35.00 -19.39
N PRO C 529 18.90 33.79 -19.55
CA PRO C 529 18.69 32.93 -20.71
C PRO C 529 17.20 32.70 -20.91
N GLN C 530 16.77 32.80 -22.15
CA GLN C 530 15.37 32.59 -22.50
C GLN C 530 15.20 31.28 -23.20
N LEU C 531 14.82 30.26 -22.47
CA LEU C 531 14.76 28.94 -23.04
C LEU C 531 13.44 28.73 -23.74
N VAL C 532 13.49 27.99 -24.83
CA VAL C 532 12.29 27.71 -25.60
C VAL C 532 11.46 26.66 -24.89
N ASN C 533 10.15 26.86 -24.90
CA ASN C 533 9.24 25.91 -24.30
C ASN C 533 8.89 24.87 -25.33
N ALA C 534 8.45 23.71 -24.88
CA ALA C 534 8.07 22.69 -25.83
C ALA C 534 6.92 23.16 -26.69
N ASN C 535 7.02 22.90 -27.98
CA ASN C 535 6.04 23.26 -29.00
C ASN C 535 5.87 24.76 -29.21
N GLN C 536 6.77 25.57 -28.66
CA GLN C 536 6.65 27.00 -28.86
C GLN C 536 7.81 27.57 -29.62
N TYR C 537 7.69 28.83 -29.97
CA TYR C 537 8.77 29.54 -30.64
C TYR C 537 9.57 30.28 -29.59
N SER C 538 10.85 30.40 -29.82
CA SER C 538 11.69 31.19 -28.96
C SER C 538 11.26 32.65 -29.01
N PRO C 539 11.33 33.39 -27.92
CA PRO C 539 11.04 34.82 -27.86
C PRO C 539 11.94 35.65 -28.77
N CYS C 540 13.13 35.12 -29.14
CA CYS C 540 14.10 35.80 -29.98
C CYS C 540 13.78 35.64 -31.45
N VAL C 541 12.74 34.90 -31.78
CA VAL C 541 12.37 34.72 -33.17
C VAL C 541 12.05 36.06 -33.80
N SER C 542 11.47 36.97 -33.03
CA SER C 542 11.15 38.30 -33.54
C SER C 542 12.39 39.17 -33.82
N ILE C 543 13.58 38.81 -33.31
CA ILE C 543 14.75 39.64 -33.58
C ILE C 543 15.74 38.96 -34.52
N VAL C 544 15.63 37.64 -34.63
CA VAL C 544 16.49 36.87 -35.51
C VAL C 544 15.81 36.70 -36.88
N PRO C 545 16.46 37.08 -37.98
CA PRO C 545 15.95 37.06 -39.33
C PRO C 545 15.76 35.63 -39.80
N SER C 546 15.04 35.45 -40.90
CA SER C 546 14.75 34.10 -41.39
C SER C 546 16.00 33.30 -41.72
N THR C 547 17.07 33.98 -42.08
CA THR C 547 18.34 33.34 -42.30
C THR C 547 19.41 34.14 -41.59
N VAL C 548 20.26 33.48 -40.83
CA VAL C 548 21.36 34.17 -40.20
C VAL C 548 22.39 34.49 -41.28
N TRP C 549 22.77 35.75 -41.39
CA TRP C 549 23.68 36.16 -42.45
C TRP C 549 25.06 35.55 -42.25
N GLU C 550 25.66 35.79 -41.09
CA GLU C 550 26.95 35.21 -40.77
C GLU C 550 26.96 34.58 -39.40
N ASP C 551 27.78 33.56 -39.24
CA ASP C 551 27.92 32.92 -37.95
C ASP C 551 28.44 33.94 -36.94
N GLY C 552 27.76 34.07 -35.81
CA GLY C 552 28.17 35.03 -34.80
C GLY C 552 27.35 36.31 -34.83
N ASP C 553 26.46 36.46 -35.81
CA ASP C 553 25.64 37.67 -35.86
C ASP C 553 24.88 37.86 -34.57
N TYR C 554 24.87 39.10 -34.09
CA TYR C 554 24.23 39.44 -32.84
C TYR C 554 23.03 40.33 -33.09
N TYR C 555 21.95 40.03 -32.40
CA TYR C 555 20.70 40.74 -32.57
C TYR C 555 20.26 41.31 -31.25
N ARG C 556 19.59 42.45 -31.29
CA ARG C 556 19.09 43.04 -30.07
C ARG C 556 17.81 43.82 -30.31
N LYS C 557 16.95 43.84 -29.32
CA LYS C 557 15.76 44.65 -29.34
C LYS C 557 15.48 45.29 -28.00
N GLN C 558 15.13 46.55 -28.03
CA GLN C 558 14.73 47.23 -26.81
C GLN C 558 13.32 46.80 -26.46
N LEU C 559 13.12 46.28 -25.27
CA LEU C 559 11.80 45.86 -24.86
C LEU C 559 11.05 46.99 -24.21
N SER C 560 9.74 46.99 -24.43
CA SER C 560 8.87 47.99 -23.82
C SER C 560 8.63 47.63 -22.36
N PRO C 561 8.18 48.56 -21.52
CA PRO C 561 7.73 48.33 -20.16
C PRO C 561 6.69 47.22 -20.05
N LEU C 562 5.85 47.06 -21.08
CA LEU C 562 4.82 46.03 -21.11
C LEU C 562 5.43 44.63 -21.22
N GLU C 563 6.65 44.60 -21.72
CA GLU C 563 7.43 43.40 -21.95
C GLU C 563 8.43 43.19 -20.83
N GLY C 564 8.35 44.03 -19.80
CA GLY C 564 9.23 43.93 -18.64
C GLY C 564 10.45 44.84 -18.74
N GLY C 565 10.61 45.50 -19.87
CA GLY C 565 11.74 46.40 -20.07
C GLY C 565 13.02 45.62 -20.33
N GLY C 566 14.12 46.35 -20.43
CA GLY C 566 15.40 45.72 -20.70
C GLY C 566 15.55 45.41 -22.18
N TRP C 567 16.47 44.53 -22.49
CA TRP C 567 16.77 44.17 -23.86
C TRP C 567 16.60 42.69 -24.12
N LEU C 568 16.19 42.35 -25.31
CA LEU C 568 16.20 40.97 -25.72
C LEU C 568 17.33 40.81 -26.69
N VAL C 569 18.22 39.88 -26.41
CA VAL C 569 19.37 39.71 -27.27
C VAL C 569 19.54 38.27 -27.72
N ALA C 570 20.16 38.09 -28.87
CA ALA C 570 20.38 36.76 -29.40
C ALA C 570 21.56 36.71 -30.31
N SER C 571 22.10 35.53 -30.48
CA SER C 571 23.14 35.31 -31.46
C SER C 571 22.77 34.15 -32.33
N GLY C 572 23.13 34.24 -33.59
CA GLY C 572 22.87 33.16 -34.50
C GLY C 572 24.15 32.49 -34.91
N SER C 573 24.00 31.32 -35.51
CA SER C 573 25.11 30.56 -36.03
C SER C 573 24.66 29.78 -37.24
N THR C 574 25.61 29.33 -38.04
CA THR C 574 25.25 28.66 -39.28
C THR C 574 25.96 27.35 -39.50
N VAL C 575 25.36 26.55 -40.39
CA VAL C 575 25.95 25.31 -40.88
C VAL C 575 25.90 25.32 -42.40
N ALA C 576 27.00 24.97 -43.04
CA ALA C 576 27.05 24.99 -44.49
C ALA C 576 25.99 24.08 -45.08
N MET C 577 25.40 24.53 -46.18
CA MET C 577 24.39 23.75 -46.85
C MET C 577 24.97 22.53 -47.52
N THR C 578 24.23 21.44 -47.43
CA THR C 578 24.56 20.16 -48.01
C THR C 578 24.07 19.95 -49.44
N GLU C 579 24.53 18.89 -50.09
CA GLU C 579 24.16 18.61 -51.47
C GLU C 579 22.66 18.52 -51.65
N GLN C 580 22.01 17.81 -50.75
CA GLN C 580 20.57 17.69 -50.73
C GLN C 580 20.05 18.29 -49.46
N LEU C 581 18.92 18.96 -49.51
CA LEU C 581 18.41 19.58 -48.29
C LEU C 581 17.98 18.57 -47.27
N GLN C 582 18.42 18.76 -46.04
CA GLN C 582 18.03 17.90 -44.95
C GLN C 582 16.96 18.61 -44.14
N MET C 583 15.92 17.86 -43.77
CA MET C 583 14.79 18.39 -43.03
C MET C 583 14.44 17.62 -41.79
N GLY C 584 13.94 18.32 -40.79
CA GLY C 584 13.38 17.68 -39.62
C GLY C 584 11.87 17.83 -39.61
N PHE C 585 11.19 16.81 -39.10
CA PHE C 585 9.74 16.84 -38.97
C PHE C 585 9.36 16.38 -37.58
N GLY C 586 8.74 17.24 -36.82
CA GLY C 586 8.29 16.86 -35.50
C GLY C 586 6.81 16.55 -35.53
N ILE C 587 6.44 15.38 -35.05
CA ILE C 587 5.04 15.04 -34.98
C ILE C 587 4.60 14.92 -33.55
N THR C 588 3.54 15.62 -33.21
CA THR C 588 2.96 15.54 -31.88
C THR C 588 1.51 15.11 -32.02
N VAL C 589 1.08 14.15 -31.22
CA VAL C 589 -0.32 13.74 -31.32
C VAL C 589 -1.04 13.84 -29.98
N GLN C 590 -2.28 14.27 -30.04
CA GLN C 590 -3.13 14.35 -28.85
C GLN C 590 -4.25 13.34 -28.97
N TYR C 591 -4.60 12.71 -27.86
CA TYR C 591 -5.59 11.62 -27.84
C TYR C 591 -6.98 11.86 -27.24
N GLY C 592 -7.36 13.07 -26.90
CA GLY C 592 -8.71 13.19 -26.34
C GLY C 592 -9.13 14.59 -25.92
N THR C 593 -8.95 15.55 -26.82
CA THR C 593 -9.36 16.93 -26.56
C THR C 593 -10.57 17.26 -27.41
N ASP C 594 -10.94 16.29 -28.21
CA ASP C 594 -11.99 16.40 -29.21
C ASP C 594 -12.34 15.01 -29.69
N THR C 595 -13.26 14.92 -30.61
CA THR C 595 -13.52 13.66 -31.29
C THR C 595 -12.22 13.25 -31.98
N ASN C 596 -11.77 11.99 -31.83
CA ASN C 596 -10.49 11.64 -32.44
C ASN C 596 -10.69 11.33 -33.90
N SER C 597 -10.85 12.39 -34.66
CA SER C 597 -11.20 12.34 -36.06
C SER C 597 -10.00 12.37 -36.99
N VAL C 598 -8.80 12.27 -36.45
CA VAL C 598 -7.62 12.14 -37.30
C VAL C 598 -7.24 10.67 -37.29
N CYS C 599 -7.65 9.95 -38.33
CA CYS C 599 -7.58 8.48 -38.38
C CYS C 599 -6.94 8.03 -39.68
N PRO C 600 -6.44 6.79 -39.76
CA PRO C 600 -6.04 6.12 -40.97
C PRO C 600 -7.24 5.99 -41.87
N LYS C 601 -7.05 5.89 -43.18
CA LYS C 601 -8.20 5.73 -44.03
C LYS C 601 -8.70 4.29 -43.99
N LEU C 602 -9.96 4.14 -43.59
CA LEU C 602 -10.56 2.82 -43.44
C LEU C 602 -11.69 2.60 -44.42
N GLU C 603 -11.66 1.48 -45.12
CA GLU C 603 -12.74 1.13 -46.01
C GLU C 603 -13.84 0.46 -45.20
N PHE C 604 -15.02 1.06 -45.21
CA PHE C 604 -16.10 0.57 -44.36
C PHE C 604 -17.00 -0.49 -44.97
N ALA C 605 -17.42 -1.40 -44.12
CA ALA C 605 -18.37 -2.45 -44.45
C ALA C 605 -19.66 -2.16 -43.70
N ASN C 606 -20.80 -2.66 -44.18
CA ASN C 606 -22.09 -2.42 -43.53
C ASN C 606 -22.39 -3.41 -42.40
N ASP C 607 -21.42 -4.29 -42.07
CA ASP C 607 -21.52 -5.21 -40.93
C ASP C 607 -20.81 -4.62 -39.72
N THR C 608 -20.39 -3.35 -39.81
CA THR C 608 -19.76 -2.66 -38.69
C THR C 608 -20.59 -1.47 -38.25
N LYS C 609 -21.85 -1.46 -38.63
CA LYS C 609 -22.75 -0.40 -38.21
C LYS C 609 -23.33 -0.70 -36.83
N ILE C 610 -23.74 0.34 -36.12
CA ILE C 610 -24.36 0.14 -34.81
C ILE C 610 -25.80 -0.32 -34.93
N ALA C 611 -26.56 0.30 -35.82
CA ALA C 611 -27.98 -0.01 -35.92
C ALA C 611 -28.22 -1.48 -36.25
N SER C 612 -27.31 -2.08 -37.01
CA SER C 612 -27.43 -3.46 -37.42
C SER C 612 -27.04 -4.47 -36.34
N GLN C 613 -26.47 -4.00 -35.23
CA GLN C 613 -26.03 -4.90 -34.17
C GLN C 613 -26.53 -4.49 -32.79
N LEU C 614 -27.72 -3.90 -32.73
CA LEU C 614 -28.21 -3.47 -31.43
C LEU C 614 -28.56 -4.66 -30.57
N GLY C 615 -28.23 -4.54 -29.28
CA GLY C 615 -28.53 -5.57 -28.30
C GLY C 615 -27.40 -6.59 -28.17
N ASN C 616 -26.43 -6.53 -29.06
CA ASN C 616 -25.33 -7.48 -29.04
C ASN C 616 -24.12 -6.90 -28.32
N CYS C 617 -23.24 -7.77 -27.81
CA CYS C 617 -21.95 -7.37 -27.29
C CYS C 617 -20.97 -7.25 -28.46
N VAL C 618 -20.45 -6.07 -28.64
CA VAL C 618 -19.53 -5.83 -29.73
C VAL C 618 -18.31 -5.07 -29.27
N GLU C 619 -17.25 -5.18 -30.04
CA GLU C 619 -16.11 -4.32 -29.82
C GLU C 619 -16.42 -3.05 -30.57
N TYR C 620 -16.05 -1.91 -30.04
CA TYR C 620 -16.30 -0.72 -30.80
C TYR C 620 -15.10 0.17 -30.90
N SER C 621 -15.07 0.92 -31.99
CA SER C 621 -14.11 1.99 -32.19
C SER C 621 -14.85 3.15 -32.80
N LEU C 622 -15.15 4.15 -31.98
CA LEU C 622 -15.93 5.28 -32.40
C LEU C 622 -15.07 6.51 -32.34
N TYR C 623 -14.58 6.94 -33.49
CA TYR C 623 -13.69 8.08 -33.57
C TYR C 623 -12.61 7.98 -32.54
N GLY C 624 -11.95 6.82 -32.49
CA GLY C 624 -10.81 6.60 -31.63
C GLY C 624 -11.15 6.14 -30.22
N VAL C 625 -12.41 6.17 -29.86
CA VAL C 625 -12.81 5.74 -28.53
C VAL C 625 -13.18 4.28 -28.63
N SER C 626 -12.57 3.44 -27.82
CA SER C 626 -12.84 2.03 -28.00
C SER C 626 -13.09 1.30 -26.71
N GLY C 627 -13.65 0.11 -26.87
CA GLY C 627 -13.96 -0.76 -25.75
C GLY C 627 -14.99 -1.79 -26.16
N ARG C 628 -15.62 -2.42 -25.20
CA ARG C 628 -16.64 -3.42 -25.48
C ARG C 628 -17.93 -2.97 -24.85
N GLY C 629 -19.03 -3.27 -25.49
CA GLY C 629 -20.31 -2.94 -24.91
C GLY C 629 -21.49 -3.28 -25.79
N VAL C 630 -22.65 -2.97 -25.28
CA VAL C 630 -23.91 -3.24 -25.93
C VAL C 630 -24.61 -1.95 -26.25
N PHE C 631 -24.96 -1.76 -27.50
CA PHE C 631 -25.66 -0.55 -27.91
C PHE C 631 -27.16 -0.76 -27.88
N GLN C 632 -27.86 0.22 -27.37
CA GLN C 632 -29.32 0.19 -27.37
C GLN C 632 -29.85 1.53 -27.87
N ASN C 633 -30.98 1.53 -28.58
CA ASN C 633 -31.64 2.75 -29.02
C ASN C 633 -32.41 3.39 -27.86
N CYS C 634 -32.13 4.67 -27.54
CA CYS C 634 -32.74 5.33 -26.39
C CYS C 634 -32.84 6.84 -26.57
N THR C 635 -33.48 7.49 -25.60
CA THR C 635 -33.72 8.92 -25.60
C THR C 635 -32.42 9.71 -25.51
N ALA C 636 -32.28 10.71 -26.38
CA ALA C 636 -31.08 11.52 -26.41
C ALA C 636 -30.93 12.37 -25.16
N VAL C 637 -29.72 12.33 -24.60
CA VAL C 637 -29.35 13.12 -23.44
C VAL C 637 -28.01 13.77 -23.67
N GLY C 638 -27.70 14.82 -22.94
CA GLY C 638 -26.41 15.47 -23.09
C GLY C 638 -26.44 16.40 -24.29
N VAL C 639 -25.31 17.01 -24.61
CA VAL C 639 -25.23 17.92 -25.74
C VAL C 639 -24.89 17.13 -27.00
N ARG C 640 -25.75 17.23 -28.01
CA ARG C 640 -25.61 16.47 -29.25
C ARG C 640 -24.30 16.71 -29.97
N GLN C 641 -23.86 17.96 -29.96
CA GLN C 641 -22.66 18.37 -30.66
C GLN C 641 -21.40 17.77 -30.07
N GLN C 642 -21.47 17.28 -28.85
CA GLN C 642 -20.29 16.76 -28.19
C GLN C 642 -20.09 15.28 -28.44
N ARG C 643 -21.06 14.64 -29.10
CA ARG C 643 -21.02 13.25 -29.54
C ARG C 643 -20.99 12.17 -28.45
N PHE C 644 -20.01 12.23 -27.56
CA PHE C 644 -19.82 11.19 -26.56
C PHE C 644 -20.36 11.57 -25.19
N VAL C 645 -21.25 10.75 -24.65
CA VAL C 645 -21.85 11.02 -23.35
C VAL C 645 -21.19 10.13 -22.31
N TYR C 646 -20.66 10.75 -21.27
CA TYR C 646 -19.99 10.05 -20.20
C TYR C 646 -20.76 10.10 -18.89
N ASP C 647 -20.56 9.11 -18.05
CA ASP C 647 -21.14 9.11 -16.71
C ASP C 647 -20.17 9.68 -15.69
N ALA C 648 -20.53 9.58 -14.41
CA ALA C 648 -19.75 10.16 -13.31
C ALA C 648 -18.47 9.39 -13.04
N TYR C 649 -18.31 8.22 -13.64
CA TYR C 649 -17.12 7.40 -13.45
C TYR C 649 -16.26 7.47 -14.70
N GLN C 650 -16.61 8.39 -15.58
CA GLN C 650 -15.93 8.64 -16.82
C GLN C 650 -16.01 7.47 -17.79
N ASN C 651 -17.09 6.70 -17.73
CA ASN C 651 -17.30 5.62 -18.68
C ASN C 651 -18.11 6.17 -19.83
N LEU C 652 -17.95 5.60 -21.01
CA LEU C 652 -18.81 6.03 -22.09
C LEU C 652 -20.14 5.34 -21.91
N VAL C 653 -21.20 6.13 -21.80
CA VAL C 653 -22.52 5.56 -21.57
C VAL C 653 -23.54 5.94 -22.62
N GLY C 654 -23.14 6.79 -23.55
CA GLY C 654 -24.04 7.14 -24.62
C GLY C 654 -23.27 7.66 -25.80
N TYR C 655 -23.87 7.57 -26.96
CA TYR C 655 -23.22 8.02 -28.16
C TYR C 655 -24.17 8.50 -29.24
N TYR C 656 -23.85 9.67 -29.79
CA TYR C 656 -24.61 10.17 -30.91
C TYR C 656 -23.92 9.71 -32.19
N SER C 657 -24.64 8.93 -32.97
CA SER C 657 -24.11 8.35 -34.18
C SER C 657 -24.29 9.25 -35.37
N ASP C 658 -23.47 9.05 -36.40
CA ASP C 658 -23.65 9.83 -37.62
C ASP C 658 -24.91 9.42 -38.38
N ASP C 659 -25.54 8.33 -37.96
CA ASP C 659 -26.78 7.92 -38.60
C ASP C 659 -27.99 8.69 -38.04
N GLY C 660 -27.73 9.62 -37.11
CA GLY C 660 -28.76 10.48 -36.54
C GLY C 660 -29.37 9.96 -35.24
N ASN C 661 -29.06 8.72 -34.88
CA ASN C 661 -29.61 8.10 -33.68
C ASN C 661 -28.74 8.28 -32.46
N TYR C 662 -29.37 8.22 -31.31
CA TYR C 662 -28.63 8.22 -30.05
C TYR C 662 -28.72 6.86 -29.43
N TYR C 663 -27.58 6.32 -29.07
CA TYR C 663 -27.56 5.02 -28.47
C TYR C 663 -27.03 5.08 -27.04
N CYS C 664 -27.58 4.23 -26.18
CA CYS C 664 -27.10 4.01 -24.83
C CYS C 664 -26.08 2.91 -24.92
N LEU C 665 -25.00 3.07 -24.19
CA LEU C 665 -23.98 2.06 -24.21
C LEU C 665 -23.85 1.42 -22.84
N ARG C 666 -24.01 0.11 -22.81
CA ARG C 666 -23.95 -0.64 -21.58
C ARG C 666 -22.74 -1.53 -21.66
N ALA C 667 -22.13 -1.83 -20.54
CA ALA C 667 -20.98 -2.72 -20.59
C ALA C 667 -21.45 -4.12 -20.92
N CYS C 668 -20.56 -4.96 -21.48
CA CYS C 668 -20.87 -6.37 -21.75
C CYS C 668 -20.87 -7.11 -20.42
N VAL C 669 -21.99 -7.00 -19.72
CA VAL C 669 -22.11 -7.55 -18.38
C VAL C 669 -21.88 -9.04 -18.37
N SER C 670 -21.12 -9.49 -17.38
CA SER C 670 -20.80 -10.89 -17.24
C SER C 670 -21.83 -11.59 -16.36
N VAL C 671 -21.90 -12.92 -16.47
CA VAL C 671 -22.84 -13.69 -15.67
C VAL C 671 -22.15 -14.19 -14.39
N PRO C 672 -22.63 -13.83 -13.19
CA PRO C 672 -22.09 -14.26 -11.92
C PRO C 672 -22.09 -15.77 -11.81
N VAL C 673 -21.06 -16.34 -11.19
CA VAL C 673 -21.00 -17.77 -10.99
C VAL C 673 -20.55 -18.13 -9.58
N SER C 674 -21.29 -19.02 -8.93
CA SER C 674 -20.91 -19.57 -7.64
C SER C 674 -20.95 -21.09 -7.68
N VAL C 675 -19.95 -21.72 -7.09
CA VAL C 675 -19.90 -23.16 -7.05
C VAL C 675 -20.45 -23.67 -5.75
N ILE C 676 -21.40 -24.58 -5.84
CA ILE C 676 -21.94 -25.23 -4.68
C ILE C 676 -21.27 -26.56 -4.61
N TYR C 677 -20.42 -26.77 -3.62
CA TYR C 677 -19.62 -27.99 -3.61
C TYR C 677 -19.75 -28.82 -2.34
N ASP C 678 -19.93 -30.12 -2.54
CA ASP C 678 -19.94 -31.08 -1.45
C ASP C 678 -18.74 -32.03 -1.50
N LYS C 679 -17.84 -31.84 -0.55
CA LYS C 679 -16.59 -32.59 -0.41
C LYS C 679 -16.79 -34.09 -0.20
N GLU C 680 -17.84 -34.47 0.52
CA GLU C 680 -18.06 -35.87 0.88
C GLU C 680 -18.58 -36.66 -0.29
N THR C 681 -19.41 -36.03 -1.10
CA THR C 681 -19.98 -36.71 -2.26
C THR C 681 -19.21 -36.41 -3.53
N LYS C 682 -18.39 -35.36 -3.51
CA LYS C 682 -17.67 -34.91 -4.70
C LYS C 682 -18.64 -34.53 -5.80
N THR C 683 -19.70 -33.84 -5.42
CA THR C 683 -20.68 -33.37 -6.39
C THR C 683 -20.80 -31.87 -6.30
N HIS C 684 -21.37 -31.27 -7.31
CA HIS C 684 -21.50 -29.84 -7.29
C HIS C 684 -22.66 -29.35 -8.14
N ALA C 685 -22.99 -28.10 -7.93
CA ALA C 685 -24.00 -27.41 -8.70
C ALA C 685 -23.57 -25.97 -8.91
N THR C 686 -24.09 -25.35 -9.94
CA THR C 686 -23.69 -23.99 -10.23
C THR C 686 -24.81 -23.01 -9.98
N LEU C 687 -24.52 -21.95 -9.26
CA LEU C 687 -25.47 -20.89 -9.05
C LEU C 687 -25.08 -19.64 -9.81
N PHE C 688 -26.04 -19.12 -10.57
CA PHE C 688 -25.84 -17.91 -11.32
C PHE C 688 -26.64 -16.84 -10.63
N GLY C 689 -25.99 -16.18 -9.68
CA GLY C 689 -26.69 -15.30 -8.78
C GLY C 689 -27.26 -14.13 -9.52
N SER C 690 -28.49 -13.80 -9.18
CA SER C 690 -29.22 -12.69 -9.78
C SER C 690 -29.39 -12.81 -11.29
N VAL C 691 -29.44 -14.04 -11.80
CA VAL C 691 -29.62 -14.26 -13.23
C VAL C 691 -30.87 -15.06 -13.53
N ALA C 692 -31.70 -14.57 -14.44
CA ALA C 692 -32.86 -15.34 -14.87
C ALA C 692 -32.36 -16.52 -15.73
N CYS C 693 -33.05 -17.66 -15.66
CA CYS C 693 -32.69 -18.89 -16.39
C CYS C 693 -32.82 -18.73 -17.90
N GLU C 694 -33.35 -17.60 -18.33
CA GLU C 694 -33.48 -17.29 -19.74
C GLU C 694 -32.11 -17.22 -20.41
N HIS C 695 -31.08 -16.98 -19.61
CA HIS C 695 -29.71 -16.90 -20.12
C HIS C 695 -28.86 -18.16 -19.89
N ILE C 696 -29.43 -19.23 -19.30
CA ILE C 696 -28.69 -20.42 -18.91
C ILE C 696 -29.17 -21.61 -19.74
N TYR C 718 -31.61 -32.89 -15.53
CA TYR C 718 -32.40 -31.70 -15.24
C TYR C 718 -31.72 -30.46 -15.82
N GLY C 719 -32.54 -29.49 -16.27
CA GLY C 719 -32.08 -28.22 -16.82
C GLY C 719 -32.00 -27.16 -15.72
N PRO C 720 -31.88 -25.89 -16.09
CA PRO C 720 -31.82 -24.74 -15.21
C PRO C 720 -33.08 -24.64 -14.36
N LEU C 721 -32.90 -24.27 -13.11
CA LEU C 721 -33.99 -24.10 -12.15
C LEU C 721 -33.97 -22.70 -11.57
N GLN C 722 -35.09 -21.99 -11.62
CA GLN C 722 -35.09 -20.63 -11.13
C GLN C 722 -35.36 -20.60 -9.64
N THR C 723 -34.51 -19.92 -8.88
CA THR C 723 -34.72 -19.79 -7.45
C THR C 723 -34.72 -18.30 -7.10
N PRO C 724 -35.16 -17.90 -5.92
CA PRO C 724 -35.11 -16.56 -5.36
C PRO C 724 -33.71 -15.90 -5.32
N VAL C 725 -32.65 -16.66 -5.50
CA VAL C 725 -31.30 -16.08 -5.45
C VAL C 725 -30.61 -16.10 -6.79
N GLY C 726 -31.29 -16.54 -7.83
CA GLY C 726 -30.69 -16.67 -9.14
C GLY C 726 -31.03 -18.01 -9.74
N CYS C 727 -30.40 -18.36 -10.85
CA CYS C 727 -30.67 -19.59 -11.58
C CYS C 727 -29.66 -20.66 -11.16
N VAL C 728 -30.11 -21.85 -10.86
CA VAL C 728 -29.18 -22.89 -10.48
C VAL C 728 -29.21 -24.00 -11.50
N LEU C 729 -28.04 -24.54 -11.74
CA LEU C 729 -27.89 -25.62 -12.68
C LEU C 729 -27.25 -26.78 -11.94
N GLY C 730 -27.91 -27.93 -11.92
CA GLY C 730 -27.39 -29.05 -11.17
C GLY C 730 -28.15 -29.31 -9.88
N LEU C 731 -29.16 -28.49 -9.57
CA LEU C 731 -29.99 -28.74 -8.40
C LEU C 731 -31.36 -29.21 -8.83
N VAL C 732 -31.92 -30.12 -8.07
CA VAL C 732 -33.24 -30.64 -8.35
C VAL C 732 -34.24 -30.18 -7.30
N ASN C 733 -35.34 -29.53 -7.71
CA ASN C 733 -36.36 -29.02 -6.79
C ASN C 733 -37.06 -30.18 -6.07
N SER C 734 -36.95 -30.21 -4.72
CA SER C 734 -37.46 -31.32 -3.91
C SER C 734 -38.64 -31.01 -3.00
N SER C 735 -38.95 -29.72 -2.79
CA SER C 735 -40.03 -29.36 -1.86
C SER C 735 -39.86 -30.06 -0.52
N LEU C 736 -38.62 -30.09 -0.06
CA LEU C 736 -38.17 -30.72 1.16
C LEU C 736 -37.67 -29.65 2.11
N PHE C 737 -37.86 -29.86 3.41
CA PHE C 737 -37.38 -28.89 4.39
C PHE C 737 -36.28 -29.41 5.28
N VAL C 738 -35.35 -28.53 5.61
CA VAL C 738 -34.23 -28.82 6.50
C VAL C 738 -34.12 -27.76 7.58
N GLU C 739 -33.35 -28.04 8.63
CA GLU C 739 -33.05 -27.00 9.60
C GLU C 739 -31.54 -26.94 9.65
N ASP C 740 -30.99 -28.12 9.50
CA ASP C 740 -29.57 -28.39 9.54
C ASP C 740 -28.88 -28.21 8.17
N CYS C 741 -28.80 -26.95 7.72
CA CYS C 741 -28.28 -26.61 6.39
C CYS C 741 -26.77 -26.33 6.42
N LYS C 742 -26.05 -27.05 5.56
CA LYS C 742 -24.60 -26.87 5.44
C LYS C 742 -24.20 -26.06 4.22
N LEU C 743 -25.08 -25.99 3.23
CA LEU C 743 -24.79 -25.29 1.98
C LEU C 743 -25.88 -24.27 1.66
N PRO C 744 -26.05 -23.22 2.45
CA PRO C 744 -27.06 -22.20 2.27
C PRO C 744 -26.81 -21.44 0.99
N LEU C 745 -27.87 -21.19 0.24
CA LEU C 745 -27.73 -20.47 -1.00
C LEU C 745 -28.14 -19.03 -0.84
N GLY C 746 -28.63 -18.70 0.33
CA GLY C 746 -29.15 -17.37 0.62
C GLY C 746 -30.65 -17.44 0.74
N GLN C 747 -31.25 -16.35 1.20
CA GLN C 747 -32.68 -16.34 1.46
C GLN C 747 -32.93 -17.51 2.37
N SER C 748 -33.85 -18.38 2.07
CA SER C 748 -34.02 -19.52 2.96
C SER C 748 -33.87 -20.80 2.19
N LEU C 749 -32.94 -20.78 1.26
CA LEU C 749 -32.66 -21.91 0.38
C LEU C 749 -31.43 -22.66 0.85
N CYS C 750 -31.38 -23.96 0.57
CA CYS C 750 -30.26 -24.81 0.94
C CYS C 750 -29.99 -25.87 -0.13
N ALA C 751 -28.73 -26.13 -0.42
CA ALA C 751 -28.39 -27.24 -1.30
C ALA C 751 -28.20 -28.47 -0.44
N LEU C 752 -28.95 -29.51 -0.75
CA LEU C 752 -28.95 -30.72 0.04
C LEU C 752 -28.48 -31.92 -0.78
N PRO C 753 -27.26 -32.41 -0.56
CA PRO C 753 -26.65 -33.52 -1.28
C PRO C 753 -27.49 -34.77 -1.22
N ASP C 754 -27.50 -35.52 -2.31
CA ASP C 754 -28.26 -36.78 -2.41
C ASP C 754 -27.33 -37.97 -2.15
N THR C 755 -27.38 -38.52 -0.92
CA THR C 755 -26.51 -39.59 -0.46
C THR C 755 -27.12 -40.29 0.76
N PRO C 768 -23.30 -41.10 -5.53
CA PRO C 768 -24.11 -39.95 -5.17
C PRO C 768 -24.87 -39.40 -6.39
N GLY C 769 -26.00 -38.72 -6.11
CA GLY C 769 -26.88 -38.15 -7.14
C GLY C 769 -26.69 -36.64 -7.24
N GLU C 770 -27.72 -35.95 -7.70
CA GLU C 770 -27.66 -34.51 -7.82
C GLU C 770 -28.08 -33.88 -6.52
N MET C 771 -27.58 -32.69 -6.26
CA MET C 771 -27.99 -31.97 -5.06
C MET C 771 -29.43 -31.53 -5.20
N ARG C 772 -30.16 -31.60 -4.11
CA ARG C 772 -31.54 -31.16 -4.08
C ARG C 772 -31.65 -29.73 -3.64
N LEU C 773 -32.67 -29.04 -4.12
CA LEU C 773 -32.94 -27.70 -3.61
C LEU C 773 -33.98 -27.81 -2.51
N ALA C 774 -33.56 -27.48 -1.31
CA ALA C 774 -34.38 -27.59 -0.12
C ALA C 774 -34.64 -26.22 0.48
N SER C 775 -35.73 -26.10 1.20
CA SER C 775 -36.02 -24.87 1.91
C SER C 775 -35.62 -25.04 3.36
N ILE C 776 -35.28 -23.95 4.01
CA ILE C 776 -34.96 -24.01 5.42
C ILE C 776 -36.23 -23.72 6.19
N ALA C 777 -36.57 -24.60 7.10
CA ALA C 777 -37.79 -24.50 7.87
C ALA C 777 -37.62 -23.62 9.09
N PHE C 778 -38.70 -23.00 9.49
CA PHE C 778 -38.74 -22.32 10.76
C PHE C 778 -39.26 -23.29 11.78
N ASN C 779 -38.50 -23.50 12.83
CA ASN C 779 -38.93 -24.40 13.87
C ASN C 779 -39.81 -23.66 14.85
N HIS C 780 -41.09 -23.99 14.87
CA HIS C 780 -42.02 -23.28 15.71
C HIS C 780 -41.84 -23.70 17.17
N PRO C 781 -41.98 -22.77 18.11
CA PRO C 781 -41.95 -22.99 19.54
C PRO C 781 -43.22 -23.68 19.97
N ILE C 782 -43.20 -24.24 21.17
CA ILE C 782 -44.40 -24.86 21.69
C ILE C 782 -45.43 -23.77 21.86
N GLN C 783 -46.61 -23.97 21.30
CA GLN C 783 -47.64 -22.94 21.40
C GLN C 783 -48.44 -23.12 22.65
N VAL C 784 -48.51 -22.06 23.45
CA VAL C 784 -49.29 -22.13 24.66
C VAL C 784 -50.32 -21.01 24.64
N ASP C 785 -51.58 -21.37 24.60
CA ASP C 785 -52.67 -20.42 24.52
C ASP C 785 -52.94 -19.69 25.82
N GLN C 786 -53.48 -18.49 25.72
CA GLN C 786 -53.90 -17.76 26.90
C GLN C 786 -55.35 -18.10 27.21
N LEU C 787 -55.71 -18.06 28.49
CA LEU C 787 -57.08 -18.35 28.87
C LEU C 787 -57.87 -17.07 29.06
N ASN C 788 -59.16 -17.11 28.66
CA ASN C 788 -60.08 -16.00 28.90
C ASN C 788 -60.75 -16.19 30.27
N SER C 789 -59.91 -16.11 31.31
CA SER C 789 -60.30 -16.39 32.70
C SER C 789 -59.30 -15.80 33.66
N SER C 790 -59.53 -16.04 34.95
CA SER C 790 -58.65 -15.56 36.02
C SER C 790 -57.52 -16.55 36.26
N TYR C 791 -57.46 -17.60 35.44
CA TYR C 791 -56.43 -18.61 35.49
C TYR C 791 -55.46 -18.39 34.34
N PHE C 792 -54.38 -19.14 34.33
CA PHE C 792 -53.50 -19.12 33.18
C PHE C 792 -53.00 -20.50 32.88
N LYS C 793 -52.60 -20.73 31.64
CA LYS C 793 -52.02 -22.00 31.26
C LYS C 793 -50.54 -22.01 31.45
N LEU C 794 -50.10 -22.97 32.22
CA LEU C 794 -48.71 -23.15 32.49
C LEU C 794 -48.15 -24.32 31.75
N SER C 795 -47.12 -24.08 30.97
CA SER C 795 -46.44 -25.18 30.31
C SER C 795 -45.21 -25.50 31.12
N ILE C 796 -45.21 -26.66 31.74
CA ILE C 796 -44.16 -27.02 32.67
C ILE C 796 -43.56 -28.38 32.30
N PRO C 797 -42.24 -28.55 32.35
CA PRO C 797 -41.54 -29.77 32.04
C PRO C 797 -41.94 -30.90 32.97
N THR C 798 -41.99 -32.11 32.45
CA THR C 798 -42.22 -33.30 33.28
C THR C 798 -41.01 -34.25 33.29
N ASN C 799 -39.98 -33.89 32.53
CA ASN C 799 -38.75 -34.62 32.33
C ASN C 799 -37.64 -33.61 32.08
N PHE C 800 -36.40 -34.05 32.15
CA PHE C 800 -35.25 -33.20 31.86
C PHE C 800 -34.03 -34.01 31.56
N SER C 801 -33.06 -33.34 31.00
CA SER C 801 -31.75 -33.88 30.78
C SER C 801 -30.72 -32.82 31.06
N PHE C 802 -29.48 -33.23 31.14
CA PHE C 802 -28.42 -32.25 31.23
C PHE C 802 -27.73 -32.24 29.91
N GLY C 803 -27.19 -31.11 29.54
CA GLY C 803 -26.44 -31.05 28.31
C GLY C 803 -25.27 -30.14 28.47
N VAL C 804 -24.29 -30.30 27.62
CA VAL C 804 -23.12 -29.46 27.73
C VAL C 804 -22.97 -28.57 26.53
N THR C 805 -22.96 -27.27 26.78
CA THR C 805 -22.71 -26.35 25.72
C THR C 805 -21.23 -26.10 25.73
N GLN C 806 -20.59 -26.35 24.62
CA GLN C 806 -19.16 -26.17 24.57
C GLN C 806 -18.87 -24.84 23.94
N GLU C 807 -17.91 -24.14 24.49
CA GLU C 807 -17.56 -22.84 23.96
C GLU C 807 -16.08 -22.60 24.00
N TYR C 808 -15.54 -22.10 22.92
CA TYR C 808 -14.13 -21.75 22.90
C TYR C 808 -13.95 -20.26 22.85
N ILE C 809 -13.18 -19.75 23.77
CA ILE C 809 -12.84 -18.36 23.80
C ILE C 809 -11.35 -18.16 23.60
N GLN C 810 -10.98 -17.59 22.49
CA GLN C 810 -9.60 -17.24 22.23
C GLN C 810 -9.13 -16.20 23.22
N THR C 811 -7.92 -16.30 23.68
CA THR C 811 -7.46 -15.34 24.64
C THR C 811 -6.21 -14.71 24.12
N THR C 812 -5.47 -15.46 23.34
CA THR C 812 -4.19 -15.04 22.80
C THR C 812 -4.07 -15.35 21.32
N ILE C 813 -3.03 -14.81 20.72
CA ILE C 813 -2.61 -15.19 19.39
C ILE C 813 -1.16 -15.57 19.48
N GLN C 814 -0.66 -16.25 18.48
CA GLN C 814 0.75 -16.56 18.46
C GLN C 814 1.55 -15.28 18.35
N LYS C 815 2.54 -15.14 19.22
CA LYS C 815 3.40 -13.96 19.22
C LYS C 815 4.52 -14.10 18.22
N VAL C 816 4.64 -13.12 17.34
CA VAL C 816 5.63 -13.19 16.29
C VAL C 816 6.43 -11.90 16.19
N THR C 817 7.72 -12.03 15.95
CA THR C 817 8.55 -10.88 15.66
C THR C 817 9.17 -11.10 14.30
N VAL C 818 9.56 -10.03 13.66
CA VAL C 818 10.15 -10.16 12.35
C VAL C 818 11.47 -9.44 12.25
N ASP C 819 12.46 -10.11 11.70
CA ASP C 819 13.71 -9.43 11.44
C ASP C 819 13.50 -8.74 10.11
N CYS C 820 12.95 -7.52 10.18
CA CYS C 820 12.54 -6.70 9.05
C CYS C 820 13.67 -6.47 8.07
N LYS C 821 14.82 -6.08 8.57
CA LYS C 821 15.91 -5.75 7.70
C LYS C 821 16.32 -6.97 6.90
N GLN C 822 16.39 -8.14 7.55
CA GLN C 822 16.70 -9.37 6.85
C GLN C 822 15.58 -9.78 5.92
N TYR C 823 14.35 -9.63 6.35
CA TYR C 823 13.21 -10.04 5.53
C TYR C 823 13.21 -9.33 4.21
N VAL C 824 13.41 -8.01 4.26
CA VAL C 824 13.35 -7.21 3.06
C VAL C 824 14.58 -7.34 2.15
N CYS C 825 15.79 -7.27 2.73
CA CYS C 825 17.03 -7.17 1.95
C CYS C 825 17.88 -8.43 1.94
N ASN C 826 17.59 -9.39 2.77
CA ASN C 826 18.33 -10.64 2.76
C ASN C 826 19.85 -10.47 2.84
N GLY C 827 20.32 -9.49 3.60
CA GLY C 827 21.75 -9.31 3.82
C GLY C 827 22.48 -8.54 2.71
N PHE C 828 21.77 -8.08 1.69
CA PHE C 828 22.42 -7.37 0.61
C PHE C 828 22.58 -5.90 0.93
N GLN C 829 23.82 -5.44 0.90
CA GLN C 829 24.13 -4.07 1.29
C GLN C 829 23.51 -3.07 0.35
N LYS C 830 23.43 -3.42 -0.92
CA LYS C 830 22.82 -2.54 -1.90
C LYS C 830 21.34 -2.25 -1.61
N CYS C 831 20.60 -3.30 -1.20
CA CYS C 831 19.19 -3.18 -0.83
C CYS C 831 19.08 -2.35 0.44
N GLU C 832 19.93 -2.61 1.41
CA GLU C 832 19.86 -1.89 2.67
C GLU C 832 20.03 -0.41 2.44
N GLN C 833 20.90 -0.06 1.49
CA GLN C 833 21.10 1.33 1.14
C GLN C 833 19.83 1.97 0.63
N LEU C 834 19.06 1.22 -0.15
CA LEU C 834 17.82 1.71 -0.72
C LEU C 834 16.71 1.69 0.31
N LEU C 835 16.76 0.73 1.22
CA LEU C 835 15.77 0.62 2.27
C LEU C 835 15.80 1.82 3.20
N ARG C 836 16.99 2.39 3.39
CA ARG C 836 17.14 3.58 4.24
C ARG C 836 16.37 4.79 3.70
N GLU C 837 16.03 4.79 2.43
CA GLU C 837 15.33 5.91 1.81
C GLU C 837 13.85 5.91 2.19
N TYR C 838 13.42 4.87 2.87
CA TYR C 838 12.04 4.73 3.30
C TYR C 838 11.89 5.09 4.76
N GLY C 839 12.93 5.70 5.33
CA GLY C 839 12.87 6.15 6.70
C GLY C 839 13.06 5.00 7.65
N GLN C 840 12.61 5.20 8.88
CA GLN C 840 12.80 4.19 9.90
C GLN C 840 11.70 3.16 9.81
N PHE C 841 11.65 2.47 8.67
CA PHE C 841 10.62 1.50 8.39
C PHE C 841 10.62 0.31 9.33
N CYS C 842 11.80 -0.30 9.52
CA CYS C 842 11.97 -1.49 10.33
C CYS C 842 11.83 -1.18 11.80
N SER C 843 12.11 0.05 12.18
CA SER C 843 11.93 0.41 13.56
C SER C 843 10.44 0.39 13.88
N LYS C 844 9.63 0.85 12.92
CA LYS C 844 8.19 0.86 13.13
C LYS C 844 7.61 -0.54 13.14
N ILE C 845 8.13 -1.42 12.30
CA ILE C 845 7.66 -2.81 12.26
C ILE C 845 7.99 -3.50 13.57
N ASN C 846 9.21 -3.31 14.06
CA ASN C 846 9.64 -3.96 15.27
C ASN C 846 8.94 -3.44 16.49
N GLN C 847 8.71 -2.14 16.55
CA GLN C 847 8.05 -1.56 17.70
C GLN C 847 6.58 -1.93 17.73
N ALA C 848 5.94 -2.01 16.57
CA ALA C 848 4.54 -2.36 16.54
C ALA C 848 4.33 -3.78 17.01
N LEU C 849 5.19 -4.70 16.56
CA LEU C 849 5.05 -6.08 16.97
C LEU C 849 5.45 -6.27 18.41
N HIS C 850 6.44 -5.52 18.88
CA HIS C 850 6.84 -5.61 20.27
C HIS C 850 5.67 -5.22 21.15
N GLY C 851 5.01 -4.12 20.82
CA GLY C 851 3.87 -3.66 21.58
C GLY C 851 2.75 -4.66 21.58
N ALA C 852 2.47 -5.25 20.42
CA ALA C 852 1.42 -6.26 20.32
C ALA C 852 1.75 -7.48 21.17
N ASN C 853 3.01 -7.85 21.20
CA ASN C 853 3.42 -9.02 21.95
C ASN C 853 3.36 -8.76 23.44
N LEU C 854 3.67 -7.52 23.85
CA LEU C 854 3.52 -7.18 25.26
C LEU C 854 2.07 -7.19 25.65
N ARG C 855 1.21 -6.71 24.77
CA ARG C 855 -0.21 -6.69 25.05
C ARG C 855 -0.72 -8.09 25.32
N GLN C 856 -0.23 -9.05 24.55
CA GLN C 856 -0.64 -10.43 24.74
C GLN C 856 -0.20 -10.96 26.08
N ASP C 857 0.98 -10.57 26.53
CA ASP C 857 1.44 -11.02 27.84
C ASP C 857 0.64 -10.35 28.95
N ASP C 858 0.26 -9.09 28.77
CA ASP C 858 -0.53 -8.41 29.77
C ASP C 858 -1.92 -9.00 29.83
N SER C 859 -2.45 -9.41 28.68
CA SER C 859 -3.77 -10.01 28.59
C SER C 859 -3.81 -11.32 29.35
N VAL C 860 -2.77 -12.14 29.18
CA VAL C 860 -2.67 -13.41 29.86
C VAL C 860 -2.49 -13.22 31.35
N ARG C 861 -1.61 -12.34 31.73
CA ARG C 861 -1.34 -12.10 33.13
C ARG C 861 -2.59 -11.64 33.85
N ASN C 862 -3.36 -10.76 33.20
CA ASN C 862 -4.59 -10.23 33.76
C ASN C 862 -5.68 -11.30 33.85
N LEU C 863 -5.82 -12.08 32.80
CA LEU C 863 -6.83 -13.11 32.79
C LEU C 863 -6.60 -14.12 33.88
N PHE C 864 -5.38 -14.62 33.99
CA PHE C 864 -5.11 -15.65 34.96
C PHE C 864 -5.14 -15.11 36.37
N ALA C 865 -4.82 -13.84 36.55
CA ALA C 865 -4.94 -13.25 37.86
C ALA C 865 -6.39 -13.33 38.33
N SER C 866 -7.34 -13.21 37.41
CA SER C 866 -8.75 -13.28 37.74
C SER C 866 -9.31 -14.71 37.82
N VAL C 867 -8.78 -15.66 37.04
CA VAL C 867 -9.31 -17.02 37.16
C VAL C 867 -8.85 -17.59 38.49
N LYS C 868 -7.67 -17.19 38.92
CA LYS C 868 -7.08 -17.66 40.15
C LYS C 868 -8.04 -17.54 41.31
N SER C 869 -8.17 -18.64 42.03
CA SER C 869 -9.02 -18.70 43.21
C SER C 869 -8.26 -18.22 44.42
N SER C 870 -8.95 -17.63 45.38
CA SER C 870 -8.29 -17.28 46.62
C SER C 870 -8.23 -18.48 47.54
N GLN C 871 -9.27 -19.32 47.44
CA GLN C 871 -9.38 -20.53 48.23
C GLN C 871 -9.90 -21.65 47.35
N SER C 872 -9.46 -22.86 47.62
CA SER C 872 -9.86 -24.01 46.82
C SER C 872 -9.74 -25.30 47.60
N SER C 873 -10.53 -26.30 47.25
CA SER C 873 -10.35 -27.60 47.85
C SER C 873 -9.35 -28.39 47.00
N PRO C 874 -8.52 -29.25 47.60
CA PRO C 874 -7.66 -30.17 46.91
C PRO C 874 -8.46 -31.08 46.01
N ILE C 875 -7.96 -31.33 44.81
CA ILE C 875 -8.62 -32.29 43.94
C ILE C 875 -8.08 -33.64 44.28
N ILE C 876 -8.97 -34.56 44.56
CA ILE C 876 -8.57 -35.90 44.89
C ILE C 876 -9.27 -36.80 43.92
N PRO C 877 -8.76 -38.00 43.66
CA PRO C 877 -9.44 -38.98 42.85
C PRO C 877 -10.79 -39.21 43.48
N GLY C 878 -11.85 -39.20 42.69
CA GLY C 878 -13.16 -39.43 43.25
C GLY C 878 -13.91 -38.13 43.47
N PHE C 879 -13.22 -37.02 43.23
CA PHE C 879 -13.81 -35.71 43.32
C PHE C 879 -15.08 -35.71 42.47
N GLY C 880 -16.17 -35.24 43.04
CA GLY C 880 -17.45 -35.24 42.35
C GLY C 880 -18.44 -36.22 43.01
N GLY C 881 -17.93 -37.22 43.70
CA GLY C 881 -18.79 -38.19 44.35
C GLY C 881 -19.59 -38.97 43.32
N ASP C 882 -20.91 -38.90 43.40
CA ASP C 882 -21.79 -39.58 42.46
C ASP C 882 -21.69 -38.99 41.07
N PHE C 883 -21.19 -37.76 41.01
CA PHE C 883 -21.03 -37.05 39.78
C PHE C 883 -19.62 -37.32 39.28
N ASN C 884 -19.51 -37.90 38.08
CA ASN C 884 -18.25 -38.35 37.51
C ASN C 884 -17.55 -37.20 36.78
N LEU C 885 -16.51 -36.66 37.44
CA LEU C 885 -15.72 -35.53 36.98
C LEU C 885 -14.30 -35.99 36.67
N THR C 886 -14.10 -37.27 36.40
CA THR C 886 -12.73 -37.78 36.25
C THR C 886 -12.09 -37.27 34.98
N LEU C 887 -12.89 -36.80 34.05
CA LEU C 887 -12.36 -36.25 32.81
C LEU C 887 -11.86 -34.83 33.02
N LEU C 888 -12.16 -34.26 34.18
CA LEU C 888 -11.72 -32.91 34.54
C LEU C 888 -10.55 -32.96 35.51
N GLU C 889 -10.43 -34.05 36.26
CA GLU C 889 -9.34 -34.20 37.22
C GLU C 889 -8.01 -34.24 36.47
N PRO C 890 -6.94 -33.65 36.99
CA PRO C 890 -5.59 -33.74 36.47
C PRO C 890 -5.16 -35.19 36.42
N VAL C 891 -4.51 -35.61 35.33
CA VAL C 891 -4.04 -36.98 35.16
C VAL C 891 -2.71 -37.15 35.91
N ALA C 900 -0.10 -31.11 35.77
CA ALA C 900 -0.74 -32.10 34.93
C ALA C 900 -2.06 -31.57 34.39
N ARG C 901 -2.37 -31.89 33.12
CA ARG C 901 -3.61 -31.52 32.46
C ARG C 901 -4.65 -32.61 32.66
N SER C 902 -5.92 -32.26 32.52
CA SER C 902 -7.01 -33.21 32.66
C SER C 902 -7.15 -34.07 31.43
N ALA C 903 -7.92 -35.14 31.53
CA ALA C 903 -8.11 -36.01 30.38
C ALA C 903 -8.81 -35.29 29.23
N ILE C 904 -9.83 -34.49 29.52
CA ILE C 904 -10.54 -33.81 28.46
C ILE C 904 -9.64 -32.75 27.84
N GLU C 905 -8.80 -32.16 28.66
CA GLU C 905 -7.87 -31.14 28.22
C GLU C 905 -6.82 -31.74 27.29
N ASP C 906 -6.26 -32.90 27.66
CA ASP C 906 -5.30 -33.55 26.77
C ASP C 906 -5.95 -33.97 25.48
N LEU C 907 -7.19 -34.45 25.55
CA LEU C 907 -7.86 -34.86 24.34
C LEU C 907 -8.09 -33.68 23.43
N LEU C 908 -8.50 -32.54 23.99
CA LEU C 908 -8.71 -31.36 23.19
C LEU C 908 -7.44 -30.98 22.46
N PHE C 909 -6.30 -31.00 23.14
CA PHE C 909 -5.04 -30.66 22.47
C PHE C 909 -4.63 -31.70 21.44
N ASP C 910 -4.78 -32.98 21.76
CA ASP C 910 -4.36 -34.04 20.85
C ASP C 910 -5.16 -34.08 19.55
N LYS C 911 -6.41 -33.66 19.60
CA LYS C 911 -7.27 -33.69 18.43
C LYS C 911 -7.10 -32.47 17.52
N VAL C 912 -6.31 -31.49 17.93
CA VAL C 912 -6.11 -30.28 17.15
C VAL C 912 -4.76 -30.34 16.47
N THR C 913 -4.71 -30.03 15.19
CA THR C 913 -3.45 -30.12 14.48
C THR C 913 -2.66 -28.83 14.63
N ILE C 914 -1.58 -28.92 15.41
CA ILE C 914 -0.75 -27.78 15.73
C ILE C 914 0.69 -28.09 15.39
N ALA C 915 1.34 -27.22 14.63
CA ALA C 915 2.75 -27.43 14.36
C ALA C 915 3.55 -27.11 15.60
N ASP C 916 4.52 -27.94 15.94
CA ASP C 916 5.38 -27.70 17.09
C ASP C 916 6.39 -26.61 16.76
N PRO C 917 6.34 -25.45 17.42
CA PRO C 917 7.19 -24.31 17.18
C PRO C 917 8.64 -24.55 17.57
N GLY C 918 8.91 -25.58 18.36
CA GLY C 918 10.29 -25.87 18.71
C GLY C 918 10.90 -24.82 19.63
N TYR C 919 10.20 -24.44 20.68
CA TYR C 919 10.67 -23.37 21.55
C TYR C 919 12.05 -23.60 22.12
N MET C 920 12.42 -24.83 22.43
CA MET C 920 13.72 -25.06 23.04
C MET C 920 14.85 -25.26 22.01
N GLN C 921 14.58 -25.95 20.90
CA GLN C 921 15.65 -26.20 19.95
C GLN C 921 15.18 -26.39 18.50
N GLY C 922 14.12 -25.68 18.10
CA GLY C 922 13.60 -25.79 16.75
C GLY C 922 14.65 -25.46 15.69
N TYR C 923 15.57 -24.56 16.03
CA TYR C 923 16.65 -24.18 15.14
C TYR C 923 17.42 -25.40 14.72
N ASP C 924 17.68 -26.29 15.67
CA ASP C 924 18.47 -27.48 15.40
C ASP C 924 17.64 -28.55 14.74
N ASP C 925 16.40 -28.68 15.13
CA ASP C 925 15.55 -29.70 14.53
C ASP C 925 15.43 -29.52 13.01
N CYS C 926 15.35 -28.25 12.55
CA CYS C 926 15.18 -27.89 11.15
C CYS C 926 16.49 -28.02 10.36
N MET C 927 17.60 -28.29 11.05
CA MET C 927 18.87 -28.50 10.37
C MET C 927 19.18 -29.98 10.29
N GLN C 928 18.85 -30.69 11.36
CA GLN C 928 19.17 -32.10 11.47
C GLN C 928 18.14 -33.00 10.80
N GLN C 929 16.88 -32.60 10.89
CA GLN C 929 15.80 -33.39 10.30
C GLN C 929 15.23 -32.66 9.08
N GLY C 930 15.14 -31.35 9.20
CA GLY C 930 14.60 -30.52 8.12
C GLY C 930 13.08 -30.37 8.26
N PRO C 931 12.44 -29.74 7.26
CA PRO C 931 11.02 -29.45 7.19
C PRO C 931 10.20 -30.71 7.34
N ALA C 932 9.10 -30.61 8.07
CA ALA C 932 8.21 -31.74 8.28
C ALA C 932 7.44 -32.06 7.01
N SER C 933 7.11 -31.01 6.26
CA SER C 933 6.34 -31.16 5.04
C SER C 933 6.55 -29.95 4.15
N ALA C 934 5.78 -29.89 3.07
CA ALA C 934 5.84 -28.74 2.19
C ALA C 934 5.23 -27.57 2.94
N ARG C 935 5.73 -26.38 2.68
CA ARG C 935 5.20 -25.18 3.31
C ARG C 935 5.28 -25.26 4.85
N ASP C 936 6.41 -25.73 5.37
CA ASP C 936 6.63 -25.81 6.81
C ASP C 936 6.95 -24.44 7.37
N LEU C 937 5.98 -23.86 8.07
CA LEU C 937 6.06 -22.49 8.53
C LEU C 937 6.87 -22.33 9.79
N ILE C 938 7.26 -23.45 10.37
CA ILE C 938 8.11 -23.38 11.54
C ILE C 938 9.56 -23.31 11.11
N CYS C 939 9.98 -24.16 10.15
CA CYS C 939 11.34 -24.13 9.63
C CYS C 939 11.58 -22.87 8.80
N ALA C 940 10.51 -22.31 8.25
CA ALA C 940 10.58 -21.06 7.52
C ALA C 940 11.04 -19.93 8.41
N GLN C 941 10.94 -20.07 9.72
CA GLN C 941 11.33 -18.99 10.62
C GLN C 941 12.76 -18.57 10.38
N TYR C 942 13.64 -19.54 10.16
CA TYR C 942 15.06 -19.25 10.15
C TYR C 942 15.54 -18.99 8.76
N VAL C 943 14.60 -18.98 7.82
CA VAL C 943 14.88 -18.76 6.43
C VAL C 943 14.33 -17.40 6.02
N ALA C 944 13.05 -17.19 6.31
CA ALA C 944 12.36 -15.97 5.98
C ALA C 944 12.78 -14.82 6.87
N GLY C 945 13.15 -15.11 8.12
CA GLY C 945 13.55 -14.04 9.02
C GLY C 945 12.44 -13.62 9.98
N TYR C 946 11.73 -14.59 10.54
CA TYR C 946 10.71 -14.29 11.54
C TYR C 946 10.81 -15.29 12.65
N LYS C 947 10.31 -14.93 13.81
CA LYS C 947 10.41 -15.80 14.95
C LYS C 947 9.13 -15.89 15.75
N VAL C 948 8.73 -17.11 16.05
CA VAL C 948 7.62 -17.36 16.93
C VAL C 948 8.10 -17.37 18.37
N LEU C 949 7.49 -16.56 19.19
CA LEU C 949 7.89 -16.46 20.57
C LEU C 949 7.04 -17.37 21.44
N PRO C 950 7.60 -17.91 22.52
CA PRO C 950 6.90 -18.71 23.49
C PRO C 950 5.92 -17.85 24.28
N PRO C 951 4.85 -18.46 24.80
CA PRO C 951 3.82 -17.88 25.62
C PRO C 951 4.34 -17.50 26.98
N LEU C 952 3.64 -16.59 27.65
CA LEU C 952 4.00 -16.12 28.97
C LEU C 952 4.02 -17.20 30.04
N MET C 953 3.21 -18.22 29.87
CA MET C 953 3.12 -19.30 30.83
C MET C 953 3.38 -20.63 30.17
N ASP C 954 3.99 -21.56 30.88
CA ASP C 954 4.13 -22.89 30.32
C ASP C 954 2.85 -23.69 30.56
N VAL C 955 2.84 -24.92 30.07
CA VAL C 955 1.65 -25.75 30.19
C VAL C 955 1.31 -26.11 31.61
N ASN C 956 2.31 -26.41 32.42
CA ASN C 956 2.05 -26.85 33.77
C ASN C 956 1.44 -25.74 34.61
N MET C 957 1.89 -24.50 34.40
CA MET C 957 1.31 -23.41 35.13
C MET C 957 -0.11 -23.12 34.70
N GLU C 958 -0.39 -23.19 33.41
CA GLU C 958 -1.76 -22.95 32.98
C GLU C 958 -2.67 -24.02 33.55
N ALA C 959 -2.20 -25.26 33.59
CA ALA C 959 -2.96 -26.35 34.15
C ALA C 959 -3.19 -26.14 35.64
N ALA C 960 -2.22 -25.58 36.33
CA ALA C 960 -2.35 -25.31 37.74
C ALA C 960 -3.48 -24.34 38.02
N TYR C 961 -3.66 -23.37 37.13
CA TYR C 961 -4.72 -22.40 37.31
C TYR C 961 -6.09 -22.99 37.10
N THR C 962 -6.27 -23.81 36.07
CA THR C 962 -7.58 -24.39 35.84
C THR C 962 -7.87 -25.52 36.82
N SER C 963 -6.82 -26.16 37.34
CA SER C 963 -6.98 -27.19 38.34
C SER C 963 -7.48 -26.61 39.65
N SER C 964 -6.87 -25.50 40.08
CA SER C 964 -7.30 -24.90 41.32
C SER C 964 -8.66 -24.25 41.15
N LEU C 965 -9.00 -23.85 39.93
CA LEU C 965 -10.31 -23.30 39.65
C LEU C 965 -11.36 -24.39 39.81
N LEU C 966 -11.10 -25.59 39.31
CA LEU C 966 -12.02 -26.71 39.43
C LEU C 966 -12.34 -26.99 40.89
N GLY C 967 -11.33 -26.98 41.73
CA GLY C 967 -11.48 -27.29 43.14
C GLY C 967 -12.21 -26.22 43.93
N SER C 968 -12.44 -25.07 43.31
CA SER C 968 -13.11 -23.99 43.97
C SER C 968 -14.57 -23.92 43.62
N ILE C 969 -15.02 -24.67 42.62
CA ILE C 969 -16.36 -24.43 42.13
C ILE C 969 -17.44 -24.70 43.16
N ALA C 970 -17.40 -25.86 43.78
CA ALA C 970 -18.46 -26.23 44.69
C ALA C 970 -18.57 -25.27 45.87
N GLY C 971 -17.43 -24.82 46.37
CA GLY C 971 -17.43 -24.00 47.56
C GLY C 971 -17.37 -22.50 47.34
N VAL C 972 -17.39 -22.05 46.10
CA VAL C 972 -17.28 -20.62 45.87
C VAL C 972 -18.64 -20.11 45.43
N GLY C 973 -19.28 -20.83 44.51
CA GLY C 973 -20.58 -20.45 44.02
C GLY C 973 -21.77 -20.43 44.96
N TRP C 974 -21.56 -20.88 46.20
CA TRP C 974 -22.67 -20.98 47.13
C TRP C 974 -23.50 -19.91 47.87
N THR C 975 -22.86 -18.95 48.54
CA THR C 975 -23.64 -17.97 49.30
C THR C 975 -23.15 -16.54 49.11
N ALA C 976 -23.75 -15.62 49.87
CA ALA C 976 -23.43 -14.20 49.79
C ALA C 976 -21.96 -13.92 50.12
N GLY C 977 -21.35 -13.03 49.35
CA GLY C 977 -19.97 -12.62 49.60
C GLY C 977 -19.00 -13.47 48.79
N LEU C 978 -17.84 -12.92 48.47
CA LEU C 978 -16.82 -13.65 47.74
C LEU C 978 -15.65 -13.99 48.65
N SER C 979 -15.80 -13.66 49.92
CA SER C 979 -14.70 -13.74 50.87
C SER C 979 -14.53 -15.05 51.61
N SER C 980 -15.58 -15.84 51.73
CA SER C 980 -15.48 -17.09 52.45
C SER C 980 -15.58 -18.27 51.51
N PHE C 981 -15.12 -19.42 51.96
CA PHE C 981 -15.17 -20.62 51.16
C PHE C 981 -15.78 -21.78 51.91
N ALA C 982 -16.79 -22.39 51.33
CA ALA C 982 -17.45 -23.50 51.97
C ALA C 982 -17.04 -24.78 51.30
N ALA C 983 -16.19 -25.56 51.95
CA ALA C 983 -15.70 -26.76 51.32
C ALA C 983 -16.73 -27.85 51.43
N ILE C 984 -17.69 -27.81 50.52
CA ILE C 984 -18.81 -28.73 50.51
C ILE C 984 -18.60 -29.67 49.33
N PRO C 985 -19.17 -30.87 49.34
CA PRO C 985 -19.11 -31.83 48.27
C PRO C 985 -19.68 -31.26 47.01
N PHE C 986 -19.09 -31.64 45.89
CA PHE C 986 -19.58 -31.20 44.59
C PHE C 986 -21.05 -31.56 44.44
N ALA C 987 -21.40 -32.77 44.80
CA ALA C 987 -22.76 -33.23 44.65
C ALA C 987 -23.72 -32.35 45.42
N GLN C 988 -23.31 -31.92 46.60
CA GLN C 988 -24.17 -31.11 47.43
C GLN C 988 -24.38 -29.76 46.78
N SER C 989 -23.34 -29.25 46.14
CA SER C 989 -23.44 -27.99 45.43
C SER C 989 -24.43 -28.10 44.29
N ILE C 990 -24.37 -29.19 43.54
CA ILE C 990 -25.28 -29.37 42.42
C ILE C 990 -26.72 -29.38 42.87
N PHE C 991 -27.01 -30.01 43.99
CA PHE C 991 -28.39 -30.04 44.43
C PHE C 991 -28.87 -28.66 44.85
N TYR C 992 -27.98 -27.81 45.34
CA TYR C 992 -28.38 -26.44 45.64
C TYR C 992 -28.58 -25.65 44.36
N ARG C 993 -27.77 -25.94 43.35
CA ARG C 993 -27.87 -25.25 42.07
C ARG C 993 -29.19 -25.58 41.40
N LEU C 994 -29.62 -26.83 41.53
CA LEU C 994 -30.89 -27.27 40.96
C LEU C 994 -32.07 -26.74 41.75
N ASN C 995 -31.97 -26.72 43.07
CA ASN C 995 -33.05 -26.20 43.88
C ASN C 995 -33.29 -24.74 43.58
N GLY C 996 -32.23 -24.02 43.32
CA GLY C 996 -32.29 -22.59 43.07
C GLY C 996 -32.90 -22.25 41.72
N VAL C 997 -33.14 -23.23 40.86
CA VAL C 997 -33.73 -22.91 39.56
C VAL C 997 -35.14 -23.43 39.44
N GLY C 998 -35.72 -23.89 40.53
CA GLY C 998 -37.11 -24.32 40.47
C GLY C 998 -37.38 -25.80 40.63
N ILE C 999 -36.41 -26.60 41.04
CA ILE C 999 -36.70 -28.01 41.26
C ILE C 999 -36.80 -28.21 42.75
N THR C 1000 -37.92 -28.69 43.24
CA THR C 1000 -38.11 -28.73 44.68
C THR C 1000 -37.22 -29.76 45.34
N GLN C 1001 -37.05 -29.62 46.64
CA GLN C 1001 -36.16 -30.49 47.40
C GLN C 1001 -36.70 -31.89 47.52
N GLN C 1002 -38.02 -32.04 47.46
CA GLN C 1002 -38.59 -33.36 47.52
C GLN C 1002 -38.21 -34.14 46.27
N VAL C 1003 -38.17 -33.43 45.15
CA VAL C 1003 -37.82 -34.06 43.88
C VAL C 1003 -36.34 -34.40 43.85
N LEU C 1004 -35.51 -33.47 44.27
CA LEU C 1004 -34.08 -33.69 44.23
C LEU C 1004 -33.68 -34.82 45.16
N SER C 1005 -34.36 -34.93 46.30
CA SER C 1005 -34.09 -35.99 47.25
C SER C 1005 -34.47 -37.36 46.69
N GLU C 1006 -35.64 -37.45 46.08
CA GLU C 1006 -36.10 -38.71 45.50
C GLU C 1006 -35.26 -39.16 44.32
N ASN C 1007 -34.81 -38.22 43.51
CA ASN C 1007 -34.11 -38.51 42.28
C ASN C 1007 -32.59 -38.30 42.32
N GLN C 1008 -31.96 -38.33 43.48
CA GLN C 1008 -30.53 -38.02 43.49
C GLN C 1008 -29.69 -38.90 42.58
N LYS C 1009 -30.04 -40.18 42.47
CA LYS C 1009 -29.24 -41.07 41.64
C LYS C 1009 -29.56 -40.86 40.18
N LEU C 1010 -30.79 -40.47 39.89
CA LEU C 1010 -31.21 -40.23 38.52
C LEU C 1010 -30.52 -38.99 37.99
N ILE C 1011 -30.42 -37.98 38.85
CA ILE C 1011 -29.79 -36.72 38.52
C ILE C 1011 -28.31 -36.92 38.27
N ALA C 1012 -27.64 -37.67 39.14
CA ALA C 1012 -26.23 -37.95 38.95
C ALA C 1012 -26.02 -38.72 37.66
N ASN C 1013 -26.91 -39.64 37.34
CA ASN C 1013 -26.76 -40.40 36.11
C ASN C 1013 -26.93 -39.54 34.88
N LYS C 1014 -27.92 -38.65 34.89
CA LYS C 1014 -28.14 -37.78 33.74
C LYS C 1014 -26.99 -36.80 33.56
N PHE C 1015 -26.45 -36.33 34.67
CA PHE C 1015 -25.32 -35.42 34.65
C PHE C 1015 -24.14 -36.13 34.01
N ASN C 1016 -23.91 -37.37 34.45
CA ASN C 1016 -22.80 -38.16 33.97
C ASN C 1016 -22.93 -38.46 32.50
N GLN C 1017 -24.15 -38.63 32.01
CA GLN C 1017 -24.37 -38.85 30.59
C GLN C 1017 -24.02 -37.60 29.81
N ALA C 1018 -24.39 -36.44 30.34
CA ALA C 1018 -24.11 -35.18 29.66
C ALA C 1018 -22.61 -34.96 29.49
N LEU C 1019 -21.83 -35.28 30.52
CA LEU C 1019 -20.39 -35.12 30.40
C LEU C 1019 -19.76 -36.27 29.65
N GLY C 1020 -20.30 -37.46 29.81
CA GLY C 1020 -19.75 -38.62 29.12
C GLY C 1020 -19.87 -38.45 27.62
N ALA C 1021 -20.95 -37.84 27.18
CA ALA C 1021 -21.25 -37.60 25.78
C ALA C 1021 -20.23 -36.65 25.14
N MET C 1022 -19.51 -35.91 25.97
CA MET C 1022 -18.55 -34.94 25.52
C MET C 1022 -17.19 -35.59 25.30
N GLN C 1023 -17.00 -36.79 25.82
CA GLN C 1023 -15.71 -37.45 25.75
C GLN C 1023 -15.33 -37.76 24.32
N THR C 1024 -16.33 -38.01 23.49
CA THR C 1024 -16.14 -38.34 22.09
C THR C 1024 -16.67 -37.25 21.18
N GLY C 1025 -16.85 -36.04 21.73
CA GLY C 1025 -17.48 -34.95 21.00
C GLY C 1025 -16.55 -34.09 20.15
N PHE C 1026 -15.25 -34.35 20.16
CA PHE C 1026 -14.35 -33.49 19.41
C PHE C 1026 -14.29 -33.87 17.94
N THR C 1027 -15.36 -33.56 17.25
CA THR C 1027 -15.58 -33.87 15.83
C THR C 1027 -15.93 -32.65 15.00
N THR C 1028 -16.21 -32.87 13.73
CA THR C 1028 -16.46 -31.79 12.77
C THR C 1028 -17.82 -31.12 12.95
N THR C 1029 -18.68 -31.72 13.74
CA THR C 1029 -20.00 -31.19 14.02
C THR C 1029 -19.99 -30.39 15.30
N ASN C 1030 -18.83 -30.32 15.96
CA ASN C 1030 -18.66 -29.59 17.20
C ASN C 1030 -18.13 -28.21 16.91
N GLU C 1031 -19.00 -27.20 16.94
CA GLU C 1031 -18.59 -25.87 16.53
C GLU C 1031 -17.51 -25.29 17.43
N ALA C 1032 -17.59 -25.53 18.73
CA ALA C 1032 -16.58 -24.99 19.62
C ALA C 1032 -15.23 -25.58 19.31
N PHE C 1033 -15.22 -26.87 19.03
CA PHE C 1033 -13.99 -27.53 18.69
C PHE C 1033 -13.41 -27.00 17.40
N GLN C 1034 -14.26 -26.81 16.40
CA GLN C 1034 -13.76 -26.29 15.14
C GLN C 1034 -13.20 -24.89 15.32
N LYS C 1035 -13.80 -24.10 16.20
CA LYS C 1035 -13.26 -22.77 16.47
C LYS C 1035 -11.86 -22.86 17.05
N VAL C 1036 -11.57 -23.92 17.81
CA VAL C 1036 -10.24 -24.09 18.35
C VAL C 1036 -9.27 -24.32 17.20
N GLN C 1037 -9.65 -25.17 16.26
CA GLN C 1037 -8.80 -25.43 15.11
C GLN C 1037 -8.65 -24.20 14.24
N ASP C 1038 -9.70 -23.40 14.12
CA ASP C 1038 -9.62 -22.19 13.32
C ASP C 1038 -8.64 -21.20 13.93
N ALA C 1039 -8.62 -21.08 15.25
CA ALA C 1039 -7.67 -20.18 15.88
C ALA C 1039 -6.25 -20.60 15.56
N VAL C 1040 -6.02 -21.91 15.55
CA VAL C 1040 -4.73 -22.45 15.21
C VAL C 1040 -4.40 -22.17 13.75
N ASN C 1041 -5.39 -22.33 12.89
CA ASN C 1041 -5.20 -22.08 11.48
C ASN C 1041 -4.91 -20.61 11.20
N ASN C 1042 -5.48 -19.71 12.00
CA ASN C 1042 -5.24 -18.29 11.82
C ASN C 1042 -3.81 -17.94 12.16
N ASN C 1043 -3.24 -18.67 13.12
CA ASN C 1043 -1.85 -18.44 13.45
C ASN C 1043 -0.97 -18.86 12.28
N ALA C 1044 -1.32 -20.00 11.69
CA ALA C 1044 -0.58 -20.51 10.55
C ALA C 1044 -0.71 -19.60 9.35
N GLN C 1045 -1.88 -19.03 9.13
CA GLN C 1045 -2.05 -18.14 7.99
C GLN C 1045 -1.21 -16.89 8.14
N ALA C 1046 -1.11 -16.38 9.35
CA ALA C 1046 -0.30 -15.19 9.56
C ALA C 1046 1.14 -15.44 9.18
N LEU C 1047 1.64 -16.63 9.47
CA LEU C 1047 3.03 -16.95 9.15
C LEU C 1047 3.19 -17.29 7.68
N SER C 1048 2.15 -17.85 7.05
CA SER C 1048 2.25 -18.23 5.66
C SER C 1048 2.35 -17.00 4.80
N LYS C 1049 1.80 -15.89 5.26
CA LYS C 1049 1.89 -14.65 4.52
C LYS C 1049 3.35 -14.23 4.41
N LEU C 1050 4.07 -14.27 5.52
CA LEU C 1050 5.46 -13.86 5.46
C LEU C 1050 6.31 -14.82 4.65
N ALA C 1051 6.07 -16.11 4.83
CA ALA C 1051 6.88 -17.12 4.17
C ALA C 1051 6.70 -17.18 2.67
N SER C 1052 5.46 -17.04 2.19
CA SER C 1052 5.20 -17.18 0.77
C SER C 1052 5.44 -15.92 -0.05
N GLU C 1053 5.32 -14.76 0.58
CA GLU C 1053 5.47 -13.51 -0.15
C GLU C 1053 6.89 -13.25 -0.65
N LEU C 1054 7.86 -13.91 -0.05
CA LEU C 1054 9.24 -13.70 -0.47
C LEU C 1054 9.53 -14.29 -1.83
N SER C 1055 8.65 -15.14 -2.35
CA SER C 1055 8.88 -15.74 -3.64
C SER C 1055 8.34 -14.86 -4.76
N ASN C 1056 7.63 -13.80 -4.39
CA ASN C 1056 7.02 -12.93 -5.38
C ASN C 1056 8.06 -12.01 -5.97
N THR C 1057 7.86 -11.59 -7.22
CA THR C 1057 8.82 -10.69 -7.83
C THR C 1057 8.28 -9.29 -7.88
N PHE C 1058 6.96 -9.15 -7.79
CA PHE C 1058 6.33 -7.85 -7.80
C PHE C 1058 6.70 -7.05 -9.03
N GLY C 1059 6.84 -7.75 -10.15
CA GLY C 1059 7.19 -7.13 -11.42
C GLY C 1059 8.68 -7.17 -11.72
N ALA C 1060 9.49 -7.54 -10.73
CA ALA C 1060 10.93 -7.59 -10.92
C ALA C 1060 11.32 -8.81 -11.74
N ILE C 1061 12.52 -8.77 -12.30
CA ILE C 1061 13.07 -9.86 -13.07
C ILE C 1061 13.34 -11.12 -12.25
N SER C 1062 13.50 -10.94 -10.94
CA SER C 1062 13.73 -12.04 -10.03
C SER C 1062 13.33 -11.67 -8.62
N ALA C 1063 13.01 -12.67 -7.80
CA ALA C 1063 12.71 -12.43 -6.39
C ALA C 1063 14.01 -12.43 -5.59
N SER C 1064 15.09 -12.72 -6.28
CA SER C 1064 16.40 -12.75 -5.67
C SER C 1064 17.18 -11.48 -5.94
N ILE C 1065 17.54 -10.81 -4.86
CA ILE C 1065 18.30 -9.57 -4.98
C ILE C 1065 19.65 -9.88 -5.60
N GLY C 1066 20.21 -11.02 -5.23
CA GLY C 1066 21.49 -11.45 -5.77
C GLY C 1066 21.44 -11.60 -7.29
N ASP C 1067 20.31 -12.06 -7.83
CA ASP C 1067 20.18 -12.23 -9.28
C ASP C 1067 20.10 -10.88 -9.96
N ILE C 1068 19.39 -9.96 -9.33
CA ILE C 1068 19.24 -8.64 -9.91
C ILE C 1068 20.58 -7.96 -10.00
N ILE C 1069 21.37 -8.07 -8.94
CA ILE C 1069 22.69 -7.46 -8.90
C ILE C 1069 23.58 -8.18 -9.91
N GLN C 1070 23.45 -9.49 -9.99
CA GLN C 1070 24.22 -10.28 -10.94
C GLN C 1070 23.97 -9.85 -12.40
N ARG C 1071 22.72 -9.57 -12.74
CA ARG C 1071 22.37 -9.21 -14.10
C ARG C 1071 22.40 -7.74 -14.52
N LEU C 1072 22.07 -6.82 -13.62
CA LEU C 1072 21.93 -5.41 -13.99
C LEU C 1072 22.94 -4.46 -13.36
N ASP C 1073 23.14 -3.31 -14.01
CA ASP C 1073 23.93 -2.20 -13.47
C ASP C 1073 23.04 -1.24 -12.70
N PRO C 1074 23.58 -0.45 -11.75
CA PRO C 1074 22.87 0.44 -10.85
C PRO C 1074 21.64 1.21 -11.39
N PRO C 1075 21.64 1.93 -12.52
CA PRO C 1075 20.49 2.69 -12.96
C PRO C 1075 19.24 1.82 -13.19
N GLU C 1076 19.43 0.53 -13.46
CA GLU C 1076 18.32 -0.38 -13.67
C GLU C 1076 18.19 -1.32 -12.49
N GLN C 1077 19.32 -1.61 -11.89
CA GLN C 1077 19.42 -2.51 -10.75
C GLN C 1077 18.63 -1.94 -9.60
N ASP C 1078 18.72 -0.62 -9.40
CA ASP C 1078 18.01 0.02 -8.32
C ASP C 1078 16.52 -0.10 -8.51
N ALA C 1079 16.07 0.02 -9.74
CA ALA C 1079 14.66 -0.04 -10.04
C ALA C 1079 14.09 -1.41 -9.75
N GLN C 1080 14.85 -2.45 -10.06
CA GLN C 1080 14.39 -3.81 -9.84
C GLN C 1080 14.41 -4.15 -8.37
N ILE C 1081 15.41 -3.68 -7.65
CA ILE C 1081 15.50 -3.94 -6.23
C ILE C 1081 14.39 -3.20 -5.56
N ASP C 1082 14.13 -1.98 -6.00
CA ASP C 1082 13.11 -1.15 -5.42
C ASP C 1082 11.73 -1.79 -5.58
N ARG C 1083 11.49 -2.52 -6.67
CA ARG C 1083 10.23 -3.24 -6.77
C ARG C 1083 10.11 -4.28 -5.68
N LEU C 1084 11.19 -5.00 -5.42
CA LEU C 1084 11.14 -6.00 -4.37
C LEU C 1084 10.99 -5.36 -3.02
N ILE C 1085 11.63 -4.22 -2.81
CA ILE C 1085 11.49 -3.55 -1.54
C ILE C 1085 10.06 -3.11 -1.33
N ASN C 1086 9.47 -2.46 -2.31
CA ASN C 1086 8.11 -1.99 -2.09
C ASN C 1086 7.15 -3.14 -1.87
N GLY C 1087 7.36 -4.25 -2.55
CA GLY C 1087 6.53 -5.41 -2.36
C GLY C 1087 6.65 -5.97 -0.96
N ARG C 1088 7.88 -6.09 -0.47
CA ARG C 1088 8.15 -6.63 0.83
C ARG C 1088 7.75 -5.69 1.95
N LEU C 1089 7.87 -4.38 1.72
CA LEU C 1089 7.46 -3.42 2.74
C LEU C 1089 5.95 -3.50 2.89
N THR C 1090 5.27 -3.66 1.77
CA THR C 1090 3.82 -3.80 1.76
C THR C 1090 3.40 -5.03 2.54
N THR C 1091 4.10 -6.13 2.30
CA THR C 1091 3.83 -7.36 3.02
C THR C 1091 4.00 -7.21 4.51
N LEU C 1092 5.09 -6.60 4.93
CA LEU C 1092 5.33 -6.42 6.34
C LEU C 1092 4.32 -5.49 6.96
N ASN C 1093 3.92 -4.45 6.25
CA ASN C 1093 2.90 -3.58 6.81
C ASN C 1093 1.59 -4.32 6.97
N ALA C 1094 1.23 -5.14 6.00
CA ALA C 1094 0.00 -5.90 6.06
C ALA C 1094 0.05 -6.91 7.19
N PHE C 1095 1.20 -7.53 7.38
CA PHE C 1095 1.39 -8.49 8.45
C PHE C 1095 1.22 -7.83 9.78
N VAL C 1096 1.87 -6.71 9.99
CA VAL C 1096 1.78 -6.02 11.24
C VAL C 1096 0.37 -5.56 11.51
N ALA C 1097 -0.28 -5.02 10.49
CA ALA C 1097 -1.64 -4.56 10.68
C ALA C 1097 -2.54 -5.69 11.11
N GLN C 1098 -2.37 -6.88 10.53
CA GLN C 1098 -3.19 -8.00 10.95
C GLN C 1098 -2.82 -8.52 12.32
N GLN C 1099 -1.55 -8.45 12.70
CA GLN C 1099 -1.23 -8.88 14.05
C GLN C 1099 -1.83 -7.93 15.05
N LEU C 1100 -1.87 -6.64 14.73
CA LEU C 1100 -2.46 -5.67 15.63
C LEU C 1100 -3.95 -5.88 15.74
N VAL C 1101 -4.61 -6.21 14.64
CA VAL C 1101 -6.03 -6.48 14.65
C VAL C 1101 -6.34 -7.76 15.41
N ARG C 1102 -5.58 -8.81 15.16
CA ARG C 1102 -5.79 -10.07 15.82
C ARG C 1102 -5.46 -9.98 17.30
N SER C 1103 -4.44 -9.19 17.63
CA SER C 1103 -4.05 -9.00 19.01
C SER C 1103 -5.13 -8.25 19.79
N GLU C 1104 -5.68 -7.21 19.18
CA GLU C 1104 -6.73 -6.44 19.82
C GLU C 1104 -7.98 -7.29 20.00
N SER C 1105 -8.25 -8.08 19.01
CA SER C 1105 -9.37 -8.94 19.03
C SER C 1105 -9.27 -9.93 20.17
N ALA C 1106 -8.12 -10.57 20.31
CA ALA C 1106 -7.84 -11.50 21.37
C ALA C 1106 -7.85 -10.86 22.72
N ALA C 1107 -7.39 -9.64 22.82
CA ALA C 1107 -7.40 -8.93 24.08
C ALA C 1107 -8.82 -8.66 24.58
N LEU C 1108 -9.72 -8.34 23.68
CA LEU C 1108 -11.12 -8.11 23.99
C LEU C 1108 -11.76 -9.36 24.46
N SER C 1109 -11.42 -10.41 23.77
CA SER C 1109 -11.85 -11.76 23.94
C SER C 1109 -11.32 -12.33 25.24
N ALA C 1110 -10.16 -11.92 25.66
CA ALA C 1110 -9.63 -12.34 26.93
C ALA C 1110 -10.51 -11.77 28.06
N GLN C 1111 -11.01 -10.55 27.92
CA GLN C 1111 -11.92 -9.96 28.86
C GLN C 1111 -13.21 -10.72 28.91
N LEU C 1112 -13.69 -11.16 27.79
CA LEU C 1112 -14.88 -11.93 27.76
C LEU C 1112 -14.70 -13.27 28.52
N ALA C 1113 -13.54 -13.91 28.42
CA ALA C 1113 -13.24 -15.13 29.09
C ALA C 1113 -13.20 -14.86 30.56
N LYS C 1114 -12.64 -13.74 30.94
CA LYS C 1114 -12.59 -13.35 32.33
C LYS C 1114 -13.99 -13.24 32.90
N ASP C 1115 -14.89 -12.62 32.16
CA ASP C 1115 -16.26 -12.48 32.60
C ASP C 1115 -16.96 -13.82 32.70
N LYS C 1116 -16.70 -14.73 31.77
CA LYS C 1116 -17.32 -16.04 31.84
C LYS C 1116 -16.77 -16.89 32.96
N VAL C 1117 -15.50 -16.77 33.28
CA VAL C 1117 -15.05 -17.52 34.43
C VAL C 1117 -15.75 -17.00 35.68
N ASN C 1118 -15.81 -15.69 35.84
CA ASN C 1118 -16.41 -15.14 37.04
C ASN C 1118 -17.92 -15.33 37.12
N GLU C 1119 -18.58 -15.30 35.98
CA GLU C 1119 -20.02 -15.44 35.89
C GLU C 1119 -20.55 -16.89 35.80
N CYS C 1120 -19.85 -17.77 35.07
CA CYS C 1120 -20.32 -19.13 34.76
C CYS C 1120 -19.59 -20.19 35.58
N VAL C 1121 -18.33 -19.98 35.88
CA VAL C 1121 -17.56 -21.03 36.54
C VAL C 1121 -17.57 -20.85 38.04
N LYS C 1122 -17.31 -19.64 38.49
CA LYS C 1122 -17.25 -19.32 39.90
C LYS C 1122 -18.61 -18.98 40.47
N ALA C 1123 -19.63 -19.06 39.63
CA ALA C 1123 -20.97 -18.73 40.05
C ALA C 1123 -21.99 -19.42 39.18
N GLN C 1124 -23.20 -19.55 39.68
CA GLN C 1124 -24.30 -19.99 38.84
C GLN C 1124 -24.90 -18.76 38.22
N SER C 1125 -25.06 -18.78 36.91
CA SER C 1125 -25.58 -17.61 36.23
C SER C 1125 -27.08 -17.66 36.06
N LYS C 1126 -27.72 -16.51 36.16
CA LYS C 1126 -29.14 -16.39 35.90
C LYS C 1126 -29.40 -15.70 34.58
N ARG C 1127 -28.34 -15.49 33.81
CA ARG C 1127 -28.44 -14.83 32.53
C ARG C 1127 -28.72 -15.83 31.43
N SER C 1128 -29.86 -15.71 30.81
CA SER C 1128 -30.21 -16.63 29.76
C SER C 1128 -29.26 -16.48 28.59
N GLY C 1129 -28.70 -17.58 28.14
CA GLY C 1129 -27.88 -17.59 26.94
C GLY C 1129 -26.48 -17.05 27.14
N PHE C 1130 -26.13 -16.60 28.34
CA PHE C 1130 -24.79 -16.06 28.51
C PHE C 1130 -23.75 -17.15 28.57
N CYS C 1131 -24.01 -18.19 29.38
CA CYS C 1131 -23.16 -19.33 29.57
C CYS C 1131 -23.51 -20.30 28.46
N GLY C 1132 -24.31 -21.30 28.77
CA GLY C 1132 -24.74 -22.20 27.71
C GLY C 1132 -26.19 -21.95 27.39
N GLN C 1133 -26.80 -22.94 26.78
CA GLN C 1133 -28.22 -22.88 26.49
C GLN C 1133 -28.96 -23.57 27.60
N GLY C 1134 -30.24 -23.28 27.76
CA GLY C 1134 -31.00 -23.90 28.83
C GLY C 1134 -30.70 -23.16 30.12
N THR C 1135 -30.99 -23.78 31.25
CA THR C 1135 -30.76 -23.11 32.52
C THR C 1135 -29.41 -23.50 33.08
N HIS C 1136 -28.56 -22.52 33.32
CA HIS C 1136 -27.20 -22.82 33.77
C HIS C 1136 -27.16 -23.45 35.15
N ILE C 1137 -26.36 -24.51 35.28
CA ILE C 1137 -26.14 -25.20 36.53
C ILE C 1137 -24.72 -25.06 37.01
N VAL C 1138 -23.76 -25.47 36.18
CA VAL C 1138 -22.35 -25.42 36.54
C VAL C 1138 -21.48 -25.37 35.30
N SER C 1139 -20.36 -24.66 35.36
CA SER C 1139 -19.44 -24.69 34.23
C SER C 1139 -18.06 -25.08 34.64
N PHE C 1140 -17.33 -25.66 33.70
CA PHE C 1140 -15.96 -26.06 33.91
C PHE C 1140 -15.08 -25.44 32.85
N VAL C 1141 -13.82 -25.19 33.19
CA VAL C 1141 -12.86 -24.65 32.23
C VAL C 1141 -11.56 -25.40 32.18
N VAL C 1142 -11.10 -25.66 30.97
CA VAL C 1142 -9.79 -26.24 30.72
C VAL C 1142 -9.07 -25.38 29.72
N ASN C 1143 -7.77 -25.58 29.58
CA ASN C 1143 -7.03 -24.81 28.61
C ASN C 1143 -7.22 -25.35 27.21
N ALA C 1144 -7.15 -24.46 26.26
CA ALA C 1144 -7.24 -24.76 24.85
C ALA C 1144 -6.01 -24.17 24.18
N PRO C 1145 -5.61 -24.62 23.00
CA PRO C 1145 -4.46 -24.14 22.25
C PRO C 1145 -4.23 -22.63 22.26
N ASN C 1146 -5.25 -21.82 22.07
CA ASN C 1146 -5.02 -20.37 22.12
C ASN C 1146 -5.99 -19.67 23.05
N GLY C 1147 -6.42 -20.36 24.11
CA GLY C 1147 -7.41 -19.77 24.98
C GLY C 1147 -8.00 -20.76 25.95
N LEU C 1148 -9.25 -20.57 26.28
CA LEU C 1148 -9.94 -21.39 27.25
C LEU C 1148 -11.12 -22.11 26.64
N TYR C 1149 -11.35 -23.32 27.11
CA TYR C 1149 -12.47 -24.10 26.62
C TYR C 1149 -13.48 -24.27 27.75
N PHE C 1150 -14.66 -23.75 27.54
CA PHE C 1150 -15.70 -23.78 28.53
C PHE C 1150 -16.67 -24.90 28.25
N MET C 1151 -17.07 -25.58 29.29
CA MET C 1151 -18.05 -26.63 29.22
C MET C 1151 -19.17 -26.27 30.17
N HIS C 1152 -20.26 -25.77 29.61
CA HIS C 1152 -21.33 -25.24 30.40
C HIS C 1152 -22.40 -26.28 30.55
N VAL C 1153 -22.65 -26.74 31.76
CA VAL C 1153 -23.66 -27.75 31.95
C VAL C 1153 -24.96 -27.08 32.27
N GLY C 1154 -25.93 -27.30 31.42
CA GLY C 1154 -27.22 -26.69 31.59
C GLY C 1154 -28.30 -27.71 31.81
N TYR C 1155 -29.41 -27.25 32.33
CA TYR C 1155 -30.60 -28.03 32.56
C TYR C 1155 -31.54 -27.83 31.40
N TYR C 1156 -31.86 -28.90 30.73
CA TYR C 1156 -32.71 -28.83 29.57
C TYR C 1156 -34.01 -29.57 29.82
N PRO C 1157 -35.14 -28.89 29.85
CA PRO C 1157 -36.44 -29.43 30.09
C PRO C 1157 -36.96 -30.19 28.89
N SER C 1158 -37.85 -31.13 29.12
CA SER C 1158 -38.52 -31.81 28.04
C SER C 1158 -39.90 -32.27 28.48
N ASN C 1159 -40.67 -32.77 27.51
CA ASN C 1159 -41.99 -33.29 27.81
C ASN C 1159 -42.84 -32.31 28.59
N HIS C 1160 -42.99 -31.11 28.07
CA HIS C 1160 -43.81 -30.13 28.73
C HIS C 1160 -45.26 -30.53 28.69
N ILE C 1161 -45.99 -30.23 29.75
CA ILE C 1161 -47.43 -30.44 29.76
C ILE C 1161 -48.12 -29.16 30.14
N GLU C 1162 -49.38 -29.05 29.78
CA GLU C 1162 -50.13 -27.87 30.15
C GLU C 1162 -51.04 -28.13 31.33
N VAL C 1163 -50.94 -27.27 32.32
CA VAL C 1163 -51.78 -27.36 33.50
C VAL C 1163 -52.43 -26.01 33.76
N VAL C 1164 -53.47 -26.01 34.58
CA VAL C 1164 -54.14 -24.76 34.93
C VAL C 1164 -53.58 -24.22 36.22
N SER C 1165 -53.19 -22.95 36.20
CA SER C 1165 -52.57 -22.33 37.35
C SER C 1165 -53.28 -21.08 37.84
N ALA C 1166 -53.08 -20.79 39.11
CA ALA C 1166 -53.59 -19.58 39.74
C ALA C 1166 -52.48 -18.58 39.92
N TYR C 1167 -52.85 -17.31 39.98
CA TYR C 1167 -51.88 -16.25 40.23
C TYR C 1167 -51.61 -16.17 41.72
N GLY C 1168 -52.56 -16.67 42.49
CA GLY C 1168 -52.52 -16.69 43.93
C GLY C 1168 -53.84 -17.21 44.46
N LEU C 1169 -53.88 -17.49 45.75
CA LEU C 1169 -55.06 -18.02 46.41
C LEU C 1169 -55.39 -17.16 47.62
N CYS C 1170 -56.68 -16.88 47.85
CA CYS C 1170 -57.15 -16.11 49.00
C CYS C 1170 -58.15 -16.91 49.81
N ASP C 1171 -58.20 -16.63 51.09
CA ASP C 1171 -59.23 -17.22 51.92
C ASP C 1171 -60.56 -16.55 51.65
N ALA C 1172 -61.51 -17.29 51.12
CA ALA C 1172 -62.78 -16.70 50.75
C ALA C 1172 -63.46 -16.05 51.95
N ALA C 1173 -63.27 -16.62 53.14
CA ALA C 1173 -63.88 -16.10 54.35
C ALA C 1173 -63.12 -14.89 54.89
N ASN C 1174 -61.88 -14.73 54.45
CA ASN C 1174 -60.99 -13.68 54.91
C ASN C 1174 -60.20 -13.14 53.73
N PRO C 1175 -60.81 -12.35 52.85
CA PRO C 1175 -60.36 -11.92 51.55
C PRO C 1175 -59.02 -11.17 51.53
N THR C 1176 -58.56 -10.71 52.68
CA THR C 1176 -57.29 -10.00 52.73
C THR C 1176 -56.13 -10.93 53.05
N ASN C 1177 -56.44 -12.20 53.32
CA ASN C 1177 -55.41 -13.18 53.60
C ASN C 1177 -55.14 -13.97 52.32
N CYS C 1178 -54.05 -13.63 51.63
CA CYS C 1178 -53.74 -14.20 50.31
C CYS C 1178 -52.31 -14.67 50.23
N ILE C 1179 -52.10 -15.71 49.46
CA ILE C 1179 -50.77 -16.26 49.23
C ILE C 1179 -50.44 -16.38 47.77
N ALA C 1180 -49.16 -16.32 47.49
CA ALA C 1180 -48.61 -16.49 46.17
C ALA C 1180 -47.50 -17.51 46.29
N PRO C 1181 -47.19 -18.27 45.23
CA PRO C 1181 -46.16 -19.26 45.22
C PRO C 1181 -44.79 -18.62 45.19
N VAL C 1182 -43.82 -19.30 45.76
CA VAL C 1182 -42.44 -18.85 45.69
C VAL C 1182 -41.60 -19.77 44.84
N ASN C 1183 -41.09 -19.24 43.74
CA ASN C 1183 -40.27 -19.98 42.77
C ASN C 1183 -40.99 -21.19 42.22
N GLY C 1184 -42.29 -21.05 41.99
CA GLY C 1184 -43.10 -22.12 41.51
C GLY C 1184 -44.50 -21.64 41.22
N TYR C 1185 -45.41 -22.58 41.07
CA TYR C 1185 -46.76 -22.26 40.70
C TYR C 1185 -47.80 -22.98 41.52
N PHE C 1186 -48.97 -22.38 41.62
CA PHE C 1186 -50.13 -23.05 42.19
C PHE C 1186 -50.91 -23.67 41.06
N ILE C 1187 -51.03 -24.97 41.10
CA ILE C 1187 -51.66 -25.73 40.03
C ILE C 1187 -52.85 -26.54 40.53
N LYS C 1188 -53.79 -26.79 39.64
CA LYS C 1188 -54.95 -27.61 40.01
C LYS C 1188 -54.59 -29.08 39.90
N THR C 1189 -55.19 -29.92 40.76
CA THR C 1189 -54.99 -31.36 40.77
C THR C 1189 -56.23 -32.09 41.29
N GLU C 1197 -57.37 -29.76 46.20
CA GLU C 1197 -57.69 -29.04 44.99
C GLU C 1197 -56.45 -28.37 44.40
N TRP C 1198 -55.83 -27.46 45.17
CA TRP C 1198 -54.63 -26.72 44.78
C TRP C 1198 -53.39 -27.33 45.37
N SER C 1199 -52.34 -27.37 44.57
CA SER C 1199 -51.07 -27.87 45.02
C SER C 1199 -49.97 -27.01 44.43
N TYR C 1200 -48.78 -27.17 44.95
CA TYR C 1200 -47.64 -26.38 44.51
C TYR C 1200 -46.68 -27.19 43.66
N THR C 1201 -46.12 -26.59 42.64
CA THR C 1201 -45.06 -27.25 41.92
C THR C 1201 -43.90 -26.29 41.72
N GLY C 1202 -42.69 -26.82 41.73
CA GLY C 1202 -41.53 -25.99 41.47
C GLY C 1202 -41.60 -25.54 40.04
N SER C 1203 -41.06 -24.36 39.74
CA SER C 1203 -41.20 -23.83 38.40
C SER C 1203 -40.56 -24.65 37.29
N SER C 1204 -39.52 -25.41 37.58
CA SER C 1204 -38.84 -26.11 36.50
C SER C 1204 -39.17 -27.57 36.37
N PHE C 1205 -40.03 -28.09 37.21
CA PHE C 1205 -40.30 -29.49 37.11
C PHE C 1205 -41.62 -29.84 37.74
N TYR C 1206 -42.48 -30.45 36.97
CA TYR C 1206 -43.80 -30.79 37.46
C TYR C 1206 -43.73 -31.89 38.48
N ALA C 1207 -44.05 -31.54 39.71
CA ALA C 1207 -44.00 -32.48 40.80
C ALA C 1207 -44.85 -31.97 41.95
N PRO C 1208 -46.16 -32.05 41.86
CA PRO C 1208 -47.10 -31.46 42.78
C PRO C 1208 -46.84 -31.89 44.20
N GLU C 1209 -46.86 -30.94 45.10
CA GLU C 1209 -46.65 -31.15 46.52
C GLU C 1209 -47.62 -30.23 47.25
N PRO C 1210 -47.95 -30.46 48.52
CA PRO C 1210 -48.84 -29.63 49.29
C PRO C 1210 -48.34 -28.20 49.37
N ILE C 1211 -49.28 -27.28 49.42
CA ILE C 1211 -48.97 -25.87 49.62
C ILE C 1211 -48.71 -25.67 51.10
N THR C 1212 -47.55 -25.14 51.42
CA THR C 1212 -47.12 -24.96 52.80
C THR C 1212 -46.52 -23.58 52.95
N SER C 1213 -46.21 -23.21 54.18
CA SER C 1213 -45.59 -21.92 54.45
C SER C 1213 -44.18 -21.83 53.88
N LEU C 1214 -43.61 -22.96 53.47
CA LEU C 1214 -42.26 -22.98 52.94
C LEU C 1214 -42.20 -22.74 51.45
N ASN C 1215 -43.35 -22.74 50.78
CA ASN C 1215 -43.35 -22.56 49.33
C ASN C 1215 -44.29 -21.45 48.90
N THR C 1216 -44.71 -20.65 49.87
CA THR C 1216 -45.58 -19.51 49.63
C THR C 1216 -45.11 -18.25 50.31
N LYS C 1217 -45.67 -17.14 49.92
CA LYS C 1217 -45.48 -15.87 50.57
C LYS C 1217 -46.80 -15.17 50.71
N TYR C 1218 -46.96 -14.35 51.75
CA TYR C 1218 -48.20 -13.61 51.87
C TYR C 1218 -48.14 -12.38 51.01
N VAL C 1219 -49.22 -12.13 50.33
CA VAL C 1219 -49.32 -11.02 49.41
C VAL C 1219 -50.58 -10.21 49.60
N ALA C 1220 -50.57 -9.00 49.06
CA ALA C 1220 -51.78 -8.20 49.01
C ALA C 1220 -52.74 -8.89 48.04
N PRO C 1221 -54.05 -8.83 48.28
CA PRO C 1221 -55.08 -9.43 47.46
C PRO C 1221 -55.16 -8.81 46.08
N GLN C 1222 -55.51 -9.62 45.09
CA GLN C 1222 -55.67 -9.17 43.73
C GLN C 1222 -56.92 -9.76 43.11
N VAL C 1223 -57.46 -9.08 42.12
CA VAL C 1223 -58.65 -9.49 41.40
C VAL C 1223 -58.47 -10.81 40.64
N THR C 1224 -57.22 -11.21 40.45
CA THR C 1224 -56.88 -12.43 39.72
C THR C 1224 -56.61 -13.62 40.63
N TYR C 1225 -56.71 -13.43 41.95
CA TYR C 1225 -56.46 -14.52 42.87
C TYR C 1225 -57.74 -15.30 43.06
N GLN C 1226 -57.63 -16.59 43.32
CA GLN C 1226 -58.82 -17.40 43.46
C GLN C 1226 -59.36 -17.34 44.89
N ASN C 1227 -60.71 -17.38 45.03
CA ASN C 1227 -61.37 -17.40 46.34
C ASN C 1227 -61.61 -18.86 46.77
N ILE C 1228 -60.83 -19.33 47.75
CA ILE C 1228 -60.86 -20.71 48.21
C ILE C 1228 -61.69 -20.82 49.48
N SER C 1229 -62.71 -21.66 49.44
CA SER C 1229 -63.65 -21.76 50.57
C SER C 1229 -63.69 -23.12 51.25
N THR C 1230 -63.04 -24.13 50.70
CA THR C 1230 -63.16 -25.47 51.27
C THR C 1230 -61.84 -26.01 51.81
N ASN C 1231 -61.11 -26.74 50.98
CA ASN C 1231 -59.89 -27.37 51.44
C ASN C 1231 -58.74 -26.40 51.35
N LEU C 1232 -58.73 -25.47 52.27
CA LEU C 1232 -57.73 -24.41 52.28
C LEU C 1232 -56.39 -25.00 52.68
N PRO C 1233 -55.30 -24.54 52.08
CA PRO C 1233 -53.95 -24.92 52.43
C PRO C 1233 -53.62 -24.27 53.76
N PRO C 1234 -52.73 -24.85 54.56
CA PRO C 1234 -52.29 -24.39 55.86
C PRO C 1234 -52.02 -22.88 56.01
N PRO C 1235 -51.36 -22.17 55.06
CA PRO C 1235 -51.06 -20.76 55.18
C PRO C 1235 -52.31 -19.89 55.28
N LEU C 1236 -53.45 -20.41 54.84
CA LEU C 1236 -54.68 -19.65 54.87
C LEU C 1236 -55.62 -20.07 56.00
N LEU C 1237 -55.22 -21.05 56.80
CA LEU C 1237 -56.12 -21.53 57.85
C LEU C 1237 -56.00 -20.69 59.11
N GLY C 1238 -56.57 -19.49 59.07
CA GLY C 1238 -56.55 -18.51 60.16
C GLY C 1238 -57.48 -18.95 61.29
#